data_7AG7
#
_entry.id   7AG7
#
_cell.length_a   85.207
_cell.length_b   107.233
_cell.length_c   126.855
_cell.angle_alpha   107.420
_cell.angle_beta   95.930
_cell.angle_gamma   110.550
#
_symmetry.space_group_name_H-M   'P 1'
#
loop_
_entity.id
_entity.type
_entity.pdbx_description
1 polymer 'Sulfofructosephosphate aldolase'
2 non-polymer 'SULFATE ION'
3 water water
#
_entity_poly.entity_id   1
_entity_poly.type   'polypeptide(L)'
_entity_poly.pdbx_seq_one_letter_code
;MGSSHHHHHHSSGLVPRGSHMNNYTIKDITRASGGFAMLAVDQREAMRLMFAAAGAKTPVADSVLTDFKVNAAKILSPYA
SAVLLDQQFCYRQAVEQNAVAKSCAMIVAADDFIPGNGIPVDNVVLDKKINAQAVKRDGAKALKLLVLWRSDEDAQQRLN
MVKEFNELCHSNGLLSIIEPVVRPPRCGDKFDREQAIIDAAKELGDSGADLYKVEMPLYGKGARSDLLTASQRLNGHINM
PWVILSSGVDEKLFPRAVRVAMEAGASGFLAGRAVWSSVIGLPDTELMLRDVSAPKLQRLGEIVDEMMAKRR
;
_entity_poly.pdbx_strand_id   A,B,C,D,E,F,G,H,I,J,K,L
#
# COMPACT_ATOMS: atom_id res chain seq x y z
N TYR A 24 5.83 -4.71 -38.28
CA TYR A 24 4.36 -4.42 -38.23
C TYR A 24 4.15 -3.02 -38.81
N THR A 25 3.06 -2.81 -39.53
CA THR A 25 2.71 -1.45 -40.04
C THR A 25 1.19 -1.24 -40.00
N ILE A 26 0.79 -0.01 -39.73
CA ILE A 26 -0.63 0.44 -39.76
C ILE A 26 -1.23 0.14 -41.15
N LYS A 27 -0.44 0.23 -42.21
CA LYS A 27 -0.87 -0.07 -43.60
C LYS A 27 -1.46 -1.48 -43.69
N ASP A 28 -1.12 -2.40 -42.80
CA ASP A 28 -1.64 -3.79 -42.83
C ASP A 28 -3.13 -3.86 -42.44
N ILE A 29 -3.70 -2.82 -41.82
CA ILE A 29 -5.13 -2.90 -41.40
C ILE A 29 -5.94 -1.78 -42.04
N THR A 30 -5.39 -1.06 -43.02
CA THR A 30 -6.11 0.05 -43.72
C THR A 30 -6.53 -0.38 -45.13
N ARG A 31 -7.46 0.36 -45.70
CA ARG A 31 -7.79 0.31 -47.15
C ARG A 31 -6.60 0.83 -47.93
N ALA A 32 -6.60 0.66 -49.25
CA ALA A 32 -5.54 1.18 -50.15
C ALA A 32 -5.37 2.71 -49.94
N SER A 33 -6.44 3.44 -49.66
CA SER A 33 -6.47 4.90 -49.41
C SER A 33 -5.70 5.28 -48.14
N GLY A 34 -5.44 4.31 -47.23
CA GLY A 34 -4.89 4.60 -45.90
C GLY A 34 -5.99 4.82 -44.86
N GLY A 35 -7.25 4.79 -45.25
CA GLY A 35 -8.35 4.93 -44.27
C GLY A 35 -8.61 3.61 -43.57
N PHE A 36 -9.15 3.65 -42.35
CA PHE A 36 -9.52 2.44 -41.60
C PHE A 36 -11.01 2.19 -41.78
N ALA A 37 -11.38 1.01 -42.28
CA ALA A 37 -12.80 0.63 -42.45
C ALA A 37 -12.98 -0.75 -41.82
N MET A 38 -13.03 -0.79 -40.49
CA MET A 38 -12.85 -2.05 -39.77
C MET A 38 -14.13 -2.49 -39.08
N LEU A 39 -14.31 -3.80 -39.00
CA LEU A 39 -15.52 -4.47 -38.49
C LEU A 39 -15.20 -5.09 -37.13
N ALA A 40 -16.07 -4.89 -36.15
CA ALA A 40 -15.96 -5.51 -34.82
C ALA A 40 -17.05 -6.56 -34.69
N VAL A 41 -16.66 -7.79 -34.33
CA VAL A 41 -17.65 -8.84 -33.95
C VAL A 41 -17.21 -9.51 -32.64
N ASP A 42 -16.43 -8.82 -31.80
CA ASP A 42 -15.79 -9.42 -30.61
C ASP A 42 -16.68 -9.29 -29.35
N GLN A 43 -17.90 -8.77 -29.46
CA GLN A 43 -18.78 -8.56 -28.28
C GLN A 43 -19.11 -9.92 -27.66
N ARG A 44 -19.07 -10.00 -26.33
CA ARG A 44 -19.16 -11.30 -25.62
C ARG A 44 -20.51 -11.38 -24.92
N GLU A 45 -20.56 -11.29 -23.60
CA GLU A 45 -21.87 -11.37 -22.90
C GLU A 45 -22.78 -10.23 -23.36
N ALA A 46 -22.22 -9.07 -23.77
CA ALA A 46 -23.05 -7.96 -24.32
C ALA A 46 -23.80 -8.44 -25.56
N MET A 47 -23.20 -9.32 -26.38
CA MET A 47 -23.89 -9.82 -27.59
C MET A 47 -24.97 -10.83 -27.16
N ARG A 48 -24.73 -11.65 -26.14
CA ARG A 48 -25.77 -12.58 -25.64
C ARG A 48 -26.98 -11.77 -25.19
N LEU A 49 -26.77 -10.66 -24.48
CA LEU A 49 -27.87 -9.79 -24.00
C LEU A 49 -28.63 -9.22 -25.20
N MET A 50 -27.95 -8.90 -26.30
CA MET A 50 -28.62 -8.36 -27.52
C MET A 50 -29.54 -9.44 -28.12
N PHE A 51 -29.09 -10.68 -28.16
CA PHE A 51 -29.92 -11.81 -28.70
C PHE A 51 -31.16 -11.97 -27.83
N ALA A 52 -31.00 -11.97 -26.51
CA ALA A 52 -32.15 -12.10 -25.57
C ALA A 52 -33.13 -10.95 -25.80
N ALA A 53 -32.62 -9.71 -25.86
CA ALA A 53 -33.45 -8.49 -26.05
C ALA A 53 -34.20 -8.55 -27.38
N ALA A 54 -33.68 -9.22 -28.41
CA ALA A 54 -34.30 -9.30 -29.76
C ALA A 54 -35.24 -10.52 -29.86
N GLY A 55 -35.45 -11.26 -28.77
CA GLY A 55 -36.46 -12.34 -28.70
C GLY A 55 -35.92 -13.72 -28.99
N ALA A 56 -34.61 -13.94 -28.99
CA ALA A 56 -34.01 -15.29 -29.10
C ALA A 56 -34.43 -16.12 -27.89
N LYS A 57 -34.62 -17.43 -28.09
CA LYS A 57 -34.95 -18.40 -27.01
C LYS A 57 -33.85 -18.32 -25.94
N THR A 58 -34.23 -18.14 -24.68
CA THR A 58 -33.30 -18.08 -23.53
C THR A 58 -33.35 -19.44 -22.83
N PRO A 59 -32.24 -19.90 -22.19
CA PRO A 59 -30.94 -19.21 -22.28
C PRO A 59 -30.32 -19.33 -23.68
N VAL A 60 -29.64 -18.27 -24.13
CA VAL A 60 -28.99 -18.21 -25.46
C VAL A 60 -27.72 -19.06 -25.42
N ALA A 61 -27.63 -20.11 -26.23
CA ALA A 61 -26.43 -21.00 -26.29
C ALA A 61 -25.22 -20.23 -26.84
N ASP A 62 -24.03 -20.58 -26.39
CA ASP A 62 -22.75 -20.09 -26.95
C ASP A 62 -22.74 -20.25 -28.48
N SER A 63 -23.25 -21.37 -28.99
CA SER A 63 -23.23 -21.70 -30.45
C SER A 63 -23.99 -20.63 -31.25
N VAL A 64 -25.02 -20.00 -30.67
CA VAL A 64 -25.77 -18.92 -31.35
C VAL A 64 -24.83 -17.74 -31.60
N LEU A 65 -24.01 -17.38 -30.61
CA LEU A 65 -23.04 -16.26 -30.74
C LEU A 65 -21.99 -16.66 -31.78
N THR A 66 -21.41 -17.84 -31.63
CA THR A 66 -20.34 -18.32 -32.53
C THR A 66 -20.86 -18.30 -33.96
N ASP A 67 -22.03 -18.86 -34.22
CA ASP A 67 -22.58 -18.98 -35.59
C ASP A 67 -22.79 -17.58 -36.17
N PHE A 68 -23.34 -16.65 -35.39
CA PHE A 68 -23.57 -15.26 -35.84
C PHE A 68 -22.23 -14.58 -36.16
N LYS A 69 -21.26 -14.68 -35.27
CA LYS A 69 -19.94 -14.04 -35.42
C LYS A 69 -19.24 -14.56 -36.67
N VAL A 70 -19.24 -15.87 -36.87
CA VAL A 70 -18.56 -16.48 -38.04
C VAL A 70 -19.30 -16.08 -39.33
N ASN A 71 -20.62 -16.09 -39.32
CA ASN A 71 -21.42 -15.63 -40.48
C ASN A 71 -21.12 -14.16 -40.78
N ALA A 72 -21.07 -13.32 -39.74
CA ALA A 72 -20.78 -11.88 -39.90
C ALA A 72 -19.38 -11.73 -40.53
N ALA A 73 -18.38 -12.45 -40.04
CA ALA A 73 -17.02 -12.39 -40.60
C ALA A 73 -17.06 -12.86 -42.07
N LYS A 74 -17.71 -13.98 -42.33
CA LYS A 74 -17.72 -14.59 -43.69
C LYS A 74 -18.35 -13.60 -44.68
N ILE A 75 -19.47 -13.00 -44.33
CA ILE A 75 -20.29 -12.17 -45.26
C ILE A 75 -19.74 -10.74 -45.31
N LEU A 76 -19.25 -10.20 -44.18
CA LEU A 76 -18.89 -8.76 -44.13
C LEU A 76 -17.39 -8.53 -44.28
N SER A 77 -16.53 -9.49 -43.98
CA SER A 77 -15.07 -9.25 -44.05
C SER A 77 -14.65 -8.85 -45.46
N PRO A 78 -15.31 -9.24 -46.57
CA PRO A 78 -14.95 -8.72 -47.89
C PRO A 78 -15.00 -7.21 -48.04
N TYR A 79 -15.73 -6.52 -47.15
CA TYR A 79 -15.90 -5.04 -47.21
C TYR A 79 -15.08 -4.32 -46.15
N ALA A 80 -14.30 -5.06 -45.35
CA ALA A 80 -13.56 -4.51 -44.20
C ALA A 80 -12.05 -4.59 -44.42
N SER A 81 -11.32 -3.59 -43.96
CA SER A 81 -9.83 -3.60 -44.00
C SER A 81 -9.28 -4.45 -42.84
N ALA A 82 -10.08 -4.66 -41.80
CA ALA A 82 -9.73 -5.54 -40.68
C ALA A 82 -11.00 -5.97 -39.95
N VAL A 83 -10.94 -7.12 -39.30
CA VAL A 83 -12.04 -7.65 -38.46
C VAL A 83 -11.49 -7.96 -37.07
N LEU A 84 -12.23 -7.55 -36.05
CA LEU A 84 -11.89 -7.76 -34.63
C LEU A 84 -12.68 -8.95 -34.10
N LEU A 85 -11.94 -9.97 -33.69
CA LEU A 85 -12.49 -11.29 -33.25
C LEU A 85 -12.10 -11.52 -31.79
N ASP A 86 -12.92 -12.27 -31.06
CA ASP A 86 -12.61 -12.67 -29.67
C ASP A 86 -12.30 -14.17 -29.62
N GLN A 87 -11.36 -14.56 -28.79
CA GLN A 87 -11.05 -16.01 -28.58
C GLN A 87 -12.21 -16.72 -27.93
N GLN A 88 -12.99 -16.05 -27.07
CA GLN A 88 -14.07 -16.75 -26.30
C GLN A 88 -15.04 -17.44 -27.26
N PHE A 89 -15.47 -16.78 -28.33
CA PHE A 89 -16.59 -17.29 -29.17
C PHE A 89 -16.24 -17.53 -30.64
N CYS A 90 -15.23 -16.89 -31.23
CA CYS A 90 -15.13 -16.98 -32.71
C CYS A 90 -13.73 -16.98 -33.32
N TYR A 91 -12.64 -16.66 -32.63
CA TYR A 91 -11.33 -16.52 -33.32
C TYR A 91 -10.95 -17.88 -33.95
N ARG A 92 -10.96 -18.95 -33.17
CA ARG A 92 -10.49 -20.29 -33.62
C ARG A 92 -11.38 -20.73 -34.79
N GLN A 93 -12.70 -20.54 -34.65
CA GLN A 93 -13.70 -20.98 -35.64
C GLN A 93 -13.53 -20.18 -36.93
N ALA A 94 -13.33 -18.86 -36.87
CA ALA A 94 -13.16 -18.02 -38.07
C ALA A 94 -11.93 -18.47 -38.84
N VAL A 95 -10.84 -18.76 -38.14
CA VAL A 95 -9.56 -19.22 -38.77
C VAL A 95 -9.80 -20.60 -39.40
N GLU A 96 -10.32 -21.57 -38.63
CA GLU A 96 -10.51 -22.97 -39.10
C GLU A 96 -11.44 -22.99 -40.32
N GLN A 97 -12.47 -22.13 -40.36
CA GLN A 97 -13.50 -22.15 -41.42
C GLN A 97 -13.13 -21.19 -42.56
N ASN A 98 -11.96 -20.55 -42.52
CA ASN A 98 -11.51 -19.58 -43.57
C ASN A 98 -12.60 -18.53 -43.79
N ALA A 99 -13.20 -18.03 -42.71
CA ALA A 99 -14.31 -17.04 -42.78
C ALA A 99 -13.76 -15.65 -43.11
N VAL A 100 -12.49 -15.37 -42.88
CA VAL A 100 -11.96 -13.98 -43.07
C VAL A 100 -11.39 -13.85 -44.48
N ALA A 101 -11.97 -12.95 -45.28
CA ALA A 101 -11.46 -12.65 -46.64
C ALA A 101 -9.96 -12.30 -46.56
N LYS A 102 -9.18 -12.74 -47.56
CA LYS A 102 -7.71 -12.46 -47.61
C LYS A 102 -7.46 -10.96 -47.60
N SER A 103 -8.40 -10.14 -48.12
CA SER A 103 -8.24 -8.67 -48.19
C SER A 103 -8.42 -8.03 -46.79
N CYS A 104 -8.85 -8.81 -45.80
CA CYS A 104 -9.26 -8.30 -44.46
C CYS A 104 -8.29 -8.83 -43.39
N ALA A 105 -7.58 -7.94 -42.71
CA ALA A 105 -6.63 -8.30 -41.62
C ALA A 105 -7.40 -8.78 -40.38
N MET A 106 -6.81 -9.63 -39.57
CA MET A 106 -7.42 -10.05 -38.29
C MET A 106 -6.82 -9.24 -37.13
N ILE A 107 -7.70 -8.72 -36.29
CA ILE A 107 -7.38 -8.11 -34.96
C ILE A 107 -7.93 -9.07 -33.92
N VAL A 108 -7.11 -9.40 -32.91
CA VAL A 108 -7.60 -10.31 -31.84
C VAL A 108 -7.76 -9.50 -30.55
N ALA A 109 -8.91 -9.62 -29.91
CA ALA A 109 -9.15 -8.96 -28.60
C ALA A 109 -8.19 -9.57 -27.59
N ALA A 110 -7.59 -8.73 -26.75
CA ALA A 110 -6.67 -9.18 -25.70
C ALA A 110 -7.20 -8.74 -24.34
N ASP A 111 -8.50 -8.43 -24.26
CA ASP A 111 -9.14 -7.95 -23.01
C ASP A 111 -9.90 -9.11 -22.34
N ASP A 112 -9.87 -9.12 -21.03
CA ASP A 112 -10.62 -10.08 -20.19
C ASP A 112 -11.70 -9.28 -19.46
N PHE A 113 -12.95 -9.46 -19.86
CA PHE A 113 -14.08 -8.67 -19.30
C PHE A 113 -14.51 -9.26 -17.98
N ILE A 114 -14.65 -8.42 -16.95
CA ILE A 114 -15.14 -8.86 -15.61
C ILE A 114 -16.50 -8.23 -15.37
N PRO A 115 -17.56 -9.05 -15.23
CA PRO A 115 -18.88 -8.50 -14.95
C PRO A 115 -18.94 -7.99 -13.49
N GLY A 116 -19.94 -7.16 -13.23
CA GLY A 116 -20.19 -6.61 -11.89
C GLY A 116 -21.26 -5.54 -11.93
N ASN A 117 -21.89 -5.28 -10.78
CA ASN A 117 -22.92 -4.23 -10.67
C ASN A 117 -23.97 -4.40 -11.76
N GLY A 118 -24.30 -5.67 -12.09
CA GLY A 118 -25.41 -5.99 -13.02
C GLY A 118 -25.08 -5.78 -14.47
N ILE A 119 -23.83 -5.49 -14.85
CA ILE A 119 -23.45 -5.29 -16.27
C ILE A 119 -22.37 -6.29 -16.63
N PRO A 120 -22.23 -6.65 -17.92
CA PRO A 120 -21.22 -7.62 -18.34
C PRO A 120 -19.78 -7.13 -18.29
N VAL A 121 -19.55 -5.82 -18.47
CA VAL A 121 -18.16 -5.28 -18.53
C VAL A 121 -18.03 -4.14 -17.50
N ASP A 122 -17.84 -4.54 -16.25
CA ASP A 122 -17.68 -3.60 -15.10
C ASP A 122 -16.20 -3.28 -14.92
N ASN A 123 -15.34 -4.23 -15.23
CA ASN A 123 -13.88 -4.09 -15.12
C ASN A 123 -13.24 -4.85 -16.28
N VAL A 124 -12.02 -4.48 -16.63
CA VAL A 124 -11.28 -5.14 -17.74
CA VAL A 124 -11.28 -5.14 -17.74
C VAL A 124 -9.82 -5.24 -17.33
N VAL A 125 -9.23 -6.40 -17.59
CA VAL A 125 -7.76 -6.62 -17.40
C VAL A 125 -7.20 -7.21 -18.68
N LEU A 126 -5.89 -7.17 -18.83
CA LEU A 126 -5.21 -7.85 -19.96
C LEU A 126 -5.45 -9.34 -19.84
N ASP A 127 -5.84 -10.00 -20.92
CA ASP A 127 -6.13 -11.46 -20.93
C ASP A 127 -4.78 -12.18 -20.89
N LYS A 128 -4.45 -12.76 -19.74
CA LYS A 128 -3.16 -13.49 -19.54
C LYS A 128 -3.09 -14.78 -20.37
N LYS A 129 -4.21 -15.22 -20.97
CA LYS A 129 -4.31 -16.49 -21.73
C LYS A 129 -3.95 -16.29 -23.22
N ILE A 130 -3.96 -15.04 -23.73
CA ILE A 130 -3.68 -14.75 -25.18
C ILE A 130 -2.25 -15.19 -25.48
N ASN A 131 -2.05 -16.05 -26.47
CA ASN A 131 -0.68 -16.39 -26.95
C ASN A 131 -0.40 -15.55 -28.19
N ALA A 132 0.26 -14.41 -28.02
CA ALA A 132 0.53 -13.43 -29.09
C ALA A 132 1.31 -14.11 -30.23
N GLN A 133 2.28 -14.96 -29.92
CA GLN A 133 3.09 -15.65 -30.96
C GLN A 133 2.17 -16.56 -31.78
N ALA A 134 1.24 -17.29 -31.15
CA ALA A 134 0.34 -18.22 -31.83
C ALA A 134 -0.62 -17.43 -32.74
N VAL A 135 -1.20 -16.32 -32.28
CA VAL A 135 -2.15 -15.57 -33.15
C VAL A 135 -1.36 -14.92 -34.28
N LYS A 136 -0.11 -14.50 -34.05
CA LYS A 136 0.74 -13.94 -35.13
C LYS A 136 0.99 -15.05 -36.18
N ARG A 137 1.29 -16.28 -35.77
CA ARG A 137 1.52 -17.40 -36.74
C ARG A 137 0.26 -17.62 -37.59
N ASP A 138 -0.93 -17.39 -37.03
CA ASP A 138 -2.21 -17.56 -37.75
C ASP A 138 -2.46 -16.41 -38.74
N GLY A 139 -1.67 -15.30 -38.67
CA GLY A 139 -1.77 -14.19 -39.63
C GLY A 139 -2.37 -12.92 -39.02
N ALA A 140 -2.68 -12.91 -37.72
CA ALA A 140 -3.22 -11.71 -37.03
C ALA A 140 -2.21 -10.57 -37.16
N LYS A 141 -2.69 -9.34 -37.28
CA LYS A 141 -1.83 -8.16 -37.44
C LYS A 141 -1.88 -7.24 -36.22
N ALA A 142 -2.85 -7.43 -35.32
CA ALA A 142 -3.07 -6.47 -34.23
C ALA A 142 -3.82 -7.12 -33.09
N LEU A 143 -3.63 -6.53 -31.91
CA LEU A 143 -4.44 -6.87 -30.72
C LEU A 143 -5.21 -5.62 -30.30
N LYS A 144 -6.28 -5.82 -29.55
CA LYS A 144 -7.14 -4.71 -29.10
C LYS A 144 -7.35 -4.82 -27.59
N LEU A 145 -7.36 -3.67 -26.91
CA LEU A 145 -7.59 -3.65 -25.44
C LEU A 145 -8.58 -2.52 -25.11
N LEU A 146 -9.72 -2.91 -24.55
CA LEU A 146 -10.68 -1.98 -23.91
C LEU A 146 -10.03 -1.46 -22.62
N VAL A 147 -10.11 -0.14 -22.41
CA VAL A 147 -9.66 0.50 -21.15
C VAL A 147 -10.85 1.28 -20.59
N LEU A 148 -11.44 0.84 -19.49
CA LEU A 148 -12.55 1.61 -18.87
C LEU A 148 -11.95 2.80 -18.11
N TRP A 149 -12.50 3.98 -18.37
CA TRP A 149 -11.97 5.25 -17.83
C TRP A 149 -13.01 5.83 -16.87
N ARG A 150 -12.63 6.01 -15.62
CA ARG A 150 -13.48 6.65 -14.59
C ARG A 150 -12.69 7.75 -13.88
N SER A 151 -13.36 8.88 -13.62
CA SER A 151 -12.73 10.10 -13.08
C SER A 151 -12.11 9.83 -11.71
N ASP A 152 -12.57 8.84 -10.96
CA ASP A 152 -12.12 8.59 -9.57
C ASP A 152 -11.32 7.29 -9.48
N GLU A 153 -10.89 6.74 -10.62
CA GLU A 153 -9.94 5.59 -10.61
C GLU A 153 -8.57 6.11 -11.05
N ASP A 154 -7.52 5.38 -10.70
CA ASP A 154 -6.12 5.86 -10.79
C ASP A 154 -5.65 5.87 -12.25
N ALA A 155 -5.25 7.02 -12.78
CA ALA A 155 -4.68 7.18 -14.13
C ALA A 155 -3.45 6.29 -14.28
N GLN A 156 -2.62 6.21 -13.24
CA GLN A 156 -1.32 5.48 -13.36
C GLN A 156 -1.58 4.00 -13.65
N GLN A 157 -2.60 3.38 -13.05
CA GLN A 157 -2.95 1.95 -13.27
C GLN A 157 -3.38 1.76 -14.74
N ARG A 158 -4.16 2.68 -15.31
CA ARG A 158 -4.57 2.61 -16.74
C ARG A 158 -3.34 2.73 -17.62
N LEU A 159 -2.49 3.73 -17.38
CA LEU A 159 -1.25 3.95 -18.18
C LEU A 159 -0.35 2.71 -18.09
N ASN A 160 -0.23 2.10 -16.92
CA ASN A 160 0.62 0.88 -16.73
C ASN A 160 0.03 -0.28 -17.53
N MET A 161 -1.29 -0.45 -17.56
CA MET A 161 -1.93 -1.54 -18.32
C MET A 161 -1.67 -1.29 -19.81
N VAL A 162 -1.81 -0.05 -20.28
CA VAL A 162 -1.55 0.28 -21.71
C VAL A 162 -0.08 0.00 -22.06
N LYS A 163 0.85 0.38 -21.17
CA LYS A 163 2.30 0.13 -21.41
C LYS A 163 2.55 -1.39 -21.52
N GLU A 164 2.01 -2.20 -20.62
CA GLU A 164 2.17 -3.68 -20.67
C GLU A 164 1.58 -4.22 -21.97
N PHE A 165 0.41 -3.71 -22.36
CA PHE A 165 -0.26 -4.14 -23.61
C PHE A 165 0.59 -3.76 -24.84
N ASN A 166 1.09 -2.54 -24.91
CA ASN A 166 1.93 -2.07 -26.04
C ASN A 166 3.15 -2.99 -26.17
N GLU A 167 3.75 -3.36 -25.05
CA GLU A 167 4.96 -4.21 -25.04
C GLU A 167 4.59 -5.62 -25.54
N LEU A 168 3.44 -6.16 -25.11
CA LEU A 168 2.93 -7.48 -25.59
C LEU A 168 2.79 -7.42 -27.11
N CYS A 169 2.18 -6.37 -27.66
CA CYS A 169 1.98 -6.23 -29.13
C CYS A 169 3.34 -6.08 -29.82
N HIS A 170 4.10 -5.04 -29.46
CA HIS A 170 5.28 -4.58 -30.22
C HIS A 170 6.39 -5.64 -30.16
N SER A 171 6.55 -6.32 -29.03
CA SER A 171 7.59 -7.37 -28.85
C SER A 171 7.24 -8.57 -29.75
N ASN A 172 6.01 -8.65 -30.26
CA ASN A 172 5.56 -9.78 -31.12
C ASN A 172 5.27 -9.29 -32.55
N GLY A 173 5.64 -8.06 -32.90
CA GLY A 173 5.44 -7.50 -34.25
C GLY A 173 3.98 -7.25 -34.57
N LEU A 174 3.13 -7.08 -33.55
CA LEU A 174 1.69 -6.80 -33.72
C LEU A 174 1.43 -5.31 -33.45
N LEU A 175 0.38 -4.77 -34.07
CA LEU A 175 -0.10 -3.41 -33.77
C LEU A 175 -0.90 -3.44 -32.48
N SER A 176 -0.90 -2.33 -31.77
CA SER A 176 -1.66 -2.12 -30.50
C SER A 176 -2.80 -1.16 -30.78
N ILE A 177 -4.02 -1.61 -30.51
CA ILE A 177 -5.24 -0.78 -30.61
C ILE A 177 -5.82 -0.66 -29.22
N ILE A 178 -5.91 0.57 -28.70
CA ILE A 178 -6.54 0.80 -27.37
C ILE A 178 -7.89 1.46 -27.58
N GLU A 179 -8.83 1.13 -26.71
CA GLU A 179 -10.23 1.60 -26.77
C GLU A 179 -10.61 2.15 -25.40
N PRO A 180 -10.29 3.42 -25.10
CA PRO A 180 -10.75 4.02 -23.85
C PRO A 180 -12.24 4.32 -23.92
N VAL A 181 -12.99 3.81 -22.94
CA VAL A 181 -14.47 3.97 -22.87
C VAL A 181 -14.78 4.60 -21.51
N VAL A 182 -15.53 5.70 -21.52
CA VAL A 182 -15.79 6.45 -20.27
C VAL A 182 -16.98 5.82 -19.54
N ARG A 183 -16.89 5.80 -18.21
CA ARG A 183 -17.95 5.29 -17.34
C ARG A 183 -18.13 6.28 -16.20
N PRO A 184 -19.31 6.32 -15.57
CA PRO A 184 -19.50 7.17 -14.41
C PRO A 184 -18.55 6.77 -13.28
N PRO A 185 -18.25 7.69 -12.36
CA PRO A 185 -17.33 7.41 -11.28
C PRO A 185 -17.87 6.30 -10.38
N ARG A 186 -16.98 5.61 -9.70
CA ARG A 186 -17.37 4.57 -8.71
C ARG A 186 -18.16 5.23 -7.58
N CYS A 187 -17.77 6.43 -7.20
CA CYS A 187 -18.36 7.19 -6.07
CA CYS A 187 -18.36 7.19 -6.07
C CYS A 187 -18.61 8.62 -6.55
N GLY A 188 -19.81 9.14 -6.30
CA GLY A 188 -20.22 10.49 -6.73
C GLY A 188 -21.21 10.41 -7.86
N ASP A 189 -21.75 11.55 -8.28
CA ASP A 189 -22.75 11.65 -9.36
C ASP A 189 -22.30 12.73 -10.36
N LYS A 190 -21.05 13.18 -10.27
CA LYS A 190 -20.46 14.15 -11.24
C LYS A 190 -19.97 13.29 -12.42
N PHE A 191 -20.77 13.24 -13.49
CA PHE A 191 -20.38 12.54 -14.74
C PHE A 191 -20.77 13.41 -15.91
N ASP A 192 -19.73 13.97 -16.52
CA ASP A 192 -19.82 14.76 -17.76
C ASP A 192 -19.19 13.88 -18.83
N ARG A 193 -20.00 13.17 -19.60
CA ARG A 193 -19.50 12.18 -20.58
C ARG A 193 -18.57 12.86 -21.59
N GLU A 194 -18.90 14.03 -22.07
CA GLU A 194 -18.11 14.74 -23.12
C GLU A 194 -16.77 15.14 -22.53
N GLN A 195 -16.72 15.65 -21.30
CA GLN A 195 -15.44 16.03 -20.66
C GLN A 195 -14.64 14.75 -20.36
N ALA A 196 -15.29 13.65 -19.95
CA ALA A 196 -14.59 12.39 -19.68
C ALA A 196 -13.85 11.91 -20.93
N ILE A 197 -14.50 11.99 -22.09
CA ILE A 197 -13.87 11.54 -23.37
C ILE A 197 -12.59 12.37 -23.61
N ILE A 198 -12.66 13.67 -23.39
CA ILE A 198 -11.50 14.58 -23.55
C ILE A 198 -10.43 14.21 -22.52
N ASP A 199 -10.80 13.98 -21.26
CA ASP A 199 -9.83 13.68 -20.18
C ASP A 199 -9.14 12.35 -20.49
N ALA A 200 -9.87 11.37 -21.01
CA ALA A 200 -9.29 10.06 -21.39
C ALA A 200 -8.26 10.28 -22.49
N ALA A 201 -8.56 11.12 -23.47
CA ALA A 201 -7.64 11.39 -24.60
C ALA A 201 -6.42 12.17 -24.09
N LYS A 202 -6.60 13.14 -23.19
CA LYS A 202 -5.44 13.86 -22.61
C LYS A 202 -4.52 12.86 -21.91
N GLU A 203 -5.09 11.86 -21.25
CA GLU A 203 -4.31 10.85 -20.48
C GLU A 203 -3.68 9.82 -21.42
N LEU A 204 -4.41 9.29 -22.39
CA LEU A 204 -4.01 8.05 -23.13
C LEU A 204 -3.73 8.32 -24.61
N GLY A 205 -3.96 9.54 -25.09
CA GLY A 205 -3.85 9.92 -26.52
C GLY A 205 -2.42 9.96 -27.00
N ASP A 206 -1.43 9.88 -26.12
CA ASP A 206 0.01 9.86 -26.52
C ASP A 206 0.71 8.71 -25.79
N SER A 207 0.03 7.58 -25.61
CA SER A 207 0.49 6.46 -24.75
C SER A 207 1.30 5.45 -25.55
N GLY A 208 1.64 5.71 -26.82
CA GLY A 208 2.52 4.85 -27.62
C GLY A 208 1.80 3.67 -28.29
N ALA A 209 0.47 3.59 -28.21
CA ALA A 209 -0.33 2.62 -29.00
C ALA A 209 -0.24 3.01 -30.46
N ASP A 210 -0.60 2.09 -31.37
CA ASP A 210 -0.58 2.40 -32.82
C ASP A 210 -1.88 3.07 -33.26
N LEU A 211 -2.98 2.79 -32.54
CA LEU A 211 -4.32 3.27 -32.96
C LEU A 211 -5.18 3.49 -31.71
N TYR A 212 -5.89 4.60 -31.71
CA TYR A 212 -6.82 5.03 -30.65
C TYR A 212 -8.24 4.86 -31.18
N LYS A 213 -9.02 4.03 -30.50
CA LYS A 213 -10.43 3.77 -30.87
C LYS A 213 -11.29 4.47 -29.83
N VAL A 214 -12.11 5.43 -30.26
CA VAL A 214 -12.78 6.36 -29.32
C VAL A 214 -14.29 6.40 -29.58
N GLU A 215 -15.03 6.68 -28.52
CA GLU A 215 -16.48 6.96 -28.61
C GLU A 215 -16.69 8.30 -29.33
N MET A 216 -17.76 8.38 -30.12
CA MET A 216 -18.09 9.60 -30.86
C MET A 216 -18.63 10.65 -29.87
N PRO A 217 -18.07 11.86 -29.86
CA PRO A 217 -18.69 12.96 -29.08
C PRO A 217 -20.18 13.11 -29.41
N LEU A 218 -20.95 13.41 -28.38
CA LEU A 218 -22.39 13.79 -28.45
C LEU A 218 -23.24 12.66 -29.05
N TYR A 219 -22.75 11.42 -29.05
CA TYR A 219 -23.45 10.24 -29.60
C TYR A 219 -23.76 10.47 -31.09
N GLY A 220 -23.00 11.34 -31.76
CA GLY A 220 -23.22 11.68 -33.18
C GLY A 220 -24.51 12.45 -33.41
N LYS A 221 -25.14 12.98 -32.38
CA LYS A 221 -26.45 13.69 -32.48
C LYS A 221 -26.23 15.19 -32.65
N GLY A 222 -27.27 15.90 -33.10
CA GLY A 222 -27.33 17.37 -33.10
C GLY A 222 -26.84 17.98 -34.40
N ALA A 223 -26.61 19.28 -34.39
CA ALA A 223 -26.14 20.04 -35.57
C ALA A 223 -24.72 19.59 -35.95
N ARG A 224 -24.49 19.46 -37.24
CA ARG A 224 -23.18 19.06 -37.81
C ARG A 224 -22.09 19.98 -37.29
N SER A 225 -22.35 21.30 -37.20
CA SER A 225 -21.32 22.29 -36.80
C SER A 225 -20.85 22.02 -35.36
N ASP A 226 -21.76 21.68 -34.45
CA ASP A 226 -21.40 21.39 -33.02
C ASP A 226 -20.64 20.05 -32.95
N LEU A 227 -21.04 19.10 -33.79
CA LEU A 227 -20.38 17.77 -33.84
C LEU A 227 -18.94 17.96 -34.33
N LEU A 228 -18.72 18.81 -35.32
CA LEU A 228 -17.38 19.07 -35.87
C LEU A 228 -16.52 19.74 -34.78
N THR A 229 -17.01 20.78 -34.12
CA THR A 229 -16.27 21.46 -33.03
C THR A 229 -15.84 20.46 -31.96
N ALA A 230 -16.75 19.58 -31.52
CA ALA A 230 -16.48 18.57 -30.46
C ALA A 230 -15.43 17.57 -30.97
N SER A 231 -15.48 17.22 -32.24
CA SER A 231 -14.55 16.25 -32.87
C SER A 231 -13.17 16.89 -33.02
N GLN A 232 -13.11 18.20 -33.34
CA GLN A 232 -11.81 18.90 -33.49
C GLN A 232 -11.17 19.04 -32.11
N ARG A 233 -11.97 19.31 -31.09
CA ARG A 233 -11.46 19.40 -29.70
C ARG A 233 -10.79 18.06 -29.34
N LEU A 234 -11.46 16.95 -29.63
CA LEU A 234 -10.95 15.60 -29.32
C LEU A 234 -9.67 15.33 -30.12
N ASN A 235 -9.68 15.67 -31.41
CA ASN A 235 -8.51 15.46 -32.30
C ASN A 235 -7.26 16.09 -31.70
N GLY A 236 -7.37 17.28 -31.12
CA GLY A 236 -6.24 18.04 -30.55
C GLY A 236 -5.52 17.29 -29.44
N HIS A 237 -6.18 16.31 -28.80
CA HIS A 237 -5.61 15.56 -27.65
C HIS A 237 -5.13 14.17 -28.05
N ILE A 238 -5.25 13.79 -29.31
CA ILE A 238 -4.87 12.42 -29.76
C ILE A 238 -3.65 12.53 -30.67
N ASN A 239 -2.55 11.91 -30.28
CA ASN A 239 -1.24 12.04 -30.99
C ASN A 239 -0.89 10.72 -31.68
N MET A 240 -1.89 9.96 -32.09
CA MET A 240 -1.74 8.75 -32.92
C MET A 240 -2.95 8.74 -33.85
N PRO A 241 -2.98 7.91 -34.91
CA PRO A 241 -4.19 7.78 -35.72
C PRO A 241 -5.35 7.37 -34.81
N TRP A 242 -6.55 7.84 -35.12
CA TRP A 242 -7.74 7.50 -34.34
C TRP A 242 -8.92 7.17 -35.23
N VAL A 243 -9.77 6.30 -34.73
CA VAL A 243 -11.01 5.84 -35.41
C VAL A 243 -12.15 5.93 -34.40
N ILE A 244 -13.37 6.02 -34.88
CA ILE A 244 -14.55 6.00 -33.97
C ILE A 244 -15.18 4.62 -33.97
N LEU A 245 -15.73 4.27 -32.80
CA LEU A 245 -16.58 3.08 -32.60
C LEU A 245 -18.03 3.55 -32.64
N SER A 246 -18.97 2.61 -32.80
CA SER A 246 -20.39 2.95 -33.09
C SER A 246 -21.27 2.82 -31.85
N SER A 247 -20.81 2.13 -30.80
CA SER A 247 -21.65 1.95 -29.59
C SER A 247 -22.13 3.33 -29.09
N GLY A 248 -23.43 3.49 -28.95
CA GLY A 248 -24.06 4.75 -28.50
C GLY A 248 -24.51 5.64 -29.65
N VAL A 249 -24.12 5.35 -30.90
CA VAL A 249 -24.50 6.16 -32.08
C VAL A 249 -25.58 5.40 -32.85
N ASP A 250 -26.70 6.05 -33.11
CA ASP A 250 -27.77 5.46 -33.95
C ASP A 250 -27.14 5.06 -35.30
N GLU A 251 -27.47 3.87 -35.80
CA GLU A 251 -26.89 3.35 -37.07
C GLU A 251 -27.11 4.36 -38.21
N LYS A 252 -28.19 5.14 -38.17
CA LYS A 252 -28.51 6.12 -39.24
C LYS A 252 -27.61 7.35 -39.14
N LEU A 253 -27.04 7.63 -37.96
CA LEU A 253 -26.19 8.83 -37.75
C LEU A 253 -24.70 8.43 -37.83
N PHE A 254 -24.39 7.14 -37.93
CA PHE A 254 -22.98 6.70 -37.89
C PHE A 254 -22.25 7.15 -39.16
N PRO A 255 -22.87 7.10 -40.37
CA PRO A 255 -22.17 7.60 -41.55
C PRO A 255 -21.75 9.07 -41.44
N ARG A 256 -22.65 9.91 -40.92
CA ARG A 256 -22.31 11.34 -40.71
C ARG A 256 -21.21 11.44 -39.64
N ALA A 257 -21.27 10.62 -38.60
CA ALA A 257 -20.27 10.66 -37.51
C ALA A 257 -18.89 10.35 -38.10
N VAL A 258 -18.79 9.37 -38.99
CA VAL A 258 -17.48 9.02 -39.61
C VAL A 258 -17.00 10.23 -40.43
N ARG A 259 -17.88 10.82 -41.23
CA ARG A 259 -17.52 11.97 -42.08
C ARG A 259 -17.02 13.12 -41.20
N VAL A 260 -17.75 13.45 -40.14
CA VAL A 260 -17.39 14.59 -39.26
C VAL A 260 -16.10 14.29 -38.50
N ALA A 261 -15.98 13.08 -37.93
CA ALA A 261 -14.75 12.70 -37.18
C ALA A 261 -13.55 12.81 -38.12
N MET A 262 -13.69 12.34 -39.36
CA MET A 262 -12.56 12.35 -40.32
C MET A 262 -12.26 13.80 -40.75
N GLU A 263 -13.28 14.65 -40.89
CA GLU A 263 -13.04 16.09 -41.17
C GLU A 263 -12.22 16.69 -40.04
N ALA A 264 -12.44 16.24 -38.81
CA ALA A 264 -11.73 16.72 -37.60
C ALA A 264 -10.34 16.10 -37.46
N GLY A 265 -10.00 15.05 -38.21
CA GLY A 265 -8.66 14.44 -38.15
C GLY A 265 -8.66 12.95 -37.90
N ALA A 266 -9.79 12.31 -37.64
CA ALA A 266 -9.87 10.83 -37.53
C ALA A 266 -9.52 10.20 -38.87
N SER A 267 -9.19 8.91 -38.87
CA SER A 267 -8.77 8.17 -40.09
C SER A 267 -9.75 7.05 -40.44
N GLY A 268 -10.88 6.97 -39.74
CA GLY A 268 -11.94 6.02 -40.11
C GLY A 268 -12.67 5.46 -38.90
N PHE A 269 -13.02 4.18 -38.95
CA PHE A 269 -13.96 3.58 -37.97
C PHE A 269 -13.55 2.15 -37.68
N LEU A 270 -13.96 1.68 -36.51
CA LEU A 270 -13.95 0.24 -36.17
C LEU A 270 -15.30 -0.01 -35.51
N ALA A 271 -16.25 -0.56 -36.28
CA ALA A 271 -17.68 -0.57 -35.91
C ALA A 271 -18.25 -1.97 -35.92
N GLY A 272 -19.15 -2.23 -34.98
CA GLY A 272 -19.93 -3.47 -34.91
C GLY A 272 -21.41 -3.16 -34.98
N ARG A 273 -21.95 -2.54 -33.93
CA ARG A 273 -23.43 -2.39 -33.78
C ARG A 273 -24.01 -1.65 -34.99
N ALA A 274 -23.40 -0.58 -35.46
CA ALA A 274 -23.96 0.26 -36.56
C ALA A 274 -23.96 -0.53 -37.87
N VAL A 275 -23.29 -1.67 -37.93
CA VAL A 275 -23.27 -2.55 -39.12
C VAL A 275 -24.28 -3.69 -38.93
N TRP A 276 -24.27 -4.43 -37.82
CA TRP A 276 -25.02 -5.70 -37.74
C TRP A 276 -26.04 -5.77 -36.59
N SER A 277 -26.15 -4.78 -35.69
CA SER A 277 -27.08 -4.93 -34.54
C SER A 277 -28.52 -5.12 -35.05
N SER A 278 -28.91 -4.46 -36.14
CA SER A 278 -30.34 -4.41 -36.56
C SER A 278 -30.80 -5.79 -37.10
N VAL A 279 -29.90 -6.71 -37.46
CA VAL A 279 -30.32 -8.02 -38.01
C VAL A 279 -30.40 -9.08 -36.92
N ILE A 280 -29.97 -8.79 -35.68
CA ILE A 280 -30.03 -9.80 -34.60
C ILE A 280 -31.50 -10.16 -34.34
N GLY A 281 -31.82 -11.45 -34.42
CA GLY A 281 -33.17 -11.97 -34.14
C GLY A 281 -34.05 -11.99 -35.38
N LEU A 282 -33.63 -11.39 -36.51
CA LEU A 282 -34.41 -11.49 -37.77
C LEU A 282 -34.26 -12.91 -38.33
N PRO A 283 -35.25 -13.43 -39.08
CA PRO A 283 -35.09 -14.71 -39.76
C PRO A 283 -34.02 -14.61 -40.86
N ASP A 284 -33.47 -15.74 -41.29
CA ASP A 284 -32.57 -15.85 -42.47
C ASP A 284 -31.33 -14.97 -42.24
N THR A 285 -30.58 -15.26 -41.18
CA THR A 285 -29.40 -14.45 -40.74
C THR A 285 -28.44 -14.17 -41.91
N GLU A 286 -28.06 -15.20 -42.69
CA GLU A 286 -27.07 -14.99 -43.78
C GLU A 286 -27.62 -14.02 -44.81
N LEU A 287 -28.90 -14.15 -45.16
CA LEU A 287 -29.56 -13.23 -46.13
C LEU A 287 -29.56 -11.81 -45.55
N MET A 288 -29.88 -11.67 -44.26
CA MET A 288 -29.98 -10.33 -43.60
C MET A 288 -28.60 -9.68 -43.53
N LEU A 289 -27.55 -10.43 -43.19
CA LEU A 289 -26.18 -9.85 -43.17
C LEU A 289 -25.82 -9.34 -44.57
N ARG A 290 -26.17 -10.09 -45.62
CA ARG A 290 -25.83 -9.69 -47.01
C ARG A 290 -26.69 -8.50 -47.45
N ASP A 291 -27.96 -8.45 -47.11
CA ASP A 291 -28.92 -7.48 -47.71
C ASP A 291 -29.08 -6.22 -46.84
N VAL A 292 -28.87 -6.32 -45.53
CA VAL A 292 -29.11 -5.20 -44.59
C VAL A 292 -27.75 -4.67 -44.06
N SER A 293 -26.93 -5.55 -43.53
CA SER A 293 -25.65 -5.16 -42.89
C SER A 293 -24.59 -4.76 -43.93
N ALA A 294 -24.40 -5.57 -44.98
CA ALA A 294 -23.30 -5.33 -45.94
C ALA A 294 -23.42 -3.97 -46.61
N PRO A 295 -24.61 -3.53 -47.10
CA PRO A 295 -24.72 -2.20 -47.71
C PRO A 295 -24.28 -1.07 -46.78
N LYS A 296 -24.55 -1.20 -45.49
CA LYS A 296 -24.14 -0.17 -44.50
C LYS A 296 -22.62 -0.17 -44.37
N LEU A 297 -21.99 -1.34 -44.29
CA LEU A 297 -20.51 -1.40 -44.16
C LEU A 297 -19.85 -0.91 -45.44
N GLN A 298 -20.41 -1.27 -46.61
CA GLN A 298 -19.91 -0.81 -47.91
C GLN A 298 -19.95 0.72 -47.95
N ARG A 299 -21.06 1.33 -47.54
CA ARG A 299 -21.18 2.82 -47.62
C ARG A 299 -20.14 3.45 -46.69
N LEU A 300 -19.96 2.91 -45.49
CA LEU A 300 -18.97 3.49 -44.54
C LEU A 300 -17.57 3.45 -45.16
N GLY A 301 -17.21 2.34 -45.82
CA GLY A 301 -15.91 2.24 -46.53
C GLY A 301 -15.76 3.31 -47.62
N GLU A 302 -16.83 3.54 -48.38
CA GLU A 302 -16.84 4.58 -49.46
C GLU A 302 -16.64 5.96 -48.84
N ILE A 303 -17.26 6.23 -47.68
CA ILE A 303 -17.13 7.54 -46.99
C ILE A 303 -15.67 7.71 -46.57
N VAL A 304 -15.08 6.66 -46.00
CA VAL A 304 -13.66 6.71 -45.58
C VAL A 304 -12.79 7.09 -46.78
N ASP A 305 -12.97 6.44 -47.93
CA ASP A 305 -12.15 6.75 -49.12
C ASP A 305 -12.39 8.19 -49.58
N GLU A 306 -13.64 8.66 -49.58
CA GLU A 306 -13.98 10.03 -50.00
C GLU A 306 -13.20 11.02 -49.11
N MET A 307 -13.17 10.77 -47.79
CA MET A 307 -12.53 11.70 -46.85
C MET A 307 -11.00 11.62 -46.99
N MET A 308 -10.44 10.42 -47.19
CA MET A 308 -8.97 10.27 -47.36
C MET A 308 -8.54 10.95 -48.67
N ALA A 309 -9.37 10.93 -49.73
CA ALA A 309 -9.05 11.55 -51.04
C ALA A 309 -8.94 13.08 -50.89
N LYS A 310 -9.66 13.68 -49.94
CA LYS A 310 -9.62 15.16 -49.69
C LYS A 310 -8.31 15.56 -48.99
N ARG A 311 -7.63 14.57 -48.41
CA ARG A 311 -6.39 14.72 -47.61
C ARG A 311 -5.18 14.76 -48.56
N ARG A 312 -4.32 15.77 -48.40
CA ARG A 312 -3.14 16.04 -49.26
C ARG A 312 -1.98 16.54 -48.39
N MET B 21 54.69 -41.92 -25.12
CA MET B 21 55.57 -41.61 -23.95
C MET B 21 55.97 -42.94 -23.29
N ASN B 22 56.76 -42.87 -22.20
CA ASN B 22 57.39 -44.05 -21.56
C ASN B 22 56.31 -45.02 -21.06
N ASN B 23 56.46 -46.31 -21.37
CA ASN B 23 55.69 -47.42 -20.74
C ASN B 23 56.64 -48.09 -19.74
N TYR B 24 56.45 -47.82 -18.45
CA TYR B 24 57.32 -48.40 -17.39
C TYR B 24 56.88 -49.85 -17.20
N THR B 25 57.81 -50.70 -16.82
CA THR B 25 57.66 -52.15 -16.64
C THR B 25 58.28 -52.47 -15.28
N ILE B 26 58.00 -53.64 -14.73
CA ILE B 26 58.53 -54.12 -13.44
C ILE B 26 60.06 -53.94 -13.38
N LYS B 27 60.78 -54.15 -14.49
CA LYS B 27 62.27 -54.06 -14.49
C LYS B 27 62.71 -52.65 -14.04
N ASP B 28 61.87 -51.64 -14.21
CA ASP B 28 62.25 -50.23 -13.91
C ASP B 28 62.23 -49.98 -12.39
N ILE B 29 61.65 -50.86 -11.57
CA ILE B 29 61.61 -50.62 -10.10
C ILE B 29 62.29 -51.76 -9.33
N THR B 30 63.01 -52.64 -10.03
CA THR B 30 63.72 -53.78 -9.41
C THR B 30 65.23 -53.54 -9.45
N ARG B 31 65.96 -54.29 -8.62
CA ARG B 31 67.43 -54.39 -8.71
C ARG B 31 67.80 -55.10 -10.01
N ALA B 32 69.08 -55.11 -10.37
CA ALA B 32 69.57 -55.84 -11.56
C ALA B 32 69.15 -57.33 -11.49
N SER B 33 69.11 -57.92 -10.30
CA SER B 33 68.72 -59.33 -10.04
C SER B 33 67.24 -59.58 -10.38
N GLY B 34 66.42 -58.53 -10.50
CA GLY B 34 64.95 -58.68 -10.60
C GLY B 34 64.25 -58.64 -9.23
N GLY B 35 65.01 -58.56 -8.14
CA GLY B 35 64.36 -58.47 -6.80
C GLY B 35 63.89 -57.05 -6.52
N PHE B 36 62.86 -56.89 -5.67
CA PHE B 36 62.39 -55.55 -5.24
C PHE B 36 63.04 -55.23 -3.88
N ALA B 37 63.75 -54.11 -3.79
CA ALA B 37 64.36 -53.61 -2.55
C ALA B 37 63.98 -52.16 -2.38
N MET B 38 62.74 -51.94 -1.95
CA MET B 38 62.14 -50.60 -2.09
C MET B 38 61.88 -49.97 -0.73
N LEU B 39 62.03 -48.65 -0.70
CA LEU B 39 61.94 -47.81 0.50
C LEU B 39 60.63 -47.03 0.49
N ALA B 40 59.92 -47.00 1.62
CA ALA B 40 58.69 -46.21 1.80
C ALA B 40 58.98 -45.05 2.73
N VAL B 41 58.68 -43.82 2.32
CA VAL B 41 58.75 -42.64 3.22
C VAL B 41 57.47 -41.81 3.05
N ASP B 42 56.37 -42.42 2.63
CA ASP B 42 55.11 -41.69 2.26
C ASP B 42 54.17 -41.54 3.45
N GLN B 43 54.55 -41.96 4.67
CA GLN B 43 53.63 -41.91 5.83
C GLN B 43 53.31 -40.45 6.14
N ARG B 44 52.06 -40.14 6.44
CA ARG B 44 51.58 -38.74 6.56
C ARG B 44 51.29 -38.46 8.03
N GLU B 45 50.01 -38.38 8.44
CA GLU B 45 49.72 -38.09 9.87
C GLU B 45 50.31 -39.18 10.76
N ALA B 46 50.40 -40.42 10.28
CA ALA B 46 51.02 -41.53 11.07
C ALA B 46 52.49 -41.16 11.39
N MET B 47 53.19 -40.49 10.49
CA MET B 47 54.60 -40.11 10.75
C MET B 47 54.63 -38.95 11.73
N ARG B 48 53.69 -38.01 11.65
CA ARG B 48 53.63 -36.89 12.64
C ARG B 48 53.45 -37.50 14.04
N LEU B 49 52.58 -38.50 14.19
CA LEU B 49 52.34 -39.17 15.50
C LEU B 49 53.63 -39.83 15.98
N MET B 50 54.44 -40.41 15.08
CA MET B 50 55.73 -41.04 15.45
C MET B 50 56.68 -39.98 16.01
N PHE B 51 56.74 -38.81 15.39
CA PHE B 51 57.62 -37.70 15.85
C PHE B 51 57.17 -37.27 17.26
N ALA B 52 55.88 -37.08 17.47
CA ALA B 52 55.33 -36.68 18.79
C ALA B 52 55.69 -37.75 19.83
N ALA B 53 55.46 -39.02 19.53
CA ALA B 53 55.74 -40.17 20.43
C ALA B 53 57.24 -40.22 20.78
N ALA B 54 58.14 -39.78 19.89
CA ALA B 54 59.61 -39.82 20.10
C ALA B 54 60.12 -38.54 20.79
N GLY B 55 59.22 -37.63 21.17
CA GLY B 55 59.55 -36.46 22.01
C GLY B 55 59.85 -35.19 21.22
N ALA B 56 59.48 -35.12 19.93
CA ALA B 56 59.57 -33.87 19.14
C ALA B 56 58.66 -32.81 19.78
N LYS B 57 59.08 -31.53 19.73
CA LYS B 57 58.27 -30.38 20.21
C LYS B 57 56.94 -30.39 19.45
N THR B 58 55.82 -30.33 20.18
CA THR B 58 54.45 -30.29 19.60
C THR B 58 53.96 -28.85 19.63
N PRO B 59 53.11 -28.41 18.67
CA PRO B 59 52.73 -29.23 17.51
C PRO B 59 53.90 -29.44 16.53
N VAL B 60 54.00 -30.63 15.95
CA VAL B 60 55.09 -30.96 14.98
C VAL B 60 54.78 -30.28 13.65
N ALA B 61 55.64 -29.39 13.18
CA ALA B 61 55.42 -28.62 11.93
C ALA B 61 55.50 -29.58 10.74
N ASP B 62 54.77 -29.27 9.67
CA ASP B 62 54.87 -29.99 8.36
C ASP B 62 56.35 -30.06 7.92
N SER B 63 57.11 -28.98 8.10
CA SER B 63 58.53 -28.87 7.66
C SER B 63 59.39 -29.97 8.30
N VAL B 64 59.06 -30.40 9.53
CA VAL B 64 59.80 -31.50 10.21
C VAL B 64 59.62 -32.79 9.39
N LEU B 65 58.41 -33.07 8.93
CA LEU B 65 58.12 -34.27 8.12
C LEU B 65 58.83 -34.14 6.79
N THR B 66 58.68 -33.01 6.11
CA THR B 66 59.29 -32.78 4.79
C THR B 66 60.81 -32.97 4.91
N ASP B 67 61.44 -32.34 5.89
CA ASP B 67 62.92 -32.38 6.01
C ASP B 67 63.37 -33.83 6.23
N PHE B 68 62.68 -34.58 7.09
CA PHE B 68 63.01 -35.99 7.39
C PHE B 68 62.85 -36.83 6.12
N LYS B 69 61.73 -36.69 5.41
CA LYS B 69 61.44 -37.48 4.20
C LYS B 69 62.48 -37.20 3.11
N VAL B 70 62.83 -35.94 2.91
CA VAL B 70 63.81 -35.57 1.86
C VAL B 70 65.20 -36.09 2.26
N ASN B 71 65.58 -35.96 3.53
CA ASN B 71 66.87 -36.50 4.02
C ASN B 71 66.88 -38.03 3.84
N ALA B 72 65.77 -38.71 4.17
CA ALA B 72 65.68 -40.18 4.04
C ALA B 72 65.88 -40.54 2.56
N ALA B 73 65.20 -39.84 1.65
CA ALA B 73 65.36 -40.10 0.20
C ALA B 73 66.82 -39.87 -0.20
N LYS B 74 67.39 -38.75 0.20
CA LYS B 74 68.77 -38.35 -0.22
C LYS B 74 69.76 -39.42 0.23
N ILE B 75 69.66 -39.86 1.48
CA ILE B 75 70.68 -40.74 2.11
C ILE B 75 70.40 -42.20 1.77
N LEU B 76 69.13 -42.61 1.65
CA LEU B 76 68.80 -44.05 1.53
C LEU B 76 68.50 -44.44 0.08
N SER B 77 68.09 -43.51 -0.79
CA SER B 77 67.71 -43.89 -2.18
C SER B 77 68.87 -44.57 -2.90
N PRO B 78 70.18 -44.29 -2.63
CA PRO B 78 71.25 -45.04 -3.27
C PRO B 78 71.21 -46.55 -3.03
N TYR B 79 70.50 -47.02 -2.01
CA TYR B 79 70.44 -48.46 -1.65
C TYR B 79 69.12 -49.10 -2.07
N ALA B 80 68.20 -48.32 -2.66
CA ALA B 80 66.82 -48.77 -2.96
C ALA B 80 66.59 -48.85 -4.47
N SER B 81 65.83 -49.84 -4.92
CA SER B 81 65.44 -49.97 -6.35
C SER B 81 64.27 -49.02 -6.65
N ALA B 82 63.54 -48.59 -5.63
CA ALA B 82 62.46 -47.60 -5.76
C ALA B 82 62.19 -46.97 -4.39
N VAL B 83 61.69 -45.74 -4.40
CA VAL B 83 61.28 -45.00 -3.19
C VAL B 83 59.84 -44.53 -3.37
N LEU B 84 59.05 -44.72 -2.33
CA LEU B 84 57.61 -44.32 -2.31
C LEU B 84 57.50 -43.00 -1.54
N LEU B 85 57.02 -41.98 -2.25
CA LEU B 85 56.93 -40.57 -1.81
C LEU B 85 55.46 -40.15 -1.83
N ASP B 86 55.07 -39.22 -0.98
CA ASP B 86 53.71 -38.62 -0.96
C ASP B 86 53.79 -37.18 -1.47
N GLN B 87 52.77 -36.75 -2.21
CA GLN B 87 52.67 -35.34 -2.66
C GLN B 87 52.46 -34.41 -1.45
N GLN B 88 51.79 -34.86 -0.40
CA GLN B 88 51.42 -33.97 0.74
C GLN B 88 52.69 -33.35 1.32
N PHE B 89 53.77 -34.12 1.52
CA PHE B 89 54.95 -33.63 2.28
C PHE B 89 56.27 -33.65 1.50
N CYS B 90 56.46 -34.46 0.46
CA CYS B 90 57.87 -34.61 -0.02
C CYS B 90 58.07 -34.87 -1.52
N TYR B 91 57.05 -35.20 -2.33
CA TYR B 91 57.34 -35.56 -3.73
C TYR B 91 58.01 -34.39 -4.47
N ARG B 92 57.38 -33.22 -4.44
CA ARG B 92 57.84 -32.01 -5.19
C ARG B 92 59.25 -31.66 -4.71
N GLN B 93 59.45 -31.68 -3.39
CA GLN B 93 60.73 -31.28 -2.75
C GLN B 93 61.84 -32.28 -3.16
N ALA B 94 61.56 -33.58 -3.14
CA ALA B 94 62.57 -34.61 -3.47
C ALA B 94 63.02 -34.43 -4.93
N VAL B 95 62.07 -34.14 -5.83
CA VAL B 95 62.35 -33.92 -7.27
C VAL B 95 63.19 -32.64 -7.41
N GLU B 96 62.72 -31.51 -6.85
CA GLU B 96 63.37 -30.19 -7.01
C GLU B 96 64.80 -30.25 -6.46
N GLN B 97 65.04 -31.00 -5.36
CA GLN B 97 66.36 -31.03 -4.69
C GLN B 97 67.23 -32.17 -5.22
N ASN B 98 66.78 -32.91 -6.23
CA ASN B 98 67.53 -34.06 -6.82
C ASN B 98 67.94 -35.01 -5.68
N ALA B 99 67.04 -35.27 -4.74
CA ALA B 99 67.31 -36.13 -3.57
C ALA B 99 67.30 -37.61 -4.00
N VAL B 100 66.62 -37.97 -5.09
CA VAL B 100 66.46 -39.39 -5.46
C VAL B 100 67.59 -39.81 -6.40
N ALA B 101 68.42 -40.76 -5.98
CA ALA B 101 69.46 -41.37 -6.84
C ALA B 101 68.82 -41.84 -8.16
N LYS B 102 69.51 -41.69 -9.30
CA LYS B 102 68.95 -42.06 -10.63
C LYS B 102 68.69 -43.56 -10.67
N SER B 103 69.45 -44.35 -9.89
CA SER B 103 69.31 -45.83 -9.84
C SER B 103 68.04 -46.22 -9.05
N CYS B 104 67.38 -45.26 -8.42
CA CYS B 104 66.18 -45.47 -7.59
C CYS B 104 64.94 -44.86 -8.27
N ALA B 105 63.98 -45.69 -8.65
CA ALA B 105 62.72 -45.26 -9.30
C ALA B 105 61.82 -44.56 -8.29
N MET B 106 61.00 -43.61 -8.73
CA MET B 106 60.03 -42.93 -7.83
C MET B 106 58.66 -43.58 -7.98
N ILE B 107 58.06 -43.91 -6.84
CA ILE B 107 56.65 -44.35 -6.69
C ILE B 107 55.92 -43.22 -5.98
N VAL B 108 54.77 -42.81 -6.48
CA VAL B 108 53.97 -41.72 -5.83
C VAL B 108 52.71 -42.34 -5.24
N ALA B 109 52.45 -42.05 -3.97
CA ALA B 109 51.21 -42.46 -3.31
C ALA B 109 50.03 -41.80 -4.02
N ALA B 110 48.96 -42.54 -4.26
CA ALA B 110 47.74 -42.00 -4.91
C ALA B 110 46.55 -42.24 -3.99
N ASP B 111 46.80 -42.43 -2.69
CA ASP B 111 45.73 -42.68 -1.68
C ASP B 111 45.43 -41.38 -0.93
N ASP B 112 44.16 -41.20 -0.61
CA ASP B 112 43.68 -40.07 0.19
C ASP B 112 43.21 -40.65 1.52
N PHE B 113 43.97 -40.40 2.59
CA PHE B 113 43.70 -41.00 3.92
C PHE B 113 42.63 -40.17 4.60
N ILE B 114 41.61 -40.83 5.14
CA ILE B 114 40.53 -40.15 5.90
C ILE B 114 40.62 -40.60 7.35
N PRO B 115 40.87 -39.66 8.28
CA PRO B 115 40.92 -40.00 9.70
C PRO B 115 39.50 -40.29 10.22
N GLY B 116 39.44 -40.99 11.35
CA GLY B 116 38.16 -41.31 12.00
C GLY B 116 38.38 -42.24 13.17
N ASN B 117 37.44 -42.25 14.13
CA ASN B 117 37.49 -43.16 15.28
C ASN B 117 38.87 -43.05 15.95
N GLY B 118 39.44 -41.84 15.99
CA GLY B 118 40.67 -41.55 16.76
C GLY B 118 41.95 -42.04 16.09
N ILE B 119 41.91 -42.48 14.83
CA ILE B 119 43.13 -42.94 14.11
C ILE B 119 43.28 -42.09 12.85
N PRO B 120 44.51 -41.95 12.33
CA PRO B 120 44.73 -41.14 11.12
C PRO B 120 44.20 -41.76 9.82
N VAL B 121 44.13 -43.09 9.74
CA VAL B 121 43.74 -43.79 8.49
C VAL B 121 42.61 -44.76 8.80
N ASP B 122 41.39 -44.21 8.90
CA ASP B 122 40.16 -44.99 9.18
C ASP B 122 39.51 -45.43 7.86
N ASN B 123 39.68 -44.60 6.83
CA ASN B 123 39.13 -44.89 5.49
C ASN B 123 40.15 -44.38 4.46
N VAL B 124 40.07 -44.90 3.25
CA VAL B 124 40.99 -44.49 2.17
C VAL B 124 40.20 -44.47 0.86
N VAL B 125 40.41 -43.44 0.06
CA VAL B 125 39.85 -43.38 -1.31
C VAL B 125 40.99 -43.05 -2.27
N LEU B 126 40.75 -43.28 -3.56
CA LEU B 126 41.71 -42.84 -4.61
C LEU B 126 41.78 -41.32 -4.55
N ASP B 127 42.98 -40.75 -4.55
CA ASP B 127 43.17 -39.28 -4.46
C ASP B 127 42.79 -38.69 -5.80
N LYS B 128 41.63 -38.03 -5.88
CA LYS B 128 41.10 -37.45 -7.14
C LYS B 128 41.94 -36.23 -7.55
N LYS B 129 42.83 -35.72 -6.68
CA LYS B 129 43.69 -34.53 -6.94
C LYS B 129 44.99 -34.92 -7.66
N ILE B 130 45.41 -36.19 -7.64
CA ILE B 130 46.66 -36.67 -8.32
C ILE B 130 46.45 -36.44 -9.82
N ASN B 131 47.36 -35.69 -10.45
CA ASN B 131 47.44 -35.52 -11.92
C ASN B 131 48.53 -36.49 -12.38
N ALA B 132 48.13 -37.66 -12.88
CA ALA B 132 49.07 -38.75 -13.24
C ALA B 132 50.07 -38.26 -14.29
N GLN B 133 49.62 -37.46 -15.25
CA GLN B 133 50.52 -36.95 -16.32
C GLN B 133 51.57 -36.03 -15.69
N ALA B 134 51.21 -35.18 -14.74
CA ALA B 134 52.13 -34.24 -14.09
C ALA B 134 53.17 -35.02 -13.27
N VAL B 135 52.76 -36.03 -12.49
CA VAL B 135 53.75 -36.77 -11.65
C VAL B 135 54.65 -37.58 -12.60
N LYS B 136 54.12 -38.08 -13.72
CA LYS B 136 54.95 -38.78 -14.74
C LYS B 136 55.99 -37.82 -15.31
N ARG B 137 55.62 -36.58 -15.63
CA ARG B 137 56.57 -35.56 -16.18
C ARG B 137 57.71 -35.36 -15.17
N ASP B 138 57.41 -35.43 -13.87
CA ASP B 138 58.41 -35.23 -12.79
C ASP B 138 59.30 -36.48 -12.63
N GLY B 139 58.99 -37.60 -13.27
CA GLY B 139 59.86 -38.79 -13.34
C GLY B 139 59.29 -40.02 -12.64
N ALA B 140 58.10 -39.93 -12.02
CA ALA B 140 57.46 -41.09 -11.36
C ALA B 140 57.28 -42.26 -12.35
N LYS B 141 57.45 -43.50 -11.89
CA LYS B 141 57.30 -44.72 -12.72
C LYS B 141 56.13 -45.58 -12.23
N ALA B 142 55.59 -45.28 -11.05
CA ALA B 142 54.54 -46.12 -10.42
C ALA B 142 53.73 -45.30 -9.43
N LEU B 143 52.49 -45.73 -9.18
CA LEU B 143 51.64 -45.18 -8.12
C LEU B 143 51.32 -46.30 -7.14
N LYS B 144 50.94 -45.93 -5.93
CA LYS B 144 50.62 -46.88 -4.85
C LYS B 144 49.25 -46.53 -4.24
N LEU B 145 48.47 -47.55 -3.93
CA LEU B 145 47.15 -47.36 -3.28
C LEU B 145 46.97 -48.34 -2.11
N LEU B 146 46.84 -47.79 -0.92
CA LEU B 146 46.38 -48.53 0.28
C LEU B 146 44.91 -48.91 0.10
N VAL B 147 44.58 -50.15 0.40
CA VAL B 147 43.18 -50.66 0.40
C VAL B 147 42.90 -51.22 1.78
N LEU B 148 42.06 -50.55 2.58
CA LEU B 148 41.69 -51.12 3.90
C LEU B 148 40.67 -52.23 3.69
N TRP B 149 40.91 -53.37 4.31
CA TRP B 149 40.08 -54.57 4.14
C TRP B 149 39.40 -54.90 5.46
N ARG B 150 38.08 -54.93 5.46
CA ARG B 150 37.26 -55.38 6.63
C ARG B 150 36.26 -56.43 6.17
N SER B 151 36.05 -57.45 6.97
CA SER B 151 35.21 -58.63 6.63
C SER B 151 33.76 -58.19 6.40
N ASP B 152 33.30 -57.07 6.95
CA ASP B 152 31.87 -56.66 6.89
C ASP B 152 31.72 -55.42 6.00
N GLU B 153 32.73 -55.07 5.22
CA GLU B 153 32.59 -54.02 4.18
C GLU B 153 32.56 -54.72 2.81
N ASP B 154 31.95 -54.07 1.84
CA ASP B 154 31.62 -54.65 0.52
C ASP B 154 32.90 -54.85 -0.31
N ALA B 155 33.17 -56.10 -0.71
CA ALA B 155 34.29 -56.46 -1.59
C ALA B 155 34.18 -55.69 -2.92
N GLN B 156 32.97 -55.50 -3.45
CA GLN B 156 32.81 -54.89 -4.79
C GLN B 156 33.34 -53.44 -4.77
N GLN B 157 33.15 -52.68 -3.69
CA GLN B 157 33.67 -51.30 -3.57
C GLN B 157 35.21 -51.31 -3.62
N ARG B 158 35.85 -52.26 -2.94
CA ARG B 158 37.34 -52.39 -2.96
C ARG B 158 37.80 -52.73 -4.40
N LEU B 159 37.17 -53.72 -5.01
CA LEU B 159 37.53 -54.15 -6.40
C LEU B 159 37.32 -52.97 -7.37
N ASN B 160 36.26 -52.19 -7.22
CA ASN B 160 36.00 -51.03 -8.12
C ASN B 160 37.07 -49.97 -7.92
N MET B 161 37.50 -49.72 -6.69
CA MET B 161 38.56 -48.71 -6.43
C MET B 161 39.87 -49.21 -7.08
N VAL B 162 40.19 -50.49 -6.94
CA VAL B 162 41.44 -51.06 -7.54
C VAL B 162 41.36 -50.95 -9.07
N LYS B 163 40.20 -51.26 -9.66
CA LYS B 163 40.03 -51.14 -11.14
C LYS B 163 40.27 -49.70 -11.59
N GLU B 164 39.68 -48.71 -10.92
CA GLU B 164 39.85 -47.28 -11.28
C GLU B 164 41.31 -46.90 -11.12
N PHE B 165 41.96 -47.35 -10.04
CA PHE B 165 43.40 -47.09 -9.81
C PHE B 165 44.27 -47.70 -10.91
N ASN B 166 44.03 -48.97 -11.27
CA ASN B 166 44.80 -49.66 -12.33
C ASN B 166 44.68 -48.87 -13.63
N GLU B 167 43.48 -48.37 -13.94
CA GLU B 167 43.22 -47.63 -15.19
C GLU B 167 43.99 -46.30 -15.15
N LEU B 168 43.98 -45.59 -14.00
CA LEU B 168 44.74 -44.34 -13.83
C LEU B 168 46.23 -44.61 -14.13
N CYS B 169 46.79 -45.68 -13.57
CA CYS B 169 48.22 -46.02 -13.75
C CYS B 169 48.45 -46.40 -15.23
N HIS B 170 47.77 -47.44 -15.71
CA HIS B 170 48.08 -48.12 -17.00
C HIS B 170 47.82 -47.16 -18.17
N SER B 171 46.80 -46.33 -18.09
CA SER B 171 46.46 -45.35 -19.15
C SER B 171 47.58 -44.30 -19.27
N ASN B 172 48.43 -44.18 -18.24
CA ASN B 172 49.52 -43.17 -18.19
C ASN B 172 50.90 -43.86 -18.27
N GLY B 173 50.96 -45.17 -18.53
CA GLY B 173 52.22 -45.91 -18.64
C GLY B 173 52.92 -46.06 -17.30
N LEU B 174 52.17 -45.98 -16.19
CA LEU B 174 52.72 -46.13 -14.82
C LEU B 174 52.36 -47.51 -14.29
N LEU B 175 53.22 -48.07 -13.42
CA LEU B 175 52.91 -49.33 -12.72
C LEU B 175 51.91 -49.07 -11.58
N SER B 176 51.09 -50.06 -11.27
CA SER B 176 50.09 -50.03 -10.17
C SER B 176 50.55 -50.93 -9.03
N ILE B 177 50.71 -50.36 -7.85
CA ILE B 177 51.04 -51.11 -6.61
C ILE B 177 49.87 -50.99 -5.63
N ILE B 178 49.27 -52.10 -5.26
CA ILE B 178 48.16 -52.10 -4.26
C ILE B 178 48.66 -52.67 -2.94
N GLU B 179 48.12 -52.15 -1.84
CA GLU B 179 48.55 -52.49 -0.46
C GLU B 179 47.30 -52.80 0.36
N PRO B 180 46.78 -54.03 0.32
CA PRO B 180 45.65 -54.40 1.16
C PRO B 180 46.12 -54.54 2.62
N VAL B 181 45.45 -53.85 3.52
CA VAL B 181 45.78 -53.84 4.97
C VAL B 181 44.51 -54.23 5.73
N VAL B 182 44.60 -55.25 6.58
CA VAL B 182 43.39 -55.78 7.26
C VAL B 182 43.10 -54.96 8.52
N ARG B 183 41.81 -54.76 8.78
CA ARG B 183 41.33 -54.04 9.97
C ARG B 183 40.20 -54.84 10.57
N PRO B 184 39.93 -54.67 11.89
CA PRO B 184 38.77 -55.31 12.50
C PRO B 184 37.48 -54.84 11.86
N PRO B 185 36.41 -55.66 11.92
CA PRO B 185 35.15 -55.31 11.24
C PRO B 185 34.57 -54.04 11.88
N ARG B 186 33.75 -53.33 11.12
CA ARG B 186 33.05 -52.12 11.61
C ARG B 186 32.13 -52.52 12.76
N CYS B 187 31.51 -53.69 12.65
CA CYS B 187 30.53 -54.21 13.64
C CYS B 187 30.88 -55.66 13.93
N GLY B 188 30.95 -56.05 15.21
CA GLY B 188 31.28 -57.42 15.63
C GLY B 188 32.67 -57.46 16.24
N ASP B 189 33.06 -58.60 16.81
CA ASP B 189 34.35 -58.74 17.54
C ASP B 189 35.10 -59.97 17.03
N LYS B 190 34.65 -60.57 15.93
CA LYS B 190 35.34 -61.70 15.27
C LYS B 190 36.42 -61.06 14.38
N PHE B 191 37.66 -61.06 14.85
CA PHE B 191 38.81 -60.59 14.03
C PHE B 191 39.97 -61.56 14.19
N ASP B 192 40.22 -62.29 13.12
CA ASP B 192 41.37 -63.22 12.97
C ASP B 192 42.29 -62.56 11.96
N ARG B 193 43.32 -61.87 12.42
CA ARG B 193 44.23 -61.09 11.53
C ARG B 193 44.84 -61.99 10.45
N GLU B 194 45.29 -63.19 10.83
CA GLU B 194 45.97 -64.12 9.87
C GLU B 194 44.98 -64.56 8.80
N GLN B 195 43.75 -64.91 9.17
CA GLN B 195 42.72 -65.30 8.19
C GLN B 195 42.34 -64.09 7.33
N ALA B 196 42.25 -62.89 7.91
CA ALA B 196 41.88 -61.67 7.14
C ALA B 196 42.92 -61.43 6.03
N ILE B 197 44.21 -61.62 6.32
CA ILE B 197 45.28 -61.40 5.30
C ILE B 197 45.03 -62.36 4.13
N ILE B 198 44.72 -63.62 4.43
CA ILE B 198 44.41 -64.63 3.40
C ILE B 198 43.15 -64.22 2.62
N ASP B 199 42.10 -63.80 3.32
CA ASP B 199 40.81 -63.44 2.67
C ASP B 199 41.04 -62.22 1.74
N ALA B 200 41.85 -61.25 2.16
CA ALA B 200 42.15 -60.07 1.33
C ALA B 200 42.90 -60.53 0.06
N ALA B 201 43.82 -61.47 0.18
CA ALA B 201 44.60 -61.98 -0.98
C ALA B 201 43.65 -62.77 -1.91
N LYS B 202 42.76 -63.59 -1.36
CA LYS B 202 41.78 -64.31 -2.20
C LYS B 202 40.94 -63.31 -3.00
N GLU B 203 40.60 -62.18 -2.40
CA GLU B 203 39.76 -61.15 -3.05
C GLU B 203 40.57 -60.33 -4.07
N LEU B 204 41.79 -59.88 -3.72
CA LEU B 204 42.50 -58.80 -4.51
C LEU B 204 43.78 -59.32 -5.17
N GLY B 205 44.15 -60.58 -4.93
CA GLY B 205 45.44 -61.15 -5.39
C GLY B 205 45.49 -61.37 -6.90
N ASP B 206 44.36 -61.24 -7.59
CA ASP B 206 44.31 -61.39 -9.07
C ASP B 206 43.55 -60.20 -9.68
N SER B 207 43.73 -59.00 -9.13
CA SER B 207 42.92 -57.81 -9.47
C SER B 207 43.57 -56.99 -10.59
N GLY B 208 44.65 -57.48 -11.21
CA GLY B 208 45.26 -56.84 -12.39
C GLY B 208 46.25 -55.72 -12.06
N ALA B 209 46.58 -55.50 -10.78
CA ALA B 209 47.69 -54.60 -10.41
C ALA B 209 49.03 -55.21 -10.87
N ASP B 210 50.08 -54.41 -10.90
CA ASP B 210 51.44 -54.90 -11.28
C ASP B 210 52.15 -55.52 -10.06
N LEU B 211 51.80 -55.08 -8.85
CA LEU B 211 52.52 -55.50 -7.63
C LEU B 211 51.58 -55.47 -6.44
N TYR B 212 51.65 -56.53 -5.63
CA TYR B 212 50.86 -56.72 -4.39
C TYR B 212 51.80 -56.51 -3.20
N LYS B 213 51.50 -55.52 -2.37
CA LYS B 213 52.29 -55.20 -1.17
C LYS B 213 51.49 -55.68 0.04
N VAL B 214 52.03 -56.62 0.81
CA VAL B 214 51.23 -57.35 1.82
C VAL B 214 51.90 -57.29 3.19
N GLU B 215 51.06 -57.35 4.22
CA GLU B 215 51.51 -57.50 5.62
C GLU B 215 52.12 -58.88 5.82
N MET B 216 53.17 -58.96 6.63
CA MET B 216 53.84 -60.24 6.92
C MET B 216 52.96 -61.08 7.84
N PRO B 217 52.65 -62.33 7.48
CA PRO B 217 51.98 -63.22 8.43
C PRO B 217 52.71 -63.29 9.78
N LEU B 218 51.93 -63.37 10.85
CA LEU B 218 52.39 -63.64 12.24
C LEU B 218 53.32 -62.53 12.73
N TYR B 219 53.33 -61.35 12.09
CA TYR B 219 54.20 -60.20 12.44
C TYR B 219 55.67 -60.62 12.36
N GLY B 220 55.98 -61.64 11.56
CA GLY B 220 57.36 -62.16 11.41
C GLY B 220 57.88 -62.85 12.66
N LYS B 221 57.02 -63.16 13.62
CA LYS B 221 57.43 -63.75 14.92
C LYS B 221 57.36 -65.27 14.86
N GLY B 222 58.04 -65.94 15.81
CA GLY B 222 57.89 -67.39 16.05
C GLY B 222 58.88 -68.22 15.27
N ALA B 223 58.64 -69.51 15.20
CA ALA B 223 59.51 -70.50 14.52
C ALA B 223 59.54 -70.22 13.02
N ARG B 224 60.73 -70.30 12.43
CA ARG B 224 60.94 -70.09 10.98
C ARG B 224 60.00 -71.03 10.19
N SER B 225 59.84 -72.28 10.63
CA SER B 225 59.05 -73.29 9.88
C SER B 225 57.58 -72.85 9.80
N ASP B 226 57.01 -72.31 10.88
CA ASP B 226 55.60 -71.83 10.90
C ASP B 226 55.46 -70.58 10.04
N LEU B 227 56.47 -69.72 10.05
CA LEU B 227 56.47 -68.48 9.25
C LEU B 227 56.49 -68.86 7.77
N LEU B 228 57.26 -69.87 7.40
CA LEU B 228 57.33 -70.32 5.99
C LEU B 228 55.97 -70.89 5.57
N THR B 229 55.38 -71.77 6.36
CA THR B 229 54.05 -72.36 6.05
C THR B 229 53.02 -71.25 5.82
N ALA B 230 52.98 -70.24 6.69
CA ALA B 230 52.01 -69.12 6.62
C ALA B 230 52.28 -68.31 5.35
N SER B 231 53.55 -68.13 4.99
CA SER B 231 53.97 -67.36 3.81
C SER B 231 53.62 -68.14 2.53
N GLN B 232 53.76 -69.45 2.54
CA GLN B 232 53.44 -70.31 1.36
C GLN B 232 51.92 -70.30 1.15
N ARG B 233 51.16 -70.34 2.25
CA ARG B 233 49.68 -70.26 2.16
C ARG B 233 49.28 -68.96 1.47
N LEU B 234 49.89 -67.84 1.89
CA LEU B 234 49.60 -66.51 1.31
C LEU B 234 50.01 -66.48 -0.17
N ASN B 235 51.19 -67.02 -0.49
CA ASN B 235 51.72 -67.03 -1.88
C ASN B 235 50.68 -67.67 -2.83
N GLY B 236 50.03 -68.75 -2.39
CA GLY B 236 49.07 -69.51 -3.21
C GLY B 236 47.89 -68.66 -3.67
N HIS B 237 47.60 -67.55 -2.99
CA HIS B 237 46.43 -66.69 -3.30
C HIS B 237 46.83 -65.42 -4.04
N ILE B 238 48.11 -65.22 -4.35
CA ILE B 238 48.58 -63.98 -5.01
C ILE B 238 49.06 -64.34 -6.42
N ASN B 239 48.44 -63.76 -7.44
CA ASN B 239 48.69 -64.12 -8.86
C ASN B 239 49.40 -62.98 -9.58
N MET B 240 50.20 -62.20 -8.84
CA MET B 240 51.08 -61.14 -9.38
C MET B 240 52.34 -61.17 -8.51
N PRO B 241 53.44 -60.50 -8.90
CA PRO B 241 54.59 -60.42 -8.01
C PRO B 241 54.14 -59.77 -6.69
N TRP B 242 54.74 -60.17 -5.58
CA TRP B 242 54.37 -59.59 -4.26
C TRP B 242 55.61 -59.31 -3.43
N VAL B 243 55.48 -58.30 -2.58
CA VAL B 243 56.55 -57.86 -1.66
C VAL B 243 55.91 -57.69 -0.28
N ILE B 244 56.71 -57.74 0.76
CA ILE B 244 56.19 -57.52 2.14
C ILE B 244 56.53 -56.11 2.60
N LEU B 245 55.62 -55.56 3.41
CA LEU B 245 55.82 -54.28 4.12
C LEU B 245 56.22 -54.63 5.55
N SER B 246 56.76 -53.65 6.28
CA SER B 246 57.41 -53.90 7.59
C SER B 246 56.51 -53.50 8.75
N SER B 247 55.44 -52.73 8.53
CA SER B 247 54.57 -52.29 9.63
C SER B 247 54.11 -53.50 10.44
N GLY B 248 54.37 -53.50 11.75
CA GLY B 248 54.00 -54.61 12.64
C GLY B 248 55.12 -55.62 12.86
N VAL B 249 56.21 -55.55 12.08
CA VAL B 249 57.36 -56.50 12.22
C VAL B 249 58.50 -55.75 12.92
N ASP B 250 59.00 -56.31 14.00
CA ASP B 250 60.19 -55.75 14.69
C ASP B 250 61.31 -55.61 13.66
N GLU B 251 62.02 -54.49 13.67
CA GLU B 251 63.11 -54.22 12.69
C GLU B 251 64.14 -55.36 12.72
N LYS B 252 64.33 -56.03 13.85
CA LYS B 252 65.33 -57.12 13.99
C LYS B 252 64.83 -58.41 13.34
N LEU B 253 63.51 -58.57 13.15
CA LEU B 253 62.92 -59.79 12.56
C LEU B 253 62.61 -59.56 11.07
N PHE B 254 62.75 -58.33 10.58
CA PHE B 254 62.34 -58.01 9.19
C PHE B 254 63.28 -58.71 8.20
N PRO B 255 64.62 -58.77 8.43
CA PRO B 255 65.49 -59.49 7.50
C PRO B 255 65.08 -60.97 7.33
N ARG B 256 64.75 -61.64 8.41
CA ARG B 256 64.28 -63.03 8.34
C ARG B 256 62.94 -63.08 7.61
N ALA B 257 62.06 -62.11 7.86
CA ALA B 257 60.73 -62.08 7.19
C ALA B 257 60.93 -61.99 5.69
N VAL B 258 61.84 -61.16 5.21
CA VAL B 258 62.11 -61.02 3.75
C VAL B 258 62.60 -62.36 3.21
N ARG B 259 63.55 -62.98 3.90
CA ARG B 259 64.12 -64.27 3.47
C ARG B 259 63.01 -65.31 3.37
N VAL B 260 62.17 -65.43 4.40
CA VAL B 260 61.11 -66.47 4.44
C VAL B 260 60.03 -66.15 3.40
N ALA B 261 59.61 -64.90 3.29
CA ALA B 261 58.57 -64.51 2.30
C ALA B 261 59.10 -64.85 0.91
N MET B 262 60.37 -64.57 0.62
CA MET B 262 60.94 -64.83 -0.73
C MET B 262 61.06 -66.34 -0.94
N GLU B 263 61.41 -67.11 0.09
CA GLU B 263 61.43 -68.59 -0.03
C GLU B 263 60.03 -69.08 -0.42
N ALA B 264 58.98 -68.43 0.09
CA ALA B 264 57.57 -68.79 -0.16
C ALA B 264 57.08 -68.28 -1.53
N GLY B 265 57.81 -67.39 -2.20
CA GLY B 265 57.43 -66.90 -3.54
C GLY B 265 57.37 -65.40 -3.68
N ALA B 266 57.54 -64.63 -2.59
CA ALA B 266 57.65 -63.16 -2.69
C ALA B 266 58.91 -62.77 -3.48
N SER B 267 58.98 -61.53 -3.97
CA SER B 267 60.08 -61.03 -4.81
C SER B 267 60.83 -59.88 -4.13
N GLY B 268 60.52 -59.60 -2.86
CA GLY B 268 61.28 -58.63 -2.08
C GLY B 268 60.41 -57.88 -1.08
N PHE B 269 60.69 -56.60 -0.92
CA PHE B 269 60.10 -55.79 0.16
C PHE B 269 59.88 -54.37 -0.32
N LEU B 270 58.93 -53.70 0.34
CA LEU B 270 58.76 -52.23 0.24
C LEU B 270 58.55 -51.78 1.68
N ALA B 271 59.62 -51.26 2.30
CA ALA B 271 59.67 -51.07 3.77
C ALA B 271 60.01 -49.64 4.14
N GLY B 272 59.40 -49.17 5.22
CA GLY B 272 59.67 -47.86 5.83
C GLY B 272 60.14 -48.03 7.26
N ARG B 273 59.24 -48.45 8.13
CA ARG B 273 59.50 -48.45 9.60
C ARG B 273 60.74 -49.28 9.93
N ALA B 274 60.90 -50.47 9.36
CA ALA B 274 62.02 -51.40 9.68
C ALA B 274 63.35 -50.81 9.21
N VAL B 275 63.32 -49.75 8.40
CA VAL B 275 64.54 -49.05 7.93
C VAL B 275 64.79 -47.81 8.81
N TRP B 276 63.81 -46.92 9.00
CA TRP B 276 64.08 -45.58 9.59
C TRP B 276 63.29 -45.27 10.88
N SER B 277 62.37 -46.09 11.34
CA SER B 277 61.54 -45.69 12.52
C SER B 277 62.44 -45.42 13.73
N SER B 278 63.53 -46.20 13.90
CA SER B 278 64.33 -46.14 15.15
C SER B 278 65.11 -44.84 15.25
N VAL B 279 65.32 -44.08 14.17
CA VAL B 279 66.12 -42.83 14.24
C VAL B 279 65.21 -41.61 14.45
N ILE B 280 63.89 -41.75 14.42
CA ILE B 280 62.98 -40.58 14.60
C ILE B 280 63.19 -40.02 16.01
N GLY B 281 63.52 -38.73 16.10
CA GLY B 281 63.70 -38.05 17.40
C GLY B 281 65.11 -38.16 17.95
N LEU B 282 66.00 -38.93 17.31
CA LEU B 282 67.44 -38.93 17.68
C LEU B 282 68.05 -37.64 17.17
N PRO B 283 69.11 -37.13 17.83
CA PRO B 283 69.84 -35.97 17.30
C PRO B 283 70.57 -36.32 16.00
N ASP B 284 70.92 -35.32 15.21
CA ASP B 284 71.82 -35.46 14.03
C ASP B 284 71.18 -36.43 13.02
N THR B 285 69.98 -36.08 12.52
CA THR B 285 69.16 -36.94 11.64
C THR B 285 69.97 -37.49 10.47
N GLU B 286 70.71 -36.65 9.75
CA GLU B 286 71.47 -37.09 8.56
C GLU B 286 72.52 -38.15 8.96
N LEU B 287 73.21 -37.95 10.07
CA LEU B 287 74.21 -38.92 10.57
C LEU B 287 73.49 -40.24 10.92
N MET B 288 72.34 -40.15 11.58
CA MET B 288 71.59 -41.35 12.03
C MET B 288 71.06 -42.13 10.83
N LEU B 289 70.52 -41.46 9.81
CA LEU B 289 70.04 -42.15 8.59
C LEU B 289 71.21 -42.89 7.94
N ARG B 290 72.40 -42.28 7.89
CA ARG B 290 73.58 -42.90 7.25
C ARG B 290 74.10 -44.07 8.09
N ASP B 291 74.14 -43.92 9.42
CA ASP B 291 74.89 -44.89 10.28
C ASP B 291 73.96 -45.98 10.83
N VAL B 292 72.66 -45.71 10.98
CA VAL B 292 71.71 -46.67 11.61
C VAL B 292 70.77 -47.23 10.54
N SER B 293 70.12 -46.37 9.77
CA SER B 293 69.10 -46.79 8.78
C SER B 293 69.77 -47.44 7.55
N ALA B 294 70.79 -46.81 6.97
CA ALA B 294 71.36 -47.28 5.68
C ALA B 294 71.88 -48.70 5.81
N PRO B 295 72.64 -49.10 6.86
CA PRO B 295 73.12 -50.48 6.96
C PRO B 295 71.96 -51.51 6.95
N LYS B 296 70.83 -51.17 7.56
CA LYS B 296 69.67 -52.08 7.57
C LYS B 296 69.09 -52.21 6.15
N LEU B 297 68.97 -51.09 5.42
CA LEU B 297 68.42 -51.15 4.03
C LEU B 297 69.42 -51.89 3.11
N GLN B 298 70.71 -51.65 3.29
CA GLN B 298 71.77 -52.32 2.50
C GLN B 298 71.65 -53.84 2.73
N ARG B 299 71.51 -54.29 3.98
CA ARG B 299 71.47 -55.74 4.27
C ARG B 299 70.22 -56.34 3.62
N LEU B 300 69.08 -55.65 3.69
CA LEU B 300 67.82 -56.18 3.10
C LEU B 300 68.02 -56.35 1.59
N GLY B 301 68.66 -55.40 0.91
CA GLY B 301 68.98 -55.51 -0.53
C GLY B 301 69.86 -56.70 -0.84
N GLU B 302 70.87 -56.95 0.01
CA GLU B 302 71.77 -58.12 -0.16
C GLU B 302 70.96 -59.42 -0.01
N ILE B 303 70.02 -59.47 0.93
CA ILE B 303 69.18 -60.68 1.16
C ILE B 303 68.32 -60.89 -0.09
N VAL B 304 67.74 -59.83 -0.63
CA VAL B 304 66.89 -59.94 -1.86
C VAL B 304 67.75 -60.56 -2.98
N ASP B 305 68.96 -60.06 -3.20
CA ASP B 305 69.84 -60.62 -4.28
C ASP B 305 70.17 -62.09 -3.98
N GLU B 306 70.47 -62.44 -2.75
CA GLU B 306 70.80 -63.83 -2.37
C GLU B 306 69.61 -64.73 -2.72
N MET B 307 68.39 -64.30 -2.43
CA MET B 307 67.18 -65.13 -2.65
C MET B 307 66.87 -65.19 -4.16
N MET B 308 67.06 -64.11 -4.90
CA MET B 308 66.84 -64.12 -6.37
C MET B 308 67.87 -65.07 -7.03
N ALA B 309 69.10 -65.13 -6.52
CA ALA B 309 70.18 -66.00 -7.06
C ALA B 309 69.80 -67.47 -6.90
N LYS B 310 69.03 -67.83 -5.87
CA LYS B 310 68.60 -69.24 -5.62
C LYS B 310 67.52 -69.68 -6.61
N ARG B 311 66.92 -68.74 -7.33
CA ARG B 311 65.88 -69.02 -8.36
C ARG B 311 66.48 -68.63 -9.72
N ASN C 22 -37.36 6.91 27.75
CA ASN C 22 -36.73 6.09 26.63
C ASN C 22 -37.38 4.70 26.53
N ASN C 23 -38.67 4.64 26.81
CA ASN C 23 -39.59 3.52 26.46
C ASN C 23 -40.11 3.74 25.04
N TYR C 24 -40.10 2.69 24.21
CA TYR C 24 -40.57 2.78 22.80
C TYR C 24 -41.52 1.62 22.52
N THR C 25 -42.55 1.84 21.71
CA THR C 25 -43.52 0.75 21.40
C THR C 25 -43.98 0.78 19.93
N ILE C 26 -44.05 -0.43 19.37
CA ILE C 26 -44.56 -0.68 18.00
C ILE C 26 -45.97 -0.11 17.87
N LYS C 27 -46.78 -0.13 18.93
CA LYS C 27 -48.17 0.40 18.91
C LYS C 27 -48.19 1.86 18.46
N ASP C 28 -47.09 2.61 18.63
CA ASP C 28 -47.05 4.04 18.24
C ASP C 28 -47.06 4.25 16.71
N ILE C 29 -46.77 3.21 15.91
CA ILE C 29 -46.72 3.41 14.43
C ILE C 29 -47.73 2.50 13.73
N THR C 30 -48.63 1.85 14.46
CA THR C 30 -49.65 0.95 13.87
C THR C 30 -51.04 1.58 13.91
N ARG C 31 -51.94 1.05 13.10
CA ARG C 31 -53.39 1.31 13.21
C ARG C 31 -53.90 0.69 14.50
N ALA C 32 -55.12 1.00 14.92
CA ALA C 32 -55.74 0.42 16.13
C ALA C 32 -55.75 -1.12 16.03
N SER C 33 -55.91 -1.68 14.83
CA SER C 33 -55.89 -3.15 14.56
C SER C 33 -54.53 -3.79 14.87
N GLY C 34 -53.47 -2.99 14.97
CA GLY C 34 -52.08 -3.48 15.09
C GLY C 34 -51.41 -3.65 13.72
N GLY C 35 -52.13 -3.40 12.63
CA GLY C 35 -51.52 -3.45 11.29
C GLY C 35 -50.73 -2.18 11.00
N PHE C 36 -49.73 -2.29 10.13
CA PHE C 36 -48.91 -1.12 9.70
C PHE C 36 -49.47 -0.63 8.35
N ALA C 37 -49.85 0.64 8.28
CA ALA C 37 -50.31 1.26 7.02
C ALA C 37 -49.56 2.57 6.84
N MET C 38 -48.30 2.44 6.40
CA MET C 38 -47.37 3.56 6.52
C MET C 38 -46.98 4.10 5.15
N LEU C 39 -46.76 5.41 5.10
CA LEU C 39 -46.47 6.19 3.88
C LEU C 39 -45.00 6.58 3.88
N ALA C 40 -44.32 6.42 2.75
CA ALA C 40 -42.94 6.87 2.56
C ALA C 40 -42.93 8.06 1.62
N VAL C 41 -42.30 9.16 2.01
CA VAL C 41 -42.03 10.30 1.08
C VAL C 41 -40.57 10.73 1.21
N ASP C 42 -39.67 9.83 1.63
CA ASP C 42 -38.27 10.17 1.95
C ASP C 42 -37.34 10.04 0.75
N GLN C 43 -37.83 9.73 -0.45
CA GLN C 43 -36.97 9.50 -1.63
C GLN C 43 -36.25 10.81 -1.97
N ARG C 44 -34.96 10.76 -2.29
CA ARG C 44 -34.10 11.95 -2.42
C ARG C 44 -33.77 12.15 -3.90
N GLU C 45 -32.52 11.90 -4.32
CA GLU C 45 -32.19 12.11 -5.76
C GLU C 45 -33.06 11.20 -6.64
N ALA C 46 -33.49 10.03 -6.14
CA ALA C 46 -34.38 9.13 -6.89
C ALA C 46 -35.70 9.85 -7.21
N MET C 47 -36.19 10.70 -6.31
CA MET C 47 -37.44 11.45 -6.57
C MET C 47 -37.15 12.56 -7.60
N ARG C 48 -36.00 13.21 -7.56
CA ARG C 48 -35.65 14.23 -8.57
C ARG C 48 -35.65 13.57 -9.95
N LEU C 49 -35.10 12.37 -10.07
CA LEU C 49 -35.05 11.64 -11.37
C LEU C 49 -36.49 11.35 -11.83
N MET C 50 -37.42 11.03 -10.91
CA MET C 50 -38.83 10.76 -11.26
C MET C 50 -39.48 12.02 -11.83
N PHE C 51 -39.22 13.19 -11.23
CA PHE C 51 -39.77 14.48 -11.72
C PHE C 51 -39.24 14.75 -13.14
N ALA C 52 -37.94 14.57 -13.37
CA ALA C 52 -37.33 14.77 -14.71
C ALA C 52 -38.00 13.82 -15.71
N ALA C 53 -38.12 12.54 -15.37
CA ALA C 53 -38.72 11.49 -16.25
C ALA C 53 -40.17 11.85 -16.58
N ALA C 54 -40.90 12.54 -15.68
CA ALA C 54 -42.34 12.88 -15.89
C ALA C 54 -42.50 14.23 -16.59
N GLY C 55 -41.41 14.86 -17.02
CA GLY C 55 -41.44 16.06 -17.87
C GLY C 55 -41.37 17.38 -17.10
N ALA C 56 -40.97 17.37 -15.82
CA ALA C 56 -40.71 18.62 -15.07
C ALA C 56 -39.54 19.38 -15.74
N LYS C 57 -39.58 20.70 -15.71
CA LYS C 57 -38.49 21.58 -16.24
C LYS C 57 -37.19 21.20 -15.51
N THR C 58 -36.12 20.93 -16.25
CA THR C 58 -34.78 20.60 -15.70
C THR C 58 -33.90 21.85 -15.78
N PRO C 59 -32.94 22.04 -14.85
CA PRO C 59 -32.79 21.18 -13.67
C PRO C 59 -33.94 21.36 -12.67
N VAL C 60 -34.37 20.26 -12.04
CA VAL C 60 -35.48 20.27 -11.06
C VAL C 60 -34.96 20.88 -9.75
N ALA C 61 -35.54 21.99 -9.30
CA ALA C 61 -35.11 22.68 -8.05
C ALA C 61 -35.45 21.80 -6.84
N ASP C 62 -34.65 21.91 -5.78
CA ASP C 62 -34.93 21.27 -4.46
C ASP C 62 -36.35 21.62 -4.01
N SER C 63 -36.80 22.86 -4.21
CA SER C 63 -38.13 23.35 -3.74
C SER C 63 -39.26 22.53 -4.36
N VAL C 64 -39.08 22.01 -5.57
CA VAL C 64 -40.12 21.15 -6.23
C VAL C 64 -40.29 19.87 -5.41
N LEU C 65 -39.17 19.27 -4.96
CA LEU C 65 -39.24 18.04 -4.12
C LEU C 65 -39.87 18.39 -2.78
N THR C 66 -39.38 19.44 -2.14
CA THR C 66 -39.87 19.85 -0.80
C THR C 66 -41.39 20.10 -0.89
N ASP C 67 -41.85 20.86 -1.87
CA ASP C 67 -43.28 21.23 -1.98
C ASP C 67 -44.12 19.95 -2.16
N PHE C 68 -43.66 19.03 -3.02
CA PHE C 68 -44.37 17.76 -3.27
C PHE C 68 -44.43 16.93 -1.98
N LYS C 69 -43.30 16.77 -1.29
CA LYS C 69 -43.21 15.94 -0.08
C LYS C 69 -44.12 16.50 1.01
N VAL C 70 -44.11 17.82 1.20
CA VAL C 70 -44.93 18.44 2.28
C VAL C 70 -46.41 18.32 1.89
N ASN C 71 -46.77 18.53 0.62
CA ASN C 71 -48.15 18.35 0.15
C ASN C 71 -48.58 16.90 0.36
N ALA C 72 -47.72 15.94 0.02
CA ALA C 72 -48.03 14.50 0.18
C ALA C 72 -48.29 14.23 1.67
N ALA C 73 -47.42 14.72 2.56
CA ALA C 73 -47.61 14.52 4.01
C ALA C 73 -48.94 15.16 4.44
N LYS C 74 -49.19 16.39 4.03
CA LYS C 74 -50.39 17.16 4.48
C LYS C 74 -51.66 16.41 4.06
N ILE C 75 -51.70 15.95 2.81
CA ILE C 75 -52.95 15.38 2.22
C ILE C 75 -53.06 13.89 2.56
N LEU C 76 -51.96 13.14 2.65
CA LEU C 76 -52.04 11.67 2.79
C LEU C 76 -51.83 11.21 4.24
N SER C 77 -51.14 11.99 5.08
CA SER C 77 -50.86 11.52 6.47
C SER C 77 -52.16 11.21 7.22
N PRO C 78 -53.33 11.84 6.95
CA PRO C 78 -54.56 11.43 7.63
C PRO C 78 -54.98 9.98 7.42
N TYR C 79 -54.43 9.31 6.40
CA TYR C 79 -54.78 7.90 6.07
C TYR C 79 -53.68 6.92 6.50
N ALA C 80 -52.60 7.42 7.07
CA ALA C 80 -51.39 6.61 7.39
C ALA C 80 -51.18 6.49 8.89
N SER C 81 -50.72 5.32 9.36
CA SER C 81 -50.35 5.11 10.78
C SER C 81 -48.96 5.73 11.06
N ALA C 82 -48.16 5.93 10.04
CA ALA C 82 -46.85 6.60 10.13
C ALA C 82 -46.45 7.13 8.76
N VAL C 83 -45.62 8.17 8.77
CA VAL C 83 -45.04 8.76 7.54
C VAL C 83 -43.51 8.83 7.70
N LEU C 84 -42.80 8.43 6.66
CA LEU C 84 -41.33 8.42 6.61
C LEU C 84 -40.85 9.65 5.85
N LEU C 85 -40.11 10.51 6.54
CA LEU C 85 -39.62 11.81 6.04
C LEU C 85 -38.09 11.82 6.04
N ASP C 86 -37.50 12.59 5.14
CA ASP C 86 -36.03 12.78 5.08
C ASP C 86 -35.67 14.19 5.52
N GLN C 87 -34.56 14.34 6.23
CA GLN C 87 -34.04 15.67 6.64
C GLN C 87 -33.60 16.47 5.41
N GLN C 88 -33.10 15.82 4.36
CA GLN C 88 -32.54 16.56 3.20
C GLN C 88 -33.61 17.52 2.61
N PHE C 89 -34.85 17.07 2.44
CA PHE C 89 -35.86 17.86 1.68
C PHE C 89 -37.14 18.20 2.46
N CYS C 90 -37.54 17.49 3.51
CA CYS C 90 -38.91 17.76 4.02
C CYS C 90 -39.11 17.62 5.53
N TYR C 91 -38.21 17.05 6.33
CA TYR C 91 -38.54 16.83 7.77
C TYR C 91 -38.82 18.15 8.46
N ARG C 92 -37.90 19.12 8.34
CA ARG C 92 -37.97 20.42 9.05
C ARG C 92 -39.26 21.13 8.60
N GLN C 93 -39.50 21.11 7.30
CA GLN C 93 -40.66 21.83 6.67
C GLN C 93 -41.96 21.18 7.13
N ALA C 94 -42.06 19.85 7.15
CA ALA C 94 -43.29 19.14 7.57
C ALA C 94 -43.62 19.49 9.02
N VAL C 95 -42.60 19.54 9.87
CA VAL C 95 -42.76 19.89 11.32
C VAL C 95 -43.21 21.34 11.42
N GLU C 96 -42.48 22.28 10.81
CA GLU C 96 -42.74 23.74 10.91
C GLU C 96 -44.15 24.04 10.38
N GLN C 97 -44.62 23.34 9.34
CA GLN C 97 -45.92 23.64 8.67
C GLN C 97 -47.03 22.78 9.26
N ASN C 98 -46.78 21.98 10.30
CA ASN C 98 -47.79 21.09 10.93
C ASN C 98 -48.48 20.24 9.85
N ALA C 99 -47.71 19.71 8.89
CA ALA C 99 -48.24 18.93 7.75
C ALA C 99 -48.64 17.52 8.21
N VAL C 100 -48.09 16.99 9.31
CA VAL C 100 -48.34 15.58 9.67
C VAL C 100 -49.55 15.51 10.61
N ALA C 101 -50.60 14.81 10.21
CA ALA C 101 -51.80 14.58 11.06
C ALA C 101 -51.35 14.01 12.41
N LYS C 102 -52.00 14.39 13.51
CA LYS C 102 -51.65 13.92 14.87
C LYS C 102 -51.82 12.39 14.93
N SER C 103 -52.72 11.82 14.14
CA SER C 103 -52.99 10.35 14.13
C SER C 103 -51.84 9.59 13.44
N CYS C 104 -50.91 10.30 12.80
CA CYS C 104 -49.84 9.70 11.96
C CYS C 104 -48.48 9.95 12.63
N ALA C 105 -47.78 8.88 13.01
CA ALA C 105 -46.46 8.96 13.67
C ALA C 105 -45.42 9.40 12.64
N MET C 106 -44.34 10.08 13.08
CA MET C 106 -43.24 10.43 12.16
C MET C 106 -42.10 9.42 12.30
N ILE C 107 -41.64 8.93 11.15
CA ILE C 107 -40.39 8.14 11.02
C ILE C 107 -39.40 9.03 10.31
N VAL C 108 -38.17 9.11 10.82
CA VAL C 108 -37.14 9.96 10.18
C VAL C 108 -36.08 9.02 9.58
N ALA C 109 -35.75 9.25 8.31
CA ALA C 109 -34.68 8.49 7.64
C ALA C 109 -33.37 8.82 8.34
N ALA C 110 -32.54 7.80 8.60
CA ALA C 110 -31.23 7.98 9.24
C ALA C 110 -30.14 7.44 8.29
N ASP C 111 -30.44 7.34 7.00
CA ASP C 111 -29.49 6.82 5.99
C ASP C 111 -28.88 8.00 5.20
N ASP C 112 -27.61 7.86 4.88
CA ASP C 112 -26.86 8.82 4.04
C ASP C 112 -26.56 8.10 2.73
N PHE C 113 -27.25 8.49 1.67
CA PHE C 113 -27.14 7.80 0.36
C PHE C 113 -25.91 8.32 -0.35
N ILE C 114 -25.10 7.42 -0.88
CA ILE C 114 -23.89 7.79 -1.64
C ILE C 114 -24.10 7.33 -3.08
N PRO C 115 -24.11 8.27 -4.04
CA PRO C 115 -24.25 7.90 -5.44
C PRO C 115 -22.95 7.27 -5.95
N GLY C 116 -23.07 6.56 -7.07
CA GLY C 116 -21.93 5.90 -7.70
C GLY C 116 -22.38 5.03 -8.85
N ASN C 117 -21.48 4.74 -9.79
CA ASN C 117 -21.80 3.85 -10.92
C ASN C 117 -23.09 4.31 -11.61
N GLY C 118 -23.29 5.63 -11.69
CA GLY C 118 -24.40 6.23 -12.47
C GLY C 118 -25.76 6.13 -11.79
N ILE C 119 -25.83 5.74 -10.53
CA ILE C 119 -27.13 5.63 -9.80
C ILE C 119 -27.06 6.50 -8.54
N PRO C 120 -28.23 6.94 -8.03
CA PRO C 120 -28.22 7.79 -6.84
C PRO C 120 -27.88 7.07 -5.53
N VAL C 121 -28.17 5.78 -5.42
CA VAL C 121 -27.97 5.03 -4.15
C VAL C 121 -27.11 3.79 -4.43
N ASP C 122 -25.80 4.01 -4.53
CA ASP C 122 -24.81 2.94 -4.79
C ASP C 122 -24.30 2.38 -3.47
N ASN C 123 -24.22 3.24 -2.45
CA ASN C 123 -23.76 2.85 -1.10
C ASN C 123 -24.60 3.63 -0.08
N VAL C 124 -24.67 3.13 1.14
CA VAL C 124 -25.45 3.77 2.22
C VAL C 124 -24.68 3.60 3.52
N VAL C 125 -24.58 4.68 4.27
CA VAL C 125 -24.02 4.63 5.65
C VAL C 125 -25.01 5.30 6.59
N LEU C 126 -24.84 5.06 7.86
CA LEU C 126 -25.60 5.78 8.91
C LEU C 126 -25.33 7.28 8.80
N ASP C 127 -26.36 8.09 8.80
CA ASP C 127 -26.23 9.58 8.68
C ASP C 127 -25.74 10.08 10.03
N LYS C 128 -24.48 10.46 10.13
CA LYS C 128 -23.86 10.94 11.42
C LYS C 128 -24.42 12.31 11.80
N LYS C 129 -25.17 12.99 10.91
CA LYS C 129 -25.75 14.35 11.17
C LYS C 129 -27.11 14.26 11.87
N ILE C 130 -27.80 13.11 11.84
CA ILE C 130 -29.14 12.94 12.47
C ILE C 130 -28.97 13.12 13.98
N ASN C 131 -29.70 14.04 14.58
CA ASN C 131 -29.72 14.24 16.05
C ASN C 131 -30.96 13.53 16.58
N ALA C 132 -30.80 12.32 17.08
CA ALA C 132 -31.90 11.44 17.52
C ALA C 132 -32.70 12.13 18.65
N GLN C 133 -31.99 12.81 19.56
CA GLN C 133 -32.65 13.50 20.70
C GLN C 133 -33.54 14.62 20.16
N ALA C 134 -33.06 15.38 19.17
CA ALA C 134 -33.81 16.52 18.59
C ALA C 134 -35.05 16.00 17.88
N VAL C 135 -34.94 14.93 17.06
CA VAL C 135 -36.14 14.46 16.32
C VAL C 135 -37.12 13.84 17.32
N LYS C 136 -36.63 13.22 18.39
CA LYS C 136 -37.51 12.68 19.46
C LYS C 136 -38.28 13.84 20.13
N ARG C 137 -37.62 14.97 20.42
CA ARG C 137 -38.30 16.14 21.03
C ARG C 137 -39.41 16.65 20.11
N ASP C 138 -39.23 16.54 18.80
CA ASP C 138 -40.22 16.98 17.80
C ASP C 138 -41.40 16.01 17.70
N GLY C 139 -41.31 14.80 18.31
CA GLY C 139 -42.42 13.84 18.39
C GLY C 139 -42.19 12.61 17.49
N ALA C 140 -41.04 12.49 16.83
CA ALA C 140 -40.73 11.33 15.95
C ALA C 140 -40.75 10.08 16.83
N LYS C 141 -41.19 8.94 16.28
CA LYS C 141 -41.28 7.67 17.03
C LYS C 141 -40.28 6.64 16.53
N ALA C 142 -39.69 6.84 15.35
CA ALA C 142 -38.84 5.80 14.74
C ALA C 142 -37.83 6.42 13.80
N LEU C 143 -36.74 5.68 13.57
CA LEU C 143 -35.78 5.98 12.51
C LEU C 143 -35.79 4.81 11.52
N LYS C 144 -35.31 5.07 10.31
CA LYS C 144 -35.27 4.06 9.25
C LYS C 144 -33.88 4.03 8.64
N LEU C 145 -33.40 2.84 8.33
CA LEU C 145 -32.07 2.66 7.69
C LEU C 145 -32.19 1.67 6.53
N LEU C 146 -31.91 2.16 5.33
CA LEU C 146 -31.67 1.31 4.14
C LEU C 146 -30.36 0.57 4.33
N VAL C 147 -30.37 -0.73 4.05
CA VAL C 147 -29.13 -1.56 4.05
C VAL C 147 -29.04 -2.21 2.68
N LEU C 148 -28.08 -1.82 1.86
CA LEU C 148 -27.86 -2.48 0.56
C LEU C 148 -27.17 -3.82 0.78
N TRP C 149 -27.72 -4.87 0.20
CA TRP C 149 -27.26 -6.26 0.40
C TRP C 149 -26.71 -6.77 -0.91
N ARG C 150 -25.43 -7.15 -0.92
CA ARG C 150 -24.76 -7.78 -2.07
C ARG C 150 -24.07 -9.06 -1.61
N SER C 151 -24.14 -10.09 -2.45
CA SER C 151 -23.63 -11.45 -2.12
C SER C 151 -22.13 -11.42 -1.87
N ASP C 152 -21.38 -10.46 -2.41
CA ASP C 152 -19.89 -10.44 -2.32
C ASP C 152 -19.43 -9.30 -1.41
N GLU C 153 -20.33 -8.66 -0.65
CA GLU C 153 -19.92 -7.69 0.39
C GLU C 153 -20.07 -8.35 1.76
N ASP C 154 -19.36 -7.83 2.74
CA ASP C 154 -19.17 -8.49 4.06
C ASP C 154 -20.46 -8.43 4.89
N ALA C 155 -21.01 -9.58 5.26
CA ALA C 155 -22.20 -9.68 6.14
C ALA C 155 -21.91 -9.01 7.48
N GLN C 156 -20.69 -9.16 8.01
CA GLN C 156 -20.40 -8.66 9.37
C GLN C 156 -20.50 -7.13 9.39
N GLN C 157 -20.09 -6.43 8.34
CA GLN C 157 -20.14 -4.95 8.24
C GLN C 157 -21.63 -4.52 8.23
N ARG C 158 -22.51 -5.23 7.53
CA ARG C 158 -23.96 -4.91 7.52
C ARG C 158 -24.53 -5.12 8.93
N LEU C 159 -24.25 -6.27 9.56
CA LEU C 159 -24.73 -6.57 10.93
C LEU C 159 -24.22 -5.51 11.91
N ASN C 160 -22.98 -5.08 11.78
CA ASN C 160 -22.39 -4.05 12.69
C ASN C 160 -23.11 -2.71 12.49
N MET C 161 -23.43 -2.34 11.25
CA MET C 161 -24.15 -1.07 10.99
C MET C 161 -25.55 -1.17 11.59
N VAL C 162 -26.23 -2.31 11.46
CA VAL C 162 -27.60 -2.49 12.03
C VAL C 162 -27.51 -2.40 13.56
N LYS C 163 -26.49 -3.03 14.17
CA LYS C 163 -26.31 -2.96 15.66
C LYS C 163 -26.11 -1.51 16.10
N GLU C 164 -25.26 -0.73 15.42
CA GLU C 164 -25.02 0.70 15.76
C GLU C 164 -26.34 1.47 15.60
N PHE C 165 -27.08 1.21 14.52
CA PHE C 165 -28.38 1.86 14.28
C PHE C 165 -29.39 1.51 15.37
N ASN C 166 -29.51 0.25 15.75
CA ASN C 166 -30.45 -0.21 16.80
C ASN C 166 -30.12 0.53 18.11
N GLU C 167 -28.84 0.67 18.42
CA GLU C 167 -28.39 1.34 19.67
C GLU C 167 -28.76 2.83 19.60
N LEU C 168 -28.55 3.48 18.45
CA LEU C 168 -28.92 4.90 18.23
C LEU C 168 -30.42 5.06 18.51
N CYS C 169 -31.26 4.18 17.96
CA CYS C 169 -32.72 4.23 18.13
C CYS C 169 -33.07 3.98 19.60
N HIS C 170 -32.70 2.80 20.12
CA HIS C 170 -33.19 2.27 21.42
C HIS C 170 -32.71 3.14 22.57
N SER C 171 -31.48 3.66 22.49
CA SER C 171 -30.90 4.53 23.54
C SER C 171 -31.66 5.85 23.59
N ASN C 172 -32.44 6.18 22.55
CA ASN C 172 -33.20 7.45 22.47
C ASN C 172 -34.70 7.19 22.53
N GLY C 173 -35.14 5.97 22.83
CA GLY C 173 -36.57 5.61 22.95
C GLY C 173 -37.28 5.61 21.60
N LEU C 174 -36.53 5.43 20.51
CA LEU C 174 -37.08 5.38 19.13
C LEU C 174 -37.13 3.93 18.66
N LEU C 175 -38.06 3.60 17.79
CA LEU C 175 -38.12 2.29 17.11
C LEU C 175 -37.09 2.29 15.98
N SER C 176 -36.57 1.11 15.68
CA SER C 176 -35.59 0.87 14.58
C SER C 176 -36.29 0.13 13.46
N ILE C 177 -36.27 0.73 12.27
CA ILE C 177 -36.84 0.11 11.04
C ILE C 177 -35.67 -0.08 10.07
N ILE C 178 -35.40 -1.33 9.68
CA ILE C 178 -34.33 -1.64 8.71
C ILE C 178 -34.99 -2.06 7.40
N GLU C 179 -34.34 -1.69 6.30
CA GLU C 179 -34.83 -1.93 4.92
C GLU C 179 -33.70 -2.57 4.13
N PRO C 180 -33.53 -3.91 4.20
CA PRO C 180 -32.52 -4.57 3.36
C PRO C 180 -33.03 -4.61 1.90
N VAL C 181 -32.21 -4.12 0.99
CA VAL C 181 -32.52 -4.04 -0.45
C VAL C 181 -31.40 -4.77 -1.19
N VAL C 182 -31.77 -5.73 -2.03
CA VAL C 182 -30.75 -6.57 -2.71
C VAL C 182 -30.27 -5.88 -3.99
N ARG C 183 -28.98 -6.02 -4.24
CA ARG C 183 -28.32 -5.47 -5.44
C ARG C 183 -27.43 -6.56 -6.02
N PRO C 184 -27.13 -6.49 -7.33
CA PRO C 184 -26.18 -7.43 -7.91
C PRO C 184 -24.80 -7.29 -7.26
N PRO C 185 -23.97 -8.35 -7.31
CA PRO C 185 -22.66 -8.32 -6.68
C PRO C 185 -21.78 -7.25 -7.33
N ARG C 186 -20.80 -6.77 -6.59
CA ARG C 186 -19.79 -5.80 -7.10
C ARG C 186 -19.00 -6.47 -8.23
N CYS C 187 -18.72 -7.75 -8.09
CA CYS C 187 -17.90 -8.55 -9.04
CA CYS C 187 -17.90 -8.55 -9.04
C CYS C 187 -18.62 -9.87 -9.31
N GLY C 188 -18.78 -10.22 -10.58
CA GLY C 188 -19.50 -11.44 -10.98
C GLY C 188 -20.82 -11.09 -11.63
N ASP C 189 -21.50 -12.10 -12.15
CA ASP C 189 -22.81 -11.90 -12.83
C ASP C 189 -23.84 -12.89 -12.27
N LYS C 190 -23.52 -13.55 -11.16
CA LYS C 190 -24.46 -14.46 -10.45
C LYS C 190 -25.35 -13.58 -9.59
N PHE C 191 -26.56 -13.28 -10.06
CA PHE C 191 -27.56 -12.50 -9.28
C PHE C 191 -28.93 -13.16 -9.45
N ASP C 192 -29.35 -13.78 -8.37
CA ASP C 192 -30.69 -14.40 -8.21
C ASP C 192 -31.44 -13.52 -7.24
N ARG C 193 -32.26 -12.60 -7.72
CA ARG C 193 -32.92 -11.58 -6.85
C ARG C 193 -33.75 -12.29 -5.76
N GLU C 194 -34.50 -13.34 -6.11
CA GLU C 194 -35.40 -14.02 -5.14
C GLU C 194 -34.54 -14.70 -4.05
N GLN C 195 -33.43 -15.35 -4.42
CA GLN C 195 -32.54 -15.98 -3.43
C GLN C 195 -31.85 -14.90 -2.59
N ALA C 196 -31.46 -13.77 -3.18
CA ALA C 196 -30.81 -12.67 -2.44
C ALA C 196 -31.74 -12.17 -1.34
N ILE C 197 -33.03 -12.01 -1.65
CA ILE C 197 -34.01 -11.50 -0.62
C ILE C 197 -34.04 -12.48 0.55
N ILE C 198 -34.05 -13.78 0.27
CA ILE C 198 -34.03 -14.85 1.30
C ILE C 198 -32.71 -14.77 2.08
N ASP C 199 -31.58 -14.63 1.41
CA ASP C 199 -30.24 -14.61 2.07
C ASP C 199 -30.16 -13.37 2.98
N ALA C 200 -30.69 -12.23 2.54
CA ALA C 200 -30.70 -10.99 3.35
C ALA C 200 -31.54 -11.24 4.62
N ALA C 201 -32.68 -11.91 4.50
CA ALA C 201 -33.57 -12.18 5.65
C ALA C 201 -32.89 -13.18 6.58
N LYS C 202 -32.23 -14.21 6.05
CA LYS C 202 -31.46 -15.16 6.91
C LYS C 202 -30.41 -14.40 7.70
N GLU C 203 -29.77 -13.40 7.10
CA GLU C 203 -28.71 -12.62 7.75
C GLU C 203 -29.28 -11.61 8.75
N LEU C 204 -30.33 -10.86 8.38
CA LEU C 204 -30.74 -9.64 9.13
C LEU C 204 -32.12 -9.78 9.78
N GLY C 205 -32.82 -10.88 9.54
CA GLY C 205 -34.21 -11.08 10.01
C GLY C 205 -34.32 -11.28 11.52
N ASP C 206 -33.21 -11.46 12.22
CA ASP C 206 -33.20 -11.60 13.70
C ASP C 206 -32.16 -10.66 14.29
N SER C 207 -32.00 -9.46 13.73
CA SER C 207 -30.89 -8.53 14.04
C SER C 207 -31.27 -7.57 15.18
N GLY C 208 -32.44 -7.73 15.81
CA GLY C 208 -32.83 -6.92 16.99
C GLY C 208 -33.48 -5.59 16.62
N ALA C 209 -33.74 -5.32 15.34
CA ALA C 209 -34.54 -4.15 14.91
C ALA C 209 -35.99 -4.38 15.34
N ASP C 210 -36.82 -3.34 15.34
CA ASP C 210 -38.24 -3.45 15.73
C ASP C 210 -39.08 -3.85 14.52
N LEU C 211 -38.65 -3.51 13.30
CA LEU C 211 -39.45 -3.73 12.09
C LEU C 211 -38.52 -3.96 10.90
N TYR C 212 -38.87 -4.95 10.10
CA TYR C 212 -38.18 -5.36 8.86
C TYR C 212 -39.02 -4.92 7.67
N LYS C 213 -38.46 -4.06 6.83
CA LYS C 213 -39.15 -3.53 5.64
C LYS C 213 -38.51 -4.21 4.43
N VAL C 214 -39.29 -4.97 3.66
CA VAL C 214 -38.72 -5.89 2.65
C VAL C 214 -39.35 -5.67 1.29
N GLU C 215 -38.58 -5.95 0.25
CA GLU C 215 -39.06 -6.00 -1.15
C GLU C 215 -40.02 -7.17 -1.30
N MET C 216 -41.05 -6.99 -2.13
CA MET C 216 -42.04 -8.07 -2.37
C MET C 216 -41.40 -9.13 -3.26
N PRO C 217 -41.43 -10.41 -2.87
CA PRO C 217 -41.00 -11.46 -3.80
C PRO C 217 -41.72 -11.37 -5.15
N LEU C 218 -40.97 -11.66 -6.22
CA LEU C 218 -41.48 -11.80 -7.61
C LEU C 218 -42.11 -10.50 -8.12
N TYR C 219 -41.79 -9.35 -7.50
CA TYR C 219 -42.34 -8.02 -7.87
C TYR C 219 -43.87 -8.02 -7.78
N GLY C 220 -44.45 -8.92 -6.98
CA GLY C 220 -45.91 -9.05 -6.84
C GLY C 220 -46.60 -9.57 -8.10
N LYS C 221 -45.84 -10.12 -9.04
CA LYS C 221 -46.39 -10.58 -10.35
C LYS C 221 -46.74 -12.07 -10.28
N GLY C 222 -47.57 -12.53 -11.22
CA GLY C 222 -47.82 -13.95 -11.47
C GLY C 222 -48.98 -14.50 -10.68
N ALA C 223 -49.06 -15.82 -10.58
CA ALA C 223 -50.18 -16.52 -9.91
C ALA C 223 -50.13 -16.23 -8.41
N ARG C 224 -51.29 -15.98 -7.81
CA ARG C 224 -51.41 -15.70 -6.37
C ARG C 224 -50.78 -16.85 -5.57
N SER C 225 -50.97 -18.12 -6.00
CA SER C 225 -50.48 -19.29 -5.24
C SER C 225 -48.93 -19.26 -5.16
N ASP C 226 -48.25 -18.91 -6.24
CA ASP C 226 -46.76 -18.84 -6.26
C ASP C 226 -46.28 -17.66 -5.40
N LEU C 227 -47.03 -16.56 -5.43
CA LEU C 227 -46.69 -15.36 -4.64
C LEU C 227 -46.81 -15.69 -3.15
N LEU C 228 -47.85 -16.45 -2.77
CA LEU C 228 -48.04 -16.84 -1.36
C LEU C 228 -46.89 -17.75 -0.92
N THR C 229 -46.55 -18.79 -1.70
CA THR C 229 -45.43 -19.70 -1.37
C THR C 229 -44.14 -18.91 -1.14
N ALA C 230 -43.83 -17.97 -2.03
CA ALA C 230 -42.59 -17.16 -1.96
C ALA C 230 -42.63 -16.28 -0.71
N SER C 231 -43.81 -15.75 -0.37
CA SER C 231 -44.00 -14.88 0.81
C SER C 231 -43.87 -15.71 2.10
N GLN C 232 -44.38 -16.94 2.11
CA GLN C 232 -44.29 -17.81 3.31
C GLN C 232 -42.83 -18.23 3.52
N ARG C 233 -42.10 -18.50 2.44
CA ARG C 233 -40.66 -18.82 2.52
C ARG C 233 -39.93 -17.66 3.21
N LEU C 234 -40.20 -16.44 2.78
CA LEU C 234 -39.58 -15.21 3.33
C LEU C 234 -39.97 -15.06 4.80
N ASN C 235 -41.25 -15.25 5.12
CA ASN C 235 -41.77 -15.09 6.50
C ASN C 235 -40.97 -15.96 7.47
N GLY C 236 -40.63 -17.18 7.05
CA GLY C 236 -39.93 -18.17 7.91
C GLY C 236 -38.57 -17.68 8.36
N HIS C 237 -37.98 -16.70 7.67
CA HIS C 237 -36.62 -16.19 7.99
C HIS C 237 -36.67 -14.84 8.72
N ILE C 238 -37.85 -14.31 8.99
CA ILE C 238 -37.95 -12.97 9.65
C ILE C 238 -38.54 -13.17 11.06
N ASN C 239 -37.79 -12.77 12.09
CA ASN C 239 -38.14 -13.02 13.50
C ASN C 239 -38.53 -11.70 14.18
N MET C 240 -39.05 -10.75 13.42
CA MET C 240 -39.63 -9.48 13.93
C MET C 240 -40.82 -9.19 13.04
N PRO C 241 -41.71 -8.25 13.39
CA PRO C 241 -42.79 -7.86 12.48
C PRO C 241 -42.16 -7.38 11.16
N TRP C 242 -42.84 -7.62 10.06
CA TRP C 242 -42.33 -7.19 8.75
C TRP C 242 -43.45 -6.59 7.90
N VAL C 243 -43.04 -5.66 7.05
CA VAL C 243 -43.96 -4.95 6.10
C VAL C 243 -43.31 -4.98 4.74
N ILE C 244 -44.09 -4.83 3.70
CA ILE C 244 -43.55 -4.74 2.31
C ILE C 244 -43.48 -3.28 1.86
N LEU C 245 -42.47 -2.99 1.06
CA LEU C 245 -42.32 -1.73 0.33
C LEU C 245 -42.82 -1.96 -1.11
N SER C 246 -43.09 -0.88 -1.84
CA SER C 246 -43.78 -0.97 -3.15
C SER C 246 -42.80 -0.83 -4.32
N SER C 247 -41.58 -0.39 -4.11
CA SER C 247 -40.61 -0.23 -5.23
C SER C 247 -40.51 -1.56 -6.00
N GLY C 248 -40.75 -1.50 -7.31
CA GLY C 248 -40.69 -2.68 -8.19
C GLY C 248 -42.04 -3.35 -8.39
N VAL C 249 -43.07 -2.98 -7.60
CA VAL C 249 -44.43 -3.58 -7.72
C VAL C 249 -45.33 -2.56 -8.43
N ASP C 250 -45.96 -2.99 -9.52
CA ASP C 250 -46.96 -2.13 -10.22
C ASP C 250 -47.99 -1.67 -9.18
N GLU C 251 -48.37 -0.37 -9.21
CA GLU C 251 -49.32 0.18 -8.24
C GLU C 251 -50.63 -0.64 -8.24
N LYS C 252 -51.01 -1.23 -9.36
CA LYS C 252 -52.28 -1.99 -9.47
C LYS C 252 -52.14 -3.38 -8.82
N LEU C 253 -50.92 -3.89 -8.65
CA LEU C 253 -50.69 -5.22 -8.05
C LEU C 253 -50.31 -5.08 -6.57
N PHE C 254 -50.10 -3.86 -6.08
CA PHE C 254 -49.63 -3.66 -4.69
C PHE C 254 -50.71 -4.07 -3.71
N PRO C 255 -52.02 -3.77 -3.93
CA PRO C 255 -53.05 -4.23 -2.98
C PRO C 255 -53.05 -5.76 -2.80
N ARG C 256 -52.92 -6.50 -3.89
CA ARG C 256 -52.85 -7.98 -3.81
C ARG C 256 -51.54 -8.37 -3.08
N ALA C 257 -50.45 -7.68 -3.34
CA ALA C 257 -49.16 -7.99 -2.70
C ALA C 257 -49.31 -7.84 -1.18
N VAL C 258 -49.97 -6.79 -0.71
CA VAL C 258 -50.18 -6.57 0.75
C VAL C 258 -51.01 -7.73 1.29
N ARG C 259 -52.09 -8.08 0.62
CA ARG C 259 -52.99 -9.17 1.07
C ARG C 259 -52.19 -10.47 1.17
N VAL C 260 -51.41 -10.81 0.14
CA VAL C 260 -50.66 -12.10 0.10
C VAL C 260 -49.53 -12.07 1.15
N ALA C 261 -48.78 -10.97 1.25
CA ALA C 261 -47.69 -10.85 2.24
C ALA C 261 -48.29 -11.04 3.64
N MET C 262 -49.42 -10.42 3.91
CA MET C 262 -50.05 -10.50 5.25
C MET C 262 -50.59 -11.91 5.49
N GLU C 263 -51.12 -12.58 4.47
CA GLU C 263 -51.53 -14.01 4.61
C GLU C 263 -50.32 -14.84 5.01
N ALA C 264 -49.14 -14.50 4.50
CA ALA C 264 -47.87 -15.21 4.75
C ALA C 264 -47.27 -14.84 6.11
N GLY C 265 -47.75 -13.79 6.79
CA GLY C 265 -47.26 -13.40 8.12
C GLY C 265 -46.77 -11.96 8.23
N ALA C 266 -46.74 -11.19 7.14
CA ALA C 266 -46.43 -9.75 7.21
C ALA C 266 -47.54 -9.02 8.00
N SER C 267 -47.26 -7.82 8.47
CA SER C 267 -48.20 -7.02 9.30
C SER C 267 -48.60 -5.72 8.60
N GLY C 268 -48.22 -5.56 7.32
CA GLY C 268 -48.70 -4.41 6.53
C GLY C 268 -47.67 -3.91 5.55
N PHE C 269 -47.62 -2.60 5.37
CA PHE C 269 -46.83 -1.99 4.29
C PHE C 269 -46.22 -0.68 4.76
N LEU C 270 -45.15 -0.29 4.09
CA LEU C 270 -44.59 1.07 4.17
C LEU C 270 -44.27 1.43 2.73
N ALA C 271 -45.17 2.21 2.11
CA ALA C 271 -45.19 2.40 0.64
C ALA C 271 -45.13 3.88 0.27
N GLY C 272 -44.43 4.15 -0.83
CA GLY C 272 -44.38 5.49 -1.45
C GLY C 272 -44.88 5.42 -2.87
N ARG C 273 -44.11 4.77 -3.75
CA ARG C 273 -44.40 4.86 -5.21
C ARG C 273 -45.81 4.36 -5.53
N ALA C 274 -46.27 3.27 -4.92
CA ALA C 274 -47.60 2.67 -5.24
C ALA C 274 -48.73 3.61 -4.79
N VAL C 275 -48.42 4.62 -3.99
CA VAL C 275 -49.41 5.64 -3.53
C VAL C 275 -49.32 6.89 -4.41
N TRP C 276 -48.13 7.47 -4.62
CA TRP C 276 -48.04 8.84 -5.21
C TRP C 276 -47.23 8.92 -6.52
N SER C 277 -46.56 7.86 -6.98
CA SER C 277 -45.67 8.02 -8.18
C SER C 277 -46.51 8.50 -9.38
N SER C 278 -47.75 8.06 -9.52
CA SER C 278 -48.55 8.29 -10.76
C SER C 278 -48.95 9.77 -10.88
N VAL C 279 -48.91 10.57 -9.82
CA VAL C 279 -49.33 11.99 -9.90
C VAL C 279 -48.13 12.92 -10.14
N ILE C 280 -46.91 12.42 -10.14
CA ILE C 280 -45.72 13.27 -10.37
C ILE C 280 -45.81 13.85 -11.79
N GLY C 281 -45.74 15.17 -11.90
CA GLY C 281 -45.75 15.90 -13.18
C GLY C 281 -47.15 16.23 -13.66
N LEU C 282 -48.22 15.72 -13.01
CA LEU C 282 -49.60 16.10 -13.40
C LEU C 282 -49.86 17.53 -12.92
N PRO C 283 -50.74 18.29 -13.59
CA PRO C 283 -51.16 19.60 -13.08
C PRO C 283 -51.96 19.45 -11.78
N ASP C 284 -52.01 20.52 -10.97
CA ASP C 284 -52.88 20.60 -9.76
C ASP C 284 -52.47 19.48 -8.78
N THR C 285 -51.22 19.50 -8.33
CA THR C 285 -50.64 18.47 -7.43
C THR C 285 -51.55 18.19 -6.23
N GLU C 286 -52.02 19.21 -5.52
CA GLU C 286 -52.84 19.00 -4.31
C GLU C 286 -54.13 18.26 -4.66
N LEU C 287 -54.77 18.63 -5.76
CA LEU C 287 -56.02 17.96 -6.21
C LEU C 287 -55.70 16.50 -6.56
N MET C 288 -54.59 16.26 -7.25
CA MET C 288 -54.21 14.88 -7.70
C MET C 288 -53.87 14.01 -6.48
N LEU C 289 -53.15 14.54 -5.49
CA LEU C 289 -52.86 13.75 -4.25
C LEU C 289 -54.17 13.36 -3.57
N ARG C 290 -55.15 14.26 -3.52
CA ARG C 290 -56.44 14.00 -2.86
C ARG C 290 -57.28 13.01 -3.67
N ASP C 291 -57.31 13.15 -5.00
CA ASP C 291 -58.30 12.41 -5.85
C ASP C 291 -57.71 11.10 -6.39
N VAL C 292 -56.40 11.00 -6.56
CA VAL C 292 -55.73 9.83 -7.18
C VAL C 292 -54.97 9.03 -6.12
N SER C 293 -54.10 9.70 -5.36
CA SER C 293 -53.21 9.03 -4.37
C SER C 293 -54.00 8.61 -3.13
N ALA C 294 -54.81 9.49 -2.55
CA ALA C 294 -55.47 9.19 -1.26
C ALA C 294 -56.36 7.95 -1.35
N PRO C 295 -57.21 7.77 -2.40
CA PRO C 295 -58.03 6.57 -2.48
C PRO C 295 -57.21 5.27 -2.46
N LYS C 296 -56.04 5.29 -3.08
CA LYS C 296 -55.14 4.10 -3.10
C LYS C 296 -54.62 3.84 -1.69
N LEU C 297 -54.18 4.87 -0.97
CA LEU C 297 -53.65 4.68 0.41
C LEU C 297 -54.78 4.24 1.34
N GLN C 298 -55.98 4.81 1.18
CA GLN C 298 -57.16 4.44 1.99
C GLN C 298 -57.45 2.96 1.78
N ARG C 299 -57.46 2.48 0.53
CA ARG C 299 -57.80 1.06 0.25
C ARG C 299 -56.74 0.15 0.89
N LEU C 300 -55.46 0.50 0.79
CA LEU C 300 -54.39 -0.32 1.39
C LEU C 300 -54.61 -0.43 2.90
N GLY C 301 -54.97 0.66 3.58
CA GLY C 301 -55.27 0.65 5.02
C GLY C 301 -56.46 -0.26 5.34
N GLU C 302 -57.51 -0.24 4.51
CA GLU C 302 -58.69 -1.13 4.69
C GLU C 302 -58.26 -2.59 4.54
N ILE C 303 -57.38 -2.90 3.58
CA ILE C 303 -56.88 -4.28 3.36
C ILE C 303 -56.10 -4.72 4.62
N VAL C 304 -55.25 -3.85 5.14
CA VAL C 304 -54.47 -4.16 6.36
C VAL C 304 -55.43 -4.54 7.49
N ASP C 305 -56.46 -3.74 7.73
CA ASP C 305 -57.44 -4.04 8.81
C ASP C 305 -58.16 -5.36 8.54
N GLU C 306 -58.56 -5.61 7.30
CA GLU C 306 -59.26 -6.87 6.94
C GLU C 306 -58.35 -8.06 7.30
N MET C 307 -57.06 -7.97 6.97
CA MET C 307 -56.12 -9.08 7.21
C MET C 307 -55.82 -9.22 8.69
N MET C 308 -55.71 -8.12 9.44
CA MET C 308 -55.45 -8.20 10.91
C MET C 308 -56.68 -8.82 11.59
N ALA C 309 -57.90 -8.54 11.11
CA ALA C 309 -59.16 -9.10 11.68
C ALA C 309 -59.18 -10.63 11.53
N LYS C 310 -58.56 -11.18 10.49
CA LYS C 310 -58.50 -12.65 10.25
C LYS C 310 -57.57 -13.35 11.24
N ARG C 311 -56.80 -12.62 12.05
CA ARG C 311 -55.76 -13.20 12.95
C ARG C 311 -56.01 -12.70 14.37
N HIS D 20 17.48 15.33 -6.43
CA HIS D 20 17.67 14.06 -7.23
C HIS D 20 16.33 13.47 -7.69
N MET D 21 15.21 13.69 -6.97
CA MET D 21 13.87 13.13 -7.32
C MET D 21 13.08 14.09 -8.20
N ASN D 22 13.64 15.26 -8.53
CA ASN D 22 12.90 16.27 -9.31
C ASN D 22 12.57 15.75 -10.72
N ASN D 23 11.33 15.96 -11.15
CA ASN D 23 10.85 15.80 -12.53
C ASN D 23 10.64 17.23 -13.03
N TYR D 24 11.58 17.75 -13.82
CA TYR D 24 11.49 19.13 -14.32
C TYR D 24 10.47 19.14 -15.45
N THR D 25 9.80 20.26 -15.63
CA THR D 25 8.72 20.50 -16.59
C THR D 25 9.07 21.81 -17.29
N ILE D 26 8.44 22.08 -18.40
CA ILE D 26 8.55 23.34 -19.18
C ILE D 26 8.42 24.56 -18.27
N LYS D 27 7.57 24.55 -17.25
CA LYS D 27 7.39 25.74 -16.35
C LYS D 27 8.73 26.11 -15.69
N ASP D 28 9.64 25.16 -15.52
CA ASP D 28 10.90 25.37 -14.77
C ASP D 28 11.91 26.14 -15.66
N ILE D 29 11.70 26.26 -16.97
CA ILE D 29 12.70 26.93 -17.86
C ILE D 29 12.06 28.11 -18.60
N THR D 30 10.83 28.49 -18.22
CA THR D 30 10.09 29.60 -18.87
C THR D 30 10.03 30.80 -17.94
N ARG D 31 9.71 31.96 -18.50
CA ARG D 31 9.35 33.17 -17.73
C ARG D 31 8.02 32.89 -17.03
N ALA D 32 7.62 33.77 -16.11
CA ALA D 32 6.31 33.67 -15.42
C ALA D 32 5.15 33.59 -16.46
N SER D 33 5.28 34.27 -17.59
CA SER D 33 4.29 34.31 -18.70
C SER D 33 4.15 32.93 -19.38
N GLY D 34 5.11 32.03 -19.20
CA GLY D 34 5.19 30.79 -19.98
C GLY D 34 6.01 30.92 -21.25
N GLY D 35 6.54 32.11 -21.55
CA GLY D 35 7.41 32.25 -22.74
C GLY D 35 8.83 31.78 -22.44
N PHE D 36 9.57 31.37 -23.47
CA PHE D 36 10.99 30.98 -23.33
C PHE D 36 11.86 32.19 -23.71
N ALA D 37 12.72 32.61 -22.79
CA ALA D 37 13.67 33.74 -23.03
C ALA D 37 15.03 33.26 -22.60
N MET D 38 15.65 32.41 -23.44
CA MET D 38 16.80 31.63 -22.98
C MET D 38 18.08 32.06 -23.68
N LEU D 39 19.18 31.97 -22.95
CA LEU D 39 20.53 32.41 -23.35
C LEU D 39 21.39 31.19 -23.67
N ALA D 40 22.12 31.21 -24.77
CA ALA D 40 23.09 30.17 -25.14
C ALA D 40 24.50 30.74 -25.00
N VAL D 41 25.37 30.07 -24.27
CA VAL D 41 26.83 30.43 -24.22
C VAL D 41 27.65 29.14 -24.36
N ASP D 42 27.11 28.11 -24.99
CA ASP D 42 27.74 26.76 -25.06
C ASP D 42 28.65 26.60 -26.28
N GLN D 43 28.86 27.64 -27.10
CA GLN D 43 29.67 27.52 -28.33
C GLN D 43 31.11 27.19 -27.93
N ARG D 44 31.75 26.29 -28.64
CA ARG D 44 33.08 25.71 -28.23
C ARG D 44 34.11 26.23 -29.22
N GLU D 45 34.65 25.40 -30.13
CA GLU D 45 35.68 25.92 -31.08
C GLU D 45 35.09 27.05 -31.92
N ALA D 46 33.77 27.07 -32.19
CA ALA D 46 33.16 28.19 -32.94
C ALA D 46 33.37 29.51 -32.19
N MET D 47 33.34 29.49 -30.86
CA MET D 47 33.56 30.72 -30.07
C MET D 47 35.06 31.09 -30.13
N ARG D 48 35.97 30.12 -30.10
CA ARG D 48 37.41 30.43 -30.23
C ARG D 48 37.65 31.14 -31.57
N LEU D 49 37.02 30.67 -32.66
CA LEU D 49 37.17 31.28 -34.00
C LEU D 49 36.64 32.70 -33.97
N MET D 50 35.56 32.97 -33.22
CA MET D 50 35.00 34.35 -33.11
C MET D 50 36.01 35.25 -32.43
N PHE D 51 36.69 34.79 -31.37
CA PHE D 51 37.71 35.59 -30.65
C PHE D 51 38.86 35.91 -31.61
N ALA D 52 39.35 34.92 -32.37
CA ALA D 52 40.43 35.13 -33.35
C ALA D 52 39.99 36.17 -34.38
N ALA D 53 38.79 36.01 -34.95
CA ALA D 53 38.25 36.92 -35.99
C ALA D 53 38.12 38.34 -35.44
N ALA D 54 37.89 38.54 -34.14
CA ALA D 54 37.72 39.87 -33.50
C ALA D 54 39.05 40.46 -33.04
N GLY D 55 40.17 39.80 -33.32
CA GLY D 55 41.53 40.36 -33.10
C GLY D 55 42.15 39.95 -31.77
N ALA D 56 41.61 38.94 -31.07
CA ALA D 56 42.27 38.38 -29.86
C ALA D 56 43.63 37.78 -30.26
N LYS D 57 44.62 37.87 -29.37
CA LYS D 57 45.96 37.26 -29.55
C LYS D 57 45.77 35.76 -29.76
N THR D 58 46.36 35.20 -30.82
CA THR D 58 46.32 33.74 -31.13
C THR D 58 47.64 33.12 -30.67
N PRO D 59 47.66 31.84 -30.25
CA PRO D 59 46.44 31.04 -30.07
C PRO D 59 45.60 31.53 -28.87
N VAL D 60 44.27 31.49 -29.02
CA VAL D 60 43.32 31.93 -27.96
C VAL D 60 43.27 30.86 -26.88
N ALA D 61 43.63 31.17 -25.64
CA ALA D 61 43.67 30.19 -24.53
C ALA D 61 42.23 29.78 -24.18
N ASP D 62 42.07 28.55 -23.71
CA ASP D 62 40.79 28.03 -23.14
C ASP D 62 40.26 29.02 -22.09
N SER D 63 41.11 29.59 -21.25
CA SER D 63 40.72 30.50 -20.15
C SER D 63 39.96 31.71 -20.69
N VAL D 64 40.26 32.18 -21.89
CA VAL D 64 39.56 33.33 -22.51
C VAL D 64 38.10 32.93 -22.75
N LEU D 65 37.85 31.71 -23.23
CA LEU D 65 36.48 31.23 -23.48
C LEU D 65 35.77 31.07 -22.14
N THR D 66 36.41 30.39 -21.20
CA THR D 66 35.81 30.11 -19.88
C THR D 66 35.44 31.46 -19.23
N ASP D 67 36.35 32.41 -19.20
CA ASP D 67 36.12 33.70 -18.50
C ASP D 67 34.95 34.43 -19.16
N PHE D 68 34.88 34.45 -20.48
CA PHE D 68 33.78 35.11 -21.23
C PHE D 68 32.44 34.43 -20.90
N LYS D 69 32.40 33.09 -20.97
CA LYS D 69 31.19 32.31 -20.73
C LYS D 69 30.68 32.55 -19.31
N VAL D 70 31.57 32.51 -18.32
CA VAL D 70 31.15 32.68 -16.90
C VAL D 70 30.69 34.12 -16.68
N ASN D 71 31.39 35.10 -17.24
CA ASN D 71 30.95 36.52 -17.16
C ASN D 71 29.59 36.68 -17.83
N ALA D 72 29.38 36.07 -18.99
CA ALA D 72 28.09 36.13 -19.71
C ALA D 72 26.98 35.56 -18.82
N ALA D 73 27.23 34.39 -18.21
CA ALA D 73 26.24 33.77 -17.30
C ALA D 73 25.97 34.71 -16.11
N LYS D 74 27.02 35.22 -15.50
CA LYS D 74 26.90 36.06 -14.27
C LYS D 74 26.06 37.31 -14.58
N ILE D 75 26.36 37.98 -15.70
CA ILE D 75 25.79 39.31 -16.01
C ILE D 75 24.43 39.14 -16.72
N LEU D 76 24.25 38.10 -17.53
CA LEU D 76 23.03 38.00 -18.38
C LEU D 76 22.01 37.05 -17.77
N SER D 77 22.39 36.08 -16.93
CA SER D 77 21.42 35.09 -16.39
C SER D 77 20.27 35.79 -15.65
N PRO D 78 20.44 36.96 -15.00
CA PRO D 78 19.30 37.63 -14.38
C PRO D 78 18.17 38.01 -15.36
N TYR D 79 18.43 38.04 -16.66
CA TYR D 79 17.43 38.42 -17.69
C TYR D 79 16.91 37.21 -18.46
N ALA D 80 17.39 36.01 -18.14
CA ALA D 80 17.09 34.79 -18.94
C ALA D 80 16.28 33.79 -18.10
N SER D 81 15.36 33.07 -18.71
CA SER D 81 14.59 31.98 -18.04
C SER D 81 15.43 30.71 -18.00
N ALA D 82 16.44 30.58 -18.83
CA ALA D 82 17.39 29.46 -18.82
C ALA D 82 18.67 29.87 -19.53
N VAL D 83 19.77 29.23 -19.16
CA VAL D 83 21.09 29.43 -19.82
C VAL D 83 21.64 28.06 -20.21
N LEU D 84 22.18 27.99 -21.43
CA LEU D 84 22.76 26.77 -22.01
C LEU D 84 24.28 26.86 -21.89
N LEU D 85 24.86 25.93 -21.15
CA LEU D 85 26.28 25.86 -20.78
C LEU D 85 26.86 24.56 -21.33
N ASP D 86 28.15 24.56 -21.63
CA ASP D 86 28.90 23.34 -22.07
C ASP D 86 29.84 22.91 -20.95
N GLN D 87 29.98 21.61 -20.76
CA GLN D 87 30.96 21.05 -19.79
C GLN D 87 32.39 21.36 -20.25
N GLN D 88 32.67 21.44 -21.55
CA GLN D 88 34.05 21.60 -22.05
C GLN D 88 34.68 22.87 -21.42
N PHE D 89 33.96 23.99 -21.38
CA PHE D 89 34.56 25.29 -20.98
C PHE D 89 33.91 25.97 -19.78
N CYS D 90 32.67 25.70 -19.40
CA CYS D 90 32.05 26.62 -18.40
C CYS D 90 31.06 26.01 -17.41
N TYR D 91 30.53 24.79 -17.59
CA TYR D 91 29.46 24.34 -16.68
C TYR D 91 29.96 24.28 -15.23
N ARG D 92 31.06 23.58 -15.00
CA ARG D 92 31.65 23.37 -13.64
C ARG D 92 31.95 24.74 -13.02
N GLN D 93 32.58 25.63 -13.80
CA GLN D 93 33.00 26.97 -13.35
C GLN D 93 31.78 27.82 -12.98
N ALA D 94 30.74 27.82 -13.82
CA ALA D 94 29.52 28.63 -13.55
C ALA D 94 28.87 28.16 -12.25
N VAL D 95 28.83 26.85 -12.02
CA VAL D 95 28.23 26.26 -10.78
C VAL D 95 29.11 26.66 -9.59
N GLU D 96 30.41 26.41 -9.65
CA GLU D 96 31.37 26.67 -8.51
C GLU D 96 31.33 28.15 -8.15
N GLN D 97 31.20 29.05 -9.13
CA GLN D 97 31.25 30.52 -8.90
C GLN D 97 29.86 31.11 -8.63
N ASN D 98 28.80 30.28 -8.57
CA ASN D 98 27.40 30.71 -8.35
C ASN D 98 27.06 31.82 -9.36
N ALA D 99 27.46 31.67 -10.62
CA ALA D 99 27.27 32.67 -11.68
C ALA D 99 25.81 32.70 -12.14
N VAL D 100 25.06 31.60 -11.98
CA VAL D 100 23.71 31.54 -12.60
C VAL D 100 22.67 31.99 -11.57
N ALA D 101 21.94 33.06 -11.87
CA ALA D 101 20.80 33.55 -11.05
C ALA D 101 19.84 32.39 -10.78
N LYS D 102 19.26 32.30 -9.59
CA LYS D 102 18.33 31.18 -9.24
C LYS D 102 17.10 31.22 -10.14
N SER D 103 16.73 32.40 -10.63
CA SER D 103 15.58 32.61 -11.54
C SER D 103 15.86 32.04 -12.94
N CYS D 104 17.11 31.66 -13.20
CA CYS D 104 17.57 31.17 -14.52
C CYS D 104 17.96 29.69 -14.42
N ALA D 105 17.23 28.82 -15.12
CA ALA D 105 17.45 27.35 -15.12
C ALA D 105 18.72 27.04 -15.90
N MET D 106 19.45 25.99 -15.54
CA MET D 106 20.66 25.59 -16.32
C MET D 106 20.29 24.45 -17.28
N ILE D 107 20.69 24.61 -18.53
CA ILE D 107 20.63 23.61 -19.61
C ILE D 107 22.08 23.20 -19.88
N VAL D 108 22.37 21.91 -19.93
CA VAL D 108 23.73 21.43 -20.23
C VAL D 108 23.74 20.81 -21.62
N ALA D 109 24.70 21.22 -22.46
CA ALA D 109 24.91 20.62 -23.78
C ALA D 109 25.27 19.15 -23.59
N ALA D 110 24.70 18.28 -24.40
CA ALA D 110 25.02 16.83 -24.38
C ALA D 110 25.51 16.41 -25.76
N ASP D 111 25.99 17.37 -26.57
CA ASP D 111 26.47 17.07 -27.93
C ASP D 111 28.00 17.04 -27.94
N ASP D 112 28.56 16.16 -28.76
CA ASP D 112 30.01 16.00 -28.94
C ASP D 112 30.29 16.45 -30.37
N PHE D 113 30.90 17.60 -30.54
CA PHE D 113 31.12 18.20 -31.87
C PHE D 113 32.36 17.55 -32.47
N ILE D 114 32.26 17.15 -33.72
CA ILE D 114 33.41 16.57 -34.46
C ILE D 114 33.78 17.52 -35.58
N PRO D 115 35.00 18.08 -35.56
CA PRO D 115 35.42 18.95 -36.66
C PRO D 115 35.71 18.11 -37.91
N GLY D 116 35.73 18.79 -39.05
CA GLY D 116 36.04 18.14 -40.33
C GLY D 116 35.82 19.11 -41.48
N ASN D 117 36.45 18.85 -42.61
CA ASN D 117 36.28 19.68 -43.82
C ASN D 117 36.51 21.15 -43.47
N GLY D 118 37.46 21.44 -42.57
CA GLY D 118 37.88 22.81 -42.24
C GLY D 118 36.90 23.59 -41.37
N ILE D 119 35.88 22.95 -40.79
CA ILE D 119 34.91 23.66 -39.91
C ILE D 119 34.91 22.96 -38.54
N PRO D 120 34.49 23.64 -37.47
CA PRO D 120 34.52 23.04 -36.15
C PRO D 120 33.44 22.00 -35.89
N VAL D 121 32.28 22.13 -36.54
CA VAL D 121 31.13 21.24 -36.30
C VAL D 121 30.67 20.62 -37.61
N ASP D 122 31.40 19.59 -38.05
CA ASP D 122 31.14 18.87 -39.32
C ASP D 122 30.18 17.69 -39.03
N ASN D 123 30.31 17.11 -37.85
CA ASN D 123 29.48 15.97 -37.41
C ASN D 123 29.20 16.15 -35.91
N VAL D 124 28.17 15.50 -35.42
CA VAL D 124 27.77 15.61 -33.99
CA VAL D 124 27.77 15.61 -33.99
C VAL D 124 27.26 14.23 -33.56
N VAL D 125 27.69 13.80 -32.39
CA VAL D 125 27.17 12.57 -31.75
C VAL D 125 26.76 12.92 -30.32
N LEU D 126 25.97 12.06 -29.69
CA LEU D 126 25.65 12.20 -28.26
C LEU D 126 26.94 12.08 -27.47
N ASP D 127 27.19 12.99 -26.54
CA ASP D 127 28.42 13.01 -25.72
C ASP D 127 28.31 11.90 -24.71
N LYS D 128 29.05 10.81 -24.89
CA LYS D 128 29.02 9.63 -23.98
C LYS D 128 29.66 9.99 -22.62
N LYS D 129 30.34 11.14 -22.49
CA LYS D 129 30.99 11.60 -21.23
C LYS D 129 30.01 12.35 -20.32
N ILE D 130 28.87 12.86 -20.82
CA ILE D 130 27.83 13.53 -19.98
C ILE D 130 27.25 12.46 -19.08
N ASN D 131 27.33 12.65 -17.77
CA ASN D 131 26.68 11.79 -16.75
C ASN D 131 25.45 12.60 -16.33
N ALA D 132 24.28 12.24 -16.83
CA ALA D 132 23.00 12.97 -16.57
C ALA D 132 22.77 13.16 -15.06
N GLN D 133 23.02 12.15 -14.26
CA GLN D 133 22.77 12.24 -12.80
C GLN D 133 23.77 13.21 -12.18
N ALA D 134 25.01 13.25 -12.62
CA ALA D 134 26.04 14.17 -12.10
C ALA D 134 25.65 15.62 -12.43
N VAL D 135 25.24 15.89 -13.67
CA VAL D 135 24.91 17.31 -14.03
C VAL D 135 23.61 17.67 -13.31
N LYS D 136 22.69 16.73 -13.10
CA LYS D 136 21.46 16.98 -12.32
C LYS D 136 21.82 17.35 -10.88
N ARG D 137 22.78 16.65 -10.26
CA ARG D 137 23.23 16.95 -8.87
C ARG D 137 23.71 18.40 -8.81
N ASP D 138 24.35 18.89 -9.88
CA ASP D 138 24.89 20.27 -9.97
C ASP D 138 23.79 21.29 -10.24
N GLY D 139 22.58 20.89 -10.53
CA GLY D 139 21.41 21.78 -10.65
C GLY D 139 20.81 21.86 -12.04
N ALA D 140 21.37 21.18 -13.04
CA ALA D 140 20.81 21.18 -14.41
C ALA D 140 19.35 20.70 -14.43
N LYS D 141 18.52 21.30 -15.28
CA LYS D 141 17.09 20.95 -15.44
C LYS D 141 16.81 20.36 -16.83
N ALA D 142 17.79 20.47 -17.74
CA ALA D 142 17.58 20.12 -19.16
C ALA D 142 18.92 19.86 -19.84
N LEU D 143 18.90 19.07 -20.89
CA LEU D 143 20.06 18.83 -21.77
C LEU D 143 19.68 19.29 -23.17
N LYS D 144 20.69 19.55 -23.99
CA LYS D 144 20.48 20.03 -25.37
C LYS D 144 21.32 19.19 -26.33
N LEU D 145 20.76 18.90 -27.50
CA LEU D 145 21.47 18.12 -28.54
C LEU D 145 21.30 18.78 -29.91
N LEU D 146 22.38 19.22 -30.49
CA LEU D 146 22.47 19.63 -31.92
C LEU D 146 22.32 18.38 -32.78
N VAL D 147 21.48 18.48 -33.81
CA VAL D 147 21.31 17.40 -34.83
C VAL D 147 21.59 18.03 -36.19
N LEU D 148 22.72 17.69 -36.82
CA LEU D 148 22.98 18.18 -38.17
C LEU D 148 22.14 17.40 -39.17
N TRP D 149 21.46 18.12 -40.04
CA TRP D 149 20.50 17.53 -41.00
C TRP D 149 21.05 17.78 -42.41
N ARG D 150 21.27 16.69 -43.15
CA ARG D 150 21.66 16.75 -44.58
C ARG D 150 20.74 15.83 -45.40
N SER D 151 20.35 16.30 -46.58
CA SER D 151 19.35 15.65 -47.46
C SER D 151 19.83 14.26 -47.87
N ASP D 152 21.13 13.98 -47.87
CA ASP D 152 21.70 12.71 -48.38
C ASP D 152 22.30 11.91 -47.23
N GLU D 153 21.99 12.24 -45.98
CA GLU D 153 22.40 11.41 -44.81
C GLU D 153 21.15 10.71 -44.27
N ASP D 154 21.36 9.61 -43.58
CA ASP D 154 20.27 8.68 -43.19
C ASP D 154 19.42 9.28 -42.06
N ALA D 155 18.12 9.45 -42.31
CA ALA D 155 17.13 9.93 -41.29
C ALA D 155 17.15 8.98 -40.09
N GLN D 156 17.31 7.66 -40.30
CA GLN D 156 17.16 6.70 -39.19
C GLN D 156 18.27 6.92 -38.15
N GLN D 157 19.49 7.26 -38.57
CA GLN D 157 20.62 7.54 -37.64
C GLN D 157 20.28 8.77 -36.77
N ARG D 158 19.70 9.82 -37.38
CA ARG D 158 19.32 11.05 -36.63
C ARG D 158 18.20 10.68 -35.61
N LEU D 159 17.18 9.98 -36.07
CA LEU D 159 16.03 9.59 -35.20
C LEU D 159 16.55 8.70 -34.04
N ASN D 160 17.47 7.79 -34.30
CA ASN D 160 18.01 6.90 -33.25
C ASN D 160 18.79 7.73 -32.21
N MET D 161 19.56 8.72 -32.67
CA MET D 161 20.32 9.57 -31.72
C MET D 161 19.32 10.37 -30.87
N VAL D 162 18.27 10.92 -31.46
CA VAL D 162 17.25 11.69 -30.71
C VAL D 162 16.56 10.76 -29.68
N LYS D 163 16.23 9.53 -30.08
CA LYS D 163 15.57 8.58 -29.14
C LYS D 163 16.49 8.30 -27.94
N GLU D 164 17.78 8.02 -28.18
CA GLU D 164 18.75 7.75 -27.10
C GLU D 164 18.86 8.98 -26.19
N PHE D 165 18.93 10.17 -26.81
CA PHE D 165 18.99 11.45 -26.05
C PHE D 165 17.74 11.65 -25.18
N ASN D 166 16.56 11.47 -25.76
CA ASN D 166 15.29 11.63 -25.01
C ASN D 166 15.27 10.70 -23.81
N GLU D 167 15.73 9.47 -24.00
CA GLU D 167 15.73 8.45 -22.90
C GLU D 167 16.71 8.88 -21.80
N LEU D 168 17.89 9.38 -22.18
CA LEU D 168 18.88 9.90 -21.21
C LEU D 168 18.24 11.00 -20.35
N CYS D 169 17.56 11.95 -21.02
CA CYS D 169 16.91 13.08 -20.31
C CYS D 169 15.75 12.55 -19.43
N HIS D 170 14.77 11.92 -20.07
CA HIS D 170 13.45 11.62 -19.44
C HIS D 170 13.61 10.62 -18.30
N SER D 171 14.52 9.66 -18.44
CA SER D 171 14.77 8.64 -17.38
C SER D 171 15.36 9.32 -16.15
N ASN D 172 15.88 10.56 -16.29
CA ASN D 172 16.53 11.30 -15.18
C ASN D 172 15.72 12.51 -14.77
N GLY D 173 14.51 12.68 -15.30
CA GLY D 173 13.62 13.82 -14.97
C GLY D 173 14.17 15.13 -15.52
N LEU D 174 14.96 15.06 -16.59
CA LEU D 174 15.50 16.27 -17.27
C LEU D 174 14.71 16.51 -18.55
N LEU D 175 14.58 17.78 -18.93
CA LEU D 175 13.95 18.14 -20.22
C LEU D 175 14.96 17.87 -21.37
N SER D 176 14.43 17.52 -22.53
CA SER D 176 15.20 17.26 -23.77
C SER D 176 14.94 18.41 -24.75
N ILE D 177 16.02 19.09 -25.15
CA ILE D 177 15.95 20.15 -26.18
C ILE D 177 16.76 19.68 -27.39
N ILE D 178 16.12 19.57 -28.54
CA ILE D 178 16.82 19.19 -29.80
C ILE D 178 16.94 20.42 -30.70
N GLU D 179 18.04 20.50 -31.43
CA GLU D 179 18.38 21.67 -32.29
C GLU D 179 18.76 21.12 -33.67
N PRO D 180 17.79 20.87 -34.56
CA PRO D 180 18.11 20.47 -35.92
C PRO D 180 18.64 21.67 -36.71
N VAL D 181 19.80 21.51 -37.31
CA VAL D 181 20.50 22.56 -38.09
C VAL D 181 20.79 21.97 -39.48
N VAL D 182 20.37 22.67 -40.52
CA VAL D 182 20.51 22.15 -41.91
C VAL D 182 21.90 22.49 -42.44
N ARG D 183 22.44 21.56 -43.21
CA ARG D 183 23.73 21.72 -43.89
C ARG D 183 23.58 21.24 -45.33
N PRO D 184 24.43 21.73 -46.24
CA PRO D 184 24.43 21.24 -47.60
C PRO D 184 24.74 19.74 -47.63
N PRO D 185 24.29 19.03 -48.69
CA PRO D 185 24.48 17.60 -48.77
C PRO D 185 25.98 17.26 -48.84
N ARG D 186 26.32 16.04 -48.43
CA ARG D 186 27.72 15.54 -48.50
C ARG D 186 28.14 15.49 -49.96
N CYS D 187 27.22 15.11 -50.83
CA CYS D 187 27.46 14.93 -52.29
CA CYS D 187 27.46 14.93 -52.29
C CYS D 187 26.36 15.65 -53.05
N GLY D 188 26.74 16.48 -54.02
CA GLY D 188 25.77 17.24 -54.85
C GLY D 188 25.81 18.70 -54.51
N ASP D 189 25.08 19.51 -55.26
CA ASP D 189 25.05 20.98 -55.11
C ASP D 189 23.58 21.46 -55.02
N LYS D 190 22.64 20.53 -54.85
CA LYS D 190 21.21 20.86 -54.64
C LYS D 190 21.09 21.12 -53.13
N PHE D 191 21.05 22.39 -52.75
CA PHE D 191 20.78 22.80 -51.34
C PHE D 191 19.78 23.94 -51.35
N ASP D 192 18.57 23.59 -50.90
CA ASP D 192 17.46 24.55 -50.69
C ASP D 192 17.32 24.68 -49.17
N ARG D 193 17.92 25.70 -48.58
CA ARG D 193 18.00 25.83 -47.12
C ARG D 193 16.59 25.88 -46.53
N GLU D 194 15.66 26.60 -47.16
CA GLU D 194 14.29 26.79 -46.61
C GLU D 194 13.56 25.45 -46.64
N GLN D 195 13.69 24.69 -47.73
CA GLN D 195 13.04 23.36 -47.80
C GLN D 195 13.71 22.40 -46.81
N ALA D 196 15.03 22.48 -46.63
CA ALA D 196 15.75 21.61 -45.68
C ALA D 196 15.19 21.83 -44.25
N ILE D 197 14.97 23.07 -43.87
CA ILE D 197 14.43 23.38 -42.50
C ILE D 197 13.05 22.70 -42.34
N ILE D 198 12.21 22.76 -43.37
CA ILE D 198 10.87 22.12 -43.36
C ILE D 198 11.05 20.60 -43.29
N ASP D 199 11.96 20.03 -44.10
CA ASP D 199 12.15 18.55 -44.14
C ASP D 199 12.68 18.08 -42.78
N ALA D 200 13.54 18.84 -42.12
CA ALA D 200 14.06 18.48 -40.79
C ALA D 200 12.88 18.47 -39.79
N ALA D 201 11.99 19.45 -39.86
CA ALA D 201 10.81 19.54 -38.95
C ALA D 201 9.85 18.36 -39.25
N LYS D 202 9.62 18.04 -40.52
CA LYS D 202 8.78 16.88 -40.87
C LYS D 202 9.36 15.60 -40.25
N GLU D 203 10.68 15.48 -40.24
CA GLU D 203 11.36 14.28 -39.71
C GLU D 203 11.37 14.28 -38.18
N LEU D 204 11.71 15.41 -37.53
CA LEU D 204 12.07 15.43 -36.08
C LEU D 204 11.06 16.22 -35.23
N GLY D 205 10.07 16.85 -35.84
CA GLY D 205 9.11 17.73 -35.14
C GLY D 205 8.14 16.99 -34.25
N ASP D 206 8.08 15.66 -34.34
CA ASP D 206 7.22 14.84 -33.44
C ASP D 206 8.04 13.71 -32.84
N SER D 207 9.29 13.98 -32.46
CA SER D 207 10.26 12.95 -32.05
C SER D 207 10.25 12.74 -30.54
N GLY D 208 9.33 13.38 -29.81
CA GLY D 208 9.16 13.16 -28.36
C GLY D 208 10.09 13.98 -27.48
N ALA D 209 10.87 14.92 -28.05
CA ALA D 209 11.66 15.90 -27.25
C ALA D 209 10.69 16.85 -26.56
N ASP D 210 11.14 17.58 -25.56
CA ASP D 210 10.29 18.56 -24.85
C ASP D 210 10.26 19.90 -25.58
N LEU D 211 11.34 20.21 -26.31
CA LEU D 211 11.49 21.54 -26.95
C LEU D 211 12.31 21.38 -28.24
N TYR D 212 11.81 22.05 -29.28
CA TYR D 212 12.43 22.10 -30.64
C TYR D 212 13.04 23.49 -30.81
N LYS D 213 14.35 23.53 -31.02
CA LYS D 213 15.11 24.77 -31.24
C LYS D 213 15.48 24.84 -32.72
N VAL D 214 14.98 25.83 -33.45
CA VAL D 214 15.04 25.84 -34.93
C VAL D 214 15.67 27.13 -35.45
N GLU D 215 16.31 27.02 -36.61
CA GLU D 215 16.80 28.20 -37.37
C GLU D 215 15.61 29.02 -37.88
N MET D 216 15.76 30.34 -37.92
CA MET D 216 14.70 31.22 -38.43
C MET D 216 14.65 31.11 -39.96
N PRO D 217 13.47 30.84 -40.55
CA PRO D 217 13.33 30.92 -42.00
C PRO D 217 13.82 32.25 -42.55
N LEU D 218 14.46 32.19 -43.72
CA LEU D 218 14.86 33.36 -44.55
C LEU D 218 15.87 34.26 -43.81
N TYR D 219 16.55 33.72 -42.78
CA TYR D 219 17.55 34.46 -41.98
C TYR D 219 16.90 35.68 -41.32
N GLY D 220 15.57 35.69 -41.15
CA GLY D 220 14.84 36.82 -40.59
C GLY D 220 14.84 38.05 -41.49
N LYS D 221 15.22 37.91 -42.76
CA LYS D 221 15.35 39.06 -43.71
C LYS D 221 14.03 39.22 -44.48
N GLY D 222 13.85 40.40 -45.09
CA GLY D 222 12.80 40.64 -46.08
C GLY D 222 11.53 41.18 -45.47
N ALA D 223 10.43 41.13 -46.21
CA ALA D 223 9.11 41.63 -45.78
C ALA D 223 8.59 40.75 -44.64
N ARG D 224 8.01 41.40 -43.65
CA ARG D 224 7.42 40.74 -42.48
C ARG D 224 6.39 39.71 -42.95
N SER D 225 5.59 40.02 -43.98
CA SER D 225 4.49 39.13 -44.44
C SER D 225 5.07 37.80 -44.95
N ASP D 226 6.20 37.82 -45.69
CA ASP D 226 6.82 36.57 -46.21
C ASP D 226 7.43 35.77 -45.04
N LEU D 227 7.98 36.49 -44.06
CA LEU D 227 8.61 35.85 -42.88
C LEU D 227 7.52 35.13 -42.08
N LEU D 228 6.35 35.75 -41.94
CA LEU D 228 5.23 35.14 -41.19
C LEU D 228 4.76 33.86 -41.93
N THR D 229 4.52 33.94 -43.24
CA THR D 229 4.08 32.77 -44.04
C THR D 229 5.07 31.60 -43.85
N ALA D 230 6.38 31.88 -43.94
CA ALA D 230 7.43 30.85 -43.81
C ALA D 230 7.42 30.27 -42.40
N SER D 231 7.18 31.10 -41.39
CA SER D 231 7.14 30.69 -39.97
C SER D 231 5.90 29.83 -39.70
N GLN D 232 4.76 30.17 -40.32
CA GLN D 232 3.51 29.40 -40.13
C GLN D 232 3.66 28.02 -40.79
N ARG D 233 4.32 27.98 -41.95
CA ARG D 233 4.59 26.70 -42.63
C ARG D 233 5.40 25.79 -41.70
N LEU D 234 6.44 26.35 -41.08
CA LEU D 234 7.32 25.60 -40.16
C LEU D 234 6.53 25.13 -38.94
N ASN D 235 5.70 26.02 -38.38
CA ASN D 235 4.90 25.73 -37.17
C ASN D 235 4.06 24.45 -37.39
N GLY D 236 3.48 24.31 -38.59
CA GLY D 236 2.58 23.20 -38.93
C GLY D 236 3.26 21.85 -38.82
N HIS D 237 4.60 21.78 -38.84
CA HIS D 237 5.35 20.50 -38.80
C HIS D 237 5.97 20.24 -37.44
N ILE D 238 5.76 21.12 -36.46
CA ILE D 238 6.38 20.96 -35.12
C ILE D 238 5.27 20.67 -34.10
N ASN D 239 5.35 19.51 -33.45
CA ASN D 239 4.28 19.01 -32.55
C ASN D 239 4.78 19.04 -31.10
N MET D 240 5.67 19.96 -30.78
CA MET D 240 6.13 20.27 -29.42
C MET D 240 6.32 21.78 -29.37
N PRO D 241 6.52 22.40 -28.19
CA PRO D 241 6.85 23.82 -28.15
C PRO D 241 8.14 24.04 -28.95
N TRP D 242 8.28 25.20 -29.57
CA TRP D 242 9.49 25.52 -30.34
C TRP D 242 9.92 26.95 -30.09
N VAL D 243 11.23 27.14 -30.21
CA VAL D 243 11.89 28.44 -30.04
C VAL D 243 12.84 28.62 -31.21
N ILE D 244 13.20 29.85 -31.51
CA ILE D 244 14.21 30.14 -32.58
C ILE D 244 15.57 30.41 -31.95
N LEU D 245 16.60 29.99 -32.67
CA LEU D 245 18.01 30.33 -32.39
C LEU D 245 18.40 31.49 -33.32
N SER D 246 19.51 32.17 -32.98
CA SER D 246 19.87 33.43 -33.66
C SER D 246 20.95 33.23 -34.72
N SER D 247 21.68 32.11 -34.74
CA SER D 247 22.76 31.92 -35.73
C SER D 247 22.21 32.14 -37.14
N GLY D 248 22.82 33.07 -37.89
CA GLY D 248 22.39 33.39 -39.27
C GLY D 248 21.44 34.57 -39.34
N VAL D 249 20.92 35.06 -38.19
CA VAL D 249 20.02 36.24 -38.16
C VAL D 249 20.83 37.42 -37.64
N ASP D 250 20.87 38.51 -38.38
CA ASP D 250 21.50 39.77 -37.91
C ASP D 250 20.90 40.12 -36.56
N GLU D 251 21.73 40.53 -35.60
CA GLU D 251 21.27 40.89 -34.23
C GLU D 251 20.17 41.94 -34.30
N LYS D 252 20.19 42.81 -35.30
CA LYS D 252 19.18 43.90 -35.44
C LYS D 252 17.84 43.36 -35.93
N LEU D 253 17.83 42.20 -36.59
CA LEU D 253 16.58 41.60 -37.14
C LEU D 253 16.03 40.52 -36.20
N PHE D 254 16.78 40.16 -35.16
CA PHE D 254 16.39 39.03 -34.29
C PHE D 254 15.14 39.41 -33.48
N PRO D 255 14.98 40.65 -32.96
CA PRO D 255 13.76 40.97 -32.24
C PRO D 255 12.49 40.79 -33.09
N ARG D 256 12.54 41.23 -34.35
CA ARG D 256 11.41 41.03 -35.27
C ARG D 256 11.20 39.53 -35.52
N ALA D 257 12.30 38.79 -35.67
CA ALA D 257 12.22 37.33 -35.92
C ALA D 257 11.47 36.66 -34.77
N VAL D 258 11.77 37.02 -33.52
CA VAL D 258 11.11 36.43 -32.34
C VAL D 258 9.61 36.76 -32.41
N ARG D 259 9.29 38.02 -32.68
CA ARG D 259 7.89 38.46 -32.75
C ARG D 259 7.15 37.66 -33.83
N VAL D 260 7.73 37.53 -35.02
CA VAL D 260 7.06 36.85 -36.15
C VAL D 260 6.96 35.33 -35.86
N ALA D 261 8.04 34.71 -35.36
CA ALA D 261 8.02 33.28 -35.04
C ALA D 261 6.90 33.01 -34.02
N MET D 262 6.79 33.88 -33.00
CA MET D 262 5.79 33.67 -31.93
C MET D 262 4.38 33.90 -32.51
N GLU D 263 4.22 34.87 -33.41
CA GLU D 263 2.91 35.07 -34.09
C GLU D 263 2.53 33.78 -34.83
N ALA D 264 3.50 33.07 -35.38
CA ALA D 264 3.31 31.81 -36.13
C ALA D 264 3.10 30.60 -35.22
N GLY D 265 3.37 30.71 -33.92
CA GLY D 265 3.16 29.60 -32.99
C GLY D 265 4.37 29.23 -32.14
N ALA D 266 5.54 29.84 -32.37
CA ALA D 266 6.71 29.62 -31.48
C ALA D 266 6.42 30.17 -30.09
N SER D 267 7.20 29.78 -29.09
CA SER D 267 7.00 30.17 -27.68
C SER D 267 8.19 30.98 -27.15
N GLY D 268 9.13 31.34 -28.01
CA GLY D 268 10.22 32.25 -27.63
C GLY D 268 11.52 31.94 -28.35
N PHE D 269 12.64 32.06 -27.64
CA PHE D 269 13.98 32.01 -28.26
C PHE D 269 14.95 31.33 -27.33
N LEU D 270 16.03 30.82 -27.92
CA LEU D 270 17.23 30.38 -27.18
C LEU D 270 18.38 30.90 -28.02
N ALA D 271 18.96 32.04 -27.60
CA ALA D 271 19.85 32.85 -28.44
C ALA D 271 21.20 33.09 -27.75
N GLY D 272 22.25 33.09 -28.56
CA GLY D 272 23.61 33.44 -28.14
C GLY D 272 24.14 34.59 -28.94
N ARG D 273 24.38 34.39 -30.23
CA ARG D 273 25.09 35.39 -31.07
C ARG D 273 24.35 36.72 -31.06
N ALA D 274 23.02 36.74 -31.19
CA ALA D 274 22.22 37.97 -31.29
C ALA D 274 22.26 38.73 -29.96
N VAL D 275 22.74 38.11 -28.89
CA VAL D 275 22.88 38.75 -27.56
C VAL D 275 24.33 39.23 -27.36
N TRP D 276 25.34 38.40 -27.57
CA TRP D 276 26.73 38.72 -27.12
C TRP D 276 27.77 38.69 -28.22
N SER D 277 27.49 38.31 -29.46
CA SER D 277 28.58 38.16 -30.47
C SER D 277 29.30 39.51 -30.67
N SER D 278 28.57 40.62 -30.62
CA SER D 278 29.13 41.95 -31.01
C SER D 278 30.14 42.44 -29.96
N VAL D 279 30.17 41.90 -28.74
CA VAL D 279 31.11 42.40 -27.70
C VAL D 279 32.38 41.56 -27.66
N ILE D 280 32.45 40.46 -28.42
CA ILE D 280 33.68 39.62 -28.42
C ILE D 280 34.86 40.46 -28.92
N GLY D 281 35.92 40.51 -28.13
CA GLY D 281 37.18 41.18 -28.49
C GLY D 281 37.18 42.65 -28.12
N LEU D 282 36.04 43.21 -27.65
CA LEU D 282 36.00 44.61 -27.17
C LEU D 282 36.69 44.64 -25.81
N PRO D 283 37.28 45.79 -25.43
CA PRO D 283 37.84 45.93 -24.08
C PRO D 283 36.72 45.91 -23.03
N ASP D 284 37.08 45.61 -21.78
CA ASP D 284 36.16 45.76 -20.61
C ASP D 284 34.96 44.85 -20.80
N THR D 285 35.20 43.55 -20.91
CA THR D 285 34.15 42.52 -21.20
C THR D 285 32.95 42.66 -20.28
N GLU D 286 33.16 42.77 -18.97
CA GLU D 286 32.03 42.84 -18.01
C GLU D 286 31.17 44.08 -18.29
N LEU D 287 31.80 45.22 -18.55
CA LEU D 287 31.07 46.47 -18.87
C LEU D 287 30.28 46.28 -20.17
N MET D 288 30.89 45.67 -21.18
CA MET D 288 30.25 45.48 -22.51
C MET D 288 29.06 44.51 -22.40
N LEU D 289 29.20 43.43 -21.64
CA LEU D 289 28.05 42.50 -21.44
C LEU D 289 26.90 43.24 -20.77
N ARG D 290 27.18 44.10 -19.80
CA ARG D 290 26.12 44.84 -19.07
C ARG D 290 25.51 45.91 -19.96
N ASP D 291 26.31 46.63 -20.74
CA ASP D 291 25.84 47.87 -21.43
C ASP D 291 25.37 47.59 -22.86
N VAL D 292 25.88 46.55 -23.51
CA VAL D 292 25.60 46.26 -24.94
C VAL D 292 24.71 45.00 -25.02
N SER D 293 25.12 43.92 -24.39
CA SER D 293 24.43 42.61 -24.50
C SER D 293 23.14 42.61 -23.66
N ALA D 294 23.18 43.05 -22.41
CA ALA D 294 22.02 42.94 -21.50
C ALA D 294 20.80 43.68 -22.07
N PRO D 295 20.90 44.92 -22.60
CA PRO D 295 19.72 45.58 -23.15
C PRO D 295 19.07 44.80 -24.30
N LYS D 296 19.86 44.11 -25.10
CA LYS D 296 19.33 43.30 -26.21
C LYS D 296 18.56 42.09 -25.63
N LEU D 297 19.11 41.43 -24.62
CA LEU D 297 18.44 40.26 -24.01
C LEU D 297 17.18 40.70 -23.28
N GLN D 298 17.23 41.84 -22.58
CA GLN D 298 16.07 42.41 -21.87
C GLN D 298 14.96 42.68 -22.89
N ARG D 299 15.26 43.28 -24.03
CA ARG D 299 14.21 43.64 -25.02
C ARG D 299 13.58 42.34 -25.55
N LEU D 300 14.40 41.32 -25.83
CA LEU D 300 13.86 40.04 -26.36
C LEU D 300 12.88 39.44 -25.34
N GLY D 301 13.21 39.48 -24.05
CA GLY D 301 12.34 38.98 -22.99
C GLY D 301 11.02 39.75 -22.92
N GLU D 302 11.06 41.07 -23.11
CA GLU D 302 9.86 41.93 -23.14
C GLU D 302 8.99 41.54 -24.33
N ILE D 303 9.59 41.25 -25.50
CA ILE D 303 8.84 40.85 -26.71
C ILE D 303 8.15 39.51 -26.42
N VAL D 304 8.86 38.58 -25.82
CA VAL D 304 8.29 37.25 -25.47
C VAL D 304 7.05 37.46 -24.59
N ASP D 305 7.13 38.30 -23.56
CA ASP D 305 5.95 38.53 -22.67
C ASP D 305 4.81 39.18 -23.46
N GLU D 306 5.11 40.14 -24.31
CA GLU D 306 4.07 40.82 -25.12
C GLU D 306 3.34 39.79 -25.97
N MET D 307 4.08 38.86 -26.60
CA MET D 307 3.50 37.86 -27.50
C MET D 307 2.72 36.81 -26.70
N MET D 308 3.21 36.40 -25.52
CA MET D 308 2.47 35.44 -24.67
C MET D 308 1.13 36.09 -24.20
N ALA D 309 1.14 37.39 -23.92
CA ALA D 309 -0.07 38.13 -23.45
C ALA D 309 -1.15 38.13 -24.53
N LYS D 310 -0.77 38.09 -25.82
CA LYS D 310 -1.73 38.09 -26.97
C LYS D 310 -2.42 36.74 -27.11
N ARG D 311 -1.84 35.67 -26.59
CA ARG D 311 -2.41 34.31 -26.80
C ARG D 311 -3.23 33.97 -25.56
N ARG D 312 -2.93 34.57 -24.38
CA ARG D 312 -3.49 34.21 -23.04
C ARG D 312 -3.07 35.23 -21.98
N HIS E 20 7.15 9.27 21.43
CA HIS E 20 5.69 9.03 21.47
C HIS E 20 5.33 7.60 21.00
N MET E 21 6.11 6.99 20.08
CA MET E 21 5.82 5.65 19.51
C MET E 21 6.52 4.54 20.33
N ASN E 22 7.19 4.89 21.44
CA ASN E 22 7.94 3.90 22.24
C ASN E 22 6.97 2.85 22.82
N ASN E 23 7.33 1.57 22.69
CA ASN E 23 6.71 0.44 23.41
C ASN E 23 7.76 0.01 24.44
N TYR E 24 7.59 0.43 25.69
CA TYR E 24 8.57 0.11 26.77
C TYR E 24 8.39 -1.37 27.12
N THR E 25 9.47 -1.98 27.56
CA THR E 25 9.56 -3.41 27.90
C THR E 25 10.22 -3.45 29.27
N ILE E 26 10.12 -4.58 29.96
CA ILE E 26 10.78 -4.85 31.25
C ILE E 26 12.25 -4.45 31.20
N LYS E 27 12.96 -4.66 30.08
CA LYS E 27 14.42 -4.32 29.98
C LYS E 27 14.64 -2.83 30.27
N ASP E 28 13.66 -1.98 30.05
CA ASP E 28 13.82 -0.51 30.18
C ASP E 28 13.76 -0.12 31.65
N ILE E 29 13.33 -0.97 32.58
CA ILE E 29 13.24 -0.58 34.02
C ILE E 29 14.10 -1.50 34.90
N THR E 30 14.95 -2.33 34.28
CA THR E 30 15.81 -3.28 35.01
C THR E 30 17.26 -2.81 34.93
N ARG E 31 18.09 -3.35 35.82
CA ARG E 31 19.57 -3.24 35.70
C ARG E 31 20.00 -4.03 34.46
N ALA E 32 21.26 -3.88 34.05
CA ALA E 32 21.81 -4.64 32.89
C ALA E 32 21.65 -6.15 33.12
N SER E 33 21.72 -6.62 34.36
CA SER E 33 21.56 -8.04 34.76
C SER E 33 20.14 -8.55 34.51
N GLY E 34 19.16 -7.66 34.31
CA GLY E 34 17.74 -8.06 34.26
C GLY E 34 17.07 -7.99 35.62
N GLY E 35 17.80 -7.68 36.70
CA GLY E 35 17.18 -7.55 38.03
C GLY E 35 16.51 -6.20 38.20
N PHE E 36 15.47 -6.12 39.05
CA PHE E 36 14.80 -4.85 39.37
C PHE E 36 15.39 -4.29 40.65
N ALA E 37 15.91 -3.07 40.61
CA ALA E 37 16.44 -2.38 41.81
C ALA E 37 15.82 -1.00 41.86
N MET E 38 14.55 -0.94 42.26
CA MET E 38 13.74 0.25 42.02
C MET E 38 13.41 0.98 43.33
N LEU E 39 13.35 2.29 43.25
CA LEU E 39 13.13 3.22 44.37
C LEU E 39 11.71 3.77 44.32
N ALA E 40 11.02 3.79 45.44
CA ALA E 40 9.68 4.40 45.58
C ALA E 40 9.80 5.66 46.42
N VAL E 41 9.29 6.78 45.91
CA VAL E 41 9.16 8.04 46.71
C VAL E 41 7.76 8.61 46.50
N ASP E 42 6.77 7.80 46.16
CA ASP E 42 5.41 8.26 45.75
C ASP E 42 4.45 8.37 46.96
N GLN E 43 4.90 8.11 48.18
CA GLN E 43 4.01 8.10 49.37
C GLN E 43 3.46 9.53 49.56
N ARG E 44 2.17 9.65 49.88
CA ARG E 44 1.47 10.96 49.87
C ARG E 44 1.13 11.30 51.32
N GLU E 45 -0.13 11.23 51.75
CA GLU E 45 -0.45 11.60 53.15
C GLU E 45 0.33 10.71 54.12
N ALA E 46 0.63 9.45 53.75
CA ALA E 46 1.43 8.55 54.61
C ALA E 46 2.81 9.15 54.86
N MET E 47 3.39 9.86 53.88
CA MET E 47 4.72 10.49 54.07
C MET E 47 4.57 11.70 54.98
N ARG E 48 3.48 12.47 54.85
CA ARG E 48 3.25 13.63 55.75
C ARG E 48 3.18 13.12 57.19
N LEU E 49 2.50 12.01 57.43
CA LEU E 49 2.37 11.42 58.79
C LEU E 49 3.75 11.01 59.30
N MET E 50 4.63 10.51 58.45
CA MET E 50 6.01 10.11 58.84
C MET E 50 6.79 11.35 59.30
N PHE E 51 6.65 12.48 58.59
CA PHE E 51 7.35 13.73 58.94
C PHE E 51 6.85 14.19 60.33
N ALA E 52 5.54 14.19 60.55
CA ALA E 52 4.95 14.59 61.85
C ALA E 52 5.49 13.68 62.95
N ALA E 53 5.47 12.35 62.74
CA ALA E 53 5.93 11.35 63.73
C ALA E 53 7.41 11.55 64.06
N ALA E 54 8.23 12.06 63.12
CA ALA E 54 9.69 12.25 63.31
C ALA E 54 10.00 13.65 63.89
N GLY E 55 8.98 14.45 64.22
CA GLY E 55 9.15 15.72 64.95
C GLY E 55 9.22 16.94 64.06
N ALA E 56 8.84 16.85 62.78
CA ALA E 56 8.71 18.04 61.90
C ALA E 56 7.64 18.97 62.47
N LYS E 57 7.82 20.29 62.32
CA LYS E 57 6.84 21.34 62.70
C LYS E 57 5.52 21.03 61.99
N THR E 58 4.41 20.95 62.74
CA THR E 58 3.06 20.73 62.17
C THR E 58 2.34 22.07 62.12
N PRO E 59 1.43 22.30 61.14
CA PRO E 59 1.19 21.35 60.05
C PRO E 59 2.36 21.29 59.05
N VAL E 60 2.66 20.10 58.53
CA VAL E 60 3.78 19.89 57.57
C VAL E 60 3.33 20.40 56.21
N ALA E 61 4.02 21.38 55.64
CA ALA E 61 3.69 21.98 54.33
C ALA E 61 3.93 20.95 53.21
N ASP E 62 3.15 21.05 52.14
CA ASP E 62 3.35 20.26 50.89
C ASP E 62 4.80 20.38 50.42
N SER E 63 5.39 21.59 50.50
CA SER E 63 6.77 21.85 49.99
C SER E 63 7.80 20.99 50.72
N VAL E 64 7.56 20.63 51.98
CA VAL E 64 8.48 19.73 52.74
C VAL E 64 8.49 18.35 52.06
N LEU E 65 7.33 17.84 51.66
CA LEU E 65 7.25 16.53 50.97
C LEU E 65 7.92 16.66 49.59
N THR E 66 7.57 17.68 48.83
CA THR E 66 8.12 17.89 47.48
C THR E 66 9.64 17.95 47.56
N ASP E 67 10.18 18.76 48.48
CA ASP E 67 11.65 18.98 48.55
C ASP E 67 12.33 17.66 48.90
N PHE E 68 11.77 16.89 49.84
CA PHE E 68 12.34 15.58 50.25
C PHE E 68 12.30 14.61 49.06
N LYS E 69 11.16 14.51 48.38
CA LYS E 69 10.99 13.57 47.24
C LYS E 69 11.98 13.92 46.12
N VAL E 70 12.12 15.20 45.79
CA VAL E 70 13.02 15.62 44.69
C VAL E 70 14.47 15.38 45.11
N ASN E 71 14.83 15.69 46.35
CA ASN E 71 16.20 15.40 46.86
C ASN E 71 16.46 13.90 46.82
N ALA E 72 15.49 13.08 47.23
CA ALA E 72 15.64 11.61 47.22
C ALA E 72 15.89 11.15 45.78
N ALA E 73 15.09 11.64 44.82
CA ALA E 73 15.27 11.27 43.40
C ALA E 73 16.66 11.71 42.94
N LYS E 74 17.05 12.95 43.24
CA LYS E 74 18.33 13.52 42.74
C LYS E 74 19.51 12.69 43.27
N ILE E 75 19.49 12.37 44.55
CA ILE E 75 20.65 11.70 45.22
C ILE E 75 20.61 10.19 45.02
N LEU E 76 19.42 9.57 44.98
CA LEU E 76 19.31 8.08 44.98
C LEU E 76 19.08 7.52 43.57
N SER E 77 18.50 8.28 42.64
CA SER E 77 18.19 7.73 41.29
C SER E 77 19.43 7.19 40.60
N PRO E 78 20.67 7.71 40.83
CA PRO E 78 21.84 7.10 40.22
C PRO E 78 22.07 5.62 40.59
N TYR E 79 21.46 5.12 41.66
CA TYR E 79 21.63 3.74 42.13
C TYR E 79 20.42 2.86 41.80
N ALA E 80 19.39 3.42 41.16
CA ALA E 80 18.10 2.73 40.93
C ALA E 80 17.86 2.49 39.44
N SER E 81 17.27 1.36 39.09
CA SER E 81 16.89 1.03 37.69
C SER E 81 15.59 1.75 37.32
N ALA E 82 14.80 2.16 38.32
CA ALA E 82 13.56 2.94 38.12
C ALA E 82 13.22 3.66 39.42
N VAL E 83 12.51 4.77 39.30
CA VAL E 83 11.98 5.54 40.46
C VAL E 83 10.48 5.75 40.27
N LEU E 84 9.73 5.54 41.34
CA LEU E 84 8.26 5.70 41.37
C LEU E 84 7.93 7.05 42.01
N LEU E 85 7.29 7.90 41.22
CA LEU E 85 6.98 9.31 41.54
C LEU E 85 5.46 9.48 41.51
N ASP E 86 4.93 10.40 42.31
CA ASP E 86 3.48 10.76 42.32
C ASP E 86 3.32 12.15 41.69
N GLN E 87 2.25 12.36 40.94
CA GLN E 87 1.93 13.70 40.39
C GLN E 87 1.58 14.67 41.52
N GLN E 88 1.00 14.22 42.62
CA GLN E 88 0.50 15.13 43.69
C GLN E 88 1.67 16.00 44.20
N PHE E 89 2.85 15.43 44.44
CA PHE E 89 3.94 16.17 45.13
C PHE E 89 5.24 16.26 44.34
N CYS E 90 5.56 15.41 43.36
CA CYS E 90 6.95 15.44 42.85
C CYS E 90 7.16 15.10 41.39
N TYR E 91 6.22 14.55 40.62
CA TYR E 91 6.56 14.12 39.25
C TYR E 91 7.01 15.33 38.41
N ARG E 92 6.20 16.37 38.36
CA ARG E 92 6.44 17.58 37.52
C ARG E 92 7.78 18.19 37.95
N GLN E 93 7.98 18.32 39.26
CA GLN E 93 9.18 18.96 39.85
C GLN E 93 10.43 18.14 39.51
N ALA E 94 10.39 16.81 39.65
CA ALA E 94 11.55 15.95 39.37
C ALA E 94 11.96 16.09 37.90
N VAL E 95 10.97 16.14 37.00
CA VAL E 95 11.22 16.27 35.53
C VAL E 95 11.82 17.67 35.27
N GLU E 96 11.17 18.73 35.74
CA GLU E 96 11.60 20.14 35.48
C GLU E 96 13.03 20.35 36.03
N GLN E 97 13.37 19.75 37.17
CA GLN E 97 14.68 19.98 37.84
C GLN E 97 15.73 18.95 37.39
N ASN E 98 15.41 18.08 36.43
CA ASN E 98 16.33 17.05 35.90
C ASN E 98 16.90 16.23 37.07
N ALA E 99 16.06 15.88 38.05
CA ALA E 99 16.48 15.14 39.26
C ALA E 99 16.73 13.67 38.93
N VAL E 100 16.14 13.12 37.88
CA VAL E 100 16.20 11.66 37.65
C VAL E 100 17.36 11.34 36.72
N ALA E 101 18.34 10.57 37.20
CA ALA E 101 19.45 10.08 36.37
C ALA E 101 18.91 9.40 35.10
N LYS E 102 19.57 9.56 33.96
CA LYS E 102 19.11 8.99 32.66
C LYS E 102 19.08 7.46 32.77
N SER E 103 19.95 6.87 33.59
CA SER E 103 20.04 5.40 33.80
C SER E 103 18.85 4.89 34.62
N CYS E 104 18.02 5.78 35.17
CA CYS E 104 16.88 5.46 36.05
C CYS E 104 15.55 5.80 35.36
N ALA E 105 14.74 4.80 35.07
CA ALA E 105 13.44 4.96 34.37
C ALA E 105 12.43 5.57 35.32
N MET E 106 11.45 6.33 34.83
CA MET E 106 10.41 6.93 35.70
C MET E 106 9.14 6.06 35.62
N ILE E 107 8.62 5.74 36.80
CA ILE E 107 7.29 5.11 37.00
C ILE E 107 6.40 6.17 37.62
N VAL E 108 5.19 6.37 37.11
CA VAL E 108 4.25 7.35 37.68
C VAL E 108 3.09 6.60 38.34
N ALA E 109 2.80 6.95 39.59
CA ALA E 109 1.64 6.41 40.31
C ALA E 109 0.35 6.80 39.56
N ALA E 110 -0.57 5.85 39.41
CA ALA E 110 -1.87 6.11 38.75
C ALA E 110 -2.99 5.77 39.73
N ASP E 111 -2.70 5.75 41.04
CA ASP E 111 -3.69 5.43 42.08
C ASP E 111 -4.19 6.72 42.74
N ASP E 112 -5.47 6.75 43.07
CA ASP E 112 -6.10 7.87 43.80
C ASP E 112 -6.46 7.33 45.18
N PHE E 113 -5.72 7.77 46.19
CA PHE E 113 -5.88 7.25 47.56
C PHE E 113 -7.06 7.97 48.21
N ILE E 114 -7.96 7.20 48.82
CA ILE E 114 -9.13 7.78 49.53
C ILE E 114 -8.96 7.49 51.02
N PRO E 115 -8.84 8.53 51.86
CA PRO E 115 -8.72 8.32 53.29
C PRO E 115 -10.07 7.87 53.86
N GLY E 116 -10.02 7.29 55.05
CA GLY E 116 -11.24 6.84 55.73
C GLY E 116 -10.88 6.05 56.97
N ASN E 117 -11.80 5.99 57.93
CA ASN E 117 -11.58 5.19 59.16
C ASN E 117 -10.25 5.59 59.80
N GLY E 118 -9.87 6.87 59.72
CA GLY E 118 -8.71 7.43 60.43
C GLY E 118 -7.37 7.09 59.80
N ILE E 119 -7.35 6.53 58.58
CA ILE E 119 -6.06 6.21 57.90
C ILE E 119 -6.05 6.93 56.55
N PRO E 120 -4.86 7.19 55.99
CA PRO E 120 -4.76 7.90 54.72
C PRO E 120 -5.19 7.11 53.48
N VAL E 121 -5.05 5.78 53.52
CA VAL E 121 -5.35 4.93 52.35
C VAL E 121 -6.33 3.83 52.77
N ASP E 122 -7.61 4.19 52.85
CA ASP E 122 -8.71 3.27 53.23
C ASP E 122 -9.27 2.62 51.97
N ASN E 123 -9.26 3.35 50.87
CA ASN E 123 -9.78 2.87 49.56
C ASN E 123 -8.87 3.44 48.47
N VAL E 124 -8.87 2.81 47.31
CA VAL E 124 -8.04 3.25 46.16
C VAL E 124 -8.86 3.05 44.89
N VAL E 125 -8.83 4.04 44.00
CA VAL E 125 -9.40 3.91 42.66
C VAL E 125 -8.34 4.33 41.64
N LEU E 126 -8.58 3.97 40.38
CA LEU E 126 -7.70 4.46 39.28
C LEU E 126 -7.84 5.99 39.24
N ASP E 127 -6.73 6.70 39.17
CA ASP E 127 -6.72 8.18 39.15
C ASP E 127 -7.18 8.62 37.77
N LYS E 128 -8.39 9.14 37.65
CA LYS E 128 -8.95 9.59 36.35
C LYS E 128 -8.23 10.87 35.87
N LYS E 129 -7.40 11.50 36.70
CA LYS E 129 -6.63 12.73 36.34
C LYS E 129 -5.29 12.39 35.64
N ILE E 130 -4.78 11.17 35.75
CA ILE E 130 -3.54 10.71 35.03
C ILE E 130 -3.89 10.72 33.54
N ASN E 131 -3.17 11.50 32.74
CA ASN E 131 -3.22 11.48 31.27
C ASN E 131 -2.00 10.69 30.85
N ALA E 132 -2.18 9.43 30.47
CA ALA E 132 -1.06 8.50 30.12
C ALA E 132 -0.14 9.12 29.04
N GLN E 133 -0.74 9.74 28.02
CA GLN E 133 0.05 10.33 26.91
C GLN E 133 0.87 11.52 27.44
N ALA E 134 0.34 12.32 28.32
CA ALA E 134 1.04 13.50 28.90
C ALA E 134 2.23 13.02 29.76
N VAL E 135 2.02 12.00 30.62
CA VAL E 135 3.15 11.56 31.48
C VAL E 135 4.19 10.86 30.58
N LYS E 136 3.76 10.18 29.51
CA LYS E 136 4.69 9.56 28.54
C LYS E 136 5.52 10.65 27.86
N ARG E 137 4.92 11.77 27.46
CA ARG E 137 5.66 12.90 26.82
C ARG E 137 6.75 13.38 27.78
N ASP E 138 6.49 13.37 29.09
CA ASP E 138 7.46 13.77 30.12
C ASP E 138 8.56 12.73 30.38
N GLY E 139 8.44 11.55 29.83
CA GLY E 139 9.50 10.51 29.86
C GLY E 139 9.13 9.27 30.67
N ALA E 140 7.95 9.20 31.26
CA ALA E 140 7.52 8.01 32.07
C ALA E 140 7.51 6.76 31.16
N LYS E 141 7.89 5.61 31.71
CA LYS E 141 7.92 4.31 31.00
C LYS E 141 6.89 3.33 31.57
N ALA E 142 6.30 3.67 32.73
CA ALA E 142 5.43 2.73 33.45
C ALA E 142 4.52 3.50 34.40
N LEU E 143 3.37 2.90 34.71
CA LEU E 143 2.46 3.39 35.74
C LEU E 143 2.34 2.31 36.82
N LYS E 144 1.91 2.72 38.00
CA LYS E 144 1.76 1.81 39.16
C LYS E 144 0.39 2.00 39.76
N LEU E 145 -0.22 0.89 40.19
CA LEU E 145 -1.57 0.93 40.82
C LEU E 145 -1.58 0.05 42.08
N LEU E 146 -1.79 0.67 43.24
CA LEU E 146 -2.12 -0.02 44.50
C LEU E 146 -3.51 -0.65 44.37
N VAL E 147 -3.64 -1.90 44.78
CA VAL E 147 -4.95 -2.60 44.84
C VAL E 147 -5.14 -3.09 46.28
N LEU E 148 -6.05 -2.49 47.03
CA LEU E 148 -6.35 -2.99 48.39
C LEU E 148 -7.20 -4.26 48.30
N TRP E 149 -6.77 -5.29 49.00
CA TRP E 149 -7.38 -6.63 48.95
C TRP E 149 -7.99 -6.94 50.30
N ARG E 150 -9.30 -7.18 50.32
CA ARG E 150 -10.02 -7.63 51.55
C ARG E 150 -10.85 -8.87 51.22
N SER E 151 -10.88 -9.82 52.14
CA SER E 151 -11.53 -11.13 51.94
C SER E 151 -13.03 -10.96 51.73
N ASP E 152 -13.66 -9.86 52.19
CA ASP E 152 -15.13 -9.69 52.09
C ASP E 152 -15.48 -8.60 51.08
N GLU E 153 -14.53 -8.17 50.24
CA GLU E 153 -14.83 -7.26 49.11
C GLU E 153 -14.77 -8.09 47.83
N ASP E 154 -15.53 -7.71 46.83
CA ASP E 154 -15.75 -8.47 45.58
C ASP E 154 -14.47 -8.46 44.72
N ALA E 155 -13.98 -9.65 44.39
CA ALA E 155 -12.84 -9.85 43.47
C ALA E 155 -13.14 -9.20 42.11
N GLN E 156 -14.38 -9.24 41.63
CA GLN E 156 -14.69 -8.73 40.27
C GLN E 156 -14.38 -7.22 40.17
N GLN E 157 -14.64 -6.44 41.23
CA GLN E 157 -14.36 -4.98 41.23
C GLN E 157 -12.83 -4.74 41.11
N ARG E 158 -12.04 -5.55 41.84
CA ARG E 158 -10.56 -5.44 41.79
C ARG E 158 -10.08 -5.81 40.37
N LEU E 159 -10.56 -6.93 39.84
CA LEU E 159 -10.14 -7.41 38.49
C LEU E 159 -10.53 -6.36 37.44
N ASN E 160 -11.71 -5.75 37.56
CA ASN E 160 -12.14 -4.71 36.59
C ASN E 160 -11.21 -3.48 36.66
N MET E 161 -10.82 -3.08 37.86
CA MET E 161 -9.90 -1.93 38.01
C MET E 161 -8.54 -2.29 37.37
N VAL E 162 -8.03 -3.49 37.61
CA VAL E 162 -6.73 -3.94 37.03
C VAL E 162 -6.84 -3.98 35.49
N LYS E 163 -7.95 -4.48 34.96
CA LYS E 163 -8.16 -4.53 33.49
C LYS E 163 -8.13 -3.11 32.90
N GLU E 164 -8.85 -2.16 33.51
CA GLU E 164 -8.88 -0.75 33.03
C GLU E 164 -7.46 -0.17 33.09
N PHE E 165 -6.77 -0.43 34.18
CA PHE E 165 -5.37 0.05 34.37
C PHE E 165 -4.44 -0.54 33.30
N ASN E 166 -4.49 -1.85 33.08
CA ASN E 166 -3.65 -2.53 32.07
C ASN E 166 -3.90 -1.91 30.70
N GLU E 167 -5.15 -1.62 30.38
CA GLU E 167 -5.53 -1.05 29.06
C GLU E 167 -4.95 0.38 28.94
N LEU E 168 -5.04 1.18 30.01
CA LEU E 168 -4.48 2.54 30.05
C LEU E 168 -2.97 2.47 29.74
N CYS E 169 -2.26 1.55 30.40
CA CYS E 169 -0.80 1.40 30.21
C CYS E 169 -0.52 0.89 28.78
N HIS E 170 -1.04 -0.29 28.45
CA HIS E 170 -0.61 -1.08 27.26
C HIS E 170 -1.01 -0.36 25.98
N SER E 171 -2.17 0.33 25.98
CA SER E 171 -2.64 1.07 24.77
C SER E 171 -1.67 2.24 24.51
N ASN E 172 -0.87 2.64 25.51
CA ASN E 172 0.06 3.80 25.39
C ASN E 172 1.51 3.34 25.39
N GLY E 173 1.78 2.04 25.32
CA GLY E 173 3.16 1.48 25.31
C GLY E 173 3.87 1.68 26.64
N LEU E 174 3.09 1.78 27.73
CA LEU E 174 3.65 1.90 29.11
C LEU E 174 3.53 0.54 29.79
N LEU E 175 4.46 0.27 30.71
CA LEU E 175 4.38 -0.95 31.54
C LEU E 175 3.33 -0.72 32.66
N SER E 176 2.69 -1.80 33.07
CA SER E 176 1.69 -1.82 34.17
C SER E 176 2.34 -2.54 35.36
N ILE E 177 2.38 -1.85 36.50
CA ILE E 177 2.86 -2.41 37.78
C ILE E 177 1.68 -2.38 38.75
N ILE E 178 1.27 -3.54 39.24
CA ILE E 178 0.18 -3.65 40.25
C ILE E 178 0.78 -4.01 41.61
N GLU E 179 0.18 -3.48 42.67
CA GLU E 179 0.65 -3.62 44.06
C GLU E 179 -0.53 -4.06 44.93
N PRO E 180 -0.85 -5.36 45.00
CA PRO E 180 -1.91 -5.82 45.89
C PRO E 180 -1.42 -5.77 47.35
N VAL E 181 -2.20 -5.12 48.20
CA VAL E 181 -1.89 -4.92 49.63
C VAL E 181 -3.09 -5.44 50.43
N VAL E 182 -2.83 -6.35 51.37
CA VAL E 182 -3.93 -7.01 52.12
C VAL E 182 -4.33 -6.14 53.31
N ARG E 183 -5.63 -6.13 53.57
CA ARG E 183 -6.22 -5.41 54.71
C ARG E 183 -7.21 -6.31 55.39
N PRO E 184 -7.49 -6.08 56.68
CA PRO E 184 -8.53 -6.82 57.37
C PRO E 184 -9.90 -6.58 56.74
N PRO E 185 -10.83 -7.55 56.90
CA PRO E 185 -12.13 -7.45 56.26
C PRO E 185 -12.90 -6.23 56.77
N ARG E 186 -13.82 -5.73 55.98
CA ARG E 186 -14.70 -4.60 56.36
C ARG E 186 -15.55 -5.04 57.55
N CYS E 187 -15.98 -6.30 57.54
CA CYS E 187 -16.87 -6.88 58.59
CA CYS E 187 -16.86 -6.88 58.58
C CYS E 187 -16.29 -8.23 59.01
N GLY E 188 -16.16 -8.45 60.31
CA GLY E 188 -15.57 -9.69 60.86
C GLY E 188 -14.23 -9.43 61.48
N ASP E 189 -13.65 -10.43 62.13
CA ASP E 189 -12.34 -10.29 62.81
C ASP E 189 -11.41 -11.43 62.38
N LYS E 190 -11.78 -12.18 61.35
CA LYS E 190 -10.95 -13.27 60.78
C LYS E 190 -9.99 -12.60 59.81
N PHE E 191 -8.74 -12.39 60.23
CA PHE E 191 -7.67 -11.87 59.33
C PHE E 191 -6.39 -12.65 59.52
N ASP E 192 -6.04 -13.43 58.51
CA ASP E 192 -4.76 -14.17 58.43
C ASP E 192 -3.92 -13.48 57.34
N ARG E 193 -3.03 -12.59 57.73
CA ARG E 193 -2.26 -11.76 56.76
C ARG E 193 -1.51 -12.64 55.76
N GLU E 194 -0.88 -13.72 56.22
CA GLU E 194 -0.05 -14.60 55.34
C GLU E 194 -0.96 -15.28 54.31
N GLN E 195 -2.13 -15.78 54.73
CA GLN E 195 -3.08 -16.42 53.80
C GLN E 195 -3.65 -15.35 52.85
N ALA E 196 -3.92 -14.14 53.34
CA ALA E 196 -4.48 -13.05 52.48
C ALA E 196 -3.49 -12.74 51.35
N ILE E 197 -2.20 -12.70 51.63
CA ILE E 197 -1.17 -12.41 50.58
C ILE E 197 -1.26 -13.48 49.49
N ILE E 198 -1.38 -14.74 49.89
CA ILE E 198 -1.53 -15.88 48.95
C ILE E 198 -2.84 -15.72 48.17
N ASP E 199 -3.94 -15.42 48.85
CA ASP E 199 -5.27 -15.31 48.19
C ASP E 199 -5.24 -14.16 47.16
N ALA E 200 -4.59 -13.04 47.50
CA ALA E 200 -4.47 -11.90 46.55
C ALA E 200 -3.68 -12.35 45.32
N ALA E 201 -2.61 -13.12 45.50
CA ALA E 201 -1.78 -13.61 44.38
C ALA E 201 -2.58 -14.61 43.54
N LYS E 202 -3.35 -15.51 44.18
CA LYS E 202 -4.23 -16.44 43.42
C LYS E 202 -5.20 -15.64 42.55
N GLU E 203 -5.70 -14.52 43.06
CA GLU E 203 -6.68 -13.69 42.32
C GLU E 203 -5.99 -12.87 41.22
N LEU E 204 -4.86 -12.20 41.52
CA LEU E 204 -4.31 -11.12 40.66
C LEU E 204 -2.97 -11.47 40.04
N GLY E 205 -2.39 -12.62 40.38
CA GLY E 205 -1.06 -13.04 39.94
C GLY E 205 -0.99 -13.38 38.47
N ASP E 206 -2.14 -13.51 37.81
CA ASP E 206 -2.21 -13.81 36.36
C ASP E 206 -3.13 -12.80 35.65
N SER E 207 -3.12 -11.55 36.09
CA SER E 207 -4.11 -10.53 35.68
C SER E 207 -3.60 -9.73 34.46
N GLY E 208 -2.48 -10.10 33.85
CA GLY E 208 -1.97 -9.47 32.60
C GLY E 208 -1.18 -8.20 32.81
N ALA E 209 -0.86 -7.82 34.05
CA ALA E 209 0.08 -6.71 34.36
C ALA E 209 1.48 -7.15 33.93
N ASP E 210 2.41 -6.21 33.81
CA ASP E 210 3.82 -6.52 33.46
C ASP E 210 4.62 -6.90 34.70
N LEU E 211 4.24 -6.40 35.87
CA LEU E 211 5.03 -6.60 37.11
C LEU E 211 4.09 -6.59 38.31
N TYR E 212 4.32 -7.53 39.21
CA TYR E 212 3.60 -7.74 40.49
C TYR E 212 4.50 -7.28 41.62
N LYS E 213 4.05 -6.29 42.37
CA LYS E 213 4.77 -5.75 43.53
C LYS E 213 4.06 -6.23 44.79
N VAL E 214 4.76 -7.00 45.63
CA VAL E 214 4.09 -7.76 46.70
C VAL E 214 4.74 -7.47 48.06
N GLU E 215 3.92 -7.55 49.10
CA GLU E 215 4.38 -7.53 50.50
C GLU E 215 5.20 -8.78 50.80
N MET E 216 6.24 -8.63 51.60
CA MET E 216 7.11 -9.77 51.94
C MET E 216 6.37 -10.64 52.96
N PRO E 217 6.26 -11.96 52.71
CA PRO E 217 5.74 -12.87 53.74
C PRO E 217 6.48 -12.71 55.06
N LEU E 218 5.72 -12.81 56.17
CA LEU E 218 6.23 -12.87 57.56
C LEU E 218 7.00 -11.59 57.94
N TYR E 219 6.79 -10.49 57.21
CA TYR E 219 7.48 -9.20 57.45
C TYR E 219 9.00 -9.38 57.36
N GLY E 220 9.47 -10.41 56.64
CA GLY E 220 10.90 -10.71 56.53
C GLY E 220 11.53 -11.19 57.83
N LYS E 221 10.73 -11.55 58.83
CA LYS E 221 11.24 -11.94 60.18
C LYS E 221 11.41 -13.45 60.26
N GLY E 222 12.19 -13.92 61.25
CA GLY E 222 12.23 -15.33 61.64
C GLY E 222 13.33 -16.09 60.92
N ALA E 223 13.25 -17.42 60.93
CA ALA E 223 14.26 -18.31 60.34
C ALA E 223 14.24 -18.16 58.81
N ARG E 224 15.41 -18.13 58.21
CA ARG E 224 15.58 -18.01 56.75
C ARG E 224 14.82 -19.14 56.06
N SER E 225 14.84 -20.36 56.60
CA SER E 225 14.23 -21.54 55.94
C SER E 225 12.70 -21.34 55.85
N ASP E 226 12.05 -20.81 56.89
CA ASP E 226 10.59 -20.57 56.88
C ASP E 226 10.26 -19.43 55.92
N LEU E 227 11.12 -18.42 55.85
CA LEU E 227 10.93 -17.27 54.95
C LEU E 227 11.01 -17.76 53.49
N LEU E 228 11.95 -18.67 53.20
CA LEU E 228 12.11 -19.22 51.84
C LEU E 228 10.86 -20.02 51.46
N THR E 229 10.41 -20.93 52.33
CA THR E 229 9.19 -21.75 52.08
C THR E 229 7.99 -20.83 51.78
N ALA E 230 7.80 -19.78 52.57
CA ALA E 230 6.66 -18.84 52.40
C ALA E 230 6.81 -18.10 51.06
N SER E 231 8.02 -17.75 50.69
CA SER E 231 8.33 -17.02 49.43
C SER E 231 8.11 -17.95 48.22
N GLN E 232 8.45 -19.23 48.35
CA GLN E 232 8.27 -20.22 47.25
C GLN E 232 6.78 -20.47 47.05
N ARG E 233 6.03 -20.54 48.15
CA ARG E 233 4.55 -20.71 48.07
C ARG E 233 3.97 -19.54 47.28
N LEU E 234 4.39 -18.32 47.60
CA LEU E 234 3.90 -17.09 46.92
C LEU E 234 4.30 -17.12 45.46
N ASN E 235 5.55 -17.48 45.16
CA ASN E 235 6.07 -17.52 43.77
C ASN E 235 5.15 -18.38 42.89
N GLY E 236 4.67 -19.51 43.41
CA GLY E 236 3.84 -20.48 42.66
C GLY E 236 2.54 -19.87 42.17
N HIS E 237 2.08 -18.76 42.76
CA HIS E 237 0.79 -18.12 42.41
C HIS E 237 0.99 -16.87 41.55
N ILE E 238 2.22 -16.50 41.23
CA ILE E 238 2.49 -15.27 40.45
C ILE E 238 3.02 -15.66 39.07
N ASN E 239 2.30 -15.28 38.01
CA ASN E 239 2.59 -15.71 36.63
C ASN E 239 3.11 -14.50 35.83
N MET E 240 3.79 -13.58 36.48
CA MET E 240 4.51 -12.45 35.84
C MET E 240 5.75 -12.22 36.71
N PRO E 241 6.73 -11.43 36.28
CA PRO E 241 7.86 -11.08 37.13
C PRO E 241 7.31 -10.41 38.39
N TRP E 242 7.97 -10.61 39.52
CA TRP E 242 7.52 -9.99 40.78
C TRP E 242 8.70 -9.45 41.57
N VAL E 243 8.41 -8.40 42.34
CA VAL E 243 9.40 -7.73 43.20
C VAL E 243 8.75 -7.55 44.56
N ILE E 244 9.55 -7.39 45.59
CA ILE E 244 9.02 -7.09 46.95
C ILE E 244 9.12 -5.61 47.27
N LEU E 245 8.14 -5.14 48.05
CA LEU E 245 8.13 -3.80 48.63
C LEU E 245 8.60 -3.93 50.09
N SER E 246 8.97 -2.83 50.72
CA SER E 246 9.66 -2.87 52.03
C SER E 246 8.70 -2.51 53.17
N SER E 247 7.53 -1.94 52.90
CA SER E 247 6.59 -1.53 53.98
C SER E 247 6.33 -2.76 54.90
N GLY E 248 6.59 -2.60 56.19
CA GLY E 248 6.37 -3.68 57.17
C GLY E 248 7.64 -4.48 57.45
N VAL E 249 8.70 -4.33 56.65
CA VAL E 249 9.98 -5.06 56.85
C VAL E 249 10.99 -4.11 57.47
N ASP E 250 11.57 -4.50 58.61
CA ASP E 250 12.65 -3.69 59.24
C ASP E 250 13.74 -3.47 58.18
N GLU E 251 14.27 -2.24 58.10
CA GLU E 251 15.29 -1.89 57.07
C GLU E 251 16.49 -2.85 57.18
N LYS E 252 16.79 -3.36 58.37
CA LYS E 252 17.94 -4.28 58.57
C LYS E 252 17.66 -5.68 58.04
N LEU E 253 16.39 -6.06 57.89
CA LEU E 253 16.00 -7.41 57.41
C LEU E 253 15.64 -7.36 55.92
N PHE E 254 15.59 -6.16 55.33
CA PHE E 254 15.14 -6.05 53.91
C PHE E 254 16.18 -6.65 52.98
N PRO E 255 17.51 -6.48 53.18
CA PRO E 255 18.48 -7.14 52.31
C PRO E 255 18.30 -8.67 52.27
N ARG E 256 18.09 -9.29 53.42
CA ARG E 256 17.85 -10.75 53.48
C ARG E 256 16.54 -11.07 52.77
N ALA E 257 15.51 -10.24 52.96
CA ALA E 257 14.19 -10.46 52.32
C ALA E 257 14.38 -10.48 50.79
N VAL E 258 15.15 -9.56 50.24
CA VAL E 258 15.40 -9.51 48.77
C VAL E 258 16.09 -10.80 48.35
N ARG E 259 17.13 -11.20 49.07
CA ARG E 259 17.90 -12.42 48.75
C ARG E 259 16.95 -13.64 48.77
N VAL E 260 16.13 -13.77 49.80
CA VAL E 260 15.25 -14.96 49.95
C VAL E 260 14.13 -14.92 48.89
N ALA E 261 13.50 -13.76 48.67
CA ALA E 261 12.44 -13.63 47.66
C ALA E 261 13.02 -14.01 46.30
N MET E 262 14.23 -13.55 45.98
CA MET E 262 14.84 -13.81 44.65
C MET E 262 15.20 -15.30 44.56
N GLU E 263 15.68 -15.92 45.65
CA GLU E 263 15.93 -17.38 45.64
C GLU E 263 14.61 -18.12 45.31
N ALA E 264 13.47 -17.59 45.77
CA ALA E 264 12.13 -18.19 45.58
C ALA E 264 11.57 -17.88 44.18
N GLY E 265 12.16 -16.94 43.43
CA GLY E 265 11.70 -16.64 42.06
C GLY E 265 11.40 -15.17 41.80
N ALA E 266 11.46 -14.31 42.82
CA ALA E 266 11.33 -12.84 42.61
C ALA E 266 12.50 -12.33 41.77
N SER E 267 12.37 -11.15 41.17
CA SER E 267 13.40 -10.56 40.29
C SER E 267 13.97 -9.26 40.86
N GLY E 268 13.59 -8.91 42.09
CA GLY E 268 14.18 -7.76 42.78
C GLY E 268 13.22 -7.07 43.70
N PHE E 269 13.30 -5.75 43.76
CA PHE E 269 12.58 -4.95 44.76
C PHE E 269 12.13 -3.63 44.16
N LEU E 270 11.11 -3.05 44.78
CA LEU E 270 10.70 -1.66 44.56
C LEU E 270 10.43 -1.12 45.95
N ALA E 271 11.39 -0.37 46.51
CA ALA E 271 11.42 -0.06 47.95
C ALA E 271 11.53 1.43 48.19
N GLY E 272 10.85 1.90 49.24
CA GLY E 272 10.94 3.26 49.72
C GLY E 272 11.43 3.30 51.16
N ARG E 273 10.61 2.82 52.09
CA ARG E 273 10.87 3.01 53.53
C ARG E 273 12.22 2.40 53.91
N ALA E 274 12.56 1.20 53.43
CA ALA E 274 13.83 0.51 53.82
C ALA E 274 15.05 1.26 53.28
N VAL E 275 14.85 2.24 52.40
CA VAL E 275 15.95 3.08 51.86
C VAL E 275 15.99 4.41 52.62
N TRP E 276 14.88 5.13 52.77
CA TRP E 276 14.94 6.55 53.22
C TRP E 276 14.11 6.85 54.48
N SER E 277 13.33 5.92 55.05
CA SER E 277 12.46 6.28 56.19
C SER E 277 13.32 6.79 57.36
N SER E 278 14.51 6.22 57.56
CA SER E 278 15.29 6.50 58.80
C SER E 278 15.86 7.93 58.78
N VAL E 279 15.93 8.61 57.64
CA VAL E 279 16.52 9.99 57.60
C VAL E 279 15.44 11.06 57.72
N ILE E 280 14.15 10.69 57.72
CA ILE E 280 13.08 11.71 57.83
C ILE E 280 13.21 12.40 59.19
N GLY E 281 13.31 13.72 59.20
CA GLY E 281 13.34 14.53 60.42
C GLY E 281 14.77 14.72 60.95
N LEU E 282 15.78 14.06 60.36
CA LEU E 282 17.19 14.33 60.72
C LEU E 282 17.60 15.67 60.11
N PRO E 283 18.56 16.37 60.72
CA PRO E 283 19.12 17.57 60.09
C PRO E 283 19.89 17.22 58.81
N ASP E 284 20.07 18.20 57.91
CA ASP E 284 20.97 18.09 56.74
C ASP E 284 20.46 16.96 55.82
N THR E 285 19.22 17.07 55.34
CA THR E 285 18.53 16.03 54.51
C THR E 285 19.43 15.53 53.38
N GLU E 286 20.03 16.42 52.58
CA GLU E 286 20.83 15.99 51.41
C GLU E 286 22.03 15.16 51.88
N LEU E 287 22.70 15.57 52.96
CA LEU E 287 23.84 14.82 53.51
C LEU E 287 23.36 13.44 53.98
N MET E 288 22.22 13.39 54.66
CA MET E 288 21.68 12.12 55.23
C MET E 288 21.27 11.17 54.09
N LEU E 289 20.64 11.67 53.03
CA LEU E 289 20.28 10.80 51.87
C LEU E 289 21.55 10.20 51.26
N ARG E 290 22.62 10.99 51.15
CA ARG E 290 23.89 10.52 50.54
C ARG E 290 24.61 9.54 51.48
N ASP E 291 24.61 9.80 52.78
CA ASP E 291 25.50 9.05 53.73
C ASP E 291 24.77 7.87 54.37
N VAL E 292 23.44 7.94 54.51
CA VAL E 292 22.65 6.90 55.24
C VAL E 292 21.83 6.09 54.25
N SER E 293 21.04 6.77 53.40
CA SER E 293 20.11 6.10 52.47
C SER E 293 20.86 5.47 51.30
N ALA E 294 21.78 6.20 50.65
CA ALA E 294 22.42 5.72 49.41
C ALA E 294 23.16 4.41 49.64
N PRO E 295 23.96 4.23 50.71
CA PRO E 295 24.65 2.95 50.91
C PRO E 295 23.68 1.76 51.02
N LYS E 296 22.51 1.97 51.60
CA LYS E 296 21.49 0.89 51.70
C LYS E 296 20.96 0.55 50.29
N LEU E 297 20.66 1.56 49.47
CA LEU E 297 20.13 1.30 48.10
C LEU E 297 21.22 0.66 47.24
N GLN E 298 22.47 1.12 47.38
CA GLN E 298 23.62 0.54 46.64
C GLN E 298 23.74 -0.94 46.99
N ARG E 299 23.68 -1.30 48.27
CA ARG E 299 23.85 -2.71 48.68
C ARG E 299 22.70 -3.56 48.11
N LEU E 300 21.47 -3.06 48.15
CA LEU E 300 20.31 -3.81 47.61
C LEU E 300 20.52 -4.10 46.12
N GLY E 301 21.00 -3.12 45.36
CA GLY E 301 21.31 -3.32 43.92
C GLY E 301 22.38 -4.38 43.71
N GLU E 302 23.42 -4.38 44.55
CA GLU E 302 24.50 -5.41 44.48
C GLU E 302 23.90 -6.80 44.76
N ILE E 303 22.99 -6.91 45.73
CA ILE E 303 22.35 -8.21 46.08
C ILE E 303 21.53 -8.68 44.88
N VAL E 304 20.78 -7.78 44.25
CA VAL E 304 19.96 -8.16 43.06
C VAL E 304 20.90 -8.73 41.98
N ASP E 305 22.02 -8.08 41.69
CA ASP E 305 22.96 -8.59 40.65
C ASP E 305 23.53 -9.95 41.07
N GLU E 306 23.88 -10.11 42.34
CA GLU E 306 24.42 -11.40 42.84
C GLU E 306 23.39 -12.51 42.59
N MET E 307 22.12 -12.25 42.88
CA MET E 307 21.06 -13.26 42.74
C MET E 307 20.76 -13.52 41.25
N MET E 308 20.77 -12.50 40.41
CA MET E 308 20.55 -12.69 38.94
C MET E 308 21.71 -13.53 38.35
N ALA E 309 22.95 -13.33 38.85
CA ALA E 309 24.14 -14.08 38.37
C ALA E 309 24.00 -15.58 38.67
N LYS E 310 23.29 -15.96 39.74
CA LYS E 310 23.07 -17.38 40.14
C LYS E 310 22.07 -18.08 39.22
N ARG E 311 21.25 -17.37 38.43
CA ARG E 311 20.21 -18.00 37.57
C ARG E 311 20.87 -18.81 36.44
N THR F 30 -47.90 54.35 -10.98
CA THR F 30 -48.81 53.26 -11.46
C THR F 30 -50.27 53.73 -11.40
N ARG F 31 -51.13 53.03 -12.14
CA ARG F 31 -52.60 53.16 -12.01
C ARG F 31 -52.99 52.59 -10.64
N ALA F 32 -54.25 52.78 -10.25
CA ALA F 32 -54.84 52.20 -9.03
C ALA F 32 -54.61 50.68 -8.98
N SER F 33 -54.66 49.99 -10.12
CA SER F 33 -54.48 48.52 -10.24
C SER F 33 -53.06 48.10 -9.89
N GLY F 34 -52.10 49.03 -9.86
CA GLY F 34 -50.67 48.72 -9.75
C GLY F 34 -50.01 48.52 -11.11
N GLY F 35 -50.77 48.58 -12.20
CA GLY F 35 -50.22 48.48 -13.56
C GLY F 35 -49.59 49.78 -13.98
N PHE F 36 -48.58 49.71 -14.86
CA PHE F 36 -47.95 50.90 -15.45
C PHE F 36 -48.60 51.17 -16.80
N ALA F 37 -49.16 52.37 -16.99
CA ALA F 37 -49.74 52.78 -18.29
C ALA F 37 -49.16 54.15 -18.61
N MET F 38 -47.91 54.16 -19.06
CA MET F 38 -47.13 55.42 -19.03
C MET F 38 -46.83 55.87 -20.46
N LEU F 39 -46.78 57.19 -20.61
CA LEU F 39 -46.63 57.88 -21.91
C LEU F 39 -45.22 58.47 -21.98
N ALA F 40 -44.53 58.28 -23.11
CA ALA F 40 -43.22 58.88 -23.36
C ALA F 40 -43.37 59.98 -24.41
N VAL F 41 -42.88 61.19 -24.11
CA VAL F 41 -42.78 62.27 -25.13
C VAL F 41 -41.39 62.89 -25.06
N ASP F 42 -40.38 62.17 -24.58
CA ASP F 42 -39.03 62.74 -24.29
C ASP F 42 -38.10 62.61 -25.49
N GLN F 43 -38.56 62.12 -26.65
CA GLN F 43 -37.65 61.88 -27.80
C GLN F 43 -37.15 63.25 -28.27
N ARG F 44 -35.86 63.33 -28.60
CA ARG F 44 -35.21 64.64 -28.87
C ARG F 44 -34.92 64.73 -30.37
N GLU F 45 -33.67 64.60 -30.81
CA GLU F 45 -33.38 64.69 -32.26
C GLU F 45 -34.14 63.59 -33.00
N ALA F 46 -34.39 62.43 -32.39
CA ALA F 46 -35.18 61.34 -33.00
C ALA F 46 -36.59 61.87 -33.35
N MET F 47 -37.17 62.74 -32.53
CA MET F 47 -38.52 63.29 -32.83
C MET F 47 -38.40 64.30 -33.97
N ARG F 48 -37.34 65.10 -34.02
CA ARG F 48 -37.13 66.06 -35.14
C ARG F 48 -37.07 65.25 -36.45
N LEU F 49 -36.36 64.12 -36.47
CA LEU F 49 -36.23 63.27 -37.68
C LEU F 49 -37.64 62.76 -38.07
N MET F 50 -38.50 62.43 -37.10
CA MET F 50 -39.87 61.94 -37.39
C MET F 50 -40.68 63.05 -38.08
N PHE F 51 -40.56 64.30 -37.61
CA PHE F 51 -41.28 65.45 -38.21
C PHE F 51 -40.80 65.64 -39.66
N ALA F 52 -39.49 65.61 -39.89
CA ALA F 52 -38.92 65.77 -41.25
C ALA F 52 -39.46 64.64 -42.14
N ALA F 53 -39.40 63.40 -41.68
CA ALA F 53 -39.86 62.21 -42.45
C ALA F 53 -41.36 62.33 -42.78
N ALA F 54 -42.16 62.99 -41.95
CA ALA F 54 -43.63 63.14 -42.15
C ALA F 54 -43.97 64.38 -42.97
N GLY F 55 -42.97 65.11 -43.48
CA GLY F 55 -43.16 66.21 -44.44
C GLY F 55 -43.26 67.58 -43.80
N ALA F 56 -42.85 67.75 -42.55
CA ALA F 56 -42.75 69.09 -41.91
C ALA F 56 -41.71 69.93 -42.67
N LYS F 57 -41.94 71.24 -42.77
CA LYS F 57 -40.99 72.22 -43.38
C LYS F 57 -39.67 72.11 -42.63
N THR F 58 -38.56 71.93 -43.37
CA THR F 58 -37.19 71.87 -42.80
C THR F 58 -36.52 73.23 -42.99
N PRO F 59 -35.61 73.67 -42.09
CA PRO F 59 -35.32 72.94 -40.85
C PRO F 59 -36.49 72.99 -39.85
N VAL F 60 -36.73 71.90 -39.13
CA VAL F 60 -37.83 71.83 -38.13
C VAL F 60 -37.41 72.62 -36.90
N ALA F 61 -38.15 73.67 -36.54
CA ALA F 61 -37.80 74.55 -35.40
C ALA F 61 -38.00 73.77 -34.10
N ASP F 62 -37.21 74.10 -33.07
CA ASP F 62 -37.39 73.53 -31.69
C ASP F 62 -38.85 73.71 -31.25
N SER F 63 -39.48 74.86 -31.56
CA SER F 63 -40.86 75.20 -31.11
C SER F 63 -41.86 74.17 -31.66
N VAL F 64 -41.62 73.57 -32.82
CA VAL F 64 -42.51 72.52 -33.39
C VAL F 64 -42.49 71.31 -32.44
N LEU F 65 -41.31 70.91 -31.96
CA LEU F 65 -41.19 69.76 -31.02
C LEU F 65 -41.87 70.13 -29.70
N THR F 66 -41.54 71.30 -29.16
CA THR F 66 -42.10 71.76 -27.86
C THR F 66 -43.63 71.77 -27.97
N ASP F 67 -44.19 72.36 -29.01
CA ASP F 67 -45.66 72.53 -29.14
C ASP F 67 -46.31 71.13 -29.22
N PHE F 68 -45.72 70.21 -29.98
CA PHE F 68 -46.26 68.83 -30.12
C PHE F 68 -46.19 68.12 -28.76
N LYS F 69 -45.05 68.19 -28.08
CA LYS F 69 -44.84 67.51 -26.77
C LYS F 69 -45.85 68.04 -25.75
N VAL F 70 -46.03 69.36 -25.68
CA VAL F 70 -46.95 69.97 -24.68
C VAL F 70 -48.40 69.59 -25.05
N ASN F 71 -48.77 69.62 -26.33
CA ASN F 71 -50.13 69.20 -26.77
C ASN F 71 -50.32 67.72 -26.43
N ALA F 72 -49.33 66.87 -26.67
CA ALA F 72 -49.42 65.43 -26.37
C ALA F 72 -49.64 65.26 -24.86
N ALA F 73 -48.87 65.96 -24.03
CA ALA F 73 -49.03 65.89 -22.56
C ALA F 73 -50.43 66.37 -22.19
N LYS F 74 -50.86 67.51 -22.72
CA LYS F 74 -52.17 68.12 -22.34
C LYS F 74 -53.30 67.14 -22.65
N ILE F 75 -53.28 66.55 -23.85
CA ILE F 75 -54.42 65.73 -24.35
C ILE F 75 -54.31 64.29 -23.85
N LEU F 76 -53.12 63.74 -23.71
CA LEU F 76 -52.96 62.29 -23.41
C LEU F 76 -52.66 62.03 -21.93
N SER F 77 -52.11 62.99 -21.18
CA SER F 77 -51.74 62.74 -19.76
C SER F 77 -52.96 62.32 -18.94
N PRO F 78 -54.22 62.73 -19.24
CA PRO F 78 -55.37 62.23 -18.49
C PRO F 78 -55.55 60.71 -18.55
N TYR F 79 -54.93 60.02 -19.50
CA TYR F 79 -55.06 58.54 -19.66
C TYR F 79 -53.83 57.80 -19.16
N ALA F 80 -52.82 58.52 -18.66
CA ALA F 80 -51.48 57.94 -18.34
C ALA F 80 -51.23 58.01 -16.83
N SER F 81 -50.58 56.97 -16.28
CA SER F 81 -50.18 56.95 -14.85
C SER F 81 -48.91 57.80 -14.65
N ALA F 82 -48.15 58.03 -15.72
CA ALA F 82 -46.95 58.88 -15.71
C ALA F 82 -46.67 59.33 -17.14
N VAL F 83 -46.02 60.48 -17.25
CA VAL F 83 -45.50 60.99 -18.54
C VAL F 83 -43.99 61.25 -18.38
N LEU F 84 -43.24 60.82 -19.39
CA LEU F 84 -41.77 61.00 -19.46
C LEU F 84 -41.46 62.21 -20.35
N LEU F 85 -40.85 63.22 -19.76
CA LEU F 85 -40.59 64.54 -20.36
C LEU F 85 -39.07 64.76 -20.39
N ASP F 86 -38.59 65.54 -21.35
CA ASP F 86 -37.16 65.92 -21.45
C ASP F 86 -37.02 67.41 -21.14
N GLN F 87 -35.93 67.78 -20.46
CA GLN F 87 -35.63 69.20 -20.19
C GLN F 87 -35.35 69.96 -21.50
N GLN F 88 -34.75 69.30 -22.50
CA GLN F 88 -34.30 70.01 -23.73
C GLN F 88 -35.48 70.72 -24.38
N PHE F 89 -36.66 70.08 -24.50
CA PHE F 89 -37.77 70.64 -25.32
C PHE F 89 -39.07 70.86 -24.55
N CYS F 90 -39.36 70.20 -23.42
CA CYS F 90 -40.75 70.31 -22.91
C CYS F 90 -40.93 70.28 -21.39
N TYR F 91 -39.96 69.92 -20.56
CA TYR F 91 -40.25 69.79 -19.10
C TYR F 91 -40.73 71.13 -18.53
N ARG F 92 -39.95 72.20 -18.73
CA ARG F 92 -40.23 73.54 -18.16
C ARG F 92 -41.59 74.01 -18.67
N GLN F 93 -41.83 73.85 -19.98
CA GLN F 93 -43.07 74.31 -20.66
C GLN F 93 -44.28 73.54 -20.13
N ALA F 94 -44.18 72.21 -19.98
CA ALA F 94 -45.31 71.39 -19.50
C ALA F 94 -45.69 71.82 -18.08
N VAL F 95 -44.69 72.10 -17.24
CA VAL F 95 -44.91 72.54 -15.83
C VAL F 95 -45.56 73.93 -15.86
N GLU F 96 -44.96 74.90 -16.57
CA GLU F 96 -45.42 76.31 -16.61
C GLU F 96 -46.86 76.36 -17.15
N GLN F 97 -47.21 75.52 -18.11
CA GLN F 97 -48.54 75.57 -18.80
C GLN F 97 -49.54 74.65 -18.12
N ASN F 98 -49.17 73.97 -17.02
CA ASN F 98 -50.06 73.02 -16.29
C ASN F 98 -50.61 71.99 -17.29
N ALA F 99 -49.79 71.50 -18.21
CA ALA F 99 -50.22 70.58 -19.29
C ALA F 99 -50.39 69.16 -18.74
N VAL F 100 -49.75 68.83 -17.61
CA VAL F 100 -49.78 67.43 -17.11
C VAL F 100 -50.92 67.30 -16.11
N ALA F 101 -51.89 66.42 -16.39
CA ALA F 101 -53.00 66.11 -15.48
C ALA F 101 -52.43 65.75 -14.10
N LYS F 102 -53.10 66.19 -13.01
CA LYS F 102 -52.58 65.92 -11.64
C LYS F 102 -52.54 64.40 -11.39
N SER F 103 -53.40 63.64 -12.06
CA SER F 103 -53.50 62.16 -11.96
C SER F 103 -52.29 61.49 -12.63
N CYS F 104 -51.47 62.24 -13.35
CA CYS F 104 -50.33 61.69 -14.15
C CYS F 104 -49.01 62.18 -13.55
N ALA F 105 -48.18 61.27 -13.04
CA ALA F 105 -46.87 61.60 -12.44
C ALA F 105 -45.90 62.09 -13.52
N MET F 106 -44.94 62.95 -13.16
CA MET F 106 -43.89 63.35 -14.13
C MET F 106 -42.63 62.51 -13.88
N ILE F 107 -42.10 61.96 -14.98
CA ILE F 107 -40.76 61.31 -15.06
C ILE F 107 -39.90 62.26 -15.88
N VAL F 108 -38.69 62.56 -15.42
CA VAL F 108 -37.78 63.46 -16.17
C VAL F 108 -36.63 62.63 -16.69
N ALA F 109 -36.34 62.76 -17.99
CA ALA F 109 -35.18 62.08 -18.60
C ALA F 109 -33.92 62.67 -17.97
N ALA F 110 -32.96 61.82 -17.62
CA ALA F 110 -31.67 62.26 -17.04
C ALA F 110 -30.53 61.76 -17.93
N ASP F 111 -30.83 61.46 -19.20
CA ASP F 111 -29.82 60.96 -20.16
C ASP F 111 -29.36 62.13 -21.05
N ASP F 112 -28.07 62.10 -21.37
CA ASP F 112 -27.45 63.07 -22.30
C ASP F 112 -27.10 62.27 -23.55
N PHE F 113 -27.83 62.50 -24.63
CA PHE F 113 -27.66 61.73 -25.87
C PHE F 113 -26.49 62.32 -26.64
N ILE F 114 -25.58 61.46 -27.11
CA ILE F 114 -24.47 61.90 -27.98
C ILE F 114 -24.69 61.28 -29.36
N PRO F 115 -24.87 62.12 -30.39
CA PRO F 115 -25.01 61.59 -31.75
C PRO F 115 -23.65 61.07 -32.25
N GLY F 116 -23.70 60.24 -33.27
CA GLY F 116 -22.49 59.69 -33.90
C GLY F 116 -22.85 58.64 -34.92
N ASN F 117 -21.95 58.39 -35.87
CA ASN F 117 -22.15 57.35 -36.90
C ASN F 117 -23.53 57.51 -37.54
N GLY F 118 -23.94 58.78 -37.75
CA GLY F 118 -25.14 59.13 -38.55
C GLY F 118 -26.44 58.93 -37.81
N ILE F 119 -26.43 58.65 -36.51
CA ILE F 119 -27.68 58.44 -35.72
C ILE F 119 -27.69 59.44 -34.56
N PRO F 120 -28.87 59.80 -34.05
CA PRO F 120 -28.96 60.77 -32.96
C PRO F 120 -28.49 60.26 -31.60
N VAL F 121 -28.59 58.96 -31.34
CA VAL F 121 -28.22 58.35 -30.03
C VAL F 121 -27.20 57.24 -30.26
N ASP F 122 -25.94 57.62 -30.44
CA ASP F 122 -24.81 56.67 -30.64
C ASP F 122 -24.21 56.32 -29.27
N ASN F 123 -24.24 57.26 -28.35
CA ASN F 123 -23.70 57.07 -26.99
C ASN F 123 -24.61 57.85 -26.03
N VAL F 124 -24.59 57.46 -24.76
CA VAL F 124 -25.45 58.10 -23.72
C VAL F 124 -24.65 58.14 -22.44
N VAL F 125 -24.70 59.28 -21.75
CA VAL F 125 -24.11 59.42 -20.40
C VAL F 125 -25.17 60.03 -19.49
N LEU F 126 -24.96 59.93 -18.18
CA LEU F 126 -25.81 60.62 -17.19
C LEU F 126 -25.70 62.13 -17.45
N ASP F 127 -26.83 62.84 -17.50
CA ASP F 127 -26.84 64.29 -17.75
C ASP F 127 -26.37 64.99 -16.47
N ALA F 134 -34.34 70.09 -7.61
CA ALA F 134 -35.19 71.11 -8.28
C ALA F 134 -36.36 70.43 -8.99
N VAL F 135 -36.13 69.33 -9.72
CA VAL F 135 -37.26 68.65 -10.42
C VAL F 135 -38.17 68.02 -9.36
N LYS F 136 -37.61 67.53 -8.24
CA LYS F 136 -38.43 67.01 -7.12
C LYS F 136 -39.33 68.11 -6.56
N ARG F 137 -38.80 69.31 -6.35
CA ARG F 137 -39.59 70.46 -5.82
C ARG F 137 -40.77 70.75 -6.77
N ASP F 138 -40.57 70.57 -8.07
CA ASP F 138 -41.63 70.82 -9.09
C ASP F 138 -42.68 69.70 -9.10
N GLY F 139 -42.44 68.57 -8.42
CA GLY F 139 -43.42 67.48 -8.28
C GLY F 139 -43.04 66.21 -9.01
N ALA F 140 -41.91 66.18 -9.73
CA ALA F 140 -41.46 64.98 -10.48
C ALA F 140 -41.25 63.83 -9.50
N LYS F 141 -41.53 62.60 -9.91
CA LYS F 141 -41.47 61.41 -9.02
C LYS F 141 -40.37 60.45 -9.44
N ALA F 142 -39.81 60.60 -10.65
CA ALA F 142 -38.84 59.62 -11.17
C ALA F 142 -37.95 60.26 -12.22
N LEU F 143 -36.76 59.66 -12.40
CA LEU F 143 -35.87 59.98 -13.53
C LEU F 143 -35.74 58.72 -14.39
N LYS F 144 -35.32 58.93 -15.64
CA LYS F 144 -35.16 57.84 -16.61
C LYS F 144 -33.77 57.91 -17.24
N LEU F 145 -33.15 56.75 -17.45
CA LEU F 145 -31.82 56.68 -18.09
C LEU F 145 -31.79 55.58 -19.15
N LEU F 146 -31.60 55.98 -20.40
CA LEU F 146 -31.26 55.05 -21.51
C LEU F 146 -29.86 54.48 -21.27
N VAL F 147 -29.70 53.17 -21.42
CA VAL F 147 -28.38 52.50 -21.35
C VAL F 147 -28.19 51.73 -22.66
N LEU F 148 -27.29 52.19 -23.53
CA LEU F 148 -27.01 51.43 -24.77
C LEU F 148 -26.13 50.22 -24.46
N TRP F 149 -26.55 49.07 -24.94
CA TRP F 149 -25.89 47.78 -24.64
C TRP F 149 -25.28 47.23 -25.91
N ARG F 150 -23.96 47.01 -25.90
CA ARG F 150 -23.24 46.34 -27.02
C ARG F 150 -22.38 45.21 -26.45
N SER F 151 -22.33 44.09 -27.16
CA SER F 151 -21.67 42.84 -26.72
C SER F 151 -20.17 43.08 -26.51
N ASP F 152 -19.56 44.06 -27.18
CA ASP F 152 -18.08 44.27 -27.13
C ASP F 152 -17.75 45.55 -26.37
N GLU F 153 -18.69 46.12 -25.64
CA GLU F 153 -18.41 47.26 -24.73
C GLU F 153 -18.45 46.74 -23.29
N ASP F 154 -17.75 47.42 -22.40
CA ASP F 154 -17.47 46.92 -21.03
C ASP F 154 -18.74 46.97 -20.17
N ALA F 155 -19.17 45.82 -19.65
CA ALA F 155 -20.31 45.71 -18.72
C ALA F 155 -20.07 46.59 -17.49
N GLN F 156 -18.83 46.65 -16.98
CA GLN F 156 -18.57 47.35 -15.70
C GLN F 156 -18.88 48.85 -15.87
N GLN F 157 -18.59 49.46 -17.03
CA GLN F 157 -18.89 50.89 -17.28
C GLN F 157 -20.41 51.12 -17.25
N ARG F 158 -21.19 50.22 -17.83
CA ARG F 158 -22.68 50.32 -17.80
C ARG F 158 -23.17 50.20 -16.35
N LEU F 159 -22.70 49.19 -15.63
CA LEU F 159 -23.10 48.96 -14.22
C LEU F 159 -22.73 50.18 -13.36
N ASN F 160 -21.55 50.77 -13.58
CA ASN F 160 -21.11 51.96 -12.81
C ASN F 160 -22.03 53.15 -13.11
N MET F 161 -22.42 53.33 -14.37
CA MET F 161 -23.32 54.46 -14.73
C MET F 161 -24.68 54.22 -14.06
N VAL F 162 -25.19 52.99 -14.06
CA VAL F 162 -26.51 52.68 -13.43
C VAL F 162 -26.41 52.93 -11.92
N LYS F 163 -25.31 52.52 -11.27
CA LYS F 163 -25.12 52.75 -9.81
C LYS F 163 -25.15 54.27 -9.52
N GLU F 164 -24.40 55.07 -10.29
CA GLU F 164 -24.36 56.55 -10.09
C GLU F 164 -25.77 57.12 -10.29
N PHE F 165 -26.48 56.67 -11.32
CA PHE F 165 -27.86 57.11 -11.63
C PHE F 165 -28.81 56.75 -10.46
N ASN F 166 -28.77 55.51 -9.98
CA ASN F 166 -29.64 55.04 -8.87
C ASN F 166 -29.39 55.95 -7.65
N GLU F 167 -28.13 56.29 -7.38
CA GLU F 167 -27.76 57.12 -6.20
C GLU F 167 -28.32 58.54 -6.40
N LEU F 168 -28.22 59.10 -7.61
CA LEU F 168 -28.79 60.43 -7.93
C LEU F 168 -30.30 60.42 -7.64
N CYS F 169 -31.01 59.39 -8.09
CA CYS F 169 -32.48 59.26 -7.88
C CYS F 169 -32.76 59.08 -6.37
N HIS F 170 -32.22 58.02 -5.77
CA HIS F 170 -32.61 57.56 -4.41
C HIS F 170 -32.23 58.60 -3.36
N SER F 171 -31.09 59.26 -3.52
CA SER F 171 -30.61 60.31 -2.58
C SER F 171 -31.56 61.51 -2.62
N ASN F 172 -32.41 61.62 -3.65
CA ASN F 172 -33.35 62.76 -3.82
C ASN F 172 -34.80 62.28 -3.68
N GLY F 173 -35.04 61.05 -3.26
CA GLY F 173 -36.39 60.49 -3.05
C GLY F 173 -37.11 60.26 -4.37
N LEU F 174 -36.37 60.10 -5.47
CA LEU F 174 -36.96 59.85 -6.82
C LEU F 174 -36.80 58.37 -7.17
N LEU F 175 -37.72 57.84 -7.97
CA LEU F 175 -37.60 56.47 -8.54
C LEU F 175 -36.58 56.50 -9.69
N SER F 176 -35.92 55.38 -9.91
CA SER F 176 -34.95 55.16 -11.01
C SER F 176 -35.56 54.23 -12.04
N ILE F 177 -35.67 54.70 -13.28
CA ILE F 177 -36.16 53.88 -14.43
C ILE F 177 -35.02 53.74 -15.42
N ILE F 178 -34.57 52.52 -15.68
CA ILE F 178 -33.48 52.27 -16.66
C ILE F 178 -34.07 51.62 -17.91
N GLU F 179 -33.48 51.96 -19.05
CA GLU F 179 -33.97 51.53 -20.39
C GLU F 179 -32.78 50.96 -21.16
N PRO F 180 -32.44 49.67 -20.98
CA PRO F 180 -31.39 49.05 -21.76
C PRO F 180 -31.87 48.83 -23.20
N VAL F 181 -31.10 49.33 -24.16
CA VAL F 181 -31.43 49.22 -25.61
C VAL F 181 -30.22 48.56 -26.29
N VAL F 182 -30.46 47.47 -27.02
CA VAL F 182 -29.35 46.70 -27.63
C VAL F 182 -28.97 47.32 -28.98
N ARG F 183 -27.67 47.32 -29.25
CA ARG F 183 -27.12 47.83 -30.52
C ARG F 183 -26.10 46.82 -31.02
N PRO F 184 -25.82 46.80 -32.34
CA PRO F 184 -24.76 45.95 -32.87
C PRO F 184 -23.42 46.31 -32.26
N PRO F 185 -22.47 45.35 -32.23
CA PRO F 185 -21.17 45.59 -31.62
C PRO F 185 -20.42 46.68 -32.39
N ARG F 186 -19.51 47.36 -31.70
CA ARG F 186 -18.66 48.41 -32.32
C ARG F 186 -17.80 47.77 -33.41
N CYS F 187 -17.35 46.53 -33.17
CA CYS F 187 -16.47 45.78 -34.09
CA CYS F 187 -16.46 45.78 -34.09
C CYS F 187 -17.03 44.37 -34.24
N GLY F 188 -17.15 43.88 -35.47
CA GLY F 188 -17.67 42.53 -35.76
C GLY F 188 -19.03 42.62 -36.42
N ASP F 189 -19.56 41.50 -36.89
CA ASP F 189 -20.86 41.46 -37.60
C ASP F 189 -21.77 40.39 -36.99
N LYS F 190 -21.38 39.84 -35.83
CA LYS F 190 -22.23 38.92 -35.05
C LYS F 190 -23.18 39.79 -34.23
N PHE F 191 -24.43 39.92 -34.69
CA PHE F 191 -25.49 40.59 -33.89
C PHE F 191 -26.77 39.77 -33.92
N ASP F 192 -27.09 39.19 -32.77
CA ASP F 192 -28.35 38.46 -32.53
C ASP F 192 -29.17 39.34 -31.59
N ARG F 193 -30.12 40.10 -32.14
CA ARG F 193 -30.90 41.09 -31.36
C ARG F 193 -31.61 40.41 -30.18
N GLU F 194 -32.21 39.25 -30.40
CA GLU F 194 -33.01 38.54 -29.35
C GLU F 194 -32.08 38.09 -28.23
N GLN F 195 -30.91 37.55 -28.56
CA GLN F 195 -29.93 37.14 -27.52
C GLN F 195 -29.38 38.38 -26.80
N ALA F 196 -29.14 39.49 -27.52
CA ALA F 196 -28.63 40.73 -26.89
C ALA F 196 -29.62 41.22 -25.83
N ILE F 197 -30.93 41.18 -26.12
CA ILE F 197 -31.96 41.65 -25.13
C ILE F 197 -31.84 40.79 -23.85
N ILE F 198 -31.68 39.49 -24.01
CA ILE F 198 -31.50 38.55 -22.86
C ILE F 198 -30.20 38.89 -22.12
N ASP F 199 -29.10 39.10 -22.85
CA ASP F 199 -27.78 39.35 -22.23
C ASP F 199 -27.84 40.67 -21.45
N ALA F 200 -28.52 41.69 -21.99
CA ALA F 200 -28.67 42.99 -21.30
C ALA F 200 -29.44 42.78 -19.99
N ALA F 201 -30.49 41.95 -20.01
CA ALA F 201 -31.31 41.69 -18.80
C ALA F 201 -30.48 40.88 -17.79
N LYS F 202 -29.70 39.90 -18.25
CA LYS F 202 -28.81 39.15 -17.33
C LYS F 202 -27.84 40.12 -16.65
N GLU F 203 -27.37 41.13 -17.36
CA GLU F 203 -26.37 42.10 -16.83
C GLU F 203 -27.06 43.12 -15.92
N LEU F 204 -28.21 43.69 -16.31
CA LEU F 204 -28.77 44.92 -15.66
C LEU F 204 -30.10 44.65 -14.95
N GLY F 205 -30.64 43.43 -15.05
CA GLY F 205 -31.97 43.09 -14.52
C GLY F 205 -32.03 43.04 -13.01
N ASP F 206 -30.88 43.09 -12.33
CA ASP F 206 -30.83 43.11 -10.85
C ASP F 206 -29.90 44.24 -10.38
N SER F 207 -29.93 45.38 -11.05
CA SER F 207 -28.96 46.48 -10.86
C SER F 207 -29.45 47.50 -9.83
N GLY F 208 -30.57 47.24 -9.14
CA GLY F 208 -31.07 48.06 -8.02
C GLY F 208 -31.90 49.26 -8.48
N ALA F 209 -32.22 49.39 -9.77
CA ALA F 209 -33.19 50.39 -10.28
C ALA F 209 -34.59 49.99 -9.78
N ASP F 210 -35.54 50.92 -9.82
CA ASP F 210 -36.93 50.65 -9.39
C ASP F 210 -37.74 50.02 -10.53
N LEU F 211 -37.38 50.29 -11.78
CA LEU F 211 -38.18 49.84 -12.95
C LEU F 211 -37.26 49.62 -14.15
N TYR F 212 -37.47 48.51 -14.83
CA TYR F 212 -36.75 48.09 -16.05
C TYR F 212 -37.67 48.29 -17.26
N LYS F 213 -37.26 49.13 -18.19
CA LYS F 213 -38.02 49.43 -19.43
C LYS F 213 -37.30 48.74 -20.58
N VAL F 214 -37.96 47.80 -21.24
CA VAL F 214 -37.27 46.87 -22.18
C VAL F 214 -37.94 46.88 -23.56
N GLU F 215 -37.14 46.61 -24.57
CA GLU F 215 -37.61 46.36 -25.95
C GLU F 215 -38.40 45.05 -26.00
N MET F 216 -39.45 45.02 -26.80
CA MET F 216 -40.29 43.81 -26.93
C MET F 216 -39.54 42.77 -27.75
N PRO F 217 -39.38 41.53 -27.26
CA PRO F 217 -38.85 40.45 -28.08
C PRO F 217 -39.59 40.33 -29.42
N LEU F 218 -38.83 40.03 -30.47
CA LEU F 218 -39.34 39.67 -31.82
C LEU F 218 -40.11 40.83 -32.45
N TYR F 219 -39.94 42.05 -31.96
CA TYR F 219 -40.65 43.27 -32.44
C TYR F 219 -42.17 43.07 -32.32
N GLY F 220 -42.62 42.18 -31.42
CA GLY F 220 -44.05 41.87 -31.23
C GLY F 220 -44.67 41.13 -32.42
N LYS F 221 -43.86 40.60 -33.33
CA LYS F 221 -44.33 39.94 -34.57
C LYS F 221 -44.48 38.43 -34.35
N GLY F 222 -45.24 37.78 -35.23
CA GLY F 222 -45.29 36.32 -35.34
C GLY F 222 -46.38 35.70 -34.48
N ALA F 223 -46.30 34.39 -34.28
CA ALA F 223 -47.28 33.61 -33.49
C ALA F 223 -47.26 34.06 -32.04
N ARG F 224 -48.44 34.19 -31.44
CA ARG F 224 -48.61 34.57 -30.03
C ARG F 224 -47.79 33.62 -29.14
N SER F 225 -47.80 32.32 -29.43
CA SER F 225 -47.15 31.30 -28.57
C SER F 225 -45.63 31.55 -28.52
N ASP F 226 -45.00 31.90 -29.64
CA ASP F 226 -43.54 32.17 -29.70
C ASP F 226 -43.24 33.49 -28.96
N LEU F 227 -44.12 34.46 -29.09
CA LEU F 227 -43.97 35.77 -28.42
C LEU F 227 -44.02 35.56 -26.89
N LEU F 228 -44.94 34.71 -26.44
CA LEU F 228 -45.07 34.42 -24.99
C LEU F 228 -43.79 33.74 -24.47
N THR F 229 -43.32 32.69 -25.16
CA THR F 229 -42.08 31.97 -24.76
C THR F 229 -40.92 32.96 -24.65
N ALA F 230 -40.75 33.85 -25.63
CA ALA F 230 -39.64 34.83 -25.67
C ALA F 230 -39.79 35.81 -24.50
N SER F 231 -41.02 36.19 -24.17
CA SER F 231 -41.31 37.14 -23.07
C SER F 231 -41.06 36.47 -21.72
N GLN F 232 -41.38 35.18 -21.60
CA GLN F 232 -41.17 34.43 -20.33
C GLN F 232 -39.67 34.25 -20.10
N ARG F 233 -38.92 33.99 -21.18
CA ARG F 233 -37.45 33.86 -21.09
C ARG F 233 -36.88 35.18 -20.54
N LEU F 234 -37.33 36.30 -21.07
CA LEU F 234 -36.86 37.65 -20.65
C LEU F 234 -37.25 37.89 -19.18
N ASN F 235 -38.49 37.57 -18.82
CA ASN F 235 -39.01 37.77 -17.44
C ASN F 235 -38.07 37.10 -16.42
N GLY F 236 -37.58 35.90 -16.73
CA GLY F 236 -36.73 35.10 -15.82
C GLY F 236 -35.44 35.83 -15.45
N HIS F 237 -35.00 36.81 -16.24
CA HIS F 237 -33.71 37.52 -16.01
C HIS F 237 -33.94 38.92 -15.40
N ILE F 238 -35.18 39.32 -15.15
CA ILE F 238 -35.45 40.67 -14.61
C ILE F 238 -35.98 40.55 -13.17
N ASN F 239 -35.26 41.14 -12.22
CA ASN F 239 -35.55 40.97 -10.78
C ASN F 239 -36.11 42.28 -10.20
N MET F 240 -36.79 43.07 -11.02
CA MET F 240 -37.51 44.29 -10.62
C MET F 240 -38.77 44.34 -11.49
N PRO F 241 -39.76 45.20 -11.18
CA PRO F 241 -40.90 45.35 -12.10
C PRO F 241 -40.37 45.78 -13.48
N TRP F 242 -41.03 45.34 -14.54
CA TRP F 242 -40.61 45.71 -15.91
C TRP F 242 -41.80 46.07 -16.77
N VAL F 243 -41.56 46.96 -17.73
CA VAL F 243 -42.57 47.43 -18.70
C VAL F 243 -41.93 47.38 -20.08
N ILE F 244 -42.74 47.33 -21.13
CA ILE F 244 -42.23 47.34 -22.52
C ILE F 244 -42.37 48.74 -23.11
N LEU F 245 -41.40 49.07 -23.96
CA LEU F 245 -41.45 50.27 -24.83
C LEU F 245 -41.92 49.81 -26.22
N SER F 246 -42.34 50.77 -27.04
CA SER F 246 -43.03 50.45 -28.33
C SER F 246 -42.09 50.61 -29.52
N SER F 247 -40.93 51.25 -29.37
CA SER F 247 -40.00 51.45 -30.50
C SER F 247 -39.72 50.08 -31.16
N GLY F 248 -39.96 49.98 -32.46
CA GLY F 248 -39.74 48.74 -33.23
C GLY F 248 -40.98 47.86 -33.34
N VAL F 249 -42.05 48.16 -32.59
CA VAL F 249 -43.31 47.35 -32.62
C VAL F 249 -44.35 48.13 -33.42
N ASP F 250 -44.92 47.48 -34.43
CA ASP F 250 -46.03 48.10 -35.20
C ASP F 250 -47.13 48.53 -34.22
N GLU F 251 -47.69 49.72 -34.36
CA GLU F 251 -48.72 50.23 -33.42
C GLU F 251 -49.89 49.24 -33.35
N LYS F 252 -50.18 48.48 -34.41
CA LYS F 252 -51.30 47.52 -34.44
C LYS F 252 -50.97 46.26 -33.64
N LEU F 253 -49.69 45.96 -33.42
CA LEU F 253 -49.25 44.75 -32.68
C LEU F 253 -48.91 45.11 -31.22
N PHE F 254 -48.89 46.39 -30.87
CA PHE F 254 -48.44 46.82 -29.52
C PHE F 254 -49.47 46.38 -28.48
N PRO F 255 -50.79 46.45 -28.71
CA PRO F 255 -51.75 45.98 -27.71
C PRO F 255 -51.55 44.49 -27.36
N ARG F 256 -51.32 43.66 -28.38
CA ARG F 256 -51.03 42.22 -28.13
C ARG F 256 -49.69 42.09 -27.39
N ALA F 257 -48.70 42.89 -27.75
CA ALA F 257 -47.36 42.83 -27.10
C ALA F 257 -47.52 43.12 -25.61
N VAL F 258 -48.34 44.12 -25.23
CA VAL F 258 -48.56 44.45 -23.81
C VAL F 258 -49.22 43.25 -23.13
N ARG F 259 -50.25 42.69 -23.75
CA ARG F 259 -50.97 41.52 -23.18
C ARG F 259 -49.99 40.37 -22.95
N VAL F 260 -49.19 40.04 -23.95
CA VAL F 260 -48.28 38.87 -23.88
C VAL F 260 -47.14 39.15 -22.87
N ALA F 261 -46.55 40.35 -22.90
CA ALA F 261 -45.48 40.71 -21.96
C ALA F 261 -46.02 40.60 -20.53
N MET F 262 -47.24 41.08 -20.29
CA MET F 262 -47.83 41.06 -18.93
C MET F 262 -48.17 39.61 -18.55
N GLU F 263 -48.62 38.79 -19.49
CA GLU F 263 -48.83 37.34 -19.20
C GLU F 263 -47.52 36.72 -18.74
N ALA F 264 -46.39 37.16 -19.32
CA ALA F 264 -45.05 36.65 -19.01
C ALA F 264 -44.49 37.24 -17.70
N GLY F 265 -45.08 38.29 -17.15
CA GLY F 265 -44.64 38.85 -15.86
C GLY F 265 -44.36 40.35 -15.89
N ALA F 266 -44.45 41.01 -17.05
CA ALA F 266 -44.34 42.48 -17.12
C ALA F 266 -45.53 43.11 -16.37
N SER F 267 -45.42 44.40 -16.04
CA SER F 267 -46.44 45.14 -15.24
C SER F 267 -47.02 46.29 -16.06
N GLY F 268 -46.69 46.39 -17.34
CA GLY F 268 -47.34 47.37 -18.24
C GLY F 268 -46.40 47.89 -19.30
N PHE F 269 -46.51 49.18 -19.60
CA PHE F 269 -45.83 49.79 -20.76
C PHE F 269 -45.42 51.21 -20.43
N LEU F 270 -44.40 51.67 -21.15
CA LEU F 270 -44.04 53.11 -21.20
C LEU F 270 -43.79 53.37 -22.68
N ALA F 271 -44.79 53.96 -23.35
CA ALA F 271 -44.86 53.98 -24.83
C ALA F 271 -45.01 55.41 -25.33
N GLY F 272 -44.37 55.69 -26.47
CA GLY F 272 -44.53 56.95 -27.21
C GLY F 272 -45.04 56.63 -28.61
N ARG F 273 -44.22 56.00 -29.43
CA ARG F 273 -44.47 55.89 -30.88
C ARG F 273 -45.81 55.17 -31.13
N ALA F 274 -46.11 54.08 -30.45
CA ALA F 274 -47.32 53.27 -30.69
C ALA F 274 -48.58 54.06 -30.28
N VAL F 275 -48.42 55.18 -29.60
CA VAL F 275 -49.56 56.06 -29.22
C VAL F 275 -49.66 57.22 -30.21
N TRP F 276 -48.58 57.96 -30.49
CA TRP F 276 -48.69 59.27 -31.19
C TRP F 276 -47.87 59.37 -32.47
N SER F 277 -47.04 58.39 -32.86
CA SER F 277 -46.18 58.57 -34.07
C SER F 277 -47.06 58.81 -35.30
N SER F 278 -48.22 58.16 -35.38
CA SER F 278 -49.04 58.16 -36.63
C SER F 278 -49.67 59.54 -36.87
N VAL F 279 -49.75 60.44 -35.88
CA VAL F 279 -50.39 61.76 -36.09
C VAL F 279 -49.36 62.83 -36.43
N ILE F 280 -48.06 62.53 -36.37
CA ILE F 280 -47.02 63.54 -36.68
C ILE F 280 -47.18 63.96 -38.15
N GLY F 281 -47.32 65.26 -38.38
CA GLY F 281 -47.42 65.84 -39.73
C GLY F 281 -48.85 65.88 -40.26
N LEU F 282 -49.83 65.27 -39.57
CA LEU F 282 -51.25 65.40 -39.97
C LEU F 282 -51.73 66.81 -39.64
N PRO F 283 -52.73 67.35 -40.38
CA PRO F 283 -53.33 68.63 -40.01
C PRO F 283 -54.11 68.50 -38.68
N ASP F 284 -54.33 69.62 -37.99
CA ASP F 284 -55.20 69.70 -36.78
C ASP F 284 -54.63 68.77 -35.70
N THR F 285 -53.40 69.01 -35.27
CA THR F 285 -52.67 68.15 -34.29
C THR F 285 -53.53 67.85 -33.06
N GLU F 286 -54.14 68.86 -32.44
CA GLU F 286 -54.91 68.65 -31.18
C GLU F 286 -56.09 67.72 -31.44
N LEU F 287 -56.78 67.88 -32.57
CA LEU F 287 -57.91 66.99 -32.94
C LEU F 287 -57.38 65.56 -33.14
N MET F 288 -56.25 65.42 -33.83
CA MET F 288 -55.66 64.09 -34.15
C MET F 288 -55.21 63.39 -32.87
N LEU F 289 -54.57 64.10 -31.94
CA LEU F 289 -54.16 63.49 -30.66
C LEU F 289 -55.40 62.97 -29.92
N ARG F 290 -56.50 63.72 -29.93
CA ARG F 290 -57.74 63.32 -29.21
C ARG F 290 -58.43 62.16 -29.94
N ASP F 291 -58.47 62.16 -31.28
CA ASP F 291 -59.33 61.21 -32.05
C ASP F 291 -58.56 59.96 -32.48
N VAL F 292 -57.24 60.04 -32.64
CA VAL F 292 -56.42 58.92 -33.16
C VAL F 292 -55.55 58.35 -32.04
N SER F 293 -54.79 59.21 -31.37
CA SER F 293 -53.81 58.76 -30.33
C SER F 293 -54.54 58.35 -29.04
N ALA F 294 -55.46 59.15 -28.53
CA ALA F 294 -56.09 58.91 -27.21
C ALA F 294 -56.79 57.55 -27.19
N PRO F 295 -57.59 57.13 -28.19
CA PRO F 295 -58.22 55.83 -28.13
C PRO F 295 -57.23 54.67 -28.02
N LYS F 296 -56.07 54.80 -28.65
CA LYS F 296 -55.02 53.75 -28.56
C LYS F 296 -54.44 53.72 -27.13
N LEU F 297 -54.17 54.87 -26.54
CA LEU F 297 -53.61 54.93 -25.15
C LEU F 297 -54.67 54.43 -24.16
N GLN F 298 -55.94 54.80 -24.36
CA GLN F 298 -57.06 54.34 -23.51
C GLN F 298 -57.12 52.81 -23.56
N ARG F 299 -57.05 52.21 -24.75
CA ARG F 299 -57.17 50.75 -24.88
C ARG F 299 -55.98 50.08 -24.18
N LEU F 300 -54.77 50.62 -24.33
CA LEU F 300 -53.58 50.02 -23.69
C LEU F 300 -53.78 50.02 -22.16
N GLY F 301 -54.29 51.13 -21.60
CA GLY F 301 -54.57 51.23 -20.15
C GLY F 301 -55.60 50.20 -19.71
N GLU F 302 -56.65 49.98 -20.51
CA GLU F 302 -57.70 48.96 -20.21
C GLU F 302 -57.06 47.57 -20.21
N ILE F 303 -56.16 47.29 -21.15
CA ILE F 303 -55.48 45.96 -21.24
C ILE F 303 -54.63 45.79 -19.97
N VAL F 304 -53.90 46.82 -19.57
CA VAL F 304 -53.06 46.76 -18.35
C VAL F 304 -53.95 46.38 -17.15
N ASP F 305 -55.08 47.05 -16.98
CA ASP F 305 -55.98 46.75 -15.82
C ASP F 305 -56.51 45.31 -15.93
N GLU F 306 -56.88 44.86 -17.13
CA GLU F 306 -57.40 43.49 -17.33
C GLU F 306 -56.33 42.50 -16.88
N MET F 307 -55.07 42.73 -17.24
CA MET F 307 -53.98 41.78 -16.94
C MET F 307 -53.64 41.85 -15.45
N MET F 308 -53.65 43.03 -14.83
CA MET F 308 -53.38 43.16 -13.38
C MET F 308 -54.50 42.44 -12.59
N ALA F 309 -55.75 42.49 -13.07
CA ALA F 309 -56.91 41.84 -12.39
C ALA F 309 -56.72 40.31 -12.38
N LYS F 310 -56.05 39.73 -13.38
CA LYS F 310 -55.82 38.26 -13.48
C LYS F 310 -54.76 37.81 -12.46
N ARG F 311 -54.05 38.73 -11.80
CA ARG F 311 -52.82 38.44 -11.00
C ARG F 311 -53.18 38.30 -9.51
N ASN G 23 6.58 -3.36 17.66
CA ASN G 23 7.29 -2.39 16.77
C ASN G 23 8.49 -1.82 17.56
N TYR G 24 9.72 -2.15 17.17
CA TYR G 24 10.92 -1.66 17.88
C TYR G 24 11.11 -0.18 17.51
N THR G 25 11.69 0.59 18.41
CA THR G 25 12.11 1.97 18.14
C THR G 25 13.59 2.12 18.47
N ILE G 26 14.15 3.25 18.11
CA ILE G 26 15.56 3.64 18.32
C ILE G 26 16.00 3.35 19.75
N LYS G 27 15.14 3.56 20.77
CA LYS G 27 15.54 3.35 22.18
C LYS G 27 16.00 1.90 22.38
N ASP G 28 15.58 0.96 21.56
CA ASP G 28 15.90 -0.48 21.71
C ASP G 28 17.35 -0.78 21.34
N ILE G 29 18.06 0.11 20.65
CA ILE G 29 19.47 -0.17 20.24
C ILE G 29 20.42 0.90 20.79
N THR G 30 19.96 1.78 21.68
CA THR G 30 20.78 2.87 22.26
C THR G 30 21.15 2.57 23.71
N ARG G 31 22.16 3.28 24.21
CA ARG G 31 22.47 3.34 25.66
C ARG G 31 21.33 4.08 26.35
N ALA G 32 21.31 4.07 27.69
CA ALA G 32 20.29 4.80 28.48
C ALA G 32 20.28 6.29 28.10
N SER G 33 21.45 6.87 27.77
CA SER G 33 21.64 8.28 27.37
C SER G 33 20.94 8.60 26.04
N GLY G 34 20.58 7.58 25.25
CA GLY G 34 20.07 7.77 23.89
C GLY G 34 21.20 7.74 22.86
N GLY G 35 22.46 7.61 23.28
CA GLY G 35 23.57 7.52 22.31
C GLY G 35 23.70 6.10 21.76
N PHE G 36 24.24 5.96 20.56
CA PHE G 36 24.50 4.64 19.95
C PHE G 36 25.95 4.26 20.21
N ALA G 37 26.17 3.10 20.83
CA ALA G 37 27.54 2.56 21.07
C ALA G 37 27.56 1.12 20.58
N MET G 38 27.62 0.94 19.27
CA MET G 38 27.28 -0.36 18.67
C MET G 38 28.53 -1.01 18.04
N LEU G 39 28.56 -2.33 18.09
CA LEU G 39 29.70 -3.18 17.69
C LEU G 39 29.32 -3.90 16.40
N ALA G 40 30.22 -3.90 15.41
CA ALA G 40 30.05 -4.66 14.16
C ALA G 40 31.02 -5.83 14.16
N VAL G 41 30.52 -7.04 13.92
CA VAL G 41 31.38 -8.22 13.67
C VAL G 41 30.88 -8.98 12.43
N ASP G 42 30.19 -8.30 11.51
CA ASP G 42 29.51 -8.95 10.36
C ASP G 42 30.42 -9.06 9.12
N GLN G 43 31.69 -8.67 9.21
CA GLN G 43 32.58 -8.68 8.02
C GLN G 43 32.78 -10.13 7.55
N ARG G 44 32.74 -10.36 6.24
CA ARG G 44 32.67 -11.72 5.66
C ARG G 44 34.03 -12.03 5.01
N GLU G 45 34.10 -12.11 3.69
CA GLU G 45 35.41 -12.39 3.03
C GLU G 45 36.42 -11.32 3.38
N ALA G 46 36.01 -10.07 3.65
CA ALA G 46 36.95 -9.01 4.08
C ALA G 46 37.64 -9.44 5.40
N MET G 47 36.92 -10.14 6.29
CA MET G 47 37.54 -10.60 7.55
C MET G 47 38.49 -11.76 7.27
N ARG G 48 38.15 -12.64 6.35
CA ARG G 48 39.09 -13.75 5.98
C ARG G 48 40.40 -13.14 5.45
N LEU G 49 40.31 -12.10 4.63
CA LEU G 49 41.53 -11.41 4.10
C LEU G 49 42.33 -10.80 5.24
N MET G 50 41.67 -10.28 6.28
CA MET G 50 42.38 -9.69 7.45
C MET G 50 43.16 -10.80 8.18
N PHE G 51 42.58 -11.99 8.34
CA PHE G 51 43.25 -13.13 9.02
C PHE G 51 44.49 -13.53 8.20
N ALA G 52 44.34 -13.66 6.88
CA ALA G 52 45.46 -14.01 5.98
C ALA G 52 46.58 -12.95 6.11
N ALA G 53 46.22 -11.67 6.03
CA ALA G 53 47.18 -10.54 6.12
C ALA G 53 47.91 -10.56 7.48
N ALA G 54 47.29 -11.06 8.56
CA ALA G 54 47.88 -11.09 9.92
C ALA G 54 48.67 -12.38 10.16
N GLY G 55 48.80 -13.25 9.16
CA GLY G 55 49.68 -14.43 9.22
C GLY G 55 48.97 -15.71 9.65
N ALA G 56 47.64 -15.75 9.64
CA ALA G 56 46.89 -17.01 9.88
C ALA G 56 47.23 -18.03 8.77
N LYS G 57 47.28 -19.32 9.11
CA LYS G 57 47.53 -20.42 8.15
C LYS G 57 46.45 -20.35 7.06
N THR G 58 46.84 -20.34 5.79
CA THR G 58 45.92 -20.32 4.62
C THR G 58 45.81 -21.74 4.07
N PRO G 59 44.66 -22.14 3.50
CA PRO G 59 43.45 -21.32 3.49
C PRO G 59 42.82 -21.18 4.88
N VAL G 60 42.28 -19.99 5.20
CA VAL G 60 41.64 -19.72 6.52
C VAL G 60 40.26 -20.39 6.52
N ALA G 61 40.02 -21.33 7.43
CA ALA G 61 38.74 -22.08 7.51
C ALA G 61 37.62 -21.12 7.97
N ASP G 62 36.40 -21.38 7.52
CA ASP G 62 35.17 -20.67 7.99
C ASP G 62 35.14 -20.67 9.53
N SER G 63 35.50 -21.77 10.17
CA SER G 63 35.43 -21.94 11.65
C SER G 63 36.30 -20.90 12.36
N VAL G 64 37.40 -20.46 11.74
CA VAL G 64 38.26 -19.40 12.34
C VAL G 64 37.46 -18.09 12.42
N LEU G 65 36.70 -17.76 11.38
CA LEU G 65 35.87 -16.53 11.38
C LEU G 65 34.76 -16.70 12.41
N THR G 66 34.05 -17.81 12.38
CA THR G 66 32.92 -18.07 13.29
C THR G 66 33.42 -17.95 14.74
N ASP G 67 34.53 -18.61 15.07
CA ASP G 67 35.03 -18.65 16.46
C ASP G 67 35.39 -17.23 16.90
N PHE G 68 36.05 -16.46 16.05
CA PHE G 68 36.46 -15.06 16.36
C PHE G 68 35.20 -14.20 16.57
N LYS G 69 34.23 -14.29 15.67
CA LYS G 69 32.99 -13.48 15.73
C LYS G 69 32.23 -13.80 17.03
N VAL G 70 32.09 -15.07 17.37
CA VAL G 70 31.32 -15.47 18.58
C VAL G 70 32.10 -15.03 19.84
N ASN G 71 33.41 -15.18 19.85
CA ASN G 71 34.25 -14.71 20.99
C ASN G 71 34.10 -13.19 21.11
N ALA G 72 34.15 -12.46 20.00
CA ALA G 72 34.04 -10.99 20.01
C ALA G 72 32.67 -10.61 20.60
N ALA G 73 31.59 -11.27 20.15
CA ALA G 73 30.24 -11.01 20.68
C ALA G 73 30.21 -11.30 22.20
N LYS G 74 30.74 -12.45 22.59
CA LYS G 74 30.68 -12.91 24.01
C LYS G 74 31.39 -11.88 24.91
N ILE G 75 32.60 -11.46 24.51
CA ILE G 75 33.48 -10.64 25.36
C ILE G 75 33.11 -9.15 25.24
N LEU G 76 32.68 -8.68 24.05
CA LEU G 76 32.50 -7.22 23.83
C LEU G 76 31.03 -6.80 23.93
N SER G 77 30.07 -7.69 23.71
CA SER G 77 28.63 -7.30 23.74
C SER G 77 28.25 -6.66 25.07
N PRO G 78 28.86 -7.01 26.24
CA PRO G 78 28.53 -6.32 27.50
C PRO G 78 28.78 -4.81 27.48
N TYR G 79 29.58 -4.30 26.54
CA TYR G 79 29.93 -2.86 26.46
C TYR G 79 29.18 -2.17 25.32
N ALA G 80 28.35 -2.88 24.57
CA ALA G 80 27.69 -2.38 23.35
C ALA G 80 26.17 -2.28 23.53
N SER G 81 25.55 -1.24 22.98
CA SER G 81 24.07 -1.09 22.98
C SER G 81 23.44 -2.00 21.90
N ALA G 82 24.23 -2.41 20.90
CA ALA G 82 23.79 -3.36 19.87
C ALA G 82 25.01 -3.99 19.20
N VAL G 83 24.83 -5.21 18.67
CA VAL G 83 25.89 -5.93 17.93
C VAL G 83 25.34 -6.36 16.56
N LEU G 84 26.14 -6.15 15.52
CA LEU G 84 25.78 -6.46 14.12
C LEU G 84 26.45 -7.79 13.73
N LEU G 85 25.62 -8.76 13.41
CA LEU G 85 25.99 -10.16 13.13
C LEU G 85 25.58 -10.49 11.69
N ASP G 86 26.31 -11.40 11.04
CA ASP G 86 25.97 -11.92 9.69
C ASP G 86 25.48 -13.36 9.80
N GLN G 87 24.50 -13.73 8.99
CA GLN G 87 24.02 -15.13 8.90
C GLN G 87 25.11 -16.05 8.35
N GLN G 88 25.98 -15.57 7.46
CA GLN G 88 26.97 -16.45 6.77
C GLN G 88 27.85 -17.14 7.82
N PHE G 89 28.34 -16.43 8.84
CA PHE G 89 29.38 -16.99 9.75
C PHE G 89 28.97 -17.03 11.24
N CYS G 90 28.02 -16.22 11.73
CA CYS G 90 27.91 -16.14 13.21
C CYS G 90 26.50 -15.92 13.78
N TYR G 91 25.47 -15.55 13.03
CA TYR G 91 24.18 -15.20 13.67
C TYR G 91 23.63 -16.41 14.46
N ARG G 92 23.50 -17.55 13.79
CA ARG G 92 22.91 -18.79 14.37
C ARG G 92 23.75 -19.19 15.59
N GLN G 93 25.07 -19.18 15.44
CA GLN G 93 26.03 -19.60 16.49
C GLN G 93 25.95 -18.67 17.70
N ALA G 94 25.88 -17.35 17.49
CA ALA G 94 25.83 -16.37 18.60
C ALA G 94 24.54 -16.61 19.41
N VAL G 95 23.44 -16.86 18.72
CA VAL G 95 22.12 -17.12 19.38
C VAL G 95 22.21 -18.44 20.15
N GLU G 96 22.62 -19.53 19.49
CA GLU G 96 22.67 -20.90 20.09
C GLU G 96 23.59 -20.89 21.32
N GLN G 97 24.69 -20.14 21.29
CA GLN G 97 25.72 -20.15 22.36
C GLN G 97 25.46 -19.05 23.40
N ASN G 98 24.36 -18.31 23.28
CA ASN G 98 23.99 -17.23 24.23
C ASN G 98 25.15 -16.25 24.37
N ALA G 99 25.81 -15.90 23.26
CA ALA G 99 27.01 -15.02 23.26
C ALA G 99 26.63 -13.56 23.48
N VAL G 100 25.38 -13.17 23.18
CA VAL G 100 25.03 -11.72 23.21
C VAL G 100 24.46 -11.36 24.58
N ALA G 101 25.11 -10.45 25.29
CA ALA G 101 24.63 -9.93 26.59
C ALA G 101 23.18 -9.45 26.43
N LYS G 102 22.34 -9.67 27.46
CA LYS G 102 20.90 -9.26 27.41
C LYS G 102 20.81 -7.73 27.22
N SER G 103 21.80 -6.97 27.69
CA SER G 103 21.80 -5.49 27.59
C SER G 103 22.11 -5.03 26.15
N CYS G 104 22.49 -5.95 25.27
CA CYS G 104 22.98 -5.65 23.90
C CYS G 104 21.99 -6.17 22.85
N ALA G 105 21.37 -5.29 22.07
CA ALA G 105 20.40 -5.67 21.02
C ALA G 105 21.13 -6.35 19.84
N MET G 106 20.46 -7.22 19.10
CA MET G 106 21.04 -7.83 17.88
C MET G 106 20.56 -7.10 16.62
N ILE G 107 21.51 -6.78 15.75
CA ILE G 107 21.30 -6.30 14.37
C ILE G 107 21.74 -7.41 13.43
N VAL G 108 20.94 -7.75 12.43
CA VAL G 108 21.33 -8.79 11.45
C VAL G 108 21.59 -8.13 10.09
N ALA G 109 22.72 -8.42 9.50
CA ALA G 109 23.06 -7.98 8.14
C ALA G 109 22.06 -8.58 7.15
N ALA G 110 21.56 -7.79 6.22
CA ALA G 110 20.61 -8.24 5.18
C ALA G 110 21.19 -7.98 3.79
N ASP G 111 22.52 -7.81 3.72
CA ASP G 111 23.22 -7.52 2.43
C ASP G 111 23.84 -8.81 1.90
N ASP G 112 23.81 -8.95 0.58
CA ASP G 112 24.43 -10.07 -0.15
C ASP G 112 25.62 -9.48 -0.93
N PHE G 113 26.82 -9.76 -0.49
CA PHE G 113 28.06 -9.17 -1.06
C PHE G 113 28.41 -9.96 -2.30
N ILE G 114 28.69 -9.26 -3.40
CA ILE G 114 29.12 -9.92 -4.65
C ILE G 114 30.55 -9.49 -4.94
N PRO G 115 31.50 -10.44 -4.98
CA PRO G 115 32.88 -10.10 -5.29
C PRO G 115 33.01 -9.78 -6.79
N GLY G 116 34.09 -9.09 -7.13
CA GLY G 116 34.38 -8.73 -8.52
C GLY G 116 35.59 -7.82 -8.60
N ASN G 117 36.24 -7.78 -9.75
CA ASN G 117 37.39 -6.86 -9.96
C ASN G 117 38.40 -7.02 -8.84
N GLY G 118 38.60 -8.26 -8.36
CA GLY G 118 39.66 -8.61 -7.39
C GLY G 118 39.35 -8.19 -5.96
N ILE G 119 38.13 -7.74 -5.65
CA ILE G 119 37.78 -7.34 -4.26
C ILE G 119 36.58 -8.15 -3.81
N PRO G 120 36.41 -8.33 -2.47
CA PRO G 120 35.29 -9.13 -1.96
C PRO G 120 33.91 -8.49 -2.09
N VAL G 121 33.84 -7.15 -2.08
CA VAL G 121 32.55 -6.43 -2.10
C VAL G 121 32.58 -5.43 -3.25
N ASP G 122 32.33 -5.93 -4.47
CA ASP G 122 32.29 -5.11 -5.70
C ASP G 122 30.87 -4.63 -5.93
N ASN G 123 29.89 -5.42 -5.55
CA ASN G 123 28.47 -5.10 -5.72
C ASN G 123 27.72 -5.65 -4.49
N VAL G 124 26.58 -5.06 -4.20
CA VAL G 124 25.74 -5.52 -3.05
C VAL G 124 24.29 -5.50 -3.48
N VAL G 125 23.56 -6.55 -3.13
CA VAL G 125 22.09 -6.59 -3.32
C VAL G 125 21.45 -6.97 -1.97
N LEU G 126 20.17 -6.70 -1.84
CA LEU G 126 19.37 -7.17 -0.68
C LEU G 126 19.42 -8.68 -0.71
N ASP G 127 19.71 -9.31 0.44
CA ASP G 127 19.77 -10.78 0.55
C ASP G 127 18.33 -11.29 0.49
N LYS G 128 17.93 -11.88 -0.63
CA LYS G 128 16.53 -12.33 -0.86
C LYS G 128 16.24 -13.58 0.01
N LYS G 129 17.27 -14.20 0.62
CA LYS G 129 17.12 -15.41 1.47
C LYS G 129 16.80 -15.06 2.94
N ILE G 130 17.07 -13.83 3.38
CA ILE G 130 17.02 -13.42 4.82
C ILE G 130 15.54 -13.48 5.22
N ASN G 131 15.25 -14.24 6.28
CA ASN G 131 13.88 -14.43 6.77
C ASN G 131 13.68 -13.48 7.94
N ALA G 132 13.07 -12.32 7.69
CA ALA G 132 12.93 -11.23 8.68
C ALA G 132 12.14 -11.75 9.87
N GLN G 133 11.08 -12.53 9.62
CA GLN G 133 10.21 -13.05 10.70
C GLN G 133 11.03 -13.99 11.59
N ALA G 134 11.86 -14.84 11.00
CA ALA G 134 12.67 -15.82 11.75
C ALA G 134 13.71 -15.10 12.59
N VAL G 135 14.42 -14.10 12.04
CA VAL G 135 15.49 -13.44 12.85
C VAL G 135 14.80 -12.61 13.92
N LYS G 136 13.62 -12.05 13.67
CA LYS G 136 12.85 -11.33 14.73
C LYS G 136 12.49 -12.30 15.86
N ARG G 137 12.03 -13.52 15.55
CA ARG G 137 11.67 -14.53 16.59
C ARG G 137 12.91 -14.81 17.45
N ASP G 138 14.10 -14.80 16.85
CA ASP G 138 15.38 -15.09 17.55
C ASP G 138 15.82 -13.88 18.40
N GLY G 139 15.19 -12.72 18.29
CA GLY G 139 15.44 -11.56 19.16
C GLY G 139 16.08 -10.36 18.45
N ALA G 140 16.33 -10.45 17.13
CA ALA G 140 16.87 -9.30 16.35
C ALA G 140 15.91 -8.11 16.47
N LYS G 141 16.46 -6.88 16.54
CA LYS G 141 15.67 -5.64 16.64
C LYS G 141 15.87 -4.77 15.39
N ALA G 142 16.85 -5.11 14.55
CA ALA G 142 17.19 -4.27 13.37
C ALA G 142 17.89 -5.13 12.32
N LEU G 143 17.81 -4.67 11.08
CA LEU G 143 18.60 -5.22 9.97
C LEU G 143 19.49 -4.10 9.43
N LYS G 144 20.54 -4.47 8.72
CA LYS G 144 21.53 -3.52 8.18
C LYS G 144 21.75 -3.83 6.69
N LEU G 145 21.87 -2.76 5.89
CA LEU G 145 22.15 -2.89 4.44
C LEU G 145 23.26 -1.93 4.02
N LEU G 146 24.36 -2.48 3.56
CA LEU G 146 25.43 -1.74 2.82
C LEU G 146 24.85 -1.30 1.48
N VAL G 147 25.10 -0.04 1.11
CA VAL G 147 24.72 0.50 -0.22
C VAL G 147 26.00 1.07 -0.83
N LEU G 148 26.54 0.43 -1.86
CA LEU G 148 27.70 1.01 -2.57
C LEU G 148 27.23 2.16 -3.45
N TRP G 149 27.90 3.28 -3.35
CA TRP G 149 27.53 4.52 -4.06
C TRP G 149 28.64 4.87 -5.04
N ARG G 150 28.29 4.95 -6.31
CA ARG G 150 29.19 5.38 -7.41
C ARG G 150 28.48 6.47 -8.21
N SER G 151 29.23 7.50 -8.59
CA SER G 151 28.71 8.70 -9.28
C SER G 151 28.07 8.31 -10.62
N ASP G 152 28.49 7.21 -11.26
CA ASP G 152 28.04 6.86 -12.63
C ASP G 152 27.15 5.60 -12.59
N GLU G 153 26.67 5.20 -11.40
CA GLU G 153 25.64 4.17 -11.29
C GLU G 153 24.32 4.87 -10.96
N ASP G 154 23.23 4.21 -11.29
CA ASP G 154 21.87 4.79 -11.27
C ASP G 154 21.42 4.98 -9.83
N ALA G 155 21.10 6.21 -9.44
CA ALA G 155 20.52 6.56 -8.12
C ALA G 155 19.22 5.76 -7.93
N GLN G 156 18.41 5.58 -8.98
CA GLN G 156 17.08 4.97 -8.82
C GLN G 156 17.23 3.50 -8.36
N GLN G 157 18.23 2.77 -8.83
CA GLN G 157 18.50 1.36 -8.40
C GLN G 157 18.85 1.35 -6.89
N ARG G 158 19.66 2.30 -6.41
CA ARG G 158 20.01 2.39 -4.97
C ARG G 158 18.74 2.71 -4.16
N LEU G 159 17.97 3.70 -4.59
CA LEU G 159 16.73 4.12 -3.88
C LEU G 159 15.74 2.95 -3.87
N ASN G 160 15.62 2.20 -4.95
CA ASN G 160 14.68 1.04 -5.02
C ASN G 160 15.14 -0.04 -4.04
N MET G 161 16.44 -0.30 -3.94
CA MET G 161 16.93 -1.33 -2.99
C MET G 161 16.64 -0.86 -1.57
N VAL G 162 16.88 0.42 -1.26
CA VAL G 162 16.63 0.97 0.10
C VAL G 162 15.13 0.87 0.41
N LYS G 163 14.26 1.19 -0.54
CA LYS G 163 12.78 1.11 -0.32
C LYS G 163 12.40 -0.34 -0.02
N GLU G 164 12.87 -1.31 -0.79
CA GLU G 164 12.56 -2.75 -0.56
C GLU G 164 13.08 -3.17 0.82
N PHE G 165 14.29 -2.73 1.19
CA PHE G 165 14.90 -3.03 2.50
C PHE G 165 14.05 -2.42 3.64
N ASN G 166 13.68 -1.15 3.52
CA ASN G 166 12.86 -0.45 4.54
C ASN G 166 11.55 -1.23 4.74
N GLU G 167 10.94 -1.69 3.66
CA GLU G 167 9.64 -2.42 3.71
C GLU G 167 9.86 -3.77 4.41
N LEU G 168 10.95 -4.48 4.12
CA LEU G 168 11.30 -5.74 4.78
C LEU G 168 11.40 -5.52 6.30
N CYS G 169 12.10 -4.47 6.71
CA CYS G 169 12.28 -4.13 8.16
C CYS G 169 10.93 -3.75 8.76
N HIS G 170 10.31 -2.69 8.22
CA HIS G 170 9.16 -2.00 8.87
C HIS G 170 7.93 -2.92 8.89
N SER G 171 7.73 -3.74 7.87
CA SER G 171 6.59 -4.70 7.80
C SER G 171 6.78 -5.77 8.88
N ASN G 172 7.96 -5.91 9.46
CA ASN G 172 8.26 -6.92 10.51
C ASN G 172 8.55 -6.25 11.86
N GLY G 173 8.33 -4.94 11.98
CA GLY G 173 8.55 -4.18 13.24
C GLY G 173 10.02 -4.07 13.59
N LEU G 174 10.92 -4.19 12.60
CA LEU G 174 12.39 -4.08 12.80
C LEU G 174 12.87 -2.71 12.35
N LEU G 175 13.95 -2.23 12.97
CA LEU G 175 14.61 -0.97 12.52
C LEU G 175 15.41 -1.26 11.24
N SER G 176 15.54 -0.24 10.41
CA SER G 176 16.33 -0.27 9.16
CA SER G 176 16.33 -0.27 9.16
C SER G 176 17.57 0.60 9.34
N ILE G 177 18.75 0.00 9.17
CA ILE G 177 20.04 0.71 9.22
C ILE G 177 20.66 0.62 7.82
N ILE G 178 20.91 1.76 7.18
CA ILE G 178 21.58 1.78 5.86
C ILE G 178 23.00 2.32 6.02
N GLU G 179 23.91 1.81 5.20
CA GLU G 179 25.34 2.13 5.26
C GLU G 179 25.80 2.47 3.84
N PRO G 180 25.64 3.72 3.39
CA PRO G 180 26.15 4.14 2.09
C PRO G 180 27.68 4.27 2.17
N VAL G 181 28.37 3.61 1.27
CA VAL G 181 29.86 3.58 1.17
C VAL G 181 30.23 4.00 -0.24
N VAL G 182 31.10 5.01 -0.35
CA VAL G 182 31.46 5.57 -1.68
C VAL G 182 32.58 4.77 -2.31
N ARG G 183 32.48 4.60 -3.62
CA ARG G 183 33.50 3.90 -4.42
C ARG G 183 33.76 4.73 -5.67
N PRO G 184 34.95 4.57 -6.28
CA PRO G 184 35.24 5.26 -7.53
C PRO G 184 34.27 4.83 -8.63
N PRO G 185 34.08 5.67 -9.66
CA PRO G 185 33.12 5.38 -10.71
C PRO G 185 33.54 4.12 -11.48
N ARG G 186 32.58 3.46 -12.10
CA ARG G 186 32.83 2.27 -12.94
C ARG G 186 33.69 2.71 -14.13
N CYS G 187 33.43 3.89 -14.65
CA CYS G 187 34.12 4.44 -15.86
CA CYS G 187 34.12 4.44 -15.86
C CYS G 187 34.54 5.88 -15.57
N GLY G 188 35.80 6.20 -15.84
CA GLY G 188 36.35 7.55 -15.59
C GLY G 188 37.26 7.56 -14.38
N ASP G 189 37.85 8.70 -14.08
CA ASP G 189 38.83 8.85 -12.99
C ASP G 189 38.47 10.07 -12.14
N LYS G 190 37.27 10.62 -12.31
CA LYS G 190 36.74 11.72 -11.47
C LYS G 190 36.19 11.10 -10.18
N PHE G 191 36.98 11.15 -9.11
CA PHE G 191 36.58 10.60 -7.79
C PHE G 191 37.08 11.54 -6.70
N ASP G 192 36.13 12.24 -6.10
CA ASP G 192 36.34 13.13 -4.94
C ASP G 192 35.66 12.44 -3.77
N ARG G 193 36.40 11.72 -2.94
CA ARG G 193 35.78 10.88 -1.87
C ARG G 193 34.91 11.76 -0.94
N GLU G 194 35.39 12.95 -0.57
CA GLU G 194 34.68 13.83 0.39
C GLU G 194 33.38 14.32 -0.25
N GLN G 195 33.40 14.71 -1.53
CA GLN G 195 32.17 15.14 -2.24
C GLN G 195 31.24 13.94 -2.42
N ALA G 196 31.76 12.75 -2.70
CA ALA G 196 30.92 11.54 -2.90
C ALA G 196 30.15 11.25 -1.62
N ILE G 197 30.77 11.38 -0.44
CA ILE G 197 30.08 11.13 0.86
C ILE G 197 28.90 12.10 0.98
N ILE G 198 29.11 13.36 0.63
CA ILE G 198 28.04 14.39 0.67
C ILE G 198 26.97 14.03 -0.36
N ASP G 199 27.33 13.65 -1.58
CA ASP G 199 26.37 13.33 -2.65
C ASP G 199 25.51 12.11 -2.24
N ALA G 200 26.14 11.13 -1.60
CA ALA G 200 25.41 9.92 -1.13
C ALA G 200 24.41 10.36 -0.06
N ALA G 201 24.79 11.26 0.84
CA ALA G 201 23.89 11.75 1.92
C ALA G 201 22.75 12.57 1.30
N LYS G 202 23.04 13.43 0.32
CA LYS G 202 21.97 14.17 -0.37
C LYS G 202 20.96 13.20 -0.99
N GLU G 203 21.44 12.08 -1.53
CA GLU G 203 20.59 11.09 -2.21
C GLU G 203 19.82 10.23 -1.18
N LEU G 204 20.49 9.75 -0.14
CA LEU G 204 19.95 8.65 0.72
C LEU G 204 19.68 9.11 2.15
N GLY G 205 20.01 10.35 2.50
CA GLY G 205 19.92 10.89 3.87
C GLY G 205 18.51 11.12 4.30
N ASP G 206 17.53 11.04 3.41
CA ASP G 206 16.09 11.20 3.75
C ASP G 206 15.29 10.05 3.15
N SER G 207 15.84 8.83 3.11
CA SER G 207 15.29 7.70 2.33
C SER G 207 14.34 6.84 3.19
N GLY G 208 14.02 7.26 4.41
CA GLY G 208 13.02 6.61 5.27
C GLY G 208 13.61 5.48 6.10
N ALA G 209 14.92 5.26 6.09
CA ALA G 209 15.58 4.32 7.03
C ALA G 209 15.51 4.92 8.45
N ASP G 210 15.75 4.13 9.47
CA ASP G 210 15.72 4.59 10.87
C ASP G 210 17.07 5.16 11.29
N LEU G 211 18.16 4.70 10.66
CA LEU G 211 19.54 5.07 11.07
C LEU G 211 20.44 5.05 9.85
N TYR G 212 21.28 6.09 9.74
CA TYR G 212 22.28 6.28 8.67
C TYR G 212 23.65 6.03 9.27
N LYS G 213 24.36 5.05 8.73
CA LYS G 213 25.73 4.68 9.14
C LYS G 213 26.68 5.19 8.06
N VAL G 214 27.58 6.10 8.42
CA VAL G 214 28.37 6.84 7.40
C VAL G 214 29.86 6.74 7.71
N GLU G 215 30.64 6.82 6.63
CA GLU G 215 32.11 6.95 6.69
C GLU G 215 32.48 8.31 7.27
N MET G 216 33.54 8.34 8.06
CA MET G 216 33.97 9.62 8.68
C MET G 216 34.64 10.48 7.61
N PRO G 217 34.22 11.75 7.44
CA PRO G 217 34.96 12.66 6.58
C PRO G 217 36.46 12.70 6.91
N LEU G 218 37.27 12.80 5.86
CA LEU G 218 38.75 13.03 5.95
C LEU G 218 39.45 11.88 6.68
N TYR G 219 38.82 10.70 6.79
CA TYR G 219 39.38 9.52 7.49
C TYR G 219 39.69 9.88 8.96
N GLY G 220 39.03 10.89 9.52
CA GLY G 220 39.27 11.35 10.89
C GLY G 220 40.64 12.00 11.10
N LYS G 221 41.33 12.35 10.01
CA LYS G 221 42.71 12.90 10.06
C LYS G 221 42.69 14.42 10.08
N GLY G 222 43.80 15.04 10.48
CA GLY G 222 44.04 16.47 10.31
C GLY G 222 43.58 17.29 11.51
N ALA G 223 43.44 18.61 11.30
CA ALA G 223 43.04 19.56 12.35
C ALA G 223 41.60 19.28 12.79
N ARG G 224 41.36 19.34 14.09
CA ARG G 224 40.03 19.12 14.68
C ARG G 224 39.03 20.10 14.06
N SER G 225 39.42 21.36 13.83
CA SER G 225 38.51 22.40 13.32
C SER G 225 38.02 22.03 11.92
N ASP G 226 38.90 21.50 11.05
CA ASP G 226 38.52 21.11 9.68
C ASP G 226 37.62 19.86 9.72
N LEU G 227 37.90 18.95 10.64
CA LEU G 227 37.09 17.72 10.83
C LEU G 227 35.68 18.10 11.27
N LEU G 228 35.55 19.09 12.16
CA LEU G 228 34.24 19.54 12.63
C LEU G 228 33.47 20.17 11.48
N THR G 229 34.08 21.08 10.71
CA THR G 229 33.42 21.74 9.56
C THR G 229 32.90 20.67 8.58
N ALA G 230 33.72 19.67 8.26
CA ALA G 230 33.36 18.61 7.29
C ALA G 230 32.20 17.78 7.87
N SER G 231 32.20 17.55 9.17
CA SER G 231 31.15 16.75 9.86
C SER G 231 29.85 17.53 9.91
N GLN G 232 29.92 18.86 10.11
CA GLN G 232 28.71 19.71 10.15
C GLN G 232 28.10 19.78 8.75
N ARG G 233 28.94 19.86 7.72
CA ARG G 233 28.45 19.85 6.32
C ARG G 233 27.67 18.55 6.07
N LEU G 234 28.21 17.41 6.49
CA LEU G 234 27.57 16.09 6.31
C LEU G 234 26.26 16.04 7.11
N ASN G 235 26.28 16.52 8.35
CA ASN G 235 25.09 16.53 9.23
C ASN G 235 23.90 17.20 8.53
N GLY G 236 24.16 18.31 7.82
CA GLY G 236 23.10 19.11 7.15
C GLY G 236 22.34 18.30 6.10
N HIS G 237 22.92 17.22 5.58
CA HIS G 237 22.33 16.40 4.49
C HIS G 237 21.72 15.10 5.00
N ILE G 238 21.78 14.85 6.31
CA ILE G 238 21.21 13.59 6.88
C ILE G 238 19.99 13.94 7.73
N ASN G 239 18.84 13.41 7.36
CA ASN G 239 17.54 13.79 7.96
C ASN G 239 17.00 12.63 8.82
N MET G 240 17.90 11.81 9.36
CA MET G 240 17.60 10.73 10.31
C MET G 240 18.77 10.72 11.28
N PRO G 241 18.68 10.02 12.42
CA PRO G 241 19.83 9.86 13.30
C PRO G 241 20.98 9.23 12.51
N TRP G 242 22.21 9.60 12.83
CA TRP G 242 23.38 9.02 12.12
C TRP G 242 24.50 8.67 13.09
N VAL G 243 25.26 7.65 12.71
CA VAL G 243 26.43 7.16 13.47
C VAL G 243 27.57 7.01 12.48
N ILE G 244 28.80 7.01 12.97
CA ILE G 244 29.99 6.78 12.11
C ILE G 244 30.47 5.35 12.26
N LEU G 245 31.00 4.82 11.16
CA LEU G 245 31.73 3.55 11.11
C LEU G 245 33.23 3.87 11.13
N SER G 246 34.06 2.88 11.41
CA SER G 246 35.50 3.08 11.71
C SER G 246 36.38 2.70 10.52
N SER G 247 35.86 1.98 9.52
CA SER G 247 36.69 1.55 8.37
C SER G 247 37.36 2.79 7.75
N GLY G 248 38.68 2.78 7.65
CA GLY G 248 39.46 3.89 7.08
C GLY G 248 39.95 4.89 8.12
N VAL G 249 39.50 4.78 9.38
CA VAL G 249 39.96 5.68 10.48
C VAL G 249 40.93 4.89 11.36
N ASP G 250 42.12 5.42 11.57
CA ASP G 250 43.08 4.82 12.52
C ASP G 250 42.39 4.62 13.87
N GLU G 251 42.56 3.47 14.51
CA GLU G 251 41.89 3.16 15.80
C GLU G 251 42.23 4.25 16.84
N LYS G 252 43.39 4.89 16.74
CA LYS G 252 43.80 5.93 17.72
C LYS G 252 43.07 7.26 17.46
N LEU G 253 42.55 7.47 16.25
CA LEU G 253 41.84 8.72 15.89
C LEU G 253 40.33 8.51 15.97
N PHE G 254 39.86 7.28 16.18
CA PHE G 254 38.41 6.98 16.16
C PHE G 254 37.73 7.64 17.36
N PRO G 255 38.31 7.66 18.58
CA PRO G 255 37.65 8.35 19.70
C PRO G 255 37.41 9.84 19.41
N ARG G 256 38.39 10.52 18.83
CA ARG G 256 38.22 11.94 18.44
C ARG G 256 37.16 12.04 17.34
N ALA G 257 37.15 11.12 16.41
CA ALA G 257 36.17 11.13 15.29
C ALA G 257 34.75 11.05 15.89
N VAL G 258 34.53 10.19 16.87
CA VAL G 258 33.19 10.05 17.50
C VAL G 258 32.83 11.37 18.17
N ARG G 259 33.78 11.96 18.92
CA ARG G 259 33.53 13.23 19.63
C ARG G 259 33.16 14.31 18.61
N VAL G 260 33.93 14.44 17.53
CA VAL G 260 33.69 15.53 16.52
C VAL G 260 32.39 15.26 15.77
N ALA G 261 32.14 14.02 15.34
CA ALA G 261 30.89 13.67 14.62
C ALA G 261 29.70 14.02 15.50
N MET G 262 29.77 13.68 16.79
CA MET G 262 28.63 13.92 17.72
C MET G 262 28.49 15.43 17.96
N GLU G 263 29.59 16.18 18.04
CA GLU G 263 29.50 17.66 18.15
C GLU G 263 28.76 18.21 16.92
N ALA G 264 28.95 17.60 15.75
CA ALA G 264 28.34 18.02 14.47
C ALA G 264 26.88 17.54 14.36
N GLY G 265 26.42 16.62 15.22
CA GLY G 265 25.01 16.17 15.17
C GLY G 265 24.84 14.65 15.08
N ALA G 266 25.92 13.88 14.93
CA ALA G 266 25.84 12.41 14.99
C ALA G 266 25.41 11.96 16.40
N SER G 267 24.93 10.74 16.54
CA SER G 267 24.40 10.20 17.82
C SER G 267 25.25 9.02 18.31
N GLY G 268 26.37 8.73 17.66
CA GLY G 268 27.32 7.73 18.16
C GLY G 268 28.00 6.98 17.03
N PHE G 269 28.22 5.69 17.22
CA PHE G 269 29.08 4.89 16.33
C PHE G 269 28.52 3.49 16.19
N LEU G 270 28.89 2.85 15.08
CA LEU G 270 28.71 1.40 14.88
C LEU G 270 30.02 0.94 14.28
N ALA G 271 30.89 0.36 15.12
CA ALA G 271 32.32 0.18 14.79
C ALA G 271 32.73 -1.29 14.96
N GLY G 272 33.61 -1.73 14.06
CA GLY G 272 34.24 -3.04 14.11
C GLY G 272 35.75 -2.90 14.19
N ARG G 273 36.37 -2.46 13.09
CA ARG G 273 37.84 -2.49 12.96
C ARG G 273 38.51 -1.71 14.11
N ALA G 274 38.03 -0.53 14.47
CA ALA G 274 38.65 0.34 15.50
C ALA G 274 38.55 -0.31 16.88
N VAL G 275 37.75 -1.36 17.02
CA VAL G 275 37.61 -2.12 18.29
C VAL G 275 38.49 -3.37 18.24
N TRP G 276 38.40 -4.21 17.21
CA TRP G 276 39.01 -5.57 17.26
C TRP G 276 40.02 -5.85 16.14
N SER G 277 40.25 -4.98 15.15
CA SER G 277 41.14 -5.36 14.03
C SER G 277 42.55 -5.66 14.58
N SER G 278 43.01 -4.94 15.59
CA SER G 278 44.43 -5.02 16.05
C SER G 278 44.71 -6.36 16.72
N VAL G 279 43.71 -7.13 17.16
CA VAL G 279 43.98 -8.42 17.87
C VAL G 279 43.94 -9.59 16.89
N ILE G 280 43.55 -9.39 15.63
CA ILE G 280 43.48 -10.51 14.65
C ILE G 280 44.88 -11.08 14.46
N GLY G 281 45.04 -12.38 14.68
CA GLY G 281 46.32 -13.09 14.47
C GLY G 281 47.21 -13.06 15.71
N LEU G 282 46.86 -12.31 16.76
CA LEU G 282 47.61 -12.39 18.05
C LEU G 282 47.27 -13.70 18.74
N PRO G 283 48.20 -14.27 19.54
CA PRO G 283 47.86 -15.45 20.34
C PRO G 283 46.82 -15.11 21.41
N ASP G 284 46.12 -16.13 21.92
CA ASP G 284 45.22 -16.01 23.10
C ASP G 284 44.10 -15.01 22.77
N THR G 285 43.32 -15.30 21.72
CA THR G 285 42.24 -14.40 21.21
C THR G 285 41.34 -13.90 22.33
N GLU G 286 40.83 -14.78 23.20
CA GLU G 286 39.88 -14.35 24.26
C GLU G 286 40.54 -13.35 25.21
N LEU G 287 41.80 -13.59 25.57
CA LEU G 287 42.57 -12.67 26.45
C LEU G 287 42.74 -11.32 25.74
N MET G 288 43.08 -11.35 24.46
CA MET G 288 43.33 -10.11 23.66
C MET G 288 42.04 -9.31 23.49
N LEU G 289 40.92 -9.96 23.23
CA LEU G 289 39.61 -9.24 23.13
C LEU G 289 39.30 -8.54 24.46
N ARG G 290 39.58 -9.22 25.59
CA ARG G 290 39.28 -8.64 26.92
C ARG G 290 40.26 -7.52 27.26
N ASP G 291 41.54 -7.66 26.93
CA ASP G 291 42.59 -6.74 27.44
C ASP G 291 42.89 -5.60 26.46
N VAL G 292 42.68 -5.82 25.15
CA VAL G 292 43.05 -4.84 24.11
C VAL G 292 41.78 -4.22 23.52
N SER G 293 40.85 -5.04 23.06
CA SER G 293 39.63 -4.57 22.36
C SER G 293 38.63 -3.94 23.35
N ALA G 294 38.34 -4.60 24.47
CA ALA G 294 37.27 -4.15 25.38
C ALA G 294 37.54 -2.75 25.91
N PRO G 295 38.77 -2.40 26.37
CA PRO G 295 39.02 -1.04 26.87
C PRO G 295 38.73 0.04 25.81
N LYS G 296 39.00 -0.25 24.54
CA LYS G 296 38.72 0.71 23.46
C LYS G 296 37.20 0.88 23.30
N LEU G 297 36.44 -0.21 23.31
CA LEU G 297 34.96 -0.14 23.16
C LEU G 297 34.35 0.56 24.38
N GLN G 298 34.86 0.25 25.58
CA GLN G 298 34.39 0.90 26.83
C GLN G 298 34.59 2.41 26.72
N ARG G 299 35.78 2.85 26.30
CA ARG G 299 36.07 4.31 26.22
C ARG G 299 35.12 4.97 25.21
N LEU G 300 34.89 4.32 24.05
CA LEU G 300 33.99 4.90 23.01
C LEU G 300 32.59 5.10 23.61
N GLY G 301 32.09 4.12 24.37
CA GLY G 301 30.78 4.23 25.04
C GLY G 301 30.74 5.41 26.03
N GLU G 302 31.82 5.59 26.80
CA GLU G 302 31.92 6.72 27.75
C GLU G 302 31.90 8.06 26.99
N ILE G 303 32.56 8.13 25.84
CA ILE G 303 32.59 9.37 25.01
C ILE G 303 31.17 9.65 24.53
N VAL G 304 30.48 8.62 24.05
CA VAL G 304 29.06 8.80 23.58
C VAL G 304 28.23 9.39 24.72
N ASP G 305 28.31 8.85 25.92
CA ASP G 305 27.52 9.38 27.07
C ASP G 305 27.93 10.83 27.37
N GLU G 306 29.21 11.14 27.35
CA GLU G 306 29.71 12.51 27.63
C GLU G 306 29.08 13.47 26.62
N MET G 307 29.05 13.09 25.34
CA MET G 307 28.52 13.97 24.28
C MET G 307 26.99 14.09 24.39
N MET G 308 26.29 13.01 24.71
CA MET G 308 24.81 13.06 24.86
C MET G 308 24.46 13.95 26.07
N ALA G 309 25.28 13.94 27.14
CA ALA G 309 25.04 14.74 28.37
C ALA G 309 25.11 16.24 28.04
N LYS G 310 25.98 16.64 27.10
CA LYS G 310 26.02 18.05 26.59
C LYS G 310 24.73 18.34 25.81
N THR H 25 3.47 52.29 -65.17
CA THR H 25 3.02 53.68 -65.13
C THR H 25 1.53 53.73 -65.47
N ILE H 26 0.91 54.89 -65.28
CA ILE H 26 -0.54 55.11 -65.48
C ILE H 26 -0.99 54.56 -66.85
N LYS H 27 -0.16 54.67 -67.89
CA LYS H 27 -0.48 54.18 -69.25
C LYS H 27 -0.88 52.70 -69.21
N ASP H 28 -0.42 51.93 -68.22
CA ASP H 28 -0.69 50.47 -68.14
C ASP H 28 -2.14 50.19 -67.75
N ILE H 29 -2.90 51.16 -67.23
CA ILE H 29 -4.31 50.88 -66.80
C ILE H 29 -5.29 51.80 -67.53
N THR H 30 -4.84 52.54 -68.55
CA THR H 30 -5.71 53.48 -69.31
C THR H 30 -6.04 52.90 -70.70
N ARG H 31 -7.07 53.46 -71.31
CA ARG H 31 -7.36 53.22 -72.75
C ARG H 31 -6.26 53.87 -73.57
N ALA H 32 -6.20 53.60 -74.87
CA ALA H 32 -5.22 54.23 -75.79
C ALA H 32 -5.30 55.77 -75.69
N SER H 33 -6.50 56.33 -75.47
CA SER H 33 -6.76 57.79 -75.33
C SER H 33 -6.08 58.37 -74.09
N GLY H 34 -5.69 57.54 -73.12
CA GLY H 34 -5.21 58.01 -71.81
C GLY H 34 -6.34 58.13 -70.79
N GLY H 35 -7.59 57.88 -71.18
CA GLY H 35 -8.71 57.91 -70.23
C GLY H 35 -8.77 56.61 -69.44
N PHE H 36 -9.34 56.67 -68.23
CA PHE H 36 -9.55 55.48 -67.38
C PHE H 36 -10.98 54.99 -67.57
N ALA H 37 -11.15 53.74 -67.98
CA ALA H 37 -12.48 53.12 -68.12
C ALA H 37 -12.45 51.79 -67.40
N MET H 38 -12.53 51.85 -66.07
CA MET H 38 -12.15 50.68 -65.26
C MET H 38 -13.36 50.11 -64.53
N LEU H 39 -13.34 48.79 -64.39
CA LEU H 39 -14.44 47.98 -63.83
C LEU H 39 -14.05 47.52 -62.43
N ALA H 40 -14.95 47.66 -61.46
CA ALA H 40 -14.76 47.15 -60.09
C ALA H 40 -15.68 45.95 -59.89
N VAL H 41 -15.12 44.83 -59.44
CA VAL H 41 -15.93 43.66 -58.99
C VAL H 41 -15.40 43.17 -57.63
N ASP H 42 -14.76 44.04 -56.84
CA ASP H 42 -14.06 43.64 -55.60
C ASP H 42 -14.97 43.72 -54.36
N GLN H 43 -16.25 44.04 -54.50
CA GLN H 43 -17.15 44.22 -53.33
C GLN H 43 -17.31 42.86 -52.63
N ARG H 44 -17.27 42.86 -51.30
CA ARG H 44 -17.17 41.61 -50.50
C ARG H 44 -18.51 41.40 -49.79
N GLU H 45 -18.58 41.58 -48.47
CA GLU H 45 -19.87 41.37 -47.76
C GLU H 45 -20.93 42.32 -48.32
N ALA H 46 -20.57 43.50 -48.82
CA ALA H 46 -21.56 44.43 -49.43
C ALA H 46 -22.21 43.75 -50.63
N MET H 47 -21.49 42.93 -51.39
CA MET H 47 -22.07 42.22 -52.55
C MET H 47 -22.98 41.10 -52.04
N ARG H 48 -22.62 40.41 -50.96
CA ARG H 48 -23.51 39.36 -50.38
C ARG H 48 -24.84 40.01 -49.99
N LEU H 49 -24.80 41.19 -49.37
CA LEU H 49 -26.04 41.91 -48.96
C LEU H 49 -26.87 42.26 -50.20
N MET H 50 -26.23 42.61 -51.32
CA MET H 50 -26.96 42.95 -52.58
C MET H 50 -27.69 41.70 -53.08
N PHE H 51 -27.06 40.53 -53.03
CA PHE H 51 -27.69 39.26 -53.48
C PHE H 51 -28.91 38.97 -52.60
N ALA H 52 -28.77 39.09 -51.28
CA ALA H 52 -29.89 38.86 -50.33
C ALA H 52 -31.03 39.83 -50.66
N ALA H 53 -30.73 41.13 -50.82
CA ALA H 53 -31.73 42.18 -51.09
C ALA H 53 -32.44 41.90 -52.43
N ALA H 54 -31.81 41.24 -53.41
CA ALA H 54 -32.38 40.95 -54.74
C ALA H 54 -33.12 39.60 -54.74
N GLY H 55 -33.24 38.93 -53.59
CA GLY H 55 -34.08 37.73 -53.43
C GLY H 55 -33.33 36.43 -53.62
N ALA H 56 -32.00 36.41 -53.60
CA ALA H 56 -31.21 35.16 -53.60
C ALA H 56 -31.54 34.36 -52.33
N LYS H 57 -31.54 33.02 -52.43
CA LYS H 57 -31.76 32.11 -51.27
C LYS H 57 -30.68 32.42 -50.23
N THR H 58 -31.08 32.66 -48.98
CA THR H 58 -30.15 32.92 -47.85
C THR H 58 -30.01 31.62 -47.06
N PRO H 59 -28.84 31.35 -46.43
CA PRO H 59 -27.65 32.18 -46.56
C PRO H 59 -27.01 32.10 -47.96
N VAL H 60 -26.52 33.22 -48.49
CA VAL H 60 -25.88 33.29 -49.83
C VAL H 60 -24.47 32.69 -49.71
N ALA H 61 -24.17 31.61 -50.43
CA ALA H 61 -22.86 30.94 -50.38
C ALA H 61 -21.79 31.84 -51.00
N ASP H 62 -20.55 31.72 -50.52
CA ASP H 62 -19.36 32.36 -51.11
C ASP H 62 -19.30 32.08 -52.62
N SER H 63 -19.62 30.85 -53.04
CA SER H 63 -19.52 30.41 -54.46
C SER H 63 -20.43 31.27 -55.36
N VAL H 64 -21.54 31.79 -54.84
CA VAL H 64 -22.46 32.67 -55.61
C VAL H 64 -21.70 33.96 -55.94
N LEU H 65 -20.96 34.52 -54.98
CA LEU H 65 -20.18 35.76 -55.21
C LEU H 65 -19.06 35.46 -56.20
N THR H 66 -18.30 34.39 -55.96
CA THR H 66 -17.17 34.02 -56.82
C THR H 66 -17.68 33.85 -58.26
N ASP H 67 -18.75 33.09 -58.46
CA ASP H 67 -19.24 32.78 -59.83
C ASP H 67 -19.66 34.09 -60.53
N PHE H 68 -20.34 34.97 -59.82
CA PHE H 68 -20.79 36.28 -60.38
C PHE H 68 -19.58 37.13 -60.75
N LYS H 69 -18.60 37.24 -59.84
CA LYS H 69 -17.40 38.09 -60.05
C LYS H 69 -16.61 37.57 -61.26
N VAL H 70 -16.42 36.27 -61.36
CA VAL H 70 -15.62 35.69 -62.47
C VAL H 70 -16.39 35.87 -63.79
N ASN H 71 -17.70 35.64 -63.79
CA ASN H 71 -18.53 35.88 -65.00
C ASN H 71 -18.45 37.35 -65.39
N ALA H 72 -18.54 38.28 -64.42
CA ALA H 72 -18.48 39.72 -64.70
C ALA H 72 -17.13 40.03 -65.33
N ALA H 73 -16.03 39.52 -64.78
CA ALA H 73 -14.68 39.75 -65.34
C ALA H 73 -14.63 39.18 -66.77
N LYS H 74 -15.09 37.95 -66.96
CA LYS H 74 -14.99 37.26 -68.27
C LYS H 74 -15.74 38.07 -69.34
N ILE H 75 -16.96 38.50 -69.02
CA ILE H 75 -17.89 39.12 -70.01
C ILE H 75 -17.57 40.62 -70.16
N LEU H 76 -17.17 41.31 -69.08
CA LEU H 76 -17.04 42.79 -69.11
C LEU H 76 -15.59 43.25 -69.29
N SER H 77 -14.59 42.45 -68.91
CA SER H 77 -13.17 42.90 -69.00
C SER H 77 -12.81 43.28 -70.44
N PRO H 78 -13.39 42.71 -71.52
CA PRO H 78 -13.10 43.18 -72.88
C PRO H 78 -13.38 44.66 -73.12
N TYR H 79 -14.21 45.30 -72.29
CA TYR H 79 -14.63 46.71 -72.47
C TYR H 79 -13.92 47.63 -71.47
N ALA H 80 -13.05 47.09 -70.60
CA ALA H 80 -12.42 47.84 -69.50
C ALA H 80 -10.91 47.97 -69.71
N SER H 81 -10.33 49.12 -69.34
CA SER H 81 -8.86 49.33 -69.37
C SER H 81 -8.21 48.65 -68.16
N ALA H 82 -8.98 48.40 -67.10
CA ALA H 82 -8.51 47.66 -65.91
C ALA H 82 -9.73 47.10 -65.17
N VAL H 83 -9.50 46.02 -64.44
CA VAL H 83 -10.52 45.39 -63.57
C VAL H 83 -9.95 45.25 -62.15
N LEU H 84 -10.77 45.61 -61.16
CA LEU H 84 -10.41 45.58 -59.73
C LEU H 84 -11.03 44.33 -59.11
N LEU H 85 -10.15 43.45 -58.63
CA LEU H 85 -10.49 42.10 -58.10
C LEU H 85 -10.08 42.03 -56.62
N ASP H 86 -10.78 41.22 -55.84
CA ASP H 86 -10.44 40.98 -54.41
C ASP H 86 -9.91 39.56 -54.27
N GLN H 87 -8.93 39.38 -53.40
CA GLN H 87 -8.39 38.03 -53.09
C GLN H 87 -9.44 37.18 -52.39
N GLN H 88 -10.32 37.78 -51.59
CA GLN H 88 -11.29 37.00 -50.76
C GLN H 88 -12.13 36.09 -51.67
N PHE H 89 -12.65 36.59 -52.80
CA PHE H 89 -13.66 35.85 -53.59
C PHE H 89 -13.27 35.58 -55.04
N CYS H 90 -12.35 36.31 -55.68
CA CYS H 90 -12.23 36.12 -57.15
C CYS H 90 -10.84 36.29 -57.75
N TYR H 91 -9.82 36.84 -57.08
CA TYR H 91 -8.54 37.10 -57.78
C TYR H 91 -7.94 35.78 -58.31
N ARG H 92 -7.79 34.78 -57.44
CA ARG H 92 -7.13 33.49 -57.78
C ARG H 92 -7.94 32.83 -58.90
N GLN H 93 -9.27 32.84 -58.77
CA GLN H 93 -10.21 32.18 -59.72
C GLN H 93 -10.14 32.88 -61.09
N ALA H 94 -10.12 34.22 -61.12
CA ALA H 94 -10.08 34.98 -62.39
C ALA H 94 -8.79 34.65 -63.14
N VAL H 95 -7.67 34.58 -62.40
CA VAL H 95 -6.34 34.25 -62.99
C VAL H 95 -6.37 32.80 -63.51
N GLU H 96 -6.76 31.83 -62.67
CA GLU H 96 -6.76 30.39 -63.02
C GLU H 96 -7.66 30.14 -64.24
N GLN H 97 -8.79 30.86 -64.35
CA GLN H 97 -9.79 30.61 -65.42
C GLN H 97 -9.53 31.52 -66.65
N ASN H 98 -8.46 32.31 -66.65
CA ASN H 98 -8.12 33.25 -67.76
C ASN H 98 -9.34 34.12 -68.07
N ALA H 99 -10.03 34.62 -67.04
CA ALA H 99 -11.26 35.43 -67.19
C ALA H 99 -10.91 36.86 -67.64
N VAL H 100 -9.70 37.34 -67.41
CA VAL H 100 -9.39 38.76 -67.70
C VAL H 100 -8.83 38.89 -69.12
N ALA H 101 -9.51 39.65 -69.98
CA ALA H 101 -9.04 39.95 -71.35
C ALA H 101 -7.61 40.52 -71.29
N LYS H 102 -6.76 40.16 -72.25
CA LYS H 102 -5.35 40.64 -72.31
C LYS H 102 -5.33 42.17 -72.39
N SER H 103 -6.36 42.80 -72.98
CA SER H 103 -6.44 44.27 -73.16
C SER H 103 -6.76 44.96 -71.81
N CYS H 104 -7.11 44.18 -70.79
CA CYS H 104 -7.59 44.73 -69.48
C CYS H 104 -6.57 44.44 -68.37
N ALA H 105 -6.01 45.48 -67.76
CA ALA H 105 -5.03 45.35 -66.64
C ALA H 105 -5.73 44.84 -65.38
N MET H 106 -5.02 44.14 -64.50
CA MET H 106 -5.59 43.72 -63.19
C MET H 106 -5.14 44.69 -62.09
N ILE H 107 -6.11 45.13 -61.30
CA ILE H 107 -5.91 45.87 -60.03
C ILE H 107 -6.33 44.93 -58.91
N VAL H 108 -5.50 44.79 -57.87
CA VAL H 108 -5.86 43.92 -56.73
C VAL H 108 -6.15 44.80 -55.52
N ALA H 109 -7.29 44.57 -54.88
CA ALA H 109 -7.66 45.27 -53.62
C ALA H 109 -6.62 44.89 -52.56
N ALA H 110 -6.16 45.87 -51.79
CA ALA H 110 -5.20 45.62 -50.69
C ALA H 110 -5.81 46.10 -49.38
N ASP H 111 -7.13 46.22 -49.32
CA ASP H 111 -7.84 46.72 -48.10
C ASP H 111 -8.42 45.53 -47.33
N ASP H 112 -8.40 45.64 -46.01
CA ASP H 112 -8.98 44.64 -45.10
C ASP H 112 -10.18 45.32 -44.43
N PHE H 113 -11.38 44.93 -44.81
CA PHE H 113 -12.63 45.57 -44.33
C PHE H 113 -12.96 44.99 -42.96
N ILE H 114 -13.26 45.86 -42.00
CA ILE H 114 -13.67 45.44 -40.64
C ILE H 114 -15.12 45.86 -40.43
N PRO H 115 -16.04 44.91 -40.23
CA PRO H 115 -17.44 45.25 -39.98
C PRO H 115 -17.60 45.84 -38.58
N GLY H 116 -18.70 46.54 -38.38
CA GLY H 116 -19.02 47.14 -37.06
C GLY H 116 -20.25 48.03 -37.16
N ASN H 117 -20.91 48.25 -36.04
CA ASN H 117 -22.08 49.15 -35.96
C ASN H 117 -23.08 48.76 -37.07
N GLY H 118 -23.23 47.46 -37.31
CA GLY H 118 -24.28 46.91 -38.18
C GLY H 118 -24.00 47.07 -39.67
N ILE H 119 -22.79 47.47 -40.07
CA ILE H 119 -22.44 47.62 -41.52
C ILE H 119 -21.22 46.76 -41.80
N PRO H 120 -21.02 46.34 -43.07
CA PRO H 120 -19.88 45.51 -43.42
C PRO H 120 -18.52 46.22 -43.40
N VAL H 121 -18.50 47.53 -43.65
CA VAL H 121 -17.22 48.29 -43.76
C VAL H 121 -17.26 49.48 -42.81
N ASP H 122 -17.01 49.22 -41.53
CA ASP H 122 -17.01 50.26 -40.46
C ASP H 122 -15.59 50.82 -40.31
N ASN H 123 -14.59 49.98 -40.56
CA ASN H 123 -13.18 50.37 -40.46
C ASN H 123 -12.42 49.65 -41.58
N VAL H 124 -11.27 50.19 -41.96
CA VAL H 124 -10.44 49.57 -43.04
C VAL H 124 -8.99 49.75 -42.64
N VAL H 125 -8.21 48.69 -42.80
CA VAL H 125 -6.74 48.76 -42.64
C VAL H 125 -6.09 48.16 -43.88
N LEU H 126 -4.80 48.42 -44.05
CA LEU H 126 -4.00 47.76 -45.12
C LEU H 126 -4.02 46.26 -44.84
N ASP H 127 -4.29 45.44 -45.85
CA ASP H 127 -4.34 43.97 -45.71
C ASP H 127 -2.88 43.50 -45.59
N LYS H 128 -2.48 43.08 -44.39
CA LYS H 128 -1.08 42.63 -44.11
C LYS H 128 -0.81 41.30 -44.80
N LYS H 129 -1.82 40.61 -45.34
CA LYS H 129 -1.69 39.28 -46.01
C LYS H 129 -1.35 39.42 -47.49
N ILE H 130 -1.55 40.58 -48.12
CA ILE H 130 -1.35 40.80 -49.57
C ILE H 130 0.14 40.58 -49.87
N ASN H 131 0.46 39.67 -50.78
CA ASN H 131 1.86 39.45 -51.22
C ASN H 131 2.05 40.21 -52.53
N ALA H 132 2.57 41.43 -52.47
CA ALA H 132 2.68 42.35 -53.62
C ALA H 132 3.53 41.68 -54.70
N GLN H 133 4.61 40.99 -54.31
CA GLN H 133 5.52 40.34 -55.29
C GLN H 133 4.75 39.24 -56.03
N ALA H 134 3.93 38.46 -55.33
CA ALA H 134 3.17 37.34 -55.92
C ALA H 134 2.12 37.90 -56.89
N VAL H 135 1.38 38.95 -56.52
CA VAL H 135 0.32 39.45 -57.44
C VAL H 135 1.00 40.12 -58.64
N LYS H 136 2.17 40.74 -58.45
CA LYS H 136 2.94 41.31 -59.59
C LYS H 136 3.37 40.18 -60.54
N ARG H 137 3.85 39.04 -60.03
CA ARG H 137 4.26 37.89 -60.87
C ARG H 137 3.06 37.41 -61.69
N ASP H 138 1.84 37.50 -61.16
CA ASP H 138 0.61 37.06 -61.86
C ASP H 138 0.18 38.08 -62.92
N GLY H 139 0.77 39.28 -62.97
CA GLY H 139 0.53 40.27 -64.02
C GLY H 139 -0.20 41.52 -63.53
N ALA H 140 -0.56 41.59 -62.23
CA ALA H 140 -1.27 42.76 -61.67
C ALA H 140 -0.41 44.01 -61.87
N LYS H 141 -1.04 45.16 -62.12
CA LYS H 141 -0.31 46.42 -62.40
C LYS H 141 -0.54 47.43 -61.29
N ALA H 142 -1.52 47.21 -60.41
CA ALA H 142 -1.90 48.21 -59.40
C ALA H 142 -2.56 47.54 -58.21
N LEU H 143 -2.49 48.21 -57.07
CA LEU H 143 -3.27 47.85 -55.88
C LEU H 143 -4.21 49.01 -55.56
N LYS H 144 -5.24 48.72 -54.79
CA LYS H 144 -6.26 49.73 -54.41
C LYS H 144 -6.47 49.68 -52.90
N LEU H 145 -6.65 50.84 -52.30
CA LEU H 145 -6.92 50.97 -50.85
C LEU H 145 -8.06 51.95 -50.59
N LEU H 146 -9.14 51.45 -50.04
CA LEU H 146 -10.22 52.27 -49.43
C LEU H 146 -9.68 52.97 -48.19
N VAL H 147 -9.96 54.26 -48.06
CA VAL H 147 -9.63 55.05 -46.85
C VAL H 147 -10.93 55.67 -46.34
N LEU H 148 -11.44 55.23 -45.21
CA LEU H 148 -12.64 55.86 -44.61
C LEU H 148 -12.22 57.17 -43.95
N TRP H 149 -12.96 58.23 -44.26
CA TRP H 149 -12.67 59.60 -43.79
C TRP H 149 -13.77 60.06 -42.87
N ARG H 150 -13.42 60.40 -41.63
CA ARG H 150 -14.36 61.02 -40.66
C ARG H 150 -13.73 62.28 -40.06
N SER H 151 -14.55 63.31 -39.87
CA SER H 151 -14.09 64.65 -39.44
C SER H 151 -13.43 64.58 -38.06
N ASP H 152 -13.77 63.59 -37.23
CA ASP H 152 -13.29 63.54 -35.82
C ASP H 152 -12.31 62.38 -35.64
N GLU H 153 -11.80 61.79 -36.73
CA GLU H 153 -10.73 60.79 -36.63
C GLU H 153 -9.45 61.45 -37.12
N ASP H 154 -8.31 60.94 -36.65
CA ASP H 154 -6.98 61.57 -36.82
C ASP H 154 -6.54 61.48 -38.29
N ALA H 155 -6.30 62.63 -38.92
CA ALA H 155 -5.76 62.72 -40.29
C ALA H 155 -4.42 61.98 -40.37
N GLN H 156 -3.60 62.06 -39.32
CA GLN H 156 -2.25 61.49 -39.37
C GLN H 156 -2.29 59.97 -39.55
N GLN H 157 -3.24 59.27 -38.93
CA GLN H 157 -3.41 57.79 -39.08
C GLN H 157 -3.76 57.46 -40.55
N ARG H 158 -4.62 58.26 -41.19
CA ARG H 158 -4.98 58.04 -42.62
C ARG H 158 -3.74 58.27 -43.49
N LEU H 159 -3.03 59.38 -43.28
CA LEU H 159 -1.82 59.72 -44.06
C LEU H 159 -0.76 58.62 -43.87
N ASN H 160 -0.59 58.11 -42.66
CA ASN H 160 0.42 57.04 -42.39
C ASN H 160 0.03 55.75 -43.12
N MET H 161 -1.26 55.42 -43.16
CA MET H 161 -1.71 54.19 -43.87
C MET H 161 -1.46 54.39 -45.38
N VAL H 162 -1.74 55.57 -45.92
CA VAL H 162 -1.51 55.84 -47.36
C VAL H 162 0.00 55.78 -47.66
N LYS H 163 0.84 56.32 -46.79
CA LYS H 163 2.33 56.26 -46.98
C LYS H 163 2.78 54.79 -47.02
N GLU H 164 2.33 53.95 -46.08
CA GLU H 164 2.72 52.52 -46.05
C GLU H 164 2.22 51.82 -47.32
N PHE H 165 0.99 52.14 -47.75
CA PHE H 165 0.40 51.57 -48.99
C PHE H 165 1.21 51.98 -50.22
N ASN H 166 1.53 53.28 -50.35
CA ASN H 166 2.31 53.80 -51.51
C ASN H 166 3.65 53.05 -51.57
N GLU H 167 4.29 52.85 -50.42
CA GLU H 167 5.62 52.18 -50.36
C GLU H 167 5.47 50.72 -50.79
N LEU H 168 4.42 50.03 -50.33
CA LEU H 168 4.14 48.63 -50.73
C LEU H 168 4.00 48.55 -52.25
N CYS H 169 3.24 49.46 -52.85
CA CYS H 169 3.04 49.50 -54.32
C CYS H 169 4.36 49.82 -55.02
N HIS H 170 4.93 51.00 -54.73
CA HIS H 170 6.04 51.59 -55.52
C HIS H 170 7.30 50.74 -55.41
N SER H 171 7.56 50.15 -54.23
CA SER H 171 8.74 49.28 -54.01
C SER H 171 8.60 48.00 -54.85
N ASN H 172 7.41 47.69 -55.34
CA ASN H 172 7.15 46.47 -56.15
C ASN H 172 6.79 46.82 -57.60
N GLY H 173 6.96 48.08 -58.00
CA GLY H 173 6.68 48.55 -59.38
C GLY H 173 5.18 48.52 -59.71
N LEU H 174 4.33 48.61 -58.69
CA LEU H 174 2.85 48.65 -58.86
C LEU H 174 2.35 50.07 -58.68
N LEU H 175 1.25 50.41 -59.35
CA LEU H 175 0.57 51.71 -59.14
C LEU H 175 -0.24 51.64 -57.83
N SER H 176 -0.39 52.80 -57.20
CA SER H 176 -1.20 52.95 -55.97
C SER H 176 -2.48 53.73 -56.33
N ILE H 177 -3.61 53.13 -56.02
CA ILE H 177 -4.95 53.77 -56.18
C ILE H 177 -5.56 53.90 -54.78
N ILE H 178 -5.86 55.12 -54.36
CA ILE H 178 -6.55 55.36 -53.06
C ILE H 178 -7.98 55.79 -53.33
N GLU H 179 -8.88 55.39 -52.44
CA GLU H 179 -10.33 55.64 -52.52
C GLU H 179 -10.81 56.21 -51.20
N PRO H 180 -10.70 57.54 -50.98
CA PRO H 180 -11.26 58.15 -49.77
C PRO H 180 -12.78 58.18 -49.85
N VAL H 181 -13.43 57.66 -48.84
CA VAL H 181 -14.91 57.58 -48.73
C VAL H 181 -15.33 58.24 -47.42
N VAL H 182 -16.23 59.21 -47.49
CA VAL H 182 -16.61 60.01 -46.30
C VAL H 182 -17.69 59.28 -45.51
N ARG H 183 -17.59 59.37 -44.19
CA ARG H 183 -18.59 58.80 -43.26
C ARG H 183 -18.91 59.84 -42.21
N PRO H 184 -20.08 59.74 -41.57
CA PRO H 184 -20.40 60.63 -40.46
C PRO H 184 -19.40 60.46 -39.32
N PRO H 185 -19.23 61.51 -38.48
CA PRO H 185 -18.24 61.45 -37.40
C PRO H 185 -18.63 60.36 -36.40
N ARG H 186 -17.65 59.85 -35.67
CA ARG H 186 -17.86 58.85 -34.61
C ARG H 186 -18.74 59.48 -33.51
N CYS H 187 -18.52 60.76 -33.24
CA CYS H 187 -19.24 61.52 -32.18
CA CYS H 187 -19.23 61.51 -32.19
C CYS H 187 -19.68 62.86 -32.78
N GLY H 188 -20.93 63.23 -32.58
CA GLY H 188 -21.49 64.50 -33.08
C GLY H 188 -22.45 64.26 -34.22
N ASP H 189 -23.04 65.33 -34.74
CA ASP H 189 -24.01 65.27 -35.87
C ASP H 189 -23.62 66.32 -36.91
N PHE H 191 -22.88 66.42 -40.09
CA PHE H 191 -22.26 65.73 -41.24
C PHE H 191 -22.77 66.39 -42.53
N ASP H 192 -21.85 67.07 -43.19
CA ASP H 192 -22.05 67.71 -44.51
C ASP H 192 -21.26 66.87 -45.51
N ARG H 193 -21.93 65.96 -46.20
CA ARG H 193 -21.26 65.00 -47.11
C ARG H 193 -20.44 65.74 -48.16
N GLU H 194 -20.98 66.81 -48.75
CA GLU H 194 -20.30 67.55 -49.84
C GLU H 194 -19.03 68.21 -49.30
N GLN H 195 -19.10 68.82 -48.11
CA GLN H 195 -17.90 69.45 -47.49
C GLN H 195 -16.89 68.35 -47.10
N ALA H 196 -17.36 67.21 -46.61
CA ALA H 196 -16.46 66.10 -46.20
C ALA H 196 -15.65 65.62 -47.41
N ILE H 197 -16.28 65.51 -48.59
CA ILE H 197 -15.55 65.06 -49.81
C ILE H 197 -14.42 66.05 -50.11
N ILE H 198 -14.71 67.35 -50.01
CA ILE H 198 -13.70 68.42 -50.23
C ILE H 198 -12.60 68.30 -49.17
N ASP H 199 -12.96 68.11 -47.90
CA ASP H 199 -11.97 68.08 -46.79
C ASP H 199 -11.07 66.84 -46.98
N ALA H 200 -11.63 65.71 -47.42
CA ALA H 200 -10.84 64.49 -47.66
C ALA H 200 -9.84 64.77 -48.80
N ALA H 201 -10.25 65.47 -49.85
CA ALA H 201 -9.37 65.79 -50.99
C ALA H 201 -8.29 66.78 -50.53
N LYS H 202 -8.64 67.78 -49.71
CA LYS H 202 -7.60 68.70 -49.18
C LYS H 202 -6.56 67.91 -48.39
N GLU H 203 -6.98 66.88 -47.66
CA GLU H 203 -6.06 66.07 -46.83
C GLU H 203 -5.25 65.09 -47.69
N LEU H 204 -5.88 64.38 -48.64
CA LEU H 204 -5.26 63.18 -49.29
C LEU H 204 -5.00 63.39 -50.77
N GLY H 205 -5.41 64.53 -51.33
CA GLY H 205 -5.33 64.81 -52.78
C GLY H 205 -3.91 65.04 -53.26
N ASP H 206 -2.94 65.16 -52.34
CA ASP H 206 -1.51 65.32 -52.72
C ASP H 206 -0.66 64.35 -51.91
N SER H 207 -1.14 63.13 -51.68
CA SER H 207 -0.54 62.15 -50.75
C SER H 207 0.44 61.21 -51.47
N GLY H 208 0.74 61.45 -52.75
CA GLY H 208 1.78 60.69 -53.50
C GLY H 208 1.27 59.37 -54.09
N ALA H 209 -0.03 59.09 -54.03
CA ALA H 209 -0.65 57.95 -54.75
C ALA H 209 -0.61 58.26 -56.25
N ASP H 210 -0.81 57.26 -57.09
CA ASP H 210 -0.81 57.45 -58.57
C ASP H 210 -2.21 57.88 -59.04
N LEU H 211 -3.25 57.50 -58.32
CA LEU H 211 -4.66 57.74 -58.77
C LEU H 211 -5.56 57.91 -57.56
N TYR H 212 -6.42 58.92 -57.63
CA TYR H 212 -7.43 59.27 -56.61
C TYR H 212 -8.80 58.85 -57.14
N LYS H 213 -9.47 57.95 -56.42
CA LYS H 213 -10.81 57.43 -56.77
C LYS H 213 -11.80 58.06 -55.80
N VAL H 214 -12.74 58.86 -56.31
CA VAL H 214 -13.57 59.73 -55.45
C VAL H 214 -15.06 59.51 -55.72
N GLU H 215 -15.84 59.74 -54.68
CA GLU H 215 -17.31 59.78 -54.74
C GLU H 215 -17.74 61.00 -55.55
N MET H 216 -18.81 60.85 -56.34
CA MET H 216 -19.30 61.95 -57.18
C MET H 216 -20.00 62.97 -56.29
N PRO H 217 -19.64 64.27 -56.36
CA PRO H 217 -20.43 65.29 -55.68
C PRO H 217 -21.92 65.21 -56.02
N LEU H 218 -22.76 65.44 -55.01
CA LEU H 218 -24.24 65.60 -55.14
C LEU H 218 -24.88 64.31 -55.66
N TYR H 219 -24.19 63.16 -55.57
CA TYR H 219 -24.68 61.85 -56.05
C TYR H 219 -25.00 61.92 -57.55
N GLY H 220 -24.39 62.87 -58.27
CA GLY H 220 -24.64 63.05 -59.71
C GLY H 220 -26.03 63.59 -60.02
N LYS H 221 -26.75 64.09 -59.01
CA LYS H 221 -28.15 64.57 -59.17
C LYS H 221 -28.17 66.07 -59.47
N GLY H 222 -29.30 66.56 -59.97
CA GLY H 222 -29.60 67.99 -60.08
C GLY H 222 -29.19 68.58 -61.41
N ALA H 223 -29.15 69.91 -61.49
CA ALA H 223 -28.79 70.66 -62.71
C ALA H 223 -27.33 70.40 -63.07
N ARG H 224 -27.07 70.21 -64.36
CA ARG H 224 -25.71 69.96 -64.89
C ARG H 224 -24.77 71.08 -64.44
N SER H 225 -25.22 72.34 -64.45
CA SER H 225 -24.36 73.51 -64.13
C SER H 225 -23.88 73.42 -62.67
N ASP H 226 -24.74 73.02 -61.74
CA ASP H 226 -24.37 72.90 -60.30
C ASP H 226 -23.44 71.70 -60.12
N LEU H 227 -23.65 70.63 -60.88
CA LEU H 227 -22.80 69.42 -60.81
C LEU H 227 -21.40 69.79 -61.31
N LEU H 228 -21.30 70.59 -62.36
CA LEU H 228 -19.99 71.02 -62.91
C LEU H 228 -19.27 71.89 -61.87
N THR H 229 -19.92 72.88 -61.29
CA THR H 229 -19.32 73.77 -60.25
C THR H 229 -18.76 72.91 -59.10
N ALA H 230 -19.54 71.94 -58.62
CA ALA H 230 -19.14 71.07 -57.49
C ALA H 230 -17.94 70.21 -57.89
N SER H 231 -17.91 69.75 -59.13
CA SER H 231 -16.82 68.91 -59.68
C SER H 231 -15.55 69.74 -59.86
N GLN H 232 -15.68 71.00 -60.28
CA GLN H 232 -14.51 71.90 -60.47
C GLN H 232 -13.92 72.24 -59.10
N ARG H 233 -14.78 72.45 -58.10
CA ARG H 233 -14.31 72.72 -56.72
C ARG H 233 -13.45 71.53 -56.26
N LEU H 234 -13.94 70.31 -56.47
CA LEU H 234 -13.23 69.07 -56.06
C LEU H 234 -11.91 68.96 -56.83
N ASN H 235 -11.95 69.21 -58.14
CA ASN H 235 -10.75 69.11 -59.01
C ASN H 235 -9.60 69.95 -58.42
N GLY H 236 -9.91 71.16 -57.94
CA GLY H 236 -8.92 72.12 -57.43
C GLY H 236 -8.12 71.57 -56.26
N HIS H 237 -8.63 70.55 -55.55
CA HIS H 237 -7.97 69.98 -54.35
C HIS H 237 -7.29 68.65 -54.63
N ILE H 238 -7.32 68.17 -55.87
CA ILE H 238 -6.69 66.86 -56.22
C ILE H 238 -5.48 67.11 -57.12
N ASN H 239 -4.31 66.70 -56.68
CA ASN H 239 -3.03 66.99 -57.38
C ASN H 239 -2.46 65.72 -58.01
N MET H 240 -3.33 64.78 -58.37
CA MET H 240 -2.98 63.55 -59.10
C MET H 240 -4.14 63.29 -60.06
N PRO H 241 -4.02 62.40 -61.05
CA PRO H 241 -5.16 62.02 -61.85
C PRO H 241 -6.28 61.50 -60.94
N TRP H 242 -7.53 61.75 -61.30
CA TRP H 242 -8.67 61.27 -60.50
C TRP H 242 -9.78 60.70 -61.38
N VAL H 243 -10.49 59.74 -60.80
CA VAL H 243 -11.63 59.05 -61.46
C VAL H 243 -12.77 59.03 -60.47
N ILE H 244 -14.00 58.88 -60.95
CA ILE H 244 -15.17 58.75 -60.07
C ILE H 244 -15.58 57.29 -59.95
N LEU H 245 -16.11 56.96 -58.78
CA LEU H 245 -16.77 55.68 -58.49
C LEU H 245 -18.29 55.91 -58.58
N SER H 246 -19.06 54.84 -58.67
CA SER H 246 -20.51 54.94 -58.99
C SER H 246 -21.37 54.74 -57.75
N SER H 247 -20.82 54.23 -56.64
CA SER H 247 -21.64 54.02 -55.42
C SER H 247 -22.37 55.33 -55.06
N GLY H 248 -23.69 55.26 -54.93
CA GLY H 248 -24.53 56.43 -54.59
C GLY H 248 -25.07 57.16 -55.82
N VAL H 249 -24.61 56.85 -57.03
CA VAL H 249 -25.08 57.51 -58.28
C VAL H 249 -26.02 56.55 -59.00
N ASP H 250 -27.23 57.01 -59.30
CA ASP H 250 -28.17 56.19 -60.10
C ASP H 250 -27.47 55.78 -61.40
N GLU H 251 -27.60 54.52 -61.81
CA GLU H 251 -26.91 54.02 -63.03
C GLU H 251 -27.30 54.88 -64.24
N LYS H 252 -28.48 55.48 -64.26
CA LYS H 252 -28.93 56.33 -65.40
C LYS H 252 -28.24 57.69 -65.40
N LEU H 253 -27.73 58.14 -64.24
CA LEU H 253 -27.07 59.47 -64.12
C LEU H 253 -25.55 59.30 -64.16
N PHE H 254 -25.03 58.07 -64.15
CA PHE H 254 -23.57 57.86 -64.08
C PHE H 254 -22.90 58.33 -65.37
N PRO H 255 -23.47 58.08 -66.58
CA PRO H 255 -22.84 58.60 -67.80
C PRO H 255 -22.65 60.12 -67.77
N ARG H 256 -23.66 60.85 -67.33
CA ARG H 256 -23.57 62.33 -67.21
C ARG H 256 -22.52 62.67 -66.15
N ALA H 257 -22.47 61.92 -65.05
CA ALA H 257 -21.50 62.17 -63.96
C ALA H 257 -20.08 62.06 -64.52
N VAL H 258 -19.81 61.04 -65.33
CA VAL H 258 -18.47 60.84 -65.94
C VAL H 258 -18.16 62.05 -66.83
N ARG H 259 -19.11 62.44 -67.68
CA ARG H 259 -18.93 63.58 -68.61
C ARG H 259 -18.61 64.83 -67.80
N VAL H 260 -19.39 65.12 -66.76
CA VAL H 260 -19.23 66.39 -65.99
C VAL H 260 -17.93 66.33 -65.19
N ALA H 261 -17.63 65.21 -64.54
CA ALA H 261 -16.37 65.06 -63.76
C ALA H 261 -15.18 65.28 -64.70
N MET H 262 -15.23 64.72 -65.90
CA MET H 262 -14.10 64.83 -66.86
C MET H 262 -14.02 66.28 -67.37
N GLU H 263 -15.14 66.94 -67.60
CA GLU H 263 -15.13 68.38 -67.98
C GLU H 263 -14.42 69.18 -66.87
N ALA H 264 -14.61 68.79 -65.62
CA ALA H 264 -14.02 69.46 -64.43
C ALA H 264 -12.55 69.08 -64.22
N GLY H 265 -12.03 68.04 -64.90
CA GLY H 265 -10.60 67.67 -64.78
C GLY H 265 -10.37 66.21 -64.43
N ALA H 266 -11.41 65.42 -64.13
CA ALA H 266 -11.26 63.96 -63.93
C ALA H 266 -10.78 63.30 -65.24
N SER H 267 -10.25 62.08 -65.15
CA SER H 267 -9.69 61.34 -66.30
C SER H 267 -10.48 60.05 -66.57
N GLY H 268 -11.60 59.85 -65.86
CA GLY H 268 -12.49 58.73 -66.17
C GLY H 268 -13.17 58.17 -64.93
N PHE H 269 -13.33 56.86 -64.90
CA PHE H 269 -14.16 56.19 -63.87
C PHE H 269 -13.53 54.85 -63.48
N LEU H 270 -13.89 54.41 -62.28
CA LEU H 270 -13.66 53.03 -61.83
C LEU H 270 -14.96 52.62 -61.16
N ALA H 271 -15.80 51.88 -61.88
CA ALA H 271 -17.22 51.68 -61.50
C ALA H 271 -17.57 50.20 -61.44
N GLY H 272 -18.44 49.88 -60.49
CA GLY H 272 -19.02 48.54 -60.32
C GLY H 272 -20.52 48.61 -60.41
N ARG H 273 -21.17 49.20 -59.43
CA ARG H 273 -22.64 49.14 -59.29
C ARG H 273 -23.34 49.68 -60.55
N ALA H 274 -22.88 50.81 -61.10
CA ALA H 274 -23.54 51.45 -62.26
C ALA H 274 -23.40 50.58 -63.51
N VAL H 275 -22.56 49.55 -63.48
CA VAL H 275 -22.40 48.59 -64.60
C VAL H 275 -23.23 47.33 -64.33
N TRP H 276 -23.11 46.69 -63.15
CA TRP H 276 -23.66 45.32 -62.96
C TRP H 276 -24.68 45.19 -61.82
N SER H 277 -24.95 46.22 -61.01
CA SER H 277 -25.85 46.03 -59.83
C SER H 277 -27.23 45.56 -60.32
N SER H 278 -27.71 46.07 -61.45
CA SER H 278 -29.13 45.85 -61.87
C SER H 278 -29.36 44.39 -62.29
N VAL H 279 -28.32 43.61 -62.59
CA VAL H 279 -28.53 42.20 -63.04
C VAL H 279 -28.45 41.22 -61.86
N ILE H 280 -28.08 41.67 -60.67
CA ILE H 280 -27.97 40.75 -59.50
C ILE H 280 -29.37 40.20 -59.22
N GLY H 281 -29.50 38.87 -59.17
CA GLY H 281 -30.76 38.20 -58.84
C GLY H 281 -31.62 37.93 -60.06
N LEU H 282 -31.28 38.46 -61.24
CA LEU H 282 -32.02 38.12 -62.49
C LEU H 282 -31.63 36.70 -62.91
N PRO H 283 -32.53 35.98 -63.62
CA PRO H 283 -32.17 34.70 -64.21
C PRO H 283 -31.12 34.88 -65.33
N ASP H 284 -30.38 33.81 -65.66
CA ASP H 284 -29.48 33.77 -66.83
C ASP H 284 -28.39 34.84 -66.68
N THR H 285 -27.60 34.75 -65.61
CA THR H 285 -26.57 35.77 -65.26
C THR H 285 -25.67 36.11 -66.45
N GLU H 286 -25.13 35.12 -67.15
CA GLU H 286 -24.18 35.39 -68.25
C GLU H 286 -24.88 36.17 -69.37
N LEU H 287 -26.11 35.82 -69.69
CA LEU H 287 -26.90 36.54 -70.72
C LEU H 287 -27.12 37.98 -70.27
N MET H 288 -27.48 38.17 -68.99
CA MET H 288 -27.80 39.51 -68.45
C MET H 288 -26.53 40.38 -68.43
N LEU H 289 -25.37 39.84 -68.03
CA LEU H 289 -24.12 40.62 -68.05
C LEU H 289 -23.81 41.08 -69.49
N ARG H 290 -24.04 40.20 -70.47
CA ARG H 290 -23.74 40.54 -71.89
C ARG H 290 -24.77 41.55 -72.44
N ASP H 291 -26.04 41.40 -72.10
CA ASP H 291 -27.13 42.18 -72.77
C ASP H 291 -27.47 43.46 -72.01
N VAL H 292 -27.26 43.49 -70.69
CA VAL H 292 -27.68 44.64 -69.84
C VAL H 292 -26.45 45.41 -69.36
N SER H 293 -25.49 44.71 -68.75
CA SER H 293 -24.29 45.37 -68.16
C SER H 293 -23.30 45.83 -69.23
N ALA H 294 -22.97 44.98 -70.20
CA ALA H 294 -21.91 45.30 -71.21
C ALA H 294 -22.23 46.57 -71.97
N PRO H 295 -23.48 46.80 -72.48
CA PRO H 295 -23.76 48.04 -73.21
C PRO H 295 -23.52 49.30 -72.35
N LYS H 296 -23.79 49.23 -71.06
CA LYS H 296 -23.55 50.36 -70.14
C LYS H 296 -22.04 50.61 -70.02
N LEU H 297 -21.25 49.56 -69.84
CA LEU H 297 -19.78 49.74 -69.70
C LEU H 297 -19.18 50.23 -71.03
N GLN H 298 -19.67 49.71 -72.16
CA GLN H 298 -19.21 50.14 -73.49
C GLN H 298 -19.48 51.64 -73.65
N ARG H 299 -20.68 52.11 -73.29
CA ARG H 299 -21.03 53.53 -73.48
C ARG H 299 -20.13 54.40 -72.59
N LEU H 300 -19.87 53.98 -71.35
CA LEU H 300 -19.00 54.76 -70.43
C LEU H 300 -17.61 54.91 -71.05
N GLY H 301 -17.06 53.83 -71.62
CA GLY H 301 -15.76 53.87 -72.32
C GLY H 301 -15.76 54.84 -73.48
N GLU H 302 -16.84 54.85 -74.28
CA GLU H 302 -16.97 55.80 -75.42
C GLU H 302 -17.00 57.24 -74.90
N ILE H 303 -17.68 57.50 -73.78
CA ILE H 303 -17.75 58.86 -73.20
C ILE H 303 -16.35 59.29 -72.77
N VAL H 304 -15.62 58.39 -72.12
CA VAL H 304 -14.22 58.70 -71.67
C VAL H 304 -13.40 59.10 -72.91
N ASP H 305 -13.46 58.34 -74.00
CA ASP H 305 -12.66 58.69 -75.21
C ASP H 305 -13.12 60.03 -75.78
N GLU H 306 -14.42 60.29 -75.82
CA GLU H 306 -14.95 61.57 -76.35
C GLU H 306 -14.36 62.73 -75.54
N MET H 307 -14.33 62.59 -74.21
CA MET H 307 -13.85 63.69 -73.32
C MET H 307 -12.33 63.83 -73.45
N MET H 308 -11.58 62.73 -73.56
CA MET H 308 -10.11 62.80 -73.73
C MET H 308 -9.78 63.46 -75.09
N ALA H 309 -10.58 63.22 -76.14
CA ALA H 309 -10.36 63.80 -77.49
C ALA H 309 -10.51 65.33 -77.44
N LYS H 310 -11.34 65.87 -76.53
CA LYS H 310 -11.56 67.33 -76.39
C LYS H 310 -10.33 68.02 -75.74
N ARG H 311 -9.33 67.28 -75.26
CA ARG H 311 -8.14 67.87 -74.56
C ARG H 311 -6.99 68.03 -75.58
N ASN I 23 5.67 12.24 -10.13
CA ASN I 23 5.52 12.73 -8.71
C ASN I 23 5.94 14.22 -8.66
N TYR I 24 5.10 15.07 -8.07
CA TYR I 24 5.46 16.47 -7.80
C TYR I 24 6.44 16.48 -6.63
N THR I 25 7.31 17.49 -6.61
CA THR I 25 8.27 17.69 -5.52
C THR I 25 8.12 19.12 -5.03
N ILE I 26 8.74 19.40 -3.90
CA ILE I 26 8.74 20.72 -3.21
C ILE I 26 9.01 21.86 -4.20
N LYS I 27 9.91 21.68 -5.18
CA LYS I 27 10.23 22.77 -6.15
C LYS I 27 8.98 23.26 -6.87
N ASP I 28 7.92 22.44 -6.95
CA ASP I 28 6.68 22.80 -7.68
C ASP I 28 5.86 23.86 -6.93
N ILE I 29 6.11 24.09 -5.64
CA ILE I 29 5.27 25.07 -4.86
C ILE I 29 6.16 26.15 -4.25
N THR I 30 7.42 26.24 -4.63
CA THR I 30 8.39 27.23 -4.07
C THR I 30 8.69 28.32 -5.11
N ARG I 31 9.22 29.44 -4.63
CA ARG I 31 9.84 30.48 -5.50
C ARG I 31 11.11 29.87 -6.09
N ALA I 32 11.71 30.55 -7.08
CA ALA I 32 12.98 30.06 -7.70
C ALA I 32 14.07 29.88 -6.64
N SER I 33 14.07 30.71 -5.57
CA SER I 33 15.03 30.65 -4.44
C SER I 33 14.91 29.33 -3.65
N GLY I 34 13.79 28.62 -3.79
CA GLY I 34 13.47 27.46 -2.93
C GLY I 34 12.66 27.86 -1.71
N GLY I 35 12.39 29.16 -1.51
CA GLY I 35 11.57 29.58 -0.36
C GLY I 35 10.09 29.42 -0.67
N PHE I 36 9.27 29.23 0.36
CA PHE I 36 7.80 29.13 0.20
C PHE I 36 7.17 30.50 0.46
N ALA I 37 6.42 31.03 -0.49
CA ALA I 37 5.70 32.30 -0.32
C ALA I 37 4.26 32.09 -0.74
N MET I 38 3.50 31.44 0.14
CA MET I 38 2.22 30.86 -0.28
C MET I 38 1.04 31.58 0.37
N LEU I 39 -0.04 31.65 -0.38
CA LEU I 39 -1.28 32.40 -0.03
C LEU I 39 -2.37 31.40 0.34
N ALA I 40 -3.07 31.65 1.45
CA ALA I 40 -4.23 30.83 1.88
C ALA I 40 -5.48 31.67 1.68
N VAL I 41 -6.48 31.13 0.98
CA VAL I 41 -7.83 31.75 0.90
C VAL I 41 -8.89 30.66 1.16
N ASP I 42 -8.55 29.60 1.88
CA ASP I 42 -9.43 28.42 2.05
C ASP I 42 -10.34 28.54 3.28
N GLN I 43 -10.33 29.66 4.00
CA GLN I 43 -11.13 29.80 5.25
C GLN I 43 -12.62 29.71 4.90
N ARG I 44 -13.40 28.98 5.69
CA ARG I 44 -14.80 28.64 5.35
C ARG I 44 -15.73 29.44 6.27
N GLU I 45 -16.42 28.80 7.22
CA GLU I 45 -17.32 29.56 8.12
C GLU I 45 -16.52 30.60 8.90
N ALA I 46 -15.23 30.37 9.20
CA ALA I 46 -14.39 31.40 9.87
C ALA I 46 -14.35 32.68 9.01
N MET I 47 -14.35 32.57 7.69
CA MET I 47 -14.33 33.76 6.81
C MET I 47 -15.71 34.43 6.84
N ARG I 48 -16.78 33.65 6.89
CA ARG I 48 -18.15 34.25 6.99
C ARG I 48 -18.23 35.08 8.28
N LEU I 49 -17.69 34.56 9.38
CA LEU I 49 -17.68 35.29 10.70
C LEU I 49 -16.88 36.59 10.54
N MET I 50 -15.79 36.59 9.78
CA MET I 50 -14.98 37.82 9.55
C MET I 50 -15.81 38.87 8.81
N PHE I 51 -16.56 38.46 7.80
CA PHE I 51 -17.43 39.39 7.02
C PHE I 51 -18.48 40.01 7.96
N ALA I 52 -19.14 39.18 8.77
CA ALA I 52 -20.15 39.66 9.74
C ALA I 52 -19.50 40.66 10.70
N ALA I 53 -18.35 40.32 11.28
CA ALA I 53 -17.61 41.16 12.25
C ALA I 53 -17.23 42.50 11.60
N ALA I 54 -16.99 42.56 10.29
CA ALA I 54 -16.55 43.78 9.56
C ALA I 54 -17.77 44.59 9.07
N GLY I 55 -18.99 44.17 9.39
CA GLY I 55 -20.20 44.97 9.14
C GLY I 55 -20.91 44.61 7.85
N ALA I 56 -20.60 43.47 7.20
CA ALA I 56 -21.35 42.99 6.04
C ALA I 56 -22.81 42.72 6.46
N LYS I 57 -23.76 42.95 5.55
CA LYS I 57 -25.21 42.62 5.76
C LYS I 57 -25.32 41.13 6.06
N THR I 58 -25.98 40.77 7.16
CA THR I 58 -26.23 39.38 7.59
C THR I 58 -27.65 38.99 7.19
N PRO I 59 -27.93 37.71 6.84
CA PRO I 59 -26.90 36.68 6.73
C PRO I 59 -25.98 36.90 5.52
N VAL I 60 -24.69 36.60 5.68
CA VAL I 60 -23.69 36.76 4.59
C VAL I 60 -23.87 35.61 3.60
N ALA I 61 -24.19 35.89 2.35
CA ALA I 61 -24.41 34.88 1.28
C ALA I 61 -23.10 34.15 0.98
N ASP I 62 -23.19 32.88 0.60
CA ASP I 62 -22.02 32.10 0.09
C ASP I 62 -21.31 32.88 -1.02
N SER I 63 -22.06 33.54 -1.92
CA SER I 63 -21.51 34.27 -3.09
C SER I 63 -20.55 35.37 -2.66
N VAL I 64 -20.75 35.97 -1.49
CA VAL I 64 -19.85 37.03 -0.95
C VAL I 64 -18.47 36.39 -0.68
N LEU I 65 -18.44 35.19 -0.10
CA LEU I 65 -17.18 34.48 0.19
C LEU I 65 -16.53 34.08 -1.14
N THR I 66 -17.30 33.48 -2.03
CA THR I 66 -16.79 33.01 -3.34
C THR I 66 -16.17 34.21 -4.09
N ASP I 67 -16.89 35.31 -4.17
CA ASP I 67 -16.42 36.50 -4.96
C ASP I 67 -15.11 37.02 -4.35
N PHE I 68 -15.03 37.11 -3.02
CA PHE I 68 -13.83 37.60 -2.32
C PHE I 68 -12.66 36.65 -2.58
N LYS I 69 -12.87 35.34 -2.43
CA LYS I 69 -11.80 34.32 -2.58
C LYS I 69 -11.27 34.36 -4.01
N VAL I 70 -12.16 34.44 -5.00
CA VAL I 70 -11.74 34.41 -6.42
C VAL I 70 -11.00 35.72 -6.75
N ASN I 71 -11.50 36.86 -6.25
CA ASN I 71 -10.79 38.15 -6.45
C ASN I 71 -9.41 38.08 -5.79
N ALA I 72 -9.32 37.54 -4.59
CA ALA I 72 -8.03 37.41 -3.87
C ALA I 72 -7.08 36.57 -4.71
N ALA I 73 -7.53 35.43 -5.22
CA ALA I 73 -6.69 34.55 -6.05
C ALA I 73 -6.25 35.32 -7.30
N LYS I 74 -7.20 35.98 -7.98
CA LYS I 74 -6.91 36.66 -9.27
C LYS I 74 -5.83 37.75 -9.05
N ILE I 75 -5.98 38.55 -8.02
CA ILE I 75 -5.14 39.75 -7.79
C ILE I 75 -3.85 39.36 -7.06
N LEU I 76 -3.87 38.37 -6.16
CA LEU I 76 -2.69 38.08 -5.30
C LEU I 76 -1.88 36.90 -5.80
N SER I 77 -2.46 35.97 -6.57
CA SER I 77 -1.70 34.75 -7.00
C SER I 77 -0.48 35.14 -7.82
N PRO I 78 -0.41 36.29 -8.55
CA PRO I 78 0.83 36.66 -9.22
C PRO I 78 2.04 36.84 -8.30
N TYR I 79 1.81 37.02 -6.99
CA TYR I 79 2.90 37.25 -6.00
C TYR I 79 3.18 36.01 -5.17
N ALA I 80 2.47 34.91 -5.39
CA ALA I 80 2.53 33.70 -4.55
C ALA I 80 3.12 32.52 -5.30
N SER I 81 3.91 31.69 -4.62
CA SER I 81 4.45 30.44 -5.22
C SER I 81 3.38 29.33 -5.23
N ALA I 82 2.38 29.46 -4.38
CA ALA I 82 1.21 28.55 -4.35
C ALA I 82 0.05 29.26 -3.66
N VAL I 83 -1.17 28.82 -3.99
CA VAL I 83 -2.40 29.32 -3.38
C VAL I 83 -3.22 28.13 -2.87
N LEU I 84 -3.74 28.24 -1.66
CA LEU I 84 -4.56 27.21 -0.99
C LEU I 84 -6.04 27.59 -1.11
N LEU I 85 -6.79 26.71 -1.80
CA LEU I 85 -8.21 26.93 -2.14
C LEU I 85 -9.04 25.82 -1.49
N ASP I 86 -10.31 26.12 -1.20
CA ASP I 86 -11.26 25.13 -0.67
C ASP I 86 -12.31 24.80 -1.70
N GLN I 87 -12.73 23.53 -1.75
CA GLN I 87 -13.82 23.14 -2.69
C GLN I 87 -15.13 23.78 -2.28
N GLN I 88 -15.38 23.99 -1.00
CA GLN I 88 -16.71 24.49 -0.51
C GLN I 88 -17.07 25.80 -1.23
N PHE I 89 -16.14 26.75 -1.35
CA PHE I 89 -16.49 28.12 -1.83
C PHE I 89 -15.74 28.58 -3.08
N CYS I 90 -14.56 28.07 -3.43
CA CYS I 90 -13.79 28.75 -4.50
C CYS I 90 -12.97 27.86 -5.44
N TYR I 91 -12.72 26.57 -5.17
CA TYR I 91 -11.77 25.83 -6.04
C TYR I 91 -12.31 25.79 -7.48
N ARG I 92 -13.55 25.34 -7.65
CA ARG I 92 -14.17 25.15 -9.00
C ARG I 92 -14.18 26.49 -9.71
N GLN I 93 -14.58 27.56 -9.00
CA GLN I 93 -14.72 28.93 -9.56
C GLN I 93 -13.36 29.46 -9.98
N ALA I 94 -12.31 29.30 -9.15
CA ALA I 94 -10.97 29.79 -9.46
C ALA I 94 -10.45 29.11 -10.74
N VAL I 95 -10.68 27.82 -10.87
CA VAL I 95 -10.23 27.02 -12.05
C VAL I 95 -11.03 27.50 -13.28
N GLU I 96 -12.36 27.54 -13.20
CA GLU I 96 -13.24 27.88 -14.35
C GLU I 96 -12.90 29.31 -14.83
N GLN I 97 -12.59 30.24 -13.91
CA GLN I 97 -12.36 31.67 -14.24
C GLN I 97 -10.89 31.96 -14.52
N ASN I 98 -10.01 30.94 -14.51
CA ASN I 98 -8.56 31.10 -14.75
C ASN I 98 -8.02 32.18 -13.82
N ALA I 99 -8.43 32.17 -12.54
CA ALA I 99 -8.03 33.19 -11.56
C ALA I 99 -6.60 32.96 -11.07
N VAL I 100 -6.07 31.75 -11.19
CA VAL I 100 -4.74 31.45 -10.60
C VAL I 100 -3.66 31.71 -11.65
N ALA I 101 -2.74 32.62 -11.38
CA ALA I 101 -1.59 32.90 -12.27
C ALA I 101 -0.84 31.58 -12.56
N LYS I 102 -0.35 31.40 -13.79
CA LYS I 102 0.36 30.15 -14.18
C LYS I 102 1.60 29.96 -13.29
N SER I 103 2.21 31.03 -12.79
CA SER I 103 3.42 31.00 -11.93
C SER I 103 3.08 30.48 -10.53
N CYS I 104 1.79 30.35 -10.20
CA CYS I 104 1.32 30.03 -8.81
C CYS I 104 0.67 28.64 -8.80
N ALA I 105 1.24 27.71 -8.03
CA ALA I 105 0.73 26.31 -7.92
C ALA I 105 -0.58 26.30 -7.11
N MET I 106 -1.47 25.35 -7.37
CA MET I 106 -2.70 25.20 -6.55
C MET I 106 -2.50 24.11 -5.49
N ILE I 107 -2.89 24.46 -4.27
CA ILE I 107 -3.06 23.53 -3.13
C ILE I 107 -4.54 23.44 -2.84
N VAL I 108 -5.06 22.22 -2.69
CA VAL I 108 -6.50 22.04 -2.41
C VAL I 108 -6.64 21.53 -0.98
N ALA I 109 -7.49 22.18 -0.19
CA ALA I 109 -7.81 21.73 1.17
C ALA I 109 -8.49 20.36 1.07
N ALA I 110 -8.09 19.43 1.93
CA ALA I 110 -8.67 18.08 1.98
C ALA I 110 -9.23 17.84 3.39
N ASP I 111 -9.53 18.91 4.12
CA ASP I 111 -10.07 18.80 5.51
C ASP I 111 -11.58 19.07 5.47
N ASP I 112 -12.30 18.35 6.32
CA ASP I 112 -13.75 18.53 6.53
C ASP I 112 -13.91 19.10 7.94
N PHE I 113 -14.28 20.36 8.03
CA PHE I 113 -14.38 21.06 9.35
C PHE I 113 -15.72 20.71 9.97
N ILE I 114 -15.71 20.33 11.24
CA ILE I 114 -16.94 20.03 11.99
C ILE I 114 -17.11 21.08 13.08
N PRO I 115 -18.20 21.87 13.04
CA PRO I 115 -18.44 22.84 14.09
C PRO I 115 -18.86 22.14 15.38
N GLY I 116 -18.74 22.88 16.49
CA GLY I 116 -19.18 22.37 17.80
C GLY I 116 -18.78 23.32 18.89
N ASN I 117 -19.46 23.24 20.03
CA ASN I 117 -19.15 24.10 21.20
C ASN I 117 -19.07 25.56 20.76
N GLY I 118 -19.94 25.97 19.85
CA GLY I 118 -20.10 27.39 19.45
C GLY I 118 -19.01 27.92 18.54
N ILE I 119 -18.13 27.07 18.00
CA ILE I 119 -17.04 27.52 17.06
C ILE I 119 -17.19 26.77 15.75
N PRO I 120 -16.69 27.33 14.64
CA PRO I 120 -16.82 26.67 13.35
C PRO I 120 -15.94 25.42 13.15
N VAL I 121 -14.79 25.37 13.82
CA VAL I 121 -13.81 24.28 13.63
C VAL I 121 -13.48 23.66 14.98
N ASP I 122 -14.37 22.80 15.47
CA ASP I 122 -14.23 22.09 16.77
C ASP I 122 -13.53 20.76 16.53
N ASN I 123 -13.77 20.16 15.38
CA ASN I 123 -13.16 18.86 15.00
C ASN I 123 -12.86 18.91 13.50
N VAL I 124 -11.96 18.07 13.06
CA VAL I 124 -11.60 17.98 11.61
C VAL I 124 -11.38 16.51 11.26
N VAL I 125 -11.89 16.11 10.12
CA VAL I 125 -11.62 14.78 9.53
C VAL I 125 -11.15 14.95 8.10
N LEU I 126 -10.54 13.93 7.55
CA LEU I 126 -10.21 13.88 6.10
C LEU I 126 -11.50 13.97 5.29
N ASP I 127 -11.55 14.84 4.30
CA ASP I 127 -12.74 15.04 3.44
C ASP I 127 -12.80 13.84 2.48
N LYS I 128 -13.72 12.91 2.73
CA LYS I 128 -13.87 11.67 1.91
C LYS I 128 -14.40 12.01 0.51
N LYS I 129 -14.87 13.24 0.25
CA LYS I 129 -15.47 13.67 -1.05
C LYS I 129 -14.40 14.19 -2.02
N ILE I 130 -13.18 14.54 -1.54
CA ILE I 130 -12.11 15.12 -2.40
C ILE I 130 -11.73 14.05 -3.45
N ASN I 131 -11.79 14.39 -4.73
CA ASN I 131 -11.34 13.49 -5.82
C ASN I 131 -9.93 13.93 -6.23
N ALA I 132 -8.91 13.27 -5.67
CA ALA I 132 -7.49 13.66 -5.85
C ALA I 132 -7.14 13.64 -7.34
N GLN I 133 -7.62 12.66 -8.08
CA GLN I 133 -7.33 12.53 -9.53
C GLN I 133 -7.91 13.73 -10.27
N ALA I 134 -9.13 14.15 -9.93
CA ALA I 134 -9.82 15.27 -10.61
C ALA I 134 -9.06 16.58 -10.32
N VAL I 135 -8.66 16.83 -9.06
CA VAL I 135 -7.96 18.10 -8.77
C VAL I 135 -6.58 18.05 -9.40
N LYS I 136 -5.95 16.88 -9.49
CA LYS I 136 -4.64 16.74 -10.18
C LYS I 136 -4.81 17.10 -11.68
N ARG I 137 -5.88 16.61 -12.33
CA ARG I 137 -6.11 16.94 -13.77
C ARG I 137 -6.23 18.46 -13.95
N ASP I 138 -6.77 19.15 -12.96
CA ASP I 138 -6.95 20.63 -13.01
C ASP I 138 -5.63 21.37 -12.78
N GLY I 139 -4.57 20.68 -12.32
CA GLY I 139 -3.23 21.26 -12.17
C GLY I 139 -2.80 21.40 -10.71
N ALA I 140 -3.61 20.97 -9.75
CA ALA I 140 -3.23 20.95 -8.31
C ALA I 140 -1.94 20.17 -8.10
N LYS I 141 -1.07 20.64 -7.21
CA LYS I 141 0.23 20.00 -6.94
C LYS I 141 0.25 19.44 -5.50
N ALA I 142 -0.72 19.82 -4.66
CA ALA I 142 -0.63 19.52 -3.23
C ALA I 142 -2.02 19.57 -2.60
N LEU I 143 -2.18 18.82 -1.51
CA LEU I 143 -3.37 18.90 -0.66
C LEU I 143 -2.92 19.36 0.74
N LYS I 144 -3.87 19.87 1.52
CA LYS I 144 -3.60 20.42 2.85
C LYS I 144 -4.60 19.80 3.84
N LEU I 145 -4.10 19.48 5.05
CA LEU I 145 -4.94 18.94 6.13
C LEU I 145 -4.65 19.63 7.45
N LEU I 146 -5.65 20.31 7.99
CA LEU I 146 -5.64 20.81 9.39
C LEU I 146 -5.72 19.62 10.33
N VAL I 147 -4.89 19.62 11.37
CA VAL I 147 -4.92 18.59 12.44
C VAL I 147 -5.08 19.34 13.77
N LEU I 148 -6.24 19.24 14.41
CA LEU I 148 -6.38 19.88 15.74
C LEU I 148 -5.68 19.01 16.79
N TRP I 149 -4.85 19.63 17.61
CA TRP I 149 -4.02 18.94 18.62
C TRP I 149 -4.49 19.34 20.00
N ARG I 150 -4.91 18.35 20.80
CA ARG I 150 -5.28 18.55 22.22
C ARG I 150 -4.54 17.53 23.08
N SER I 151 -4.06 17.97 24.25
CA SER I 151 -3.21 17.17 25.15
C SER I 151 -3.93 15.91 25.62
N ASP I 152 -5.27 15.90 25.66
CA ASP I 152 -6.06 14.79 26.24
C ASP I 152 -6.84 14.07 25.16
N GLU I 153 -6.49 14.27 23.88
CA GLU I 153 -7.04 13.45 22.79
C GLU I 153 -5.92 12.52 22.33
N ASP I 154 -6.30 11.41 21.73
CA ASP I 154 -5.39 10.28 21.43
C ASP I 154 -4.45 10.66 20.28
N ALA I 155 -3.14 10.63 20.51
CA ALA I 155 -2.11 10.84 19.47
C ALA I 155 -2.31 9.84 18.31
N GLN I 156 -2.69 8.59 18.61
CA GLN I 156 -2.78 7.55 17.56
C GLN I 156 -3.86 7.92 16.53
N GLN I 157 -4.98 8.50 16.93
CA GLN I 157 -6.05 8.95 15.99
C GLN I 157 -5.51 10.06 15.05
N ARG I 158 -4.73 11.00 15.60
CA ARG I 158 -4.11 12.08 14.76
C ARG I 158 -3.11 11.45 13.77
N LEU I 159 -2.24 10.58 14.26
CA LEU I 159 -1.22 9.91 13.42
C LEU I 159 -1.91 9.08 12.34
N ASN I 160 -2.99 8.39 12.65
CA ASN I 160 -3.74 7.57 11.66
C ASN I 160 -4.35 8.48 10.58
N MET I 161 -4.90 9.63 10.98
CA MET I 161 -5.48 10.57 9.98
C MET I 161 -4.34 11.09 9.08
N VAL I 162 -3.20 11.43 9.65
CA VAL I 162 -2.05 11.95 8.84
C VAL I 162 -1.56 10.84 7.90
N LYS I 163 -1.47 9.60 8.37
CA LYS I 163 -1.04 8.46 7.50
C LYS I 163 -2.01 8.30 6.33
N GLU I 164 -3.32 8.31 6.56
CA GLU I 164 -4.33 8.18 5.49
C GLU I 164 -4.20 9.36 4.53
N PHE I 165 -4.02 10.55 5.04
CA PHE I 165 -3.83 11.78 4.22
C PHE I 165 -2.57 11.67 3.36
N ASN I 166 -1.44 11.27 3.94
CA ASN I 166 -0.17 11.13 3.19
C ASN I 166 -0.36 10.13 2.05
N GLU I 167 -1.08 9.03 2.32
CA GLU I 167 -1.32 7.98 1.29
C GLU I 167 -2.20 8.56 0.17
N LEU I 168 -3.24 9.32 0.51
CA LEU I 168 -4.11 10.01 -0.49
C LEU I 168 -3.24 10.88 -1.39
N CYS I 169 -2.36 11.68 -0.82
CA CYS I 169 -1.48 12.60 -1.59
C CYS I 169 -0.50 11.76 -2.44
N HIS I 170 0.32 10.95 -1.78
CA HIS I 170 1.51 10.30 -2.38
C HIS I 170 1.08 9.28 -3.45
N SER I 171 -0.04 8.58 -3.24
CA SER I 171 -0.57 7.59 -4.20
C SER I 171 -1.04 8.31 -5.47
N ASN I 172 -1.23 9.63 -5.42
CA ASN I 172 -1.70 10.43 -6.58
C ASN I 172 -0.58 11.38 -7.06
N GLY I 173 0.64 11.27 -6.55
CA GLY I 173 1.78 12.09 -6.98
C GLY I 173 1.66 13.52 -6.49
N LEU I 174 0.87 13.78 -5.45
CA LEU I 174 0.64 15.14 -4.87
C LEU I 174 1.45 15.28 -3.59
N LEU I 175 1.82 16.53 -3.26
CA LEU I 175 2.49 16.85 -1.99
C LEU I 175 1.45 16.86 -0.87
N SER I 176 1.89 16.53 0.33
CA SER I 176 1.07 16.53 1.57
C SER I 176 1.54 17.69 2.45
N ILE I 177 0.63 18.59 2.78
CA ILE I 177 0.89 19.70 3.72
C ILE I 177 -0.02 19.47 4.94
N ILE I 178 0.58 19.33 6.12
CA ILE I 178 -0.17 19.19 7.38
C ILE I 178 -0.06 20.48 8.18
N GLU I 179 -1.12 20.82 8.89
CA GLU I 179 -1.23 22.06 9.69
C GLU I 179 -1.72 21.68 11.10
N PRO I 180 -0.81 21.30 12.02
CA PRO I 180 -1.22 21.05 13.40
C PRO I 180 -1.49 22.37 14.11
N VAL I 181 -2.66 22.48 14.71
CA VAL I 181 -3.13 23.69 15.43
C VAL I 181 -3.51 23.28 16.85
N VAL I 182 -2.97 23.94 17.85
CA VAL I 182 -3.17 23.53 19.27
C VAL I 182 -4.48 24.14 19.79
N ARG I 183 -5.19 23.36 20.57
CA ARG I 183 -6.42 23.80 21.24
C ARG I 183 -6.35 23.36 22.69
N PRO I 184 -7.09 24.04 23.59
CA PRO I 184 -7.17 23.60 24.97
C PRO I 184 -7.74 22.20 25.08
N PRO I 185 -7.44 21.49 26.19
CA PRO I 185 -7.89 20.11 26.35
C PRO I 185 -9.43 20.05 26.40
N ARG I 186 -9.98 18.91 26.07
CA ARG I 186 -11.45 18.68 26.15
C ARG I 186 -11.87 18.77 27.62
N CYS I 187 -11.04 18.28 28.51
CA CYS I 187 -11.34 18.20 29.97
CA CYS I 187 -11.34 18.19 29.97
C CYS I 187 -10.11 18.70 30.73
N GLY I 188 -10.32 19.63 31.65
CA GLY I 188 -9.24 20.20 32.47
C GLY I 188 -8.96 21.63 32.04
N ASP I 189 -8.04 22.28 32.73
CA ASP I 189 -7.71 23.70 32.48
C ASP I 189 -6.21 23.88 32.33
N LYS I 190 -5.47 22.78 32.20
CA LYS I 190 -4.00 22.79 31.98
C LYS I 190 -3.78 23.02 30.49
N PHE I 191 -3.48 24.25 30.09
CA PHE I 191 -3.21 24.59 28.66
C PHE I 191 -2.06 25.58 28.62
N ASP I 192 -0.92 25.09 28.17
CA ASP I 192 0.30 25.88 27.92
C ASP I 192 0.46 25.91 26.39
N ARG I 193 0.03 26.98 25.75
CA ARG I 193 -0.03 27.04 24.26
C ARG I 193 1.37 26.79 23.67
N GLU I 194 2.42 27.41 24.26
CA GLU I 194 3.80 27.31 23.71
C GLU I 194 4.28 25.85 23.83
N GLN I 195 4.01 25.19 24.97
CA GLN I 195 4.41 23.76 25.13
C GLN I 195 3.58 22.89 24.21
N ALA I 196 2.30 23.19 24.01
CA ALA I 196 1.42 22.39 23.11
C ALA I 196 1.99 22.41 21.68
N ILE I 197 2.46 23.58 21.22
CA ILE I 197 3.03 23.68 19.84
C ILE I 197 4.24 22.74 19.73
N ILE I 198 5.10 22.73 20.76
CA ILE I 198 6.30 21.86 20.79
C ILE I 198 5.84 20.39 20.84
N ASP I 199 4.84 20.05 21.67
CA ASP I 199 4.37 18.65 21.82
C ASP I 199 3.78 18.18 20.49
N ALA I 200 3.04 19.03 19.77
CA ALA I 200 2.46 18.69 18.47
C ALA I 200 3.60 18.41 17.47
N ALA I 201 4.67 19.21 17.49
CA ALA I 201 5.82 19.02 16.57
C ALA I 201 6.55 17.73 16.95
N LYS I 202 6.75 17.45 18.24
CA LYS I 202 7.37 16.16 18.65
C LYS I 202 6.55 14.99 18.10
N GLU I 203 5.23 15.11 18.10
CA GLU I 203 4.32 14.02 17.68
C GLU I 203 4.28 13.93 16.14
N LEU I 204 4.16 15.04 15.43
CA LEU I 204 3.77 15.04 14.00
C LEU I 204 4.90 15.57 13.08
N GLY I 205 5.99 16.04 13.66
CA GLY I 205 7.12 16.67 12.94
C GLY I 205 7.91 15.70 12.12
N ASP I 206 7.70 14.38 12.27
CA ASP I 206 8.41 13.36 11.45
C ASP I 206 7.39 12.36 10.91
N SER I 207 6.19 12.82 10.53
CA SER I 207 5.03 11.94 10.23
C SER I 207 4.97 11.61 8.73
N GLY I 208 5.97 11.98 7.94
CA GLY I 208 6.08 11.60 6.52
C GLY I 208 5.34 12.55 5.58
N ALA I 209 4.78 13.66 6.06
CA ALA I 209 4.22 14.71 5.19
C ALA I 209 5.37 15.41 4.47
N ASP I 210 5.08 16.15 3.42
CA ASP I 210 6.13 16.89 2.65
C ASP I 210 6.41 18.24 3.28
N LEU I 211 5.43 18.82 3.99
CA LEU I 211 5.55 20.21 4.52
C LEU I 211 4.71 20.33 5.78
N TYR I 212 5.30 20.94 6.80
CA TYR I 212 4.71 21.22 8.12
C TYR I 212 4.37 22.71 8.20
N LYS I 213 3.10 23.02 8.38
CA LYS I 213 2.59 24.40 8.51
C LYS I 213 2.24 24.64 9.96
N VAL I 214 2.92 25.57 10.62
CA VAL I 214 2.87 25.69 12.09
C VAL I 214 2.50 27.11 12.50
N GLU I 215 1.86 27.20 13.66
CA GLU I 215 1.58 28.48 14.34
C GLU I 215 2.90 29.09 14.82
N MET I 216 2.97 30.41 14.78
CA MET I 216 4.18 31.12 15.22
C MET I 216 4.22 31.10 16.74
N PRO I 217 5.35 30.66 17.36
CA PRO I 217 5.51 30.83 18.80
C PRO I 217 5.26 32.26 19.25
N LEU I 218 4.64 32.40 20.41
CA LEU I 218 4.46 33.68 21.14
C LEU I 218 3.62 34.68 20.33
N TYR I 219 2.86 34.20 19.33
CA TYR I 219 2.02 35.06 18.45
C TYR I 219 2.89 36.11 17.75
N GLY I 220 4.19 35.85 17.58
CA GLY I 220 5.13 36.79 16.96
C GLY I 220 5.38 38.04 17.78
N LYS I 221 4.97 38.06 19.05
CA LYS I 221 5.07 39.27 19.92
C LYS I 221 6.38 39.24 20.71
N GLY I 222 6.77 40.40 21.25
CA GLY I 222 7.86 40.49 22.25
C GLY I 222 9.20 40.76 21.62
N ALA I 223 10.27 40.58 22.38
CA ALA I 223 11.66 40.81 21.95
C ALA I 223 12.03 39.80 20.85
N ARG I 224 12.71 40.28 19.83
CA ARG I 224 13.19 39.46 18.70
C ARG I 224 14.02 38.28 19.22
N SER I 225 14.86 38.49 20.24
CA SER I 225 15.78 37.45 20.75
C SER I 225 14.97 36.29 21.35
N ASP I 226 13.90 36.59 22.09
CA ASP I 226 13.04 35.53 22.69
C ASP I 226 12.27 34.79 21.59
N LEU I 227 11.85 35.52 20.56
CA LEU I 227 11.11 34.93 19.42
C LEU I 227 12.04 33.96 18.68
N LEU I 228 13.30 34.34 18.50
CA LEU I 228 14.28 33.48 17.82
C LEU I 228 14.52 32.20 18.64
N THR I 229 14.77 32.32 19.95
CA THR I 229 14.97 31.15 20.84
C THR I 229 13.77 30.18 20.72
N ALA I 230 12.55 30.70 20.77
CA ALA I 230 11.31 29.90 20.72
C ALA I 230 11.21 29.22 19.34
N SER I 231 11.61 29.90 18.29
CA SER I 231 11.56 29.39 16.89
C SER I 231 12.62 28.31 16.71
N GLN I 232 13.80 28.48 17.32
CA GLN I 232 14.89 27.47 17.21
C GLN I 232 14.48 26.21 17.96
N ARG I 233 13.83 26.37 19.11
CA ARG I 233 13.32 25.22 19.89
C ARG I 233 12.35 24.41 19.02
N LEU I 234 11.43 25.09 18.35
CA LEU I 234 10.43 24.47 17.46
C LEU I 234 11.12 23.78 16.30
N ASN I 235 12.09 24.45 15.67
CA ASN I 235 12.82 23.91 14.50
C ASN I 235 13.41 22.53 14.85
N GLY I 236 13.95 22.37 16.04
CA GLY I 236 14.62 21.13 16.50
C GLY I 236 13.69 19.94 16.49
N HIS I 237 12.36 20.14 16.51
CA HIS I 237 11.36 19.04 16.60
C HIS I 237 10.68 18.80 15.24
N ILE I 238 11.05 19.54 14.20
CA ILE I 238 10.40 19.38 12.87
C ILE I 238 11.43 18.79 11.89
N ASN I 239 11.12 17.62 11.34
CA ASN I 239 12.09 16.85 10.51
C ASN I 239 11.67 16.85 9.04
N MET I 240 10.95 17.90 8.63
CA MET I 240 10.54 18.14 7.23
C MET I 240 10.63 19.65 7.05
N PRO I 241 10.58 20.18 5.83
CA PRO I 241 10.55 21.64 5.65
C PRO I 241 9.31 22.17 6.38
N TRP I 242 9.41 23.38 6.90
CA TRP I 242 8.26 23.99 7.63
C TRP I 242 8.10 25.45 7.26
N VAL I 243 6.85 25.89 7.34
CA VAL I 243 6.45 27.29 7.05
C VAL I 243 5.56 27.74 8.21
N ILE I 244 5.43 29.03 8.40
CA ILE I 244 4.50 29.57 9.43
C ILE I 244 3.22 30.06 8.79
N LEU I 245 2.13 29.94 9.54
CA LEU I 245 0.82 30.51 9.20
C LEU I 245 0.65 31.78 10.03
N SER I 246 -0.31 32.64 9.65
CA SER I 246 -0.41 33.99 10.21
C SER I 246 -1.52 34.09 11.28
N SER I 247 -2.44 33.12 11.36
CA SER I 247 -3.52 33.18 12.36
C SER I 247 -2.93 33.39 13.76
N GLY I 248 -3.36 34.43 14.45
CA GLY I 248 -2.88 34.77 15.79
C GLY I 248 -1.76 35.81 15.77
N VAL I 249 -1.17 36.11 14.62
CA VAL I 249 -0.06 37.10 14.51
C VAL I 249 -0.63 38.38 13.89
N ASP I 250 -0.43 39.50 14.56
CA ASP I 250 -0.79 40.82 14.00
C ASP I 250 -0.14 40.97 12.61
N GLU I 251 -0.87 41.45 11.62
CA GLU I 251 -0.36 41.61 10.24
C GLU I 251 0.94 42.44 10.24
N LYS I 252 1.10 43.36 11.21
CA LYS I 252 2.29 44.25 11.27
C LYS I 252 3.51 43.49 11.82
N LEU I 253 3.29 42.38 12.55
CA LEU I 253 4.40 41.59 13.16
C LEU I 253 4.70 40.36 12.29
N PHE I 254 3.90 40.09 11.28
CA PHE I 254 4.06 38.85 10.49
C PHE I 254 5.36 38.91 9.67
N PRO I 255 5.77 40.06 9.08
CA PRO I 255 7.05 40.09 8.36
C PRO I 255 8.24 39.73 9.26
N ARG I 256 8.27 40.25 10.48
CA ARG I 256 9.33 39.90 11.44
C ARG I 256 9.23 38.40 11.79
N ALA I 257 8.02 37.89 11.95
CA ALA I 257 7.81 36.46 12.29
C ALA I 257 8.42 35.58 11.20
N VAL I 258 8.21 35.93 9.93
CA VAL I 258 8.76 35.14 8.80
C VAL I 258 10.29 35.20 8.88
N ARG I 259 10.85 36.38 9.06
CA ARG I 259 12.32 36.58 9.13
C ARG I 259 12.89 35.71 10.27
N VAL I 260 12.29 35.78 11.46
CA VAL I 260 12.81 35.06 12.65
C VAL I 260 12.63 33.55 12.46
N ALA I 261 11.46 33.11 11.98
CA ALA I 261 11.20 31.66 11.76
C ALA I 261 12.23 31.13 10.78
N MET I 262 12.51 31.88 9.70
CA MET I 262 13.46 31.41 8.66
C MET I 262 14.89 31.42 9.24
N GLU I 263 15.24 32.39 10.07
CA GLU I 263 16.56 32.37 10.75
C GLU I 263 16.68 31.10 11.59
N ALA I 264 15.58 30.65 12.18
CA ALA I 264 15.51 29.43 13.03
C ALA I 264 15.49 28.15 12.19
N GLY I 265 15.24 28.21 10.90
CA GLY I 265 15.23 27.00 10.04
C GLY I 265 13.97 26.82 9.21
N ALA I 266 12.95 27.63 9.37
CA ALA I 266 11.74 27.59 8.50
C ALA I 266 12.13 27.99 7.08
N SER I 267 11.30 27.65 6.10
CA SER I 267 11.58 27.89 4.65
C SER I 267 10.57 28.87 4.06
N GLY I 268 9.71 29.47 4.88
CA GLY I 268 8.81 30.54 4.43
C GLY I 268 7.47 30.51 5.13
N PHE I 269 6.41 30.81 4.40
CA PHE I 269 5.08 31.07 5.01
C PHE I 269 3.99 30.53 4.10
N LEU I 270 2.85 30.27 4.73
CA LEU I 270 1.57 30.04 4.00
C LEU I 270 0.55 30.85 4.78
N ALA I 271 0.20 32.02 4.26
CA ALA I 271 -0.52 33.05 5.04
C ALA I 271 -1.79 33.50 4.33
N GLY I 272 -2.82 33.77 5.12
CA GLY I 272 -4.08 34.35 4.64
C GLY I 272 -4.36 35.65 5.36
N ARG I 273 -4.66 35.58 6.65
CA ARG I 273 -5.17 36.77 7.39
C ARG I 273 -4.18 37.94 7.29
N ALA I 274 -2.89 37.70 7.47
CA ALA I 274 -1.85 38.75 7.47
C ALA I 274 -1.74 39.43 6.11
N VAL I 275 -2.32 38.84 5.06
CA VAL I 275 -2.34 39.42 3.70
C VAL I 275 -3.67 40.16 3.46
N TRP I 276 -4.82 39.53 3.70
CA TRP I 276 -6.11 40.08 3.20
C TRP I 276 -7.15 40.36 4.29
N SER I 277 -6.94 40.01 5.56
CA SER I 277 -8.03 40.19 6.57
C SER I 277 -8.44 41.67 6.64
N SER I 278 -7.48 42.59 6.50
CA SER I 278 -7.76 44.04 6.80
C SER I 278 -8.68 44.65 5.73
N VAL I 279 -8.84 44.04 4.55
CA VAL I 279 -9.68 44.65 3.48
C VAL I 279 -11.11 44.11 3.52
N ILE I 280 -11.40 43.13 4.36
CA ILE I 280 -12.78 42.55 4.44
C ILE I 280 -13.74 43.68 4.89
N GLY I 281 -14.78 43.90 4.09
CA GLY I 281 -15.85 44.87 4.36
C GLY I 281 -15.52 46.27 3.87
N LEU I 282 -14.29 46.53 3.37
CA LEU I 282 -13.98 47.85 2.76
C LEU I 282 -14.68 47.97 1.41
N PRO I 283 -15.03 49.18 0.97
CA PRO I 283 -15.53 49.36 -0.39
C PRO I 283 -14.47 49.06 -1.46
N ASP I 284 -14.89 48.72 -2.68
CA ASP I 284 -13.96 48.55 -3.84
C ASP I 284 -12.96 47.41 -3.54
N THR I 285 -13.47 46.21 -3.28
CA THR I 285 -12.64 45.01 -2.93
C THR I 285 -11.44 44.85 -3.87
N GLU I 286 -11.63 44.87 -5.17
CA GLU I 286 -10.53 44.63 -6.14
C GLU I 286 -9.43 45.69 -5.97
N LEU I 287 -9.81 46.95 -5.80
CA LEU I 287 -8.84 48.05 -5.58
C LEU I 287 -8.10 47.80 -4.25
N MET I 288 -8.81 47.42 -3.21
CA MET I 288 -8.24 47.21 -1.86
C MET I 288 -7.26 46.02 -1.88
N LEU I 289 -7.61 44.92 -2.56
CA LEU I 289 -6.68 43.77 -2.66
C LEU I 289 -5.40 44.20 -3.37
N ARG I 290 -5.50 45.02 -4.41
CA ARG I 290 -4.32 45.47 -5.18
C ARG I 290 -3.49 46.47 -4.36
N ASP I 291 -4.13 47.39 -3.64
CA ASP I 291 -3.43 48.55 -3.02
C ASP I 291 -3.02 48.26 -1.57
N VAL I 292 -3.73 47.40 -0.86
CA VAL I 292 -3.52 47.16 0.59
C VAL I 292 -2.90 45.75 0.78
N SER I 293 -3.54 44.73 0.24
CA SER I 293 -3.11 43.33 0.43
C SER I 293 -1.86 42.99 -0.40
N ALA I 294 -1.81 43.33 -1.67
CA ALA I 294 -0.71 42.93 -2.56
C ALA I 294 0.64 43.43 -2.05
N PRO I 295 0.80 44.71 -1.62
CA PRO I 295 2.10 45.16 -1.12
C PRO I 295 2.59 44.34 0.09
N LYS I 296 1.68 43.89 0.94
CA LYS I 296 2.05 43.05 2.11
C LYS I 296 2.55 41.67 1.61
N LEU I 297 1.85 41.07 0.66
CA LEU I 297 2.29 39.74 0.12
C LEU I 297 3.61 39.89 -0.63
N GLN I 298 3.77 40.97 -1.40
CA GLN I 298 5.03 41.25 -2.14
C GLN I 298 6.18 41.36 -1.14
N ARG I 299 5.99 42.09 -0.03
CA ARG I 299 7.09 42.26 0.95
C ARG I 299 7.46 40.91 1.55
N LEU I 300 6.47 40.09 1.90
CA LEU I 300 6.73 38.78 2.52
C LEU I 300 7.57 37.92 1.55
N GLY I 301 7.23 37.94 0.25
CA GLY I 301 8.00 37.19 -0.76
C GLY I 301 9.45 37.68 -0.86
N GLU I 302 9.65 39.00 -0.78
CA GLU I 302 11.03 39.59 -0.80
C GLU I 302 11.81 39.13 0.43
N ILE I 303 11.16 39.06 1.60
CA ILE I 303 11.82 38.62 2.86
C ILE I 303 12.23 37.15 2.69
N VAL I 304 11.33 36.33 2.14
CA VAL I 304 11.65 34.89 1.93
C VAL I 304 12.93 34.79 1.07
N ASP I 305 12.98 35.52 -0.04
CA ASP I 305 14.17 35.46 -0.94
C ASP I 305 15.42 35.94 -0.21
N GLU I 306 15.33 37.02 0.57
CA GLU I 306 16.48 37.56 1.31
C GLU I 306 17.02 36.47 2.26
N MET I 307 16.12 35.77 2.96
CA MET I 307 16.53 34.75 3.95
C MET I 307 17.11 33.52 3.22
N MET I 308 16.52 33.11 2.10
CA MET I 308 17.04 31.93 1.34
C MET I 308 18.44 32.28 0.79
N ALA I 309 18.68 33.54 0.39
CA ALA I 309 19.99 33.99 -0.18
C ALA I 309 21.08 33.87 0.88
N LYS I 310 20.75 34.02 2.17
CA LYS I 310 21.74 33.90 3.28
C LYS I 310 22.16 32.44 3.53
N ARG I 311 21.57 31.45 2.86
CA ARG I 311 21.94 30.01 2.97
C ARG I 311 22.87 29.61 1.82
N ASN J 23 6.33 -46.27 42.85
CA ASN J 23 7.17 -45.24 42.23
C ASN J 23 8.38 -45.06 43.15
N TYR J 24 9.56 -45.55 42.74
CA TYR J 24 10.82 -45.27 43.44
C TYR J 24 11.19 -43.81 43.17
N THR J 25 11.88 -43.17 44.13
CA THR J 25 12.41 -41.82 44.00
C THR J 25 13.92 -41.86 44.33
N ILE J 26 14.61 -40.76 44.07
CA ILE J 26 16.07 -40.62 44.25
C ILE J 26 16.49 -41.09 45.66
N LYS J 27 15.67 -40.85 46.69
CA LYS J 27 16.03 -41.25 48.08
C LYS J 27 16.28 -42.75 48.16
N ASP J 28 15.75 -43.55 47.24
CA ASP J 28 15.89 -45.03 47.28
C ASP J 28 17.29 -45.46 46.88
N ILE J 29 18.12 -44.60 46.27
CA ILE J 29 19.49 -45.03 45.85
C ILE J 29 20.57 -44.16 46.49
N THR J 30 20.21 -43.32 47.46
CA THR J 30 21.17 -42.42 48.16
C THR J 30 21.47 -42.91 49.57
N ARG J 31 22.57 -42.43 50.13
CA ARG J 31 22.89 -42.57 51.56
C ARG J 31 21.86 -41.76 52.36
N ALA J 32 21.82 -41.93 53.68
CA ALA J 32 20.92 -41.15 54.57
C ALA J 32 21.15 -39.64 54.36
N SER J 33 22.39 -39.21 54.08
CA SER J 33 22.78 -37.80 53.84
C SER J 33 22.13 -37.24 52.56
N GLY J 34 21.65 -38.11 51.66
CA GLY J 34 21.19 -37.70 50.33
C GLY J 34 22.29 -37.77 49.28
N GLY J 35 23.53 -38.12 49.68
CA GLY J 35 24.62 -38.27 48.69
C GLY J 35 24.53 -39.61 47.99
N PHE J 36 25.08 -39.70 46.77
CA PHE J 36 25.14 -40.98 46.03
C PHE J 36 26.51 -41.60 46.24
N ALA J 37 26.56 -42.82 46.75
CA ALA J 37 27.84 -43.57 46.92
C ALA J 37 27.66 -44.94 46.31
N MET J 38 27.72 -44.99 44.98
CA MET J 38 27.20 -46.17 44.27
C MET J 38 28.34 -46.94 43.59
N LEU J 39 28.18 -48.26 43.55
CA LEU J 39 29.18 -49.22 43.04
C LEU J 39 28.72 -49.75 41.69
N ALA J 40 29.61 -49.78 40.70
CA ALA J 40 29.35 -50.37 39.38
C ALA J 40 30.13 -51.69 39.26
N VAL J 41 29.45 -52.77 38.91
CA VAL J 41 30.13 -54.05 38.56
C VAL J 41 29.52 -54.60 37.26
N ASP J 42 28.94 -53.74 36.40
CA ASP J 42 28.18 -54.17 35.20
C ASP J 42 29.08 -54.31 33.97
N GLN J 43 30.39 -54.12 34.07
CA GLN J 43 31.27 -54.13 32.88
C GLN J 43 31.26 -55.56 32.29
N ARG J 44 31.20 -55.66 30.95
CA ARG J 44 30.93 -56.96 30.28
C ARG J 44 32.23 -57.38 29.58
N GLU J 45 32.31 -57.32 28.26
CA GLU J 45 33.54 -57.74 27.56
C GLU J 45 34.71 -56.87 28.01
N ALA J 46 34.49 -55.61 28.39
CA ALA J 46 35.58 -54.75 28.91
C ALA J 46 36.18 -55.40 30.17
N MET J 47 35.38 -56.05 31.01
CA MET J 47 35.91 -56.71 32.22
C MET J 47 36.68 -57.97 31.81
N ARG J 48 36.22 -58.72 30.81
CA ARG J 48 36.98 -59.91 30.34
C ARG J 48 38.37 -59.45 29.87
N LEU J 49 38.45 -58.34 29.15
CA LEU J 49 39.75 -57.79 28.65
C LEU J 49 40.63 -57.43 29.84
N MET J 50 40.06 -56.91 30.93
CA MET J 50 40.84 -56.56 32.15
C MET J 50 41.44 -57.82 32.76
N PHE J 51 40.67 -58.92 32.83
CA PHE J 51 41.18 -60.20 33.38
C PHE J 51 42.35 -60.70 32.52
N ALA J 52 42.19 -60.69 31.20
CA ALA J 52 43.26 -61.13 30.26
C ALA J 52 44.50 -60.27 30.48
N ALA J 53 44.35 -58.94 30.52
CA ALA J 53 45.47 -57.98 30.70
C ALA J 53 46.19 -58.23 32.03
N ALA J 54 45.50 -58.72 33.07
CA ALA J 54 46.06 -58.97 34.42
C ALA J 54 46.66 -60.38 34.54
N GLY J 55 46.65 -61.16 33.45
CA GLY J 55 47.35 -62.46 33.38
C GLY J 55 46.47 -63.65 33.67
N ALA J 56 45.14 -63.52 33.69
CA ALA J 56 44.21 -64.66 33.82
C ALA J 56 44.39 -65.60 32.62
N LYS J 57 44.25 -66.92 32.84
CA LYS J 57 44.33 -67.95 31.78
C LYS J 57 43.27 -67.63 30.72
N THR J 58 43.67 -67.55 29.45
CA THR J 58 42.76 -67.30 28.31
C THR J 58 42.43 -68.63 27.64
N PRO J 59 41.22 -68.81 27.04
CA PRO J 59 40.16 -67.81 27.12
C PRO J 59 39.56 -67.70 28.54
N VAL J 60 39.21 -66.49 28.97
CA VAL J 60 38.62 -66.24 30.31
C VAL J 60 37.16 -66.69 30.25
N ALA J 61 36.77 -67.66 31.07
CA ALA J 61 35.39 -68.20 31.10
C ALA J 61 34.42 -67.14 31.64
N ASP J 62 33.18 -67.17 31.19
CA ASP J 62 32.07 -66.33 31.74
C ASP J 62 32.02 -66.47 33.27
N SER J 63 32.22 -67.68 33.81
CA SER J 63 32.11 -67.97 35.26
C SER J 63 33.12 -67.14 36.06
N VAL J 64 34.27 -66.80 35.47
CA VAL J 64 35.30 -65.96 36.16
C VAL J 64 34.70 -64.57 36.37
N LEU J 65 34.01 -64.02 35.37
CA LEU J 65 33.37 -62.69 35.48
C LEU J 65 32.25 -62.77 36.51
N THR J 66 31.38 -63.76 36.39
CA THR J 66 30.22 -63.94 37.28
C THR J 66 30.72 -64.03 38.73
N ASP J 67 31.72 -64.89 38.99
CA ASP J 67 32.19 -65.12 40.38
C ASP J 67 32.76 -63.82 40.95
N PHE J 68 33.54 -63.08 40.15
CA PHE J 68 34.15 -61.79 40.59
C PHE J 68 33.04 -60.78 40.88
N LYS J 69 32.06 -60.63 39.99
CA LYS J 69 30.96 -59.65 40.12
C LYS J 69 30.16 -59.96 41.38
N VAL J 70 29.82 -61.23 41.60
CA VAL J 70 28.99 -61.61 42.78
C VAL J 70 29.81 -61.41 44.06
N ASN J 71 31.09 -61.77 44.07
CA ASN J 71 31.98 -61.53 45.23
C ASN J 71 32.07 -60.02 45.49
N ALA J 72 32.24 -59.21 44.45
CA ALA J 72 32.33 -57.74 44.59
C ALA J 72 31.04 -57.23 45.22
N ALA J 73 29.88 -57.67 44.73
CA ALA J 73 28.58 -57.25 45.30
C ALA J 73 28.51 -57.69 46.76
N LYS J 74 28.85 -58.94 47.05
CA LYS J 74 28.71 -59.52 48.41
C LYS J 74 29.55 -58.72 49.41
N ILE J 75 30.79 -58.42 49.03
CA ILE J 75 31.80 -57.82 49.96
C ILE J 75 31.65 -56.30 49.98
N LEU J 76 31.29 -55.66 48.85
CA LEU J 76 31.33 -54.18 48.76
C LEU J 76 29.94 -53.55 48.91
N SER J 77 28.85 -54.28 48.63
CA SER J 77 27.49 -53.67 48.69
C SER J 77 27.19 -53.14 50.09
N PRO J 78 27.73 -53.67 51.20
CA PRO J 78 27.50 -53.07 52.52
C PRO J 78 27.96 -51.61 52.63
N TYR J 79 28.83 -51.13 51.74
CA TYR J 79 29.38 -49.76 51.79
C TYR J 79 28.75 -48.86 50.73
N ALA J 80 27.82 -49.37 49.92
CA ALA J 80 27.26 -48.67 48.76
C ALA J 80 25.77 -48.37 48.95
N SER J 81 25.31 -47.22 48.48
CA SER J 81 23.86 -46.85 48.50
C SER J 81 23.13 -47.55 47.36
N ALA J 82 23.85 -47.98 46.32
CA ALA J 82 23.29 -48.74 45.20
C ALA J 82 24.43 -49.48 44.50
N VAL J 83 24.08 -50.59 43.86
CA VAL J 83 25.03 -51.38 43.03
C VAL J 83 24.41 -51.56 41.63
N LEU J 84 25.22 -51.36 40.61
CA LEU J 84 24.86 -51.50 39.18
C LEU J 84 25.32 -52.86 38.67
N LEU J 85 24.35 -53.67 38.27
CA LEU J 85 24.53 -55.08 37.87
C LEU J 85 24.08 -55.23 36.41
N ASP J 86 24.66 -56.17 35.68
CA ASP J 86 24.26 -56.51 34.30
C ASP J 86 23.57 -57.88 34.30
N GLN J 87 22.54 -58.03 33.46
CA GLN J 87 21.87 -59.35 33.32
C GLN J 87 22.81 -60.38 32.68
N GLN J 88 23.72 -59.95 31.80
CA GLN J 88 24.57 -60.89 31.03
C GLN J 88 25.35 -61.79 32.01
N PHE J 89 25.94 -61.24 33.08
CA PHE J 89 26.89 -62.01 33.93
C PHE J 89 26.49 -62.09 35.40
N CYS J 90 25.67 -61.22 35.98
CA CYS J 90 25.57 -61.26 37.46
C CYS J 90 24.21 -60.88 38.07
N TYR J 91 23.25 -60.28 37.37
CA TYR J 91 22.03 -59.81 38.07
C TYR J 91 21.29 -60.99 38.72
N ARG J 92 20.99 -62.01 37.94
CA ARG J 92 20.22 -63.21 38.40
C ARG J 92 20.97 -63.87 39.56
N GLN J 93 22.28 -64.03 39.40
CA GLN J 93 23.16 -64.71 40.39
C GLN J 93 23.21 -63.91 41.68
N ALA J 94 23.36 -62.58 41.61
CA ALA J 94 23.45 -61.72 42.81
C ALA J 94 22.14 -61.82 43.60
N VAL J 95 20.99 -61.82 42.89
CA VAL J 95 19.65 -61.95 43.54
C VAL J 95 19.53 -63.33 44.18
N GLU J 96 19.78 -64.40 43.42
CA GLU J 96 19.59 -65.81 43.87
C GLU J 96 20.50 -66.07 45.09
N GLN J 97 21.71 -65.49 45.12
CA GLN J 97 22.70 -65.78 46.19
C GLN J 97 22.61 -64.75 47.33
N ASN J 98 21.63 -63.83 47.30
CA ASN J 98 21.44 -62.79 48.34
C ASN J 98 22.76 -62.04 48.56
N ALA J 99 23.48 -61.73 47.48
CA ALA J 99 24.79 -61.04 47.54
C ALA J 99 24.62 -59.55 47.86
N VAL J 100 23.47 -58.96 47.60
CA VAL J 100 23.31 -57.49 47.75
C VAL J 100 22.77 -57.18 49.15
N ALA J 101 23.54 -56.43 49.94
CA ALA J 101 23.10 -55.96 51.28
C ALA J 101 21.73 -55.27 51.15
N LYS J 102 20.87 -55.46 52.14
CA LYS J 102 19.52 -54.83 52.17
C LYS J 102 19.65 -53.31 52.11
N SER J 103 20.74 -52.74 52.65
CA SER J 103 20.97 -51.27 52.69
C SER J 103 21.33 -50.74 51.28
N CYS J 104 21.57 -51.63 50.32
CA CYS J 104 22.12 -51.26 48.99
C CYS J 104 21.08 -51.54 47.88
N ALA J 105 20.62 -50.50 47.20
CA ALA J 105 19.60 -50.63 46.13
C ALA J 105 20.22 -51.28 44.89
N MET J 106 19.43 -51.98 44.07
CA MET J 106 19.94 -52.54 42.80
C MET J 106 19.57 -51.63 41.62
N ILE J 107 20.57 -51.34 40.79
CA ILE J 107 20.44 -50.71 39.45
C ILE J 107 20.73 -51.78 38.42
N VAL J 108 19.90 -51.93 37.40
CA VAL J 108 20.13 -52.92 36.33
C VAL J 108 20.49 -52.17 35.04
N ALA J 109 21.58 -52.58 34.41
CA ALA J 109 21.98 -52.03 33.10
C ALA J 109 20.91 -52.38 32.07
N ALA J 110 20.53 -51.43 31.23
CA ALA J 110 19.53 -51.64 30.16
C ALA J 110 20.16 -51.33 28.80
N ASP J 111 21.49 -51.36 28.74
CA ASP J 111 22.25 -51.05 27.49
C ASP J 111 22.68 -52.37 26.83
N ASP J 112 22.63 -52.37 25.51
CA ASP J 112 23.09 -53.51 24.68
C ASP J 112 24.35 -53.02 23.96
N PHE J 113 25.51 -53.51 24.37
CA PHE J 113 26.80 -53.04 23.84
C PHE J 113 27.06 -53.77 22.53
N ILE J 114 27.44 -53.02 21.50
CA ILE J 114 27.77 -53.61 20.18
C ILE J 114 29.26 -53.36 19.94
N PRO J 115 30.06 -54.44 19.81
CA PRO J 115 31.49 -54.27 19.53
C PRO J 115 31.68 -53.81 18.07
N GLY J 116 32.84 -53.26 17.79
CA GLY J 116 33.23 -52.84 16.45
C GLY J 116 34.54 -52.09 16.46
N ASN J 117 35.21 -52.05 15.30
CA ASN J 117 36.48 -51.31 15.16
C ASN J 117 37.45 -51.74 16.27
N GLY J 118 37.43 -53.02 16.64
CA GLY J 118 38.41 -53.62 17.57
C GLY J 118 38.17 -53.27 19.04
N ILE J 119 37.04 -52.67 19.40
CA ILE J 119 36.72 -52.34 20.82
C ILE J 119 35.42 -53.04 21.19
N PRO J 120 35.19 -53.30 22.50
CA PRO J 120 33.98 -53.98 22.92
C PRO J 120 32.69 -53.12 22.85
N VAL J 121 32.81 -51.81 22.98
CA VAL J 121 31.64 -50.90 23.03
C VAL J 121 31.81 -49.81 21.97
N ASP J 122 31.51 -50.15 20.72
CA ASP J 122 31.61 -49.22 19.56
C ASP J 122 30.25 -48.52 19.37
N ASN J 123 29.18 -49.21 19.67
CA ASN J 123 27.81 -48.68 19.57
C ASN J 123 26.99 -49.23 20.73
N VAL J 124 25.91 -48.53 21.08
CA VAL J 124 25.03 -48.96 22.19
C VAL J 124 23.59 -48.66 21.79
N VAL J 125 22.71 -49.62 22.05
CA VAL J 125 21.24 -49.40 21.88
C VAL J 125 20.55 -49.82 23.17
N LEU J 126 19.30 -49.42 23.32
CA LEU J 126 18.45 -49.92 24.41
C LEU J 126 18.31 -51.44 24.29
N ASP J 127 18.52 -52.17 25.37
CA ASP J 127 18.44 -53.65 25.39
C ASP J 127 16.96 -54.02 25.33
N LYS J 128 16.48 -54.50 24.19
CA LYS J 128 15.05 -54.89 24.01
C LYS J 128 14.74 -56.17 24.80
N LYS J 129 15.74 -56.86 25.35
CA LYS J 129 15.57 -58.12 26.16
C LYS J 129 15.30 -57.82 27.64
N ILE J 130 15.60 -56.61 28.15
CA ILE J 130 15.31 -56.22 29.56
C ILE J 130 13.79 -56.20 29.70
N ASN J 131 13.26 -56.98 30.65
CA ASN J 131 11.82 -56.98 31.01
C ASN J 131 11.73 -56.14 32.28
N ALA J 132 11.37 -54.86 32.16
CA ALA J 132 11.40 -53.90 33.29
C ALA J 132 10.55 -54.41 34.46
N GLN J 133 9.39 -54.99 34.18
CA GLN J 133 8.49 -55.49 35.26
C GLN J 133 9.18 -56.65 36.00
N ALA J 134 9.84 -57.54 35.29
CA ALA J 134 10.52 -58.72 35.87
C ALA J 134 11.71 -58.24 36.74
N VAL J 135 12.52 -57.30 36.27
CA VAL J 135 13.69 -56.88 37.09
C VAL J 135 13.16 -56.09 38.29
N LYS J 136 12.05 -55.35 38.15
CA LYS J 136 11.42 -54.67 39.29
C LYS J 136 10.94 -55.70 40.34
N ARG J 137 10.33 -56.80 39.91
CA ARG J 137 9.87 -57.88 40.85
C ARG J 137 11.08 -58.41 41.62
N ASP J 138 12.25 -58.48 40.99
CA ASP J 138 13.49 -58.98 41.62
C ASP J 138 14.10 -57.94 42.57
N GLY J 139 13.61 -56.71 42.60
CA GLY J 139 13.97 -55.69 43.60
C GLY J 139 14.72 -54.49 43.01
N ALA J 140 14.99 -54.47 41.70
CA ALA J 140 15.64 -53.31 41.04
C ALA J 140 14.84 -52.02 41.29
N LYS J 141 15.53 -50.89 41.50
CA LYS J 141 14.90 -49.57 41.72
C LYS J 141 15.22 -48.61 40.58
N ALA J 142 16.17 -48.97 39.71
CA ALA J 142 16.66 -48.08 38.65
C ALA J 142 17.25 -48.89 37.51
N LEU J 143 17.24 -48.31 36.33
CA LEU J 143 17.95 -48.83 35.16
C LEU J 143 18.99 -47.81 34.74
N LYS J 144 19.99 -48.28 33.98
CA LYS J 144 21.10 -47.41 33.54
C LYS J 144 21.30 -47.59 32.03
N LEU J 145 21.58 -46.49 31.35
CA LEU J 145 21.84 -46.52 29.88
C LEU J 145 23.07 -45.69 29.55
N LEU J 146 24.10 -46.36 29.02
CA LEU J 146 25.24 -45.71 28.34
C LEU J 146 24.76 -45.06 27.05
N VAL J 147 25.17 -43.82 26.81
CA VAL J 147 24.90 -43.09 25.56
C VAL J 147 26.25 -42.65 24.99
N LEU J 148 26.69 -43.25 23.89
CA LEU J 148 27.95 -42.80 23.25
C LEU J 148 27.69 -41.52 22.49
N TRP J 149 28.54 -40.52 22.72
CA TRP J 149 28.38 -39.17 22.16
C TRP J 149 29.52 -38.91 21.19
N ARG J 150 29.19 -38.63 19.93
CA ARG J 150 30.18 -38.24 18.89
C ARG J 150 29.70 -36.97 18.19
N SER J 151 30.60 -36.05 17.91
CA SER J 151 30.27 -34.70 17.37
C SER J 151 29.63 -34.84 15.97
N ASP J 152 29.84 -35.95 15.24
CA ASP J 152 29.35 -36.09 13.84
C ASP J 152 28.24 -37.14 13.77
N GLU J 153 27.68 -37.55 14.92
CA GLU J 153 26.47 -38.39 14.94
C GLU J 153 25.29 -37.51 15.37
N ASP J 154 24.09 -37.90 15.01
CA ASP J 154 22.87 -37.06 15.12
C ASP J 154 22.43 -36.96 16.59
N ALA J 155 22.36 -35.76 17.12
CA ALA J 155 21.83 -35.46 18.48
C ALA J 155 20.40 -36.00 18.64
N GLN J 156 19.57 -35.87 17.59
CA GLN J 156 18.12 -36.23 17.72
C GLN J 156 18.01 -37.74 17.99
N GLN J 157 18.85 -38.59 17.39
CA GLN J 157 18.82 -40.07 17.63
C GLN J 157 19.19 -40.36 19.10
N ARG J 158 20.17 -39.66 19.67
CA ARG J 158 20.54 -39.83 21.10
C ARG J 158 19.37 -39.41 21.99
N LEU J 159 18.79 -38.23 21.73
CA LEU J 159 17.65 -37.72 22.53
C LEU J 159 16.46 -38.70 22.44
N ASN J 160 16.20 -39.26 21.26
CA ASN J 160 15.08 -40.22 21.08
C ASN J 160 15.35 -41.50 21.87
N MET J 161 16.59 -41.98 21.89
CA MET J 161 16.92 -43.22 22.67
C MET J 161 16.73 -42.90 24.16
N VAL J 162 17.16 -41.74 24.63
CA VAL J 162 17.00 -41.35 26.06
C VAL J 162 15.50 -41.24 26.39
N LYS J 163 14.69 -40.65 25.50
CA LYS J 163 13.22 -40.54 25.72
C LYS J 163 12.60 -41.94 25.84
N GLU J 164 12.93 -42.86 24.95
CA GLU J 164 12.41 -44.26 25.01
C GLU J 164 12.85 -44.93 26.32
N PHE J 165 14.10 -44.73 26.70
CA PHE J 165 14.64 -45.27 27.98
C PHE J 165 13.89 -44.69 29.19
N ASN J 166 13.72 -43.37 29.24
CA ASN J 166 13.00 -42.68 30.34
C ASN J 166 11.59 -43.26 30.46
N GLU J 167 10.93 -43.50 29.33
CA GLU J 167 9.54 -44.03 29.32
C GLU J 167 9.55 -45.46 29.85
N LEU J 168 10.52 -46.29 29.46
CA LEU J 168 10.66 -47.68 29.96
C LEU J 168 10.80 -47.64 31.50
N CYS J 169 11.65 -46.76 32.02
CA CYS J 169 11.87 -46.64 33.48
C CYS J 169 10.58 -46.12 34.15
N HIS J 170 10.14 -44.93 33.76
CA HIS J 170 9.10 -44.15 34.50
C HIS J 170 7.75 -44.88 34.43
N SER J 171 7.44 -45.53 33.32
CA SER J 171 6.16 -46.27 33.16
C SER J 171 6.17 -47.48 34.10
N ASN J 172 7.32 -47.88 34.63
CA ASN J 172 7.45 -49.06 35.53
C ASN J 172 7.84 -48.62 36.94
N GLY J 173 7.83 -47.32 37.24
CA GLY J 173 8.16 -46.78 38.58
C GLY J 173 9.64 -46.93 38.91
N LEU J 174 10.50 -47.05 37.91
CA LEU J 174 11.98 -47.17 38.09
C LEU J 174 12.63 -45.83 37.79
N LEU J 175 13.77 -45.57 38.43
CA LEU J 175 14.58 -44.36 38.13
C LEU J 175 15.36 -44.62 36.83
N SER J 176 15.63 -43.54 36.11
CA SER J 176 16.43 -43.54 34.86
C SER J 176 17.78 -42.89 35.16
N ILE J 177 18.86 -43.63 34.90
CA ILE J 177 20.24 -43.12 35.00
C ILE J 177 20.86 -43.16 33.59
N ILE J 178 21.26 -42.03 33.08
CA ILE J 178 21.94 -41.95 31.76
C ILE J 178 23.43 -41.66 31.98
N GLU J 179 24.25 -42.23 31.12
CA GLU J 179 25.73 -42.13 31.17
C GLU J 179 26.24 -41.72 29.79
N PRO J 180 26.28 -40.42 29.47
CA PRO J 180 26.88 -39.96 28.22
C PRO J 180 28.41 -40.09 28.30
N VAL J 181 28.98 -40.77 27.32
CA VAL J 181 30.44 -41.03 27.23
C VAL J 181 30.92 -40.52 25.87
N VAL J 182 31.92 -39.65 25.87
CA VAL J 182 32.37 -39.00 24.61
C VAL J 182 33.37 -39.91 23.87
N ARG J 183 33.25 -39.92 22.55
CA ARG J 183 34.16 -40.68 21.67
C ARG J 183 34.57 -39.77 20.53
N PRO J 184 35.73 -40.04 19.90
CA PRO J 184 36.13 -39.30 18.72
C PRO J 184 35.11 -39.45 17.60
N PRO J 185 35.06 -38.48 16.67
CA PRO J 185 34.06 -38.52 15.59
C PRO J 185 34.31 -39.75 14.70
N ARG J 186 33.27 -40.23 14.04
CA ARG J 186 33.35 -41.35 13.09
C ARG J 186 34.29 -40.97 11.94
N CYS J 187 34.23 -39.70 11.53
CA CYS J 187 35.01 -39.16 10.40
CA CYS J 187 35.02 -39.16 10.39
C CYS J 187 35.63 -37.83 10.83
N GLY J 188 36.93 -37.65 10.60
CA GLY J 188 37.65 -36.43 11.03
C GLY J 188 38.61 -36.75 12.15
N ASP J 189 39.44 -35.79 12.52
CA ASP J 189 40.46 -35.95 13.59
C ASP J 189 40.34 -34.80 14.60
N LYS J 190 39.27 -34.02 14.53
CA LYS J 190 38.99 -32.91 15.47
C LYS J 190 38.30 -33.57 16.67
N PHE J 191 39.06 -33.81 17.75
CA PHE J 191 38.47 -34.34 19.02
C PHE J 191 39.05 -33.61 20.20
N ASP J 192 38.22 -32.79 20.84
CA ASP J 192 38.52 -32.06 22.09
C ASP J 192 37.67 -32.74 23.17
N ARG J 193 38.26 -33.65 23.93
CA ARG J 193 37.50 -34.46 24.92
C ARG J 193 36.79 -33.55 25.92
N GLU J 194 37.44 -32.49 26.40
CA GLU J 194 36.86 -31.60 27.45
C GLU J 194 35.66 -30.86 26.86
N GLN J 195 35.76 -30.36 25.64
CA GLN J 195 34.63 -29.68 24.98
C GLN J 195 33.52 -30.69 24.69
N ALA J 196 33.85 -31.91 24.29
CA ALA J 196 32.84 -32.96 24.01
C ALA J 196 32.00 -33.23 25.26
N ILE J 197 32.63 -33.32 26.43
CA ILE J 197 31.89 -33.58 27.70
C ILE J 197 30.88 -32.44 27.93
N ILE J 198 31.30 -31.20 27.71
CA ILE J 198 30.42 -30.01 27.84
C ILE J 198 29.29 -30.10 26.80
N ASP J 199 29.61 -30.43 25.56
CA ASP J 199 28.60 -30.47 24.46
C ASP J 199 27.58 -31.57 24.76
N ALA J 200 28.01 -32.71 25.30
CA ALA J 200 27.10 -33.82 25.65
C ALA J 200 26.16 -33.33 26.76
N ALA J 201 26.66 -32.59 27.74
CA ALA J 201 25.83 -32.09 28.87
C ALA J 201 24.86 -31.02 28.34
N LYS J 202 25.30 -30.14 27.44
CA LYS J 202 24.37 -29.15 26.84
C LYS J 202 23.23 -29.88 26.14
N GLU J 203 23.52 -31.00 25.49
CA GLU J 203 22.50 -31.77 24.73
C GLU J 203 21.60 -32.58 25.66
N LEU J 204 22.15 -33.28 26.66
CA LEU J 204 21.42 -34.36 27.39
C LEU J 204 21.19 -34.01 28.86
N GLY J 205 21.74 -32.89 29.34
CA GLY J 205 21.69 -32.50 30.75
C GLY J 205 20.31 -32.08 31.21
N ASP J 206 19.36 -31.91 30.28
CA ASP J 206 17.97 -31.57 30.66
C ASP J 206 16.99 -32.52 29.94
N SER J 207 17.35 -33.79 29.81
CA SER J 207 16.63 -34.77 28.95
C SER J 207 15.57 -35.54 29.75
N GLY J 208 15.30 -35.17 31.02
CA GLY J 208 14.21 -35.77 31.81
C GLY J 208 14.60 -37.08 32.51
N ALA J 209 15.87 -37.50 32.46
CA ALA J 209 16.37 -38.64 33.27
C ALA J 209 16.38 -38.21 34.75
N ASP J 210 16.48 -39.16 35.66
CA ASP J 210 16.52 -38.86 37.12
C ASP J 210 17.95 -38.53 37.56
N LEU J 211 18.96 -39.07 36.86
CA LEU J 211 20.37 -38.95 37.29
C LEU J 211 21.27 -38.97 36.06
N TYR J 212 22.24 -38.06 36.04
CA TYR J 212 23.26 -37.91 35.00
C TYR J 212 24.59 -38.43 35.55
N LYS J 213 25.14 -39.45 34.90
CA LYS J 213 26.44 -40.05 35.27
C LYS J 213 27.46 -39.60 34.24
N VAL J 214 28.48 -38.87 34.67
CA VAL J 214 29.39 -38.17 33.72
C VAL J 214 30.86 -38.51 34.00
N GLU J 215 31.65 -38.46 32.95
CA GLU J 215 33.13 -38.56 33.01
C GLU J 215 33.68 -37.33 33.72
N MET J 216 34.74 -37.53 34.50
CA MET J 216 35.37 -36.41 35.25
C MET J 216 36.18 -35.58 34.26
N PRO J 217 35.97 -34.25 34.22
CA PRO J 217 36.85 -33.38 33.45
C PRO J 217 38.33 -33.61 33.78
N LEU J 218 39.16 -33.53 32.76
CA LEU J 218 40.66 -33.52 32.85
C LEU J 218 41.18 -34.83 33.47
N TYR J 219 40.38 -35.89 33.47
CA TYR J 219 40.73 -37.21 34.05
C TYR J 219 41.09 -37.06 35.53
N GLY J 220 40.57 -36.01 36.19
CA GLY J 220 40.87 -35.74 37.60
C GLY J 220 42.31 -35.32 37.85
N LYS J 221 43.07 -34.98 36.81
CA LYS J 221 44.51 -34.65 36.92
C LYS J 221 44.70 -33.14 37.09
N GLY J 222 45.89 -32.74 37.57
CA GLY J 222 46.34 -31.34 37.54
C GLY J 222 46.01 -30.59 38.82
N ALA J 223 46.08 -29.28 38.77
CA ALA J 223 45.81 -28.38 39.91
C ALA J 223 44.34 -28.47 40.30
N ARG J 224 44.08 -28.53 41.61
CA ARG J 224 42.73 -28.58 42.17
C ARG J 224 41.90 -27.42 41.63
N SER J 225 42.48 -26.21 41.53
CA SER J 225 41.73 -24.99 41.14
C SER J 225 41.21 -25.15 39.70
N ASP J 226 42.01 -25.71 38.79
CA ASP J 226 41.60 -25.90 37.37
C ASP J 226 40.53 -27.00 37.29
N LEU J 227 40.66 -28.03 38.13
CA LEU J 227 39.68 -29.13 38.17
C LEU J 227 38.32 -28.58 38.66
N LEU J 228 38.34 -27.69 39.65
CA LEU J 228 37.10 -27.10 40.17
C LEU J 228 36.44 -26.24 39.07
N THR J 229 37.19 -25.36 38.41
CA THR J 229 36.66 -24.50 37.32
C THR J 229 36.00 -25.39 36.24
N ALA J 230 36.65 -26.46 35.82
CA ALA J 230 36.15 -27.37 34.77
C ALA J 230 34.86 -28.06 35.26
N SER J 231 34.82 -28.42 36.54
CA SER J 231 33.65 -29.10 37.16
C SER J 231 32.48 -28.11 37.29
N GLN J 232 32.76 -26.86 37.59
CA GLN J 232 31.69 -25.82 37.73
C GLN J 232 31.11 -25.52 36.33
N ARG J 233 31.96 -25.49 35.32
CA ARG J 233 31.50 -25.29 33.92
C ARG J 233 30.52 -26.41 33.56
N LEU J 234 30.87 -27.66 33.88
CA LEU J 234 30.03 -28.84 33.58
C LEU J 234 28.72 -28.75 34.37
N ASN J 235 28.80 -28.40 35.66
CA ASN J 235 27.62 -28.30 36.54
C ASN J 235 26.56 -27.38 35.91
N GLY J 236 26.99 -26.27 35.31
CA GLY J 236 26.10 -25.24 34.74
C GLY J 236 25.20 -25.80 33.64
N HIS J 237 25.61 -26.93 33.00
CA HIS J 237 24.87 -27.52 31.85
C HIS J 237 24.04 -28.74 32.27
N ILE J 238 24.06 -29.12 33.53
CA ILE J 238 23.32 -30.33 33.99
C ILE J 238 22.15 -29.90 34.90
N ASN J 239 20.92 -30.22 34.49
CA ASN J 239 19.70 -29.73 35.16
C ASN J 239 19.01 -30.90 35.88
N MET J 240 19.77 -31.89 36.32
CA MET J 240 19.30 -33.01 37.16
C MET J 240 20.45 -33.31 38.12
N PRO J 241 20.25 -34.10 39.19
CA PRO J 241 21.37 -34.53 40.02
C PRO J 241 22.41 -35.23 39.14
N TRP J 242 23.69 -35.08 39.47
CA TRP J 242 24.75 -35.74 38.70
C TRP J 242 25.81 -36.34 39.62
N VAL J 243 26.41 -37.40 39.12
CA VAL J 243 27.50 -38.15 39.82
C VAL J 243 28.61 -38.37 38.81
N ILE J 244 29.82 -38.61 39.30
CA ILE J 244 30.96 -38.93 38.40
C ILE J 244 31.23 -40.43 38.40
N LEU J 245 31.67 -40.91 37.26
CA LEU J 245 32.18 -42.28 37.07
C LEU J 245 33.71 -42.20 37.11
N SER J 246 34.37 -43.35 37.31
CA SER J 246 35.82 -43.38 37.59
C SER J 246 36.63 -43.78 36.36
N SER J 247 36.02 -44.31 35.31
CA SER J 247 36.79 -44.72 34.11
C SER J 247 37.63 -43.53 33.61
N GLY J 248 38.94 -43.73 33.49
CA GLY J 248 39.89 -42.70 33.03
C GLY J 248 40.53 -41.93 34.17
N VAL J 249 40.07 -42.09 35.42
CA VAL J 249 40.64 -41.38 36.60
C VAL J 249 41.46 -42.41 37.39
N ASP J 250 42.72 -42.08 37.63
CA ASP J 250 43.60 -42.93 38.48
C ASP J 250 42.87 -43.13 39.83
N GLU J 251 42.87 -44.35 40.36
CA GLU J 251 42.17 -44.68 41.61
C GLU J 251 42.65 -43.76 42.74
N LYS J 252 43.90 -43.28 42.69
CA LYS J 252 44.46 -42.41 43.76
C LYS J 252 43.93 -40.99 43.63
N LEU J 253 43.45 -40.58 42.46
CA LEU J 253 42.94 -39.20 42.23
C LEU J 253 41.41 -39.19 42.31
N PHE J 254 40.76 -40.35 42.41
CA PHE J 254 39.28 -40.40 42.37
C PHE J 254 38.70 -39.77 43.64
N PRO J 255 39.27 -39.96 44.85
CA PRO J 255 38.72 -39.28 46.03
C PRO J 255 38.72 -37.76 45.89
N ARG J 256 39.78 -37.19 45.37
CA ARG J 256 39.85 -35.73 45.13
C ARG J 256 38.80 -35.36 44.07
N ALA J 257 38.65 -36.18 43.04
CA ALA J 257 37.69 -35.89 41.96
C ALA J 257 36.28 -35.81 42.54
N VAL J 258 35.92 -36.73 43.43
CA VAL J 258 34.57 -36.73 44.07
C VAL J 258 34.41 -35.44 44.86
N ARG J 259 35.41 -35.09 45.66
CA ARG J 259 35.35 -33.86 46.50
C ARG J 259 35.17 -32.63 45.60
N VAL J 260 35.96 -32.52 44.53
CA VAL J 260 35.92 -31.31 43.65
C VAL J 260 34.59 -31.29 42.87
N ALA J 261 34.16 -32.43 42.32
CA ALA J 261 32.89 -32.50 41.56
C ALA J 261 31.76 -32.08 42.48
N MET J 262 31.76 -32.55 43.74
CA MET J 262 30.66 -32.22 44.68
C MET J 262 30.75 -30.75 45.08
N GLU J 263 31.95 -30.19 45.23
CA GLU J 263 32.10 -28.73 45.48
C GLU J 263 31.45 -27.95 44.33
N ALA J 264 31.56 -28.48 43.10
CA ALA J 264 31.02 -27.84 41.87
C ALA J 264 29.51 -28.08 41.73
N GLY J 265 28.90 -28.99 42.50
CA GLY J 265 27.45 -29.23 42.41
C GLY J 265 27.05 -30.67 42.19
N ALA J 266 28.00 -31.58 41.96
CA ALA J 266 27.68 -33.04 41.86
C ALA J 266 27.17 -33.53 43.22
N SER J 267 26.52 -34.69 43.25
CA SER J 267 25.90 -35.27 44.47
C SER J 267 26.55 -36.61 44.83
N GLY J 268 27.63 -36.99 44.14
CA GLY J 268 28.40 -38.18 44.52
C GLY J 268 28.99 -38.90 43.34
N PHE J 269 29.00 -40.22 43.40
CA PHE J 269 29.75 -41.05 42.43
C PHE J 269 28.99 -42.33 42.15
N LEU J 270 29.27 -42.91 40.98
CA LEU J 270 28.88 -44.30 40.66
C LEU J 270 30.12 -44.89 40.00
N ALA J 271 30.89 -45.66 40.78
CA ALA J 271 32.27 -46.03 40.41
C ALA J 271 32.47 -47.54 40.45
N GLY J 272 33.28 -48.03 39.50
CA GLY J 272 33.72 -49.44 39.45
C GLY J 272 35.22 -49.52 39.53
N ARG J 273 35.90 -49.08 38.49
CA ARG J 273 37.36 -49.32 38.34
C ARG J 273 38.12 -48.76 39.54
N ALA J 274 37.82 -47.55 40.00
CA ALA J 274 38.56 -46.89 41.09
C ALA J 274 38.35 -47.63 42.42
N VAL J 275 37.42 -48.56 42.48
CA VAL J 275 37.17 -49.40 43.68
C VAL J 275 37.86 -50.77 43.50
N TRP J 276 37.63 -51.49 42.40
CA TRP J 276 38.02 -52.92 42.32
C TRP J 276 39.00 -53.26 41.18
N SER J 277 39.37 -52.34 40.28
CA SER J 277 40.21 -52.73 39.11
C SER J 277 41.54 -53.32 39.61
N SER J 278 42.11 -52.76 40.69
CA SER J 278 43.50 -53.10 41.09
C SER J 278 43.58 -54.53 41.64
N VAL J 279 42.48 -55.17 42.02
CA VAL J 279 42.55 -56.54 42.60
C VAL J 279 42.33 -57.61 41.53
N ILE J 280 41.98 -57.24 40.30
CA ILE J 280 41.76 -58.24 39.22
C ILE J 280 43.10 -58.96 38.97
N GLY J 281 43.10 -60.27 39.05
CA GLY J 281 44.27 -61.12 38.78
C GLY J 281 45.13 -61.35 40.01
N LEU J 282 44.86 -60.68 41.14
CA LEU J 282 45.58 -60.98 42.41
C LEU J 282 45.05 -62.30 42.97
N PRO J 283 45.87 -63.04 43.73
CA PRO J 283 45.37 -64.23 44.43
C PRO J 283 44.39 -63.84 45.54
N ASP J 284 43.54 -64.78 45.96
CA ASP J 284 42.66 -64.64 47.15
C ASP J 284 41.69 -63.47 46.92
N THR J 285 40.87 -63.54 45.88
CA THR J 285 39.95 -62.47 45.44
C THR J 285 39.11 -61.94 46.61
N GLU J 286 38.49 -62.81 47.39
CA GLU J 286 37.59 -62.35 48.49
C GLU J 286 38.40 -61.56 49.52
N LEU J 287 39.59 -62.00 49.85
CA LEU J 287 40.49 -61.29 50.81
C LEU J 287 40.84 -59.92 50.22
N MET J 288 41.18 -59.87 48.93
CA MET J 288 41.63 -58.62 48.25
C MET J 288 40.46 -57.63 48.17
N LEU J 289 39.25 -58.08 47.84
CA LEU J 289 38.09 -57.16 47.81
C LEU J 289 37.88 -56.56 49.20
N ARG J 290 38.03 -57.35 50.27
CA ARG J 290 37.82 -56.85 51.64
C ARG J 290 38.97 -55.91 52.07
N ASP J 291 40.22 -56.23 51.72
CA ASP J 291 41.40 -55.53 52.30
C ASP J 291 41.87 -54.37 51.43
N VAL J 292 41.63 -54.43 50.11
CA VAL J 292 42.16 -53.41 49.16
C VAL J 292 40.98 -52.56 48.64
N SER J 293 39.93 -53.20 48.13
CA SER J 293 38.81 -52.49 47.49
C SER J 293 37.90 -51.81 48.54
N ALA J 294 37.50 -52.53 49.58
CA ALA J 294 36.51 -52.02 50.56
C ALA J 294 36.99 -50.72 51.21
N PRO J 295 38.25 -50.59 51.68
CA PRO J 295 38.68 -49.32 52.28
C PRO J 295 38.55 -48.13 51.33
N LYS J 296 38.78 -48.35 50.04
CA LYS J 296 38.65 -47.26 49.03
C LYS J 296 37.17 -46.87 48.90
N LEU J 297 36.27 -47.83 48.84
CA LEU J 297 34.81 -47.52 48.71
C LEU J 297 34.31 -46.85 49.99
N GLN J 298 34.77 -47.33 51.16
CA GLN J 298 34.40 -46.73 52.46
C GLN J 298 34.81 -45.26 52.48
N ARG J 299 36.05 -44.96 52.07
CA ARG J 299 36.55 -43.56 52.11
C ARG J 299 35.70 -42.69 51.17
N LEU J 300 35.38 -43.18 49.97
CA LEU J 300 34.57 -42.39 49.01
C LEU J 300 33.22 -42.05 49.64
N GLY J 301 32.57 -43.01 50.31
CA GLY J 301 31.29 -42.77 51.00
C GLY J 301 31.42 -41.71 52.09
N GLU J 302 32.52 -41.74 52.86
CA GLU J 302 32.78 -40.73 53.92
C GLU J 302 32.93 -39.34 53.27
N ILE J 303 33.61 -39.25 52.13
CA ILE J 303 33.81 -37.96 51.43
C ILE J 303 32.44 -37.43 50.98
N VAL J 304 31.60 -38.30 50.43
CA VAL J 304 30.24 -37.90 50.00
C VAL J 304 29.50 -37.30 51.19
N ASP J 305 29.50 -37.96 52.34
CA ASP J 305 28.78 -37.44 53.54
C ASP J 305 29.38 -36.10 53.98
N GLU J 306 30.70 -35.96 53.97
CA GLU J 306 31.36 -34.71 54.37
C GLU J 306 30.88 -33.56 53.47
N MET J 307 30.79 -33.81 52.16
CA MET J 307 30.40 -32.77 51.18
C MET J 307 28.90 -32.47 51.32
N MET J 308 28.06 -33.47 51.55
CA MET J 308 26.60 -33.25 51.73
C MET J 308 26.37 -32.43 53.02
N ALA J 309 27.16 -32.64 54.07
CA ALA J 309 27.04 -31.92 55.36
C ALA J 309 27.34 -30.42 55.15
N LYS J 310 28.20 -30.06 54.20
CA LYS J 310 28.54 -28.64 53.91
C LYS J 310 27.39 -27.90 53.20
N ARG J 311 26.28 -28.55 52.83
CA ARG J 311 25.10 -27.90 52.19
C ARG J 311 24.04 -27.53 53.24
N ASN K 23 -12.48 -17.19 23.31
CA ASN K 23 -13.13 -18.09 22.29
C ASN K 23 -13.49 -19.43 22.92
N TYR K 24 -14.77 -19.81 22.82
CA TYR K 24 -15.36 -21.00 23.50
C TYR K 24 -16.29 -21.68 22.51
N THR K 25 -16.46 -23.01 22.58
CA THR K 25 -17.43 -23.69 21.69
C THR K 25 -18.15 -24.85 22.39
N ILE K 26 -19.44 -24.97 22.08
CA ILE K 26 -20.32 -26.06 22.57
C ILE K 26 -19.70 -27.41 22.17
N LYS K 27 -19.03 -27.51 21.02
CA LYS K 27 -18.39 -28.76 20.55
C LYS K 27 -17.43 -29.30 21.61
N ASP K 28 -16.88 -28.46 22.51
CA ASP K 28 -15.92 -28.92 23.53
C ASP K 28 -16.58 -29.80 24.62
N ILE K 29 -17.90 -29.80 24.75
CA ILE K 29 -18.55 -30.61 25.82
C ILE K 29 -19.50 -31.67 25.23
N THR K 30 -19.46 -31.89 23.92
CA THR K 30 -20.33 -32.90 23.25
C THR K 30 -19.54 -34.13 22.83
N ARG K 31 -20.26 -35.22 22.59
CA ARG K 31 -19.74 -36.44 21.93
C ARG K 31 -19.47 -36.06 20.46
N ALA K 32 -18.77 -36.93 19.73
CA ALA K 32 -18.50 -36.74 18.28
C ALA K 32 -19.81 -36.51 17.51
N SER K 33 -20.90 -37.17 17.91
CA SER K 33 -22.26 -37.03 17.30
C SER K 33 -22.84 -35.64 17.46
N GLY K 34 -22.32 -34.83 18.38
CA GLY K 34 -22.89 -33.52 18.76
C GLY K 34 -23.90 -33.66 19.92
N GLY K 35 -24.15 -34.88 20.40
CA GLY K 35 -25.00 -35.06 21.57
C GLY K 35 -24.25 -34.79 22.86
N PHE K 36 -24.98 -34.40 23.90
CA PHE K 36 -24.42 -34.16 25.26
C PHE K 36 -24.67 -35.42 26.10
N ALA K 37 -23.61 -36.02 26.63
CA ALA K 37 -23.69 -37.18 27.53
C ALA K 37 -22.86 -36.89 28.75
N MET K 38 -23.42 -36.08 29.65
CA MET K 38 -22.59 -35.44 30.68
C MET K 38 -22.96 -35.94 32.07
N LEU K 39 -21.96 -36.01 32.93
CA LEU K 39 -22.05 -36.56 34.29
C LEU K 39 -21.98 -35.42 35.30
N ALA K 40 -22.85 -35.43 36.31
CA ALA K 40 -22.83 -34.45 37.42
C ALA K 40 -22.37 -35.17 38.68
N VAL K 41 -21.37 -34.64 39.36
CA VAL K 41 -20.99 -35.12 40.73
C VAL K 41 -20.82 -33.92 41.66
N ASP K 42 -21.47 -32.80 41.38
CA ASP K 42 -21.25 -31.51 42.10
C ASP K 42 -22.18 -31.36 43.31
N GLN K 43 -23.00 -32.35 43.66
CA GLN K 43 -23.99 -32.20 44.76
C GLN K 43 -23.22 -32.05 46.07
N ARG K 44 -23.66 -31.13 46.93
CA ARG K 44 -22.88 -30.72 48.13
C ARG K 44 -23.57 -31.27 49.37
N GLU K 45 -24.21 -30.43 50.18
CA GLU K 45 -24.89 -30.95 51.40
C GLU K 45 -25.97 -31.97 50.99
N ALA K 46 -26.57 -31.85 49.80
CA ALA K 46 -27.57 -32.84 49.30
C ALA K 46 -26.90 -34.22 49.22
N MET K 47 -25.62 -34.30 48.84
CA MET K 47 -24.94 -35.60 48.76
C MET K 47 -24.63 -36.11 50.18
N ARG K 48 -24.30 -35.23 51.11
CA ARG K 48 -24.07 -35.66 52.52
C ARG K 48 -25.37 -36.30 53.05
N LEU K 49 -26.52 -35.70 52.77
CA LEU K 49 -27.83 -36.23 53.22
C LEU K 49 -28.07 -37.60 52.59
N MET K 50 -27.65 -37.82 51.34
CA MET K 50 -27.81 -39.13 50.67
C MET K 50 -26.98 -40.20 51.40
N PHE K 51 -25.75 -39.87 51.80
CA PHE K 51 -24.87 -40.81 52.53
C PHE K 51 -25.53 -41.17 53.87
N ALA K 52 -26.03 -40.18 54.60
CA ALA K 52 -26.71 -40.42 55.91
C ALA K 52 -27.92 -41.34 55.67
N ALA K 53 -28.76 -41.04 54.68
CA ALA K 53 -29.98 -41.81 54.36
C ALA K 53 -29.61 -43.26 53.99
N ALA K 54 -28.43 -43.52 53.41
CA ALA K 54 -27.99 -44.86 52.98
C ALA K 54 -27.26 -45.60 54.10
N GLY K 55 -27.17 -45.03 55.29
CA GLY K 55 -26.67 -45.72 56.50
C GLY K 55 -25.19 -45.47 56.77
N ALA K 56 -24.57 -44.47 56.15
CA ALA K 56 -23.19 -44.06 56.50
C ALA K 56 -23.16 -43.57 57.95
N LYS K 57 -22.05 -43.82 58.67
CA LYS K 57 -21.83 -43.32 60.05
C LYS K 57 -21.95 -41.80 60.03
N THR K 58 -22.77 -41.22 60.91
CA THR K 58 -22.93 -39.76 61.05
C THR K 58 -22.10 -39.30 62.25
N PRO K 59 -21.53 -38.08 62.26
CA PRO K 59 -21.59 -37.18 61.11
C PRO K 59 -20.73 -37.67 59.93
N VAL K 60 -21.20 -37.49 58.70
CA VAL K 60 -20.47 -37.91 57.48
C VAL K 60 -19.35 -36.89 57.22
N ALA K 61 -18.10 -37.31 57.21
CA ALA K 61 -16.94 -36.41 57.02
C ALA K 61 -16.93 -35.87 55.58
N ASP K 62 -16.41 -34.67 55.39
CA ASP K 62 -16.17 -34.08 54.04
C ASP K 62 -15.40 -35.07 53.16
N SER K 63 -14.40 -35.77 53.72
CA SER K 63 -13.52 -36.69 52.97
C SER K 63 -14.33 -37.83 52.33
N VAL K 64 -15.46 -38.24 52.94
CA VAL K 64 -16.33 -39.30 52.36
C VAL K 64 -16.90 -38.77 51.04
N LEU K 65 -17.35 -37.52 51.01
CA LEU K 65 -17.90 -36.92 49.78
C LEU K 65 -16.78 -36.78 48.76
N THR K 66 -15.65 -36.21 49.15
CA THR K 66 -14.50 -36.00 48.24
C THR K 66 -14.09 -37.34 47.64
N ASP K 67 -13.93 -38.38 48.45
CA ASP K 67 -13.43 -39.69 47.95
C ASP K 67 -14.43 -40.26 46.94
N PHE K 68 -15.72 -40.17 47.24
CA PHE K 68 -16.79 -40.68 46.33
C PHE K 68 -16.77 -39.90 45.02
N LYS K 69 -16.73 -38.57 45.08
CA LYS K 69 -16.76 -37.69 43.90
C LYS K 69 -15.55 -37.96 43.00
N VAL K 70 -14.36 -38.09 43.60
CA VAL K 70 -13.13 -38.31 42.80
C VAL K 70 -13.17 -39.71 42.20
N ASN K 71 -13.62 -40.72 42.95
CA ASN K 71 -13.78 -42.10 42.41
C ASN K 71 -14.78 -42.07 41.25
N ALA K 72 -15.90 -41.37 41.42
CA ALA K 72 -16.95 -41.28 40.37
C ALA K 72 -16.34 -40.67 39.12
N ALA K 73 -15.59 -39.56 39.27
CA ALA K 73 -14.93 -38.92 38.11
C ALA K 73 -13.95 -39.90 37.46
N LYS K 74 -13.12 -40.54 38.26
CA LYS K 74 -12.04 -41.44 37.74
C LYS K 74 -12.67 -42.58 36.92
N ILE K 75 -13.72 -43.20 37.47
CA ILE K 75 -14.31 -44.43 36.88
C ILE K 75 -15.31 -44.10 35.80
N LEU K 76 -16.06 -42.99 35.92
CA LEU K 76 -17.18 -42.72 34.97
C LEU K 76 -16.81 -41.70 33.91
N SER K 77 -15.82 -40.82 34.14
CA SER K 77 -15.48 -39.78 33.14
C SER K 77 -15.12 -40.39 31.79
N PRO K 78 -14.54 -41.62 31.68
CA PRO K 78 -14.29 -42.22 30.37
C PRO K 78 -15.54 -42.39 29.49
N TYR K 79 -16.74 -42.38 30.09
CA TYR K 79 -18.01 -42.59 29.35
C TYR K 79 -18.76 -41.27 29.14
N ALA K 80 -18.22 -40.14 29.59
CA ALA K 80 -18.94 -38.85 29.61
C ALA K 80 -18.25 -37.83 28.68
N SER K 81 -19.01 -36.99 28.01
CA SER K 81 -18.48 -35.88 27.16
C SER K 81 -18.09 -34.70 28.05
N ALA K 82 -18.61 -34.63 29.27
CA ALA K 82 -18.23 -33.61 30.27
C ALA K 82 -18.62 -34.08 31.66
N VAL K 83 -17.90 -33.60 32.67
CA VAL K 83 -18.19 -33.89 34.10
C VAL K 83 -18.30 -32.57 34.85
N LEU K 84 -19.32 -32.46 35.70
CA LEU K 84 -19.61 -31.26 36.51
C LEU K 84 -19.10 -31.49 37.92
N LEU K 85 -18.16 -30.66 38.33
CA LEU K 85 -17.42 -30.76 39.61
C LEU K 85 -17.69 -29.49 40.43
N ASP K 86 -17.66 -29.62 41.75
CA ASP K 86 -17.79 -28.45 42.66
C ASP K 86 -16.45 -28.16 43.33
N GLN K 87 -16.16 -26.89 43.53
CA GLN K 87 -14.93 -26.48 44.27
C GLN K 87 -14.99 -26.92 45.73
N GLN K 88 -16.18 -26.96 46.35
CA GLN K 88 -16.29 -27.24 47.80
C GLN K 88 -15.64 -28.59 48.12
N PHE K 89 -15.88 -29.64 47.32
CA PHE K 89 -15.47 -31.02 47.70
C PHE K 89 -14.55 -31.71 46.70
N CYS K 90 -14.48 -31.36 45.42
CA CYS K 90 -13.76 -32.26 44.50
C CYS K 90 -13.02 -31.61 43.33
N TYR K 91 -13.22 -30.34 42.97
CA TYR K 91 -12.57 -29.80 41.74
C TYR K 91 -11.04 -29.92 41.85
N ARG K 92 -10.47 -29.38 42.92
CA ARG K 92 -8.99 -29.30 43.12
C ARG K 92 -8.45 -30.73 43.14
N GLN K 93 -9.11 -31.62 43.87
CA GLN K 93 -8.68 -33.02 44.04
C GLN K 93 -8.73 -33.76 42.71
N ALA K 94 -9.80 -33.59 41.92
CA ALA K 94 -9.95 -34.28 40.62
C ALA K 94 -8.81 -33.84 39.67
N VAL K 95 -8.50 -32.55 39.68
CA VAL K 95 -7.39 -31.98 38.83
C VAL K 95 -6.05 -32.56 39.32
N GLU K 96 -5.75 -32.44 40.62
CA GLU K 96 -4.44 -32.86 41.19
C GLU K 96 -4.23 -34.36 40.94
N GLN K 97 -5.29 -35.18 41.01
CA GLN K 97 -5.19 -36.65 40.91
C GLN K 97 -5.37 -37.12 39.47
N ASN K 98 -5.52 -36.23 38.50
CA ASN K 98 -5.74 -36.58 37.07
C ASN K 98 -6.90 -37.58 36.96
N ALA K 99 -7.99 -37.32 37.67
CA ALA K 99 -9.16 -38.22 37.72
C ALA K 99 -10.00 -38.08 36.46
N VAL K 100 -9.91 -36.97 35.74
CA VAL K 100 -10.85 -36.73 34.61
C VAL K 100 -10.19 -37.20 33.32
N ALA K 101 -10.80 -38.16 32.64
CA ALA K 101 -10.34 -38.65 31.32
C ALA K 101 -10.17 -37.46 30.37
N LYS K 102 -9.13 -37.48 29.51
CA LYS K 102 -8.85 -36.34 28.59
C LYS K 102 -10.03 -36.14 27.63
N SER K 103 -10.77 -37.21 27.31
CA SER K 103 -11.94 -37.17 26.39
C SER K 103 -13.14 -36.50 27.05
N CYS K 104 -13.07 -36.22 28.36
CA CYS K 104 -14.19 -35.67 29.17
C CYS K 104 -13.87 -34.24 29.60
N ALA K 105 -14.64 -33.26 29.15
CA ALA K 105 -14.45 -31.83 29.49
C ALA K 105 -14.81 -31.61 30.97
N MET K 106 -14.22 -30.61 31.62
CA MET K 106 -14.62 -30.24 32.99
C MET K 106 -15.57 -29.04 32.95
N ILE K 107 -16.68 -29.16 33.69
CA ILE K 107 -17.64 -28.09 34.01
C ILE K 107 -17.47 -27.79 35.49
N VAL K 108 -17.32 -26.53 35.86
CA VAL K 108 -17.17 -26.15 37.29
C VAL K 108 -18.45 -25.43 37.74
N ALA K 109 -19.03 -25.89 38.85
CA ALA K 109 -20.20 -25.23 39.45
C ALA K 109 -19.79 -23.81 39.86
N ALA K 110 -20.63 -22.83 39.60
CA ALA K 110 -20.39 -21.43 39.98
C ALA K 110 -21.55 -20.93 40.86
N ASP K 111 -22.30 -21.87 41.46
CA ASP K 111 -23.43 -21.55 42.34
C ASP K 111 -23.00 -21.63 43.80
N ASP K 112 -23.53 -20.73 44.61
CA ASP K 112 -23.32 -20.70 46.06
C ASP K 112 -24.68 -21.07 46.67
N PHE K 113 -24.79 -22.26 47.22
CA PHE K 113 -26.08 -22.78 47.74
C PHE K 113 -26.26 -22.21 49.15
N ILE K 114 -27.45 -21.68 49.42
CA ILE K 114 -27.79 -21.16 50.77
C ILE K 114 -28.88 -22.05 51.35
N PRO K 115 -28.60 -22.72 52.47
CA PRO K 115 -29.62 -23.56 53.10
C PRO K 115 -30.66 -22.68 53.78
N GLY K 116 -31.81 -23.28 54.05
CA GLY K 116 -32.91 -22.56 54.73
C GLY K 116 -34.15 -23.41 54.75
N ASN K 117 -35.05 -23.14 55.67
CA ASN K 117 -36.34 -23.85 55.78
C ASN K 117 -36.08 -25.35 55.77
N GLY K 118 -34.99 -25.81 56.41
CA GLY K 118 -34.69 -27.22 56.65
C GLY K 118 -34.19 -27.97 55.43
N ILE K 119 -33.83 -27.29 54.35
CA ILE K 119 -33.30 -27.95 53.12
C ILE K 119 -31.94 -27.34 52.82
N PRO K 120 -31.07 -28.08 52.10
CA PRO K 120 -29.73 -27.59 51.82
C PRO K 120 -29.67 -26.48 50.77
N VAL K 121 -30.62 -26.45 49.83
CA VAL K 121 -30.62 -25.48 48.74
C VAL K 121 -31.94 -24.72 48.70
N ASP K 122 -32.07 -23.73 49.60
CA ASP K 122 -33.28 -22.88 49.71
C ASP K 122 -33.14 -21.65 48.81
N ASN K 123 -31.93 -21.17 48.65
CA ASN K 123 -31.62 -20.00 47.82
C ASN K 123 -30.28 -20.27 47.13
N VAL K 124 -30.03 -19.58 46.03
CA VAL K 124 -28.75 -19.74 45.28
C VAL K 124 -28.35 -18.37 44.75
N VAL K 125 -27.06 -18.07 44.88
CA VAL K 125 -26.49 -16.85 44.27
C VAL K 125 -25.26 -17.27 43.47
N LEU K 126 -24.81 -16.39 42.58
CA LEU K 126 -23.51 -16.57 41.89
C LEU K 126 -22.42 -16.63 42.94
N ASP K 127 -21.52 -17.60 42.86
CA ASP K 127 -20.38 -17.74 43.78
C ASP K 127 -19.37 -16.65 43.38
N LYS K 128 -19.27 -15.58 44.15
CA LYS K 128 -18.35 -14.44 43.83
C LYS K 128 -16.91 -14.85 44.12
N LYS K 129 -16.65 -16.02 44.72
CA LYS K 129 -15.29 -16.53 45.05
C LYS K 129 -14.67 -17.31 43.89
N ILE K 130 -15.48 -17.77 42.91
CA ILE K 130 -15.03 -18.67 41.81
C ILE K 130 -14.05 -17.85 40.97
N ASN K 131 -12.83 -18.36 40.78
CA ASN K 131 -11.83 -17.67 39.94
C ASN K 131 -11.89 -18.27 38.53
N ALA K 132 -12.69 -17.63 37.66
CA ALA K 132 -13.05 -18.16 36.33
C ALA K 132 -11.74 -18.30 35.53
N GLN K 133 -10.82 -17.33 35.68
CA GLN K 133 -9.55 -17.37 34.92
C GLN K 133 -8.74 -18.58 35.35
N ALA K 134 -8.66 -18.88 36.64
CA ALA K 134 -7.90 -20.00 37.19
C ALA K 134 -8.50 -21.31 36.70
N VAL K 135 -9.83 -21.50 36.74
CA VAL K 135 -10.41 -22.81 36.32
C VAL K 135 -10.23 -22.94 34.82
N LYS K 136 -10.30 -21.85 34.05
CA LYS K 136 -10.03 -21.90 32.59
C LYS K 136 -8.57 -22.34 32.35
N ARG K 137 -7.60 -21.79 33.10
CA ARG K 137 -6.17 -22.15 32.94
C ARG K 137 -5.99 -23.65 33.21
N ASP K 138 -6.78 -24.22 34.12
CA ASP K 138 -6.69 -25.67 34.46
C ASP K 138 -7.31 -26.53 33.37
N GLY K 139 -8.05 -25.95 32.40
CA GLY K 139 -8.62 -26.68 31.25
C GLY K 139 -10.13 -26.85 31.32
N ALA K 140 -10.81 -26.25 32.31
CA ALA K 140 -12.30 -26.27 32.39
C ALA K 140 -12.84 -25.60 31.12
N LYS K 141 -13.99 -26.06 30.63
CA LYS K 141 -14.61 -25.51 29.39
C LYS K 141 -15.90 -24.79 29.70
N ALA K 142 -16.49 -24.98 30.88
CA ALA K 142 -17.82 -24.40 31.18
C ALA K 142 -17.99 -24.18 32.68
N LEU K 143 -18.91 -23.28 33.01
CA LEU K 143 -19.43 -23.12 34.37
C LEU K 143 -20.91 -23.45 34.35
N LYS K 144 -21.44 -23.75 35.53
CA LYS K 144 -22.87 -24.12 35.67
C LYS K 144 -23.47 -23.29 36.82
N LEU K 145 -24.70 -22.84 36.62
CA LEU K 145 -25.43 -22.07 37.64
C LEU K 145 -26.86 -22.61 37.77
N LEU K 146 -27.16 -23.12 38.96
CA LEU K 146 -28.56 -23.41 39.38
C LEU K 146 -29.31 -22.09 39.54
N VAL K 147 -30.51 -22.03 39.01
CA VAL K 147 -31.43 -20.87 39.18
C VAL K 147 -32.74 -21.41 39.78
N LEU K 148 -33.01 -21.13 41.05
CA LEU K 148 -34.30 -21.56 41.64
C LEU K 148 -35.41 -20.63 41.14
N TRP K 149 -36.49 -21.23 40.65
CA TRP K 149 -37.60 -20.50 40.03
C TRP K 149 -38.84 -20.68 40.88
N ARG K 150 -39.39 -19.57 41.38
CA ARG K 150 -40.65 -19.55 42.14
C ARG K 150 -41.59 -18.50 41.54
N SER K 151 -42.87 -18.85 41.47
CA SER K 151 -43.91 -18.05 40.80
C SER K 151 -44.04 -16.67 41.45
N ASP K 152 -43.68 -16.52 42.73
CA ASP K 152 -43.91 -15.25 43.47
C ASP K 152 -42.58 -14.58 43.78
N GLU K 153 -41.48 -14.98 43.14
CA GLU K 153 -40.20 -14.27 43.25
C GLU K 153 -39.95 -13.51 41.94
N ASP K 154 -39.13 -12.48 42.01
CA ASP K 154 -38.97 -11.48 40.93
C ASP K 154 -38.17 -12.09 39.76
N ALA K 155 -38.77 -12.13 38.58
CA ALA K 155 -38.13 -12.59 37.33
C ALA K 155 -36.87 -11.75 37.05
N GLN K 156 -36.93 -10.44 37.32
CA GLN K 156 -35.80 -9.54 36.95
C GLN K 156 -34.54 -9.92 37.73
N GLN K 157 -34.64 -10.33 39.00
CA GLN K 157 -33.50 -10.76 39.84
C GLN K 157 -32.86 -12.03 39.21
N ARG K 158 -33.68 -12.98 38.75
CA ARG K 158 -33.17 -14.21 38.09
C ARG K 158 -32.45 -13.83 36.78
N LEU K 159 -33.09 -13.02 35.95
CA LEU K 159 -32.50 -12.58 34.66
C LEU K 159 -31.19 -11.83 34.90
N ASN K 160 -31.12 -10.98 35.93
CA ASN K 160 -29.89 -10.22 36.25
C ASN K 160 -28.77 -11.18 36.68
N MET K 161 -29.10 -12.20 37.47
CA MET K 161 -28.08 -13.17 37.92
C MET K 161 -27.58 -13.95 36.69
N VAL K 162 -28.46 -14.35 35.79
CA VAL K 162 -28.06 -15.11 34.56
C VAL K 162 -27.17 -14.20 33.68
N LYS K 163 -27.52 -12.92 33.53
CA LYS K 163 -26.68 -11.97 32.73
C LYS K 163 -25.28 -11.85 33.35
N GLU K 164 -25.18 -11.67 34.66
CA GLU K 164 -23.86 -11.57 35.36
C GLU K 164 -23.09 -12.87 35.16
N PHE K 165 -23.75 -14.01 35.30
CA PHE K 165 -23.13 -15.34 35.09
C PHE K 165 -22.62 -15.50 33.65
N ASN K 166 -23.44 -15.16 32.65
CA ASN K 166 -23.06 -15.28 31.23
C ASN K 166 -21.78 -14.44 31.00
N GLU K 167 -21.72 -13.24 31.58
CA GLU K 167 -20.57 -12.32 31.41
C GLU K 167 -19.33 -12.94 32.07
N LEU K 168 -19.46 -13.51 33.27
CA LEU K 168 -18.36 -14.20 33.96
C LEU K 168 -17.80 -15.32 33.06
N CYS K 169 -18.68 -16.13 32.47
CA CYS K 169 -18.28 -17.24 31.57
C CYS K 169 -17.62 -16.67 30.30
N HIS K 170 -18.36 -15.87 29.55
CA HIS K 170 -18.00 -15.47 28.16
C HIS K 170 -16.74 -14.61 28.17
N SER K 171 -16.58 -13.74 29.17
CA SER K 171 -15.40 -12.85 29.27
C SER K 171 -14.15 -13.70 29.56
N ASN K 172 -14.31 -14.97 29.97
CA ASN K 172 -13.18 -15.86 30.30
C ASN K 172 -13.09 -17.02 29.30
N GLY K 173 -13.85 -16.98 28.20
CA GLY K 173 -13.81 -18.02 27.15
C GLY K 173 -14.43 -19.34 27.63
N LEU K 174 -15.32 -19.28 28.62
CA LEU K 174 -16.03 -20.48 29.16
C LEU K 174 -17.47 -20.49 28.62
N LEU K 175 -18.05 -21.67 28.48
CA LEU K 175 -19.49 -21.84 28.17
C LEU K 175 -20.29 -21.61 29.44
N SER K 176 -21.52 -21.12 29.27
CA SER K 176 -22.49 -20.88 30.37
C SER K 176 -23.58 -21.97 30.29
N ILE K 177 -23.74 -22.70 31.39
CA ILE K 177 -24.83 -23.69 31.53
C ILE K 177 -25.72 -23.23 32.68
N ILE K 178 -27.00 -22.98 32.38
CA ILE K 178 -27.98 -22.58 33.42
C ILE K 178 -28.93 -23.77 33.67
N GLU K 179 -29.33 -23.89 34.92
CA GLU K 179 -30.19 -25.01 35.41
C GLU K 179 -31.36 -24.40 36.18
N PRO K 180 -32.44 -23.97 35.50
CA PRO K 180 -33.63 -23.49 36.21
C PRO K 180 -34.36 -24.70 36.84
N VAL K 181 -34.62 -24.61 38.12
CA VAL K 181 -35.29 -25.67 38.93
C VAL K 181 -36.48 -25.02 39.63
N VAL K 182 -37.67 -25.62 39.45
CA VAL K 182 -38.91 -25.01 39.97
C VAL K 182 -39.10 -25.43 41.43
N ARG K 183 -39.59 -24.50 42.22
CA ARG K 183 -39.91 -24.71 43.63
C ARG K 183 -41.27 -24.11 43.91
N PRO K 184 -41.97 -24.61 44.95
CA PRO K 184 -43.24 -24.00 45.33
C PRO K 184 -43.04 -22.54 45.73
N PRO K 185 -44.10 -21.72 45.64
CA PRO K 185 -43.98 -20.29 45.93
C PRO K 185 -43.63 -20.08 47.41
N ARG K 186 -43.02 -18.95 47.73
CA ARG K 186 -42.69 -18.56 49.11
C ARG K 186 -43.99 -18.42 49.91
N CYS K 187 -45.02 -17.91 49.28
CA CYS K 187 -46.34 -17.65 49.92
CA CYS K 187 -46.33 -17.66 49.93
C CYS K 187 -47.43 -18.21 49.00
N GLY K 188 -48.35 -18.99 49.57
CA GLY K 188 -49.45 -19.59 48.82
C GLY K 188 -49.26 -21.08 48.69
N ASP K 189 -50.24 -21.77 48.12
CA ASP K 189 -50.23 -23.24 47.98
C ASP K 189 -50.58 -23.60 46.52
N LYS K 190 -50.58 -22.62 45.63
CA LYS K 190 -50.80 -22.82 44.18
C LYS K 190 -49.43 -23.19 43.60
N PHE K 191 -49.18 -24.49 43.39
CA PHE K 191 -47.95 -24.97 42.74
C PHE K 191 -48.33 -26.02 41.71
N ASP K 192 -48.18 -25.62 40.46
CA ASP K 192 -48.36 -26.48 39.28
C ASP K 192 -46.95 -26.69 38.71
N ARG K 193 -46.32 -27.80 39.07
CA ARG K 193 -44.90 -28.06 38.73
C ARG K 193 -44.72 -28.01 37.21
N GLU K 194 -45.62 -28.61 36.44
CA GLU K 194 -45.49 -28.71 34.96
C GLU K 194 -45.61 -27.30 34.36
N GLN K 195 -46.54 -26.48 34.84
CA GLN K 195 -46.67 -25.09 34.33
C GLN K 195 -45.46 -24.27 34.76
N ALA K 196 -44.93 -24.49 35.98
CA ALA K 196 -43.74 -23.76 36.46
C ALA K 196 -42.55 -24.03 35.52
N ILE K 197 -42.35 -25.27 35.11
CA ILE K 197 -41.22 -25.62 34.19
C ILE K 197 -41.37 -24.84 32.88
N ILE K 198 -42.59 -24.76 32.36
CA ILE K 198 -42.88 -23.99 31.12
C ILE K 198 -42.61 -22.51 31.37
N ASP K 199 -43.09 -21.96 32.49
CA ASP K 199 -42.95 -20.51 32.78
C ASP K 199 -41.47 -20.18 32.93
N ALA K 200 -40.67 -21.06 33.54
CA ALA K 200 -39.22 -20.84 33.70
C ALA K 200 -38.57 -20.80 32.31
N ALA K 201 -38.96 -21.68 31.40
CA ALA K 201 -38.39 -21.73 30.04
C ALA K 201 -38.82 -20.48 29.26
N LYS K 202 -40.09 -20.06 29.39
CA LYS K 202 -40.52 -18.80 28.74
C LYS K 202 -39.65 -17.63 29.22
N GLU K 203 -39.29 -17.61 30.50
CA GLU K 203 -38.51 -16.51 31.10
C GLU K 203 -37.03 -16.62 30.70
N LEU K 204 -36.42 -17.83 30.79
CA LEU K 204 -34.93 -17.97 30.76
C LEU K 204 -34.44 -18.72 29.52
N GLY K 205 -35.35 -19.22 28.68
CA GLY K 205 -35.01 -20.06 27.53
C GLY K 205 -34.32 -19.31 26.41
N ASP K 206 -34.28 -17.98 26.47
CA ASP K 206 -33.58 -17.15 25.46
C ASP K 206 -32.67 -16.14 26.16
N SER K 207 -32.02 -16.52 27.24
CA SER K 207 -31.30 -15.62 28.16
C SER K 207 -29.82 -15.48 27.76
N GLY K 208 -29.39 -16.06 26.65
CA GLY K 208 -28.01 -15.90 26.11
C GLY K 208 -27.01 -16.89 26.71
N ALA K 209 -27.45 -17.85 27.54
CA ALA K 209 -26.59 -18.95 28.01
C ALA K 209 -26.30 -19.86 26.82
N ASP K 210 -25.30 -20.73 26.92
CA ASP K 210 -24.93 -21.65 25.83
C ASP K 210 -25.75 -22.95 25.92
N LEU K 211 -26.20 -23.32 27.12
CA LEU K 211 -26.90 -24.61 27.34
C LEU K 211 -27.91 -24.45 28.47
N TYR K 212 -29.09 -24.99 28.25
CA TYR K 212 -30.24 -25.00 29.19
C TYR K 212 -30.39 -26.43 29.76
N LYS K 213 -30.25 -26.56 31.06
CA LYS K 213 -30.35 -27.87 31.76
C LYS K 213 -31.67 -27.86 32.51
N VAL K 214 -32.59 -28.77 32.17
CA VAL K 214 -33.99 -28.66 32.64
C VAL K 214 -34.45 -29.97 33.28
N GLU K 215 -35.38 -29.85 34.20
CA GLU K 215 -36.08 -31.00 34.80
C GLU K 215 -36.95 -31.67 33.75
N MET K 216 -37.08 -32.98 33.84
CA MET K 216 -37.92 -33.73 32.87
C MET K 216 -39.39 -33.50 33.23
N PRO K 217 -40.23 -33.09 32.27
CA PRO K 217 -41.67 -33.05 32.53
C PRO K 217 -42.19 -34.39 33.05
N LEU K 218 -43.15 -34.30 33.98
CA LEU K 218 -43.93 -35.43 34.52
C LEU K 218 -43.03 -36.45 35.23
N TYR K 219 -41.82 -36.05 35.63
CA TYR K 219 -40.84 -36.94 36.32
C TYR K 219 -40.51 -38.14 35.44
N GLY K 220 -40.69 -38.05 34.13
CA GLY K 220 -40.47 -39.15 33.18
C GLY K 220 -41.45 -40.31 33.35
N LYS K 221 -42.55 -40.09 34.07
CA LYS K 221 -43.55 -41.16 34.38
C LYS K 221 -44.65 -41.15 33.31
N GLY K 222 -45.38 -42.27 33.24
CA GLY K 222 -46.67 -42.36 32.50
C GLY K 222 -46.47 -42.81 31.06
N ALA K 223 -47.47 -42.57 30.23
CA ALA K 223 -47.47 -43.00 28.81
C ALA K 223 -46.42 -42.19 28.05
N ARG K 224 -45.69 -42.88 27.17
CA ARG K 224 -44.66 -42.25 26.32
C ARG K 224 -45.29 -41.11 25.52
N SER K 225 -46.51 -41.27 25.01
CA SER K 225 -47.15 -40.25 24.13
C SER K 225 -47.36 -38.93 24.91
N ASP K 226 -47.78 -39.00 26.18
CA ASP K 226 -48.01 -37.79 27.01
C ASP K 226 -46.66 -37.14 27.35
N LEU K 227 -45.64 -37.97 27.57
CA LEU K 227 -44.28 -37.48 27.91
C LEU K 227 -43.72 -36.72 26.69
N LEU K 228 -43.95 -37.24 25.49
CA LEU K 228 -43.47 -36.58 24.26
C LEU K 228 -44.17 -35.23 24.08
N THR K 229 -45.51 -35.19 24.20
CA THR K 229 -46.29 -33.93 24.07
C THR K 229 -45.75 -32.88 25.06
N ALA K 230 -45.50 -33.26 26.31
CA ALA K 230 -45.03 -32.35 27.36
C ALA K 230 -43.62 -31.86 27.02
N SER K 231 -42.80 -32.73 26.46
CA SER K 231 -41.40 -32.42 26.06
C SER K 231 -41.39 -31.49 24.86
N GLN K 232 -42.32 -31.68 23.91
CA GLN K 232 -42.40 -30.82 22.70
C GLN K 232 -42.86 -29.43 23.11
N ARG K 233 -43.80 -29.35 24.05
CA ARG K 233 -44.26 -28.05 24.60
C ARG K 233 -43.06 -27.29 25.17
N LEU K 234 -42.25 -27.96 25.97
CA LEU K 234 -41.06 -27.37 26.62
C LEU K 234 -40.06 -26.93 25.54
N ASN K 235 -39.81 -27.79 24.55
CA ASN K 235 -38.84 -27.51 23.47
C ASN K 235 -39.17 -26.16 22.80
N GLY K 236 -40.45 -25.88 22.57
CA GLY K 236 -40.93 -24.67 21.88
C GLY K 236 -40.50 -23.40 22.60
N HIS K 237 -40.18 -23.44 23.90
CA HIS K 237 -39.83 -22.26 24.71
C HIS K 237 -38.33 -22.13 24.94
N ILE K 238 -37.52 -23.06 24.43
CA ILE K 238 -36.05 -23.03 24.67
C ILE K 238 -35.34 -22.70 23.37
N ASN K 239 -34.58 -21.60 23.34
CA ASN K 239 -33.95 -21.08 22.11
C ASN K 239 -32.43 -21.27 22.18
N MET K 240 -31.98 -22.29 22.88
CA MET K 240 -30.57 -22.73 22.94
C MET K 240 -30.60 -24.25 23.01
N PRO K 241 -29.48 -24.96 22.83
CA PRO K 241 -29.48 -26.41 23.05
C PRO K 241 -29.91 -26.68 24.50
N TRP K 242 -30.59 -27.80 24.72
CA TRP K 242 -31.04 -28.17 26.08
C TRP K 242 -30.81 -29.65 26.34
N VAL K 243 -30.60 -29.95 27.61
CA VAL K 243 -30.37 -31.32 28.11
C VAL K 243 -31.26 -31.50 29.33
N ILE K 244 -31.56 -32.76 29.68
CA ILE K 244 -32.34 -33.04 30.91
C ILE K 244 -31.41 -33.47 32.04
N LEU K 245 -31.80 -33.12 33.25
CA LEU K 245 -31.18 -33.61 34.50
C LEU K 245 -32.07 -34.73 35.04
N SER K 246 -31.53 -35.53 35.96
CA SER K 246 -32.19 -36.79 36.40
C SER K 246 -32.88 -36.62 37.74
N SER K 247 -32.61 -35.57 38.51
CA SER K 247 -33.26 -35.40 39.84
C SER K 247 -34.78 -35.47 39.66
N GLY K 248 -35.43 -36.37 40.39
CA GLY K 248 -36.89 -36.55 40.32
C GLY K 248 -37.31 -37.67 39.37
N VAL K 249 -36.39 -38.19 38.54
CA VAL K 249 -36.72 -39.29 37.56
C VAL K 249 -36.12 -40.58 38.12
N ASP K 250 -36.95 -41.60 38.25
CA ASP K 250 -36.45 -42.95 38.66
C ASP K 250 -35.31 -43.34 37.70
N GLU K 251 -34.20 -43.89 38.23
CA GLU K 251 -33.05 -44.28 37.39
C GLU K 251 -33.50 -45.22 36.25
N LYS K 252 -34.56 -46.02 36.47
CA LYS K 252 -35.02 -47.01 35.47
C LYS K 252 -35.81 -46.31 34.36
N LEU K 253 -36.35 -45.10 34.61
CA LEU K 253 -37.17 -44.37 33.61
C LEU K 253 -36.29 -43.29 32.92
N PHE K 254 -35.07 -43.08 33.38
CA PHE K 254 -34.23 -41.98 32.84
C PHE K 254 -33.83 -42.29 31.39
N PRO K 255 -33.48 -43.54 31.00
CA PRO K 255 -33.17 -43.81 29.60
C PRO K 255 -34.30 -43.44 28.64
N ARG K 256 -35.53 -43.78 29.00
CA ARG K 256 -36.71 -43.44 28.20
C ARG K 256 -36.87 -41.90 28.18
N ALA K 257 -36.64 -41.25 29.31
CA ALA K 257 -36.78 -39.78 29.41
C ALA K 257 -35.80 -39.12 28.42
N VAL K 258 -34.57 -39.61 28.34
CA VAL K 258 -33.55 -39.04 27.41
C VAL K 258 -34.05 -39.24 25.97
N ARG K 259 -34.52 -40.45 25.65
CA ARG K 259 -34.99 -40.75 24.30
C ARG K 259 -36.15 -39.79 23.93
N VAL K 260 -37.14 -39.65 24.84
CA VAL K 260 -38.33 -38.82 24.55
C VAL K 260 -37.94 -37.33 24.47
N ALA K 261 -37.13 -36.85 25.40
CA ALA K 261 -36.68 -35.43 25.40
C ALA K 261 -35.96 -35.14 24.09
N MET K 262 -35.09 -36.06 23.65
CA MET K 262 -34.32 -35.85 22.40
C MET K 262 -35.26 -35.91 21.19
N GLU K 263 -36.26 -36.79 21.20
CA GLU K 263 -37.28 -36.81 20.12
C GLU K 263 -37.96 -35.45 20.05
N ALA K 264 -38.17 -34.79 21.19
CA ALA K 264 -38.84 -33.47 21.29
C ALA K 264 -37.89 -32.32 20.92
N GLY K 265 -36.58 -32.55 20.81
CA GLY K 265 -35.62 -31.48 20.45
C GLY K 265 -34.47 -31.30 21.41
N ALA K 266 -34.45 -31.98 22.56
CA ALA K 266 -33.27 -31.95 23.48
C ALA K 266 -32.05 -32.57 22.77
N SER K 267 -30.86 -32.30 23.27
CA SER K 267 -29.58 -32.76 22.68
C SER K 267 -28.83 -33.71 23.62
N GLY K 268 -29.46 -34.10 24.73
CA GLY K 268 -28.87 -35.12 25.61
C GLY K 268 -29.19 -34.88 27.07
N PHE K 269 -28.23 -35.16 27.93
CA PHE K 269 -28.46 -35.19 29.40
C PHE K 269 -27.22 -34.68 30.13
N LEU K 270 -27.46 -34.21 31.36
CA LEU K 270 -26.40 -33.94 32.34
C LEU K 270 -26.92 -34.52 33.64
N ALA K 271 -26.47 -35.73 33.99
CA ALA K 271 -27.12 -36.55 35.03
C ALA K 271 -26.14 -36.99 36.11
N GLY K 272 -26.64 -37.03 37.35
CA GLY K 272 -25.90 -37.53 38.52
C GLY K 272 -26.62 -38.69 39.14
N ARG K 273 -27.77 -38.41 39.75
CA ARG K 273 -28.46 -39.43 40.60
C ARG K 273 -28.77 -40.69 39.78
N ALA K 274 -29.27 -40.56 38.54
CA ALA K 274 -29.69 -41.71 37.72
C ALA K 274 -28.48 -42.58 37.34
N VAL K 275 -27.26 -42.08 37.54
CA VAL K 275 -26.01 -42.83 37.27
C VAL K 275 -25.47 -43.45 38.56
N TRP K 276 -25.32 -42.69 39.65
CA TRP K 276 -24.53 -43.16 40.82
C TRP K 276 -25.30 -43.16 42.15
N SER K 277 -26.54 -42.67 42.23
CA SER K 277 -27.21 -42.60 43.56
C SER K 277 -27.32 -44.02 44.18
N SER K 278 -27.56 -45.05 43.35
CA SER K 278 -27.89 -46.39 43.89
C SER K 278 -26.67 -47.06 44.54
N VAL K 279 -25.45 -46.60 44.29
CA VAL K 279 -24.24 -47.25 44.88
C VAL K 279 -23.81 -46.57 46.18
N ILE K 280 -24.42 -45.46 46.55
CA ILE K 280 -24.06 -44.76 47.82
C ILE K 280 -24.34 -45.70 48.99
N GLY K 281 -23.34 -45.94 49.81
CA GLY K 281 -23.42 -46.76 51.04
C GLY K 281 -23.15 -48.22 50.77
N LEU K 282 -23.01 -48.66 49.50
CA LEU K 282 -22.67 -50.08 49.22
C LEU K 282 -21.19 -50.29 49.54
N PRO K 283 -20.78 -51.53 49.91
CA PRO K 283 -19.35 -51.83 50.06
C PRO K 283 -18.64 -51.77 48.70
N ASP K 284 -17.31 -51.59 48.71
CA ASP K 284 -16.45 -51.69 47.51
C ASP K 284 -16.89 -50.62 46.49
N THR K 285 -16.84 -49.34 46.89
CA THR K 285 -17.32 -48.20 46.05
C THR K 285 -16.75 -48.28 44.62
N GLU K 286 -15.44 -48.47 44.46
CA GLU K 286 -14.83 -48.46 43.11
C GLU K 286 -15.42 -49.59 42.25
N LEU K 287 -15.59 -50.78 42.83
CA LEU K 287 -16.19 -51.92 42.10
C LEU K 287 -17.64 -51.59 41.72
N MET K 288 -18.39 -50.98 42.64
CA MET K 288 -19.81 -50.65 42.39
C MET K 288 -19.94 -49.59 41.30
N LEU K 289 -19.10 -48.56 41.32
CA LEU K 289 -19.13 -47.53 40.24
C LEU K 289 -18.86 -48.18 38.88
N ARG K 290 -17.93 -49.13 38.83
CA ARG K 290 -17.57 -49.79 37.54
C ARG K 290 -18.69 -50.75 37.10
N ASP K 291 -19.29 -51.50 38.03
CA ASP K 291 -20.19 -52.63 37.67
C ASP K 291 -21.67 -52.20 37.64
N VAL K 292 -22.06 -51.18 38.39
CA VAL K 292 -23.47 -50.74 38.54
C VAL K 292 -23.68 -49.41 37.82
N SER K 293 -22.87 -48.41 38.14
CA SER K 293 -23.04 -47.04 37.59
C SER K 293 -22.59 -46.95 36.14
N ALA K 294 -21.42 -47.47 35.81
CA ALA K 294 -20.83 -47.31 34.45
C ALA K 294 -21.77 -47.86 33.39
N PRO K 295 -22.36 -49.08 33.52
CA PRO K 295 -23.26 -49.58 32.47
C PRO K 295 -24.46 -48.66 32.22
N LYS K 296 -24.97 -48.01 33.26
CA LYS K 296 -26.09 -47.06 33.12
C LYS K 296 -25.62 -45.82 32.33
N LEU K 297 -24.46 -45.29 32.64
CA LEU K 297 -23.93 -44.09 31.92
C LEU K 297 -23.60 -44.44 30.46
N GLN K 298 -23.02 -45.63 30.25
CA GLN K 298 -22.70 -46.12 28.89
C GLN K 298 -23.99 -46.21 28.07
N ARG K 299 -25.07 -46.78 28.63
CA ARG K 299 -26.32 -46.96 27.87
C ARG K 299 -26.89 -45.58 27.52
N LEU K 300 -26.86 -44.64 28.45
CA LEU K 300 -27.40 -43.28 28.18
C LEU K 300 -26.63 -42.65 27.03
N GLY K 301 -25.31 -42.78 26.99
CA GLY K 301 -24.48 -42.27 25.90
C GLY K 301 -24.83 -42.92 24.56
N GLU K 302 -25.10 -44.23 24.55
CA GLU K 302 -25.51 -44.95 23.32
C GLU K 302 -26.84 -44.39 22.83
N ILE K 303 -27.78 -44.11 23.76
CA ILE K 303 -29.11 -43.55 23.37
C ILE K 303 -28.89 -42.17 22.74
N VAL K 304 -28.04 -41.35 23.35
CA VAL K 304 -27.75 -40.00 22.81
C VAL K 304 -27.25 -40.13 21.36
N ASP K 305 -26.29 -41.01 21.11
CA ASP K 305 -25.75 -41.17 19.73
C ASP K 305 -26.85 -41.67 18.78
N GLU K 306 -27.68 -42.62 19.21
CA GLU K 306 -28.77 -43.15 18.37
C GLU K 306 -29.69 -42.01 17.97
N MET K 307 -30.05 -41.13 18.92
CA MET K 307 -31.02 -40.06 18.66
C MET K 307 -30.37 -38.97 17.78
N MET K 308 -29.10 -38.65 17.99
CA MET K 308 -28.42 -37.65 17.14
C MET K 308 -28.28 -38.18 15.70
N ALA K 309 -28.08 -39.49 15.52
CA ALA K 309 -27.94 -40.11 14.17
C ALA K 309 -29.26 -39.97 13.39
N LYS K 310 -30.42 -39.93 14.06
CA LYS K 310 -31.74 -39.78 13.42
C LYS K 310 -31.97 -38.35 12.88
N ARG K 311 -31.10 -37.37 13.18
CA ARG K 311 -31.44 -35.93 12.92
C ARG K 311 -30.43 -35.24 12.00
N ASN L 23 -16.70 -16.34 13.18
CA ASN L 23 -15.22 -16.43 13.37
C ASN L 23 -14.90 -17.89 13.71
N TYR L 24 -14.52 -18.69 12.71
CA TYR L 24 -14.32 -20.14 12.91
C TYR L 24 -13.01 -20.31 13.69
N THR L 25 -12.88 -21.44 14.36
CA THR L 25 -11.68 -21.87 15.08
C THR L 25 -11.22 -23.19 14.46
N ILE L 26 -10.00 -23.60 14.74
CA ILE L 26 -9.45 -24.91 14.26
C ILE L 26 -10.36 -26.05 14.74
N LYS L 27 -10.99 -25.93 15.89
CA LYS L 27 -11.94 -26.93 16.45
C LYS L 27 -13.04 -27.25 15.44
N ASP L 28 -13.38 -26.35 14.53
CA ASP L 28 -14.45 -26.58 13.52
C ASP L 28 -14.04 -27.60 12.46
N ILE L 29 -12.76 -27.96 12.32
CA ILE L 29 -12.32 -28.90 11.26
C ILE L 29 -11.60 -30.10 11.87
N THR L 30 -11.62 -30.26 13.19
CA THR L 30 -10.95 -31.38 13.89
C THR L 30 -11.97 -32.42 14.38
N ARG L 31 -11.48 -33.61 14.68
CA ARG L 31 -12.24 -34.64 15.43
C ARG L 31 -12.44 -34.13 16.86
N ALA L 32 -13.30 -34.79 17.64
CA ALA L 32 -13.51 -34.44 19.07
C ALA L 32 -12.17 -34.44 19.83
N SER L 33 -11.23 -35.33 19.47
CA SER L 33 -9.88 -35.44 20.10
C SER L 33 -9.03 -34.20 19.84
N GLY L 34 -9.38 -33.36 18.86
CA GLY L 34 -8.54 -32.24 18.42
C GLY L 34 -7.61 -32.63 17.28
N GLY L 35 -7.61 -33.90 16.87
CA GLY L 35 -6.79 -34.33 15.72
C GLY L 35 -7.46 -33.97 14.41
N PHE L 36 -6.68 -33.78 13.34
CA PHE L 36 -7.21 -33.51 11.99
C PHE L 36 -7.27 -34.84 11.22
N ALA L 37 -8.43 -35.22 10.72
CA ALA L 37 -8.61 -36.43 9.90
C ALA L 37 -9.38 -36.04 8.66
N MET L 38 -8.68 -35.40 7.71
CA MET L 38 -9.37 -34.65 6.65
C MET L 38 -9.14 -35.30 5.30
N LEU L 39 -10.16 -35.18 4.44
CA LEU L 39 -10.23 -35.83 3.11
C LEU L 39 -10.07 -34.76 2.04
N ALA L 40 -9.23 -35.00 1.06
CA ALA L 40 -9.06 -34.10 -0.11
C ALA L 40 -9.66 -34.77 -1.34
N VAL L 41 -10.55 -34.07 -2.04
CA VAL L 41 -11.06 -34.53 -3.37
C VAL L 41 -10.99 -33.38 -4.37
N ASP L 42 -10.11 -32.41 -4.16
CA ASP L 42 -10.06 -31.15 -4.95
C ASP L 42 -9.13 -31.26 -6.18
N GLN L 43 -8.55 -32.43 -6.46
CA GLN L 43 -7.58 -32.56 -7.57
C GLN L 43 -8.31 -32.31 -8.89
N ARG L 44 -7.69 -31.56 -9.82
CA ARG L 44 -8.37 -31.06 -11.03
C ARG L 44 -7.83 -31.82 -12.24
N GLU L 45 -7.05 -31.18 -13.12
CA GLU L 45 -6.52 -31.89 -14.31
C GLU L 45 -5.66 -33.09 -13.85
N ALA L 46 -5.01 -33.03 -12.69
CA ALA L 46 -4.23 -34.17 -12.17
C ALA L 46 -5.16 -35.38 -11.98
N MET L 47 -6.42 -35.16 -11.57
CA MET L 47 -7.36 -36.30 -11.41
C MET L 47 -7.78 -36.81 -12.79
N ARG L 48 -7.96 -35.93 -13.77
CA ARG L 48 -8.29 -36.38 -15.15
C ARG L 48 -7.17 -37.31 -15.66
N LEU L 49 -5.92 -36.94 -15.42
CA LEU L 49 -4.73 -37.75 -15.82
C LEU L 49 -4.79 -39.12 -15.13
N MET L 50 -5.22 -39.17 -13.87
CA MET L 50 -5.32 -40.46 -13.11
C MET L 50 -6.38 -41.36 -13.76
N PHE L 51 -7.51 -40.80 -14.17
CA PHE L 51 -8.58 -41.58 -14.84
C PHE L 51 -8.05 -42.15 -16.16
N ALA L 52 -7.36 -41.32 -16.95
CA ALA L 52 -6.77 -41.78 -18.24
C ALA L 52 -5.78 -42.91 -17.97
N ALA L 53 -4.87 -42.73 -17.00
CA ALA L 53 -3.84 -43.72 -16.63
C ALA L 53 -4.48 -45.03 -16.17
N ALA L 54 -5.69 -45.01 -15.59
CA ALA L 54 -6.38 -46.23 -15.06
C ALA L 54 -7.27 -46.86 -16.13
N GLY L 55 -7.26 -46.35 -17.36
CA GLY L 55 -7.93 -46.99 -18.51
C GLY L 55 -9.35 -46.47 -18.77
N ALA L 56 -9.74 -45.31 -18.21
CA ALA L 56 -11.01 -44.64 -18.58
C ALA L 56 -10.97 -44.29 -20.07
N LYS L 57 -12.13 -44.33 -20.74
CA LYS L 57 -12.32 -43.86 -22.14
C LYS L 57 -11.87 -42.40 -22.22
N THR L 58 -10.98 -42.09 -23.16
CA THR L 58 -10.47 -40.72 -23.42
C THR L 58 -11.21 -40.18 -24.63
N PRO L 59 -11.46 -38.84 -24.72
CA PRO L 59 -11.16 -37.91 -23.64
C PRO L 59 -12.10 -38.11 -22.43
N VAL L 60 -11.57 -37.95 -21.22
CA VAL L 60 -12.33 -38.11 -19.95
C VAL L 60 -13.22 -36.89 -19.77
N ALA L 61 -14.54 -37.05 -19.73
CA ALA L 61 -15.49 -35.93 -19.58
C ALA L 61 -15.35 -35.32 -18.18
N ASP L 62 -15.62 -34.02 -18.06
CA ASP L 62 -15.72 -33.31 -16.75
C ASP L 62 -16.66 -34.10 -15.81
N SER L 63 -17.78 -34.61 -16.32
CA SER L 63 -18.82 -35.31 -15.52
C SER L 63 -18.25 -36.54 -14.82
N VAL L 64 -17.24 -37.18 -15.39
CA VAL L 64 -16.57 -38.36 -14.77
C VAL L 64 -15.88 -37.90 -13.47
N LEU L 65 -15.21 -36.76 -13.51
CA LEU L 65 -14.52 -36.20 -12.32
C LEU L 65 -15.57 -35.78 -11.31
N THR L 66 -16.57 -35.03 -11.74
CA THR L 66 -17.64 -34.53 -10.84
C THR L 66 -18.30 -35.73 -10.14
N ASP L 67 -18.68 -36.75 -10.89
CA ASP L 67 -19.44 -37.91 -10.31
C ASP L 67 -18.56 -38.61 -9.28
N PHE L 68 -17.26 -38.79 -9.59
CA PHE L 68 -16.33 -39.47 -8.66
C PHE L 68 -16.16 -38.64 -7.39
N LYS L 69 -15.94 -37.33 -7.53
CA LYS L 69 -15.71 -36.42 -6.40
C LYS L 69 -16.93 -36.42 -5.48
N VAL L 70 -18.12 -36.33 -6.06
CA VAL L 70 -19.37 -36.23 -5.25
C VAL L 70 -19.61 -37.59 -4.56
N ASN L 71 -19.37 -38.71 -5.25
CA ASN L 71 -19.50 -40.05 -4.64
C ASN L 71 -18.48 -40.19 -3.49
N ALA L 72 -17.25 -39.73 -3.71
CA ALA L 72 -16.19 -39.81 -2.68
C ALA L 72 -16.65 -39.00 -1.47
N ALA L 73 -17.14 -37.78 -1.67
CA ALA L 73 -17.63 -36.94 -0.56
C ALA L 73 -18.79 -37.67 0.15
N LYS L 74 -19.76 -38.17 -0.61
CA LYS L 74 -20.99 -38.78 -0.04
C LYS L 74 -20.62 -39.98 0.84
N ILE L 75 -19.72 -40.83 0.34
CA ILE L 75 -19.40 -42.12 1.00
C ILE L 75 -18.33 -41.93 2.08
N LEU L 76 -17.36 -41.02 1.87
CA LEU L 76 -16.20 -40.93 2.79
C LEU L 76 -16.34 -39.78 3.79
N SER L 77 -17.12 -38.73 3.51
CA SER L 77 -17.22 -37.59 4.44
C SER L 77 -17.70 -38.03 5.82
N PRO L 78 -18.52 -39.10 5.99
CA PRO L 78 -18.87 -39.56 7.35
C PRO L 78 -17.68 -39.94 8.23
N TYR L 79 -16.51 -40.21 7.64
CA TYR L 79 -15.29 -40.63 8.37
C TYR L 79 -14.27 -39.49 8.51
N ALA L 80 -14.57 -38.31 7.99
CA ALA L 80 -13.63 -37.17 7.89
C ALA L 80 -14.09 -36.02 8.78
N SER L 81 -13.14 -35.32 9.42
CA SER L 81 -13.45 -34.10 10.20
C SER L 81 -13.61 -32.90 9.26
N ALA L 82 -13.10 -32.99 8.03
CA ALA L 82 -13.29 -31.95 6.99
C ALA L 82 -13.03 -32.56 5.62
N VAL L 83 -13.64 -31.99 4.59
CA VAL L 83 -13.45 -32.40 3.18
C VAL L 83 -13.07 -31.17 2.36
N LEU L 84 -12.06 -31.33 1.50
CA LEU L 84 -11.54 -30.25 0.64
C LEU L 84 -12.09 -30.44 -0.77
N LEU L 85 -12.86 -29.46 -1.23
CA LEU L 85 -13.59 -29.47 -2.51
C LEU L 85 -13.09 -28.34 -3.40
N ASP L 86 -13.16 -28.53 -4.71
CA ASP L 86 -12.82 -27.47 -5.71
C ASP L 86 -14.08 -26.97 -6.40
N GLN L 87 -14.15 -25.68 -6.69
CA GLN L 87 -15.28 -25.07 -7.42
C GLN L 87 -15.31 -25.61 -8.86
N GLN L 88 -14.17 -25.91 -9.46
CA GLN L 88 -14.12 -26.29 -10.90
C GLN L 88 -15.03 -27.51 -11.15
N PHE L 89 -14.99 -28.53 -10.30
CA PHE L 89 -15.68 -29.83 -10.61
C PHE L 89 -16.71 -30.26 -9.56
N CYS L 90 -16.66 -29.83 -8.30
CA CYS L 90 -17.54 -30.52 -7.32
C CYS L 90 -18.13 -29.67 -6.20
N TYR L 91 -17.68 -28.45 -5.92
CA TYR L 91 -18.19 -27.73 -4.72
C TYR L 91 -19.70 -27.54 -4.81
N ARG L 92 -20.18 -26.96 -5.91
CA ARG L 92 -21.62 -26.61 -6.09
C ARG L 92 -22.43 -27.90 -6.02
N GLN L 93 -21.97 -28.94 -6.71
CA GLN L 93 -22.66 -30.26 -6.80
C GLN L 93 -22.73 -30.91 -5.42
N ALA L 94 -21.63 -30.91 -4.65
CA ALA L 94 -21.60 -31.54 -3.31
C ALA L 94 -22.61 -30.84 -2.39
N VAL L 95 -22.66 -29.51 -2.47
CA VAL L 95 -23.62 -28.70 -1.65
C VAL L 95 -25.06 -29.03 -2.09
N GLU L 96 -25.35 -28.91 -3.39
CA GLU L 96 -26.73 -29.10 -3.95
C GLU L 96 -27.21 -30.51 -3.63
N GLN L 97 -26.34 -31.52 -3.64
CA GLN L 97 -26.72 -32.94 -3.47
C GLN L 97 -26.62 -33.36 -1.99
N ASN L 98 -26.29 -32.46 -1.08
CA ASN L 98 -26.14 -32.74 0.37
C ASN L 98 -25.20 -33.93 0.56
N ALA L 99 -24.10 -33.96 -0.19
CA ALA L 99 -23.13 -35.08 -0.19
C ALA L 99 -22.24 -35.00 1.04
N VAL L 100 -22.09 -33.84 1.67
CA VAL L 100 -21.14 -33.71 2.82
C VAL L 100 -21.89 -34.00 4.12
N ALA L 101 -21.47 -35.03 4.85
CA ALA L 101 -22.04 -35.36 6.18
C ALA L 101 -21.98 -34.12 7.07
N LYS L 102 -23.00 -33.89 7.91
CA LYS L 102 -23.05 -32.70 8.79
C LYS L 102 -21.86 -32.72 9.76
N SER L 103 -21.33 -33.91 10.10
CA SER L 103 -20.18 -34.07 11.02
C SER L 103 -18.87 -33.63 10.35
N CYS L 104 -18.89 -33.38 9.05
CA CYS L 104 -17.67 -33.10 8.24
C CYS L 104 -17.70 -31.64 7.75
N ALA L 105 -16.73 -30.84 8.14
CA ALA L 105 -16.60 -29.42 7.71
C ALA L 105 -16.23 -29.34 6.23
N MET L 106 -16.61 -28.27 5.54
CA MET L 106 -16.17 -28.05 4.15
C MET L 106 -14.98 -27.08 4.12
N ILE L 107 -13.97 -27.46 3.37
CA ILE L 107 -12.80 -26.61 2.99
C ILE L 107 -12.94 -26.37 1.50
N VAL L 108 -12.81 -25.12 1.06
CA VAL L 108 -12.91 -24.81 -0.38
C VAL L 108 -11.54 -24.40 -0.88
N ALA L 109 -11.09 -25.00 -1.98
CA ALA L 109 -9.83 -24.61 -2.62
C ALA L 109 -9.97 -23.17 -3.12
N ALA L 110 -8.95 -22.34 -2.91
CA ALA L 110 -8.94 -20.95 -3.38
C ALA L 110 -7.73 -20.76 -4.31
N ASP L 111 -7.20 -21.84 -4.87
CA ASP L 111 -6.04 -21.80 -5.78
C ASP L 111 -6.50 -21.89 -7.24
N ASP L 112 -5.82 -21.15 -8.10
CA ASP L 112 -6.00 -21.19 -9.57
C ASP L 112 -4.76 -21.83 -10.15
N PHE L 113 -4.88 -23.06 -10.64
CA PHE L 113 -3.74 -23.84 -11.16
C PHE L 113 -3.45 -23.39 -12.58
N ILE L 114 -2.19 -23.12 -12.89
CA ILE L 114 -1.77 -22.75 -14.25
C ILE L 114 -0.88 -23.86 -14.80
N PRO L 115 -1.29 -24.54 -15.88
CA PRO L 115 -0.45 -25.57 -16.48
C PRO L 115 0.75 -24.93 -17.19
N GLY L 116 1.78 -25.74 -17.41
CA GLY L 116 2.97 -25.29 -18.15
C GLY L 116 4.04 -26.35 -18.12
N ASN L 117 4.96 -26.28 -19.07
CA ASN L 117 6.09 -27.25 -19.14
C ASN L 117 5.55 -28.68 -19.05
N GLY L 118 4.39 -28.93 -19.68
CA GLY L 118 3.82 -30.28 -19.85
C GLY L 118 3.20 -30.86 -18.60
N ILE L 119 3.00 -30.07 -17.53
CA ILE L 119 2.35 -30.57 -16.28
C ILE L 119 1.13 -29.71 -16.01
N PRO L 120 0.13 -30.23 -15.26
CA PRO L 120 -1.09 -29.47 -15.00
C PRO L 120 -0.92 -28.32 -14.00
N VAL L 121 0.04 -28.42 -13.07
CA VAL L 121 0.21 -27.39 -12.02
C VAL L 121 1.66 -26.91 -12.02
N ASP L 122 1.97 -26.00 -12.95
CA ASP L 122 3.33 -25.40 -13.12
C ASP L 122 3.42 -24.12 -12.28
N ASN L 123 2.30 -23.42 -12.15
CA ASN L 123 2.22 -22.17 -11.36
C ASN L 123 0.86 -22.14 -10.66
N VAL L 124 0.76 -21.37 -9.59
CA VAL L 124 -0.51 -21.25 -8.82
C VAL L 124 -0.65 -19.80 -8.37
N VAL L 125 -1.84 -19.27 -8.51
CA VAL L 125 -2.18 -17.91 -7.98
C VAL L 125 -3.47 -18.02 -7.17
N LEU L 126 -3.73 -17.01 -6.37
CA LEU L 126 -5.02 -16.89 -5.66
C LEU L 126 -6.15 -16.79 -6.68
N ASP L 127 -7.20 -17.58 -6.51
CA ASP L 127 -8.35 -17.62 -7.46
C ASP L 127 -9.17 -16.34 -7.18
N LYS L 128 -9.11 -15.39 -8.10
CA LYS L 128 -9.81 -14.08 -7.97
C LYS L 128 -11.33 -14.26 -8.08
N LYS L 129 -11.83 -15.43 -8.50
CA LYS L 129 -13.28 -15.72 -8.74
C LYS L 129 -13.97 -16.20 -7.46
N ILE L 130 -13.21 -16.66 -6.43
CA ILE L 130 -13.84 -17.25 -5.20
C ILE L 130 -14.66 -16.14 -4.51
N ASN L 131 -15.92 -16.40 -4.23
CA ASN L 131 -16.77 -15.50 -3.40
C ASN L 131 -16.78 -16.08 -1.98
N ALA L 132 -15.88 -15.59 -1.11
CA ALA L 132 -15.69 -16.11 0.25
C ALA L 132 -17.01 -16.01 1.02
N GLN L 133 -17.76 -14.93 0.85
CA GLN L 133 -19.03 -14.73 1.59
C GLN L 133 -20.03 -15.81 1.17
N ALA L 134 -20.11 -16.13 -0.11
CA ALA L 134 -21.05 -17.12 -0.66
C ALA L 134 -20.69 -18.51 -0.12
N VAL L 135 -19.40 -18.89 -0.14
CA VAL L 135 -19.05 -20.25 0.34
C VAL L 135 -19.27 -20.31 1.85
N LYS L 136 -19.04 -19.21 2.58
CA LYS L 136 -19.31 -19.14 4.03
C LYS L 136 -20.82 -19.35 4.30
N ARG L 137 -21.69 -18.72 3.51
CA ARG L 137 -23.16 -18.89 3.68
C ARG L 137 -23.54 -20.38 3.50
N ASP L 138 -22.83 -21.10 2.65
CA ASP L 138 -23.07 -22.54 2.39
C ASP L 138 -22.57 -23.42 3.54
N GLY L 139 -21.77 -22.87 4.46
CA GLY L 139 -21.30 -23.58 5.67
C GLY L 139 -19.81 -23.89 5.62
N ALA L 140 -19.07 -23.47 4.58
CA ALA L 140 -17.60 -23.67 4.51
C ALA L 140 -16.94 -23.04 5.71
N LYS L 141 -15.89 -23.69 6.25
CA LYS L 141 -15.19 -23.21 7.46
C LYS L 141 -13.77 -22.76 7.12
N ALA L 142 -13.26 -23.10 5.95
CA ALA L 142 -11.83 -22.86 5.63
C ALA L 142 -11.64 -22.79 4.12
N LEU L 143 -10.57 -22.11 3.72
CA LEU L 143 -10.07 -22.11 2.35
C LEU L 143 -8.67 -22.72 2.36
N LYS L 144 -8.24 -23.19 1.19
CA LYS L 144 -6.92 -23.85 1.03
C LYS L 144 -6.19 -23.22 -0.14
N LEU L 145 -4.88 -23.04 0.02
CA LEU L 145 -4.03 -22.48 -1.04
C LEU L 145 -2.74 -23.30 -1.17
N LEU L 146 -2.58 -23.92 -2.34
CA LEU L 146 -1.28 -24.53 -2.76
C LEU L 146 -0.28 -23.40 -3.00
N VAL L 147 0.94 -23.56 -2.48
CA VAL L 147 2.05 -22.60 -2.74
C VAL L 147 3.21 -23.42 -3.30
N LEU L 148 3.52 -23.24 -4.58
CA LEU L 148 4.69 -23.95 -5.15
C LEU L 148 5.96 -23.24 -4.71
N TRP L 149 6.90 -24.02 -4.19
CA TRP L 149 8.15 -23.50 -3.60
C TRP L 149 9.31 -23.96 -4.47
N ARG L 150 10.07 -23.00 -4.99
CA ARG L 150 11.31 -23.24 -5.74
C ARG L 150 12.44 -22.38 -5.15
N SER L 151 13.63 -22.95 -5.05
CA SER L 151 14.78 -22.33 -4.37
C SER L 151 15.18 -21.05 -5.13
N ASP L 152 14.88 -20.90 -6.44
CA ASP L 152 15.35 -19.74 -7.23
C ASP L 152 14.19 -18.81 -7.58
N GLU L 153 13.02 -18.96 -6.92
CA GLU L 153 11.92 -17.98 -7.04
C GLU L 153 11.89 -17.18 -5.73
N ASP L 154 11.38 -15.97 -5.79
CA ASP L 154 11.48 -14.97 -4.70
C ASP L 154 10.56 -15.37 -3.53
N ALA L 155 11.12 -15.53 -2.35
CA ALA L 155 10.40 -15.80 -1.10
C ALA L 155 9.38 -14.69 -0.83
N GLN L 156 9.71 -13.42 -1.13
CA GLN L 156 8.79 -12.30 -0.72
C GLN L 156 7.49 -12.41 -1.54
N GLN L 157 7.52 -12.84 -2.80
CA GLN L 157 6.32 -13.03 -3.65
C GLN L 157 5.44 -14.15 -3.05
N ARG L 158 6.03 -15.24 -2.56
CA ARG L 158 5.27 -16.33 -1.90
C ARG L 158 4.64 -15.79 -0.62
N LEU L 159 5.41 -15.11 0.22
CA LEU L 159 4.92 -14.54 1.49
C LEU L 159 3.79 -13.53 1.21
N ASN L 160 3.89 -12.72 0.17
CA ASN L 160 2.83 -11.74 -0.20
C ASN L 160 1.56 -12.47 -0.62
N MET L 161 1.68 -13.56 -1.38
CA MET L 161 0.49 -14.34 -1.78
C MET L 161 -0.16 -14.94 -0.52
N VAL L 162 0.65 -15.49 0.40
CA VAL L 162 0.12 -16.08 1.66
C VAL L 162 -0.57 -14.99 2.50
N LYS L 163 0.02 -13.80 2.60
CA LYS L 163 -0.57 -12.67 3.37
C LYS L 163 -1.92 -12.29 2.75
N GLU L 164 -2.02 -12.15 1.43
CA GLU L 164 -3.31 -11.81 0.75
C GLU L 164 -4.32 -12.92 1.03
N PHE L 165 -3.90 -14.17 0.95
CA PHE L 165 -4.78 -15.34 1.23
C PHE L 165 -5.27 -15.33 2.69
N ASN L 166 -4.38 -15.12 3.64
CA ASN L 166 -4.72 -15.07 5.08
C ASN L 166 -5.78 -13.98 5.31
N GLU L 167 -5.61 -12.84 4.67
CA GLU L 167 -6.55 -11.69 4.81
C GLU L 167 -7.91 -12.06 4.20
N LEU L 168 -7.93 -12.72 3.04
CA LEU L 168 -9.17 -13.20 2.39
C LEU L 168 -9.91 -14.12 3.38
N CYS L 169 -9.21 -15.07 3.99
CA CYS L 169 -9.84 -16.03 4.94
C CYS L 169 -10.32 -15.26 6.19
N HIS L 170 -9.39 -14.61 6.89
CA HIS L 170 -9.62 -14.07 8.26
C HIS L 170 -10.65 -12.93 8.20
N SER L 171 -10.64 -12.12 7.17
CA SER L 171 -11.62 -10.99 7.00
C SER L 171 -13.02 -11.56 6.79
N ASN L 172 -13.15 -12.84 6.47
CA ASN L 172 -14.46 -13.48 6.21
C ASN L 172 -14.77 -14.54 7.29
N GLY L 173 -14.00 -14.60 8.38
CA GLY L 173 -14.20 -15.56 9.48
C GLY L 173 -13.93 -17.00 9.06
N LEU L 174 -13.10 -17.21 8.04
CA LEU L 174 -12.71 -18.56 7.56
C LEU L 174 -11.28 -18.87 8.03
N LEU L 175 -10.96 -20.14 8.21
CA LEU L 175 -9.58 -20.61 8.49
C LEU L 175 -8.78 -20.61 7.20
N SER L 176 -7.47 -20.38 7.33
CA SER L 176 -6.51 -20.41 6.21
CA SER L 176 -6.50 -20.40 6.22
C SER L 176 -5.65 -21.68 6.32
N ILE L 177 -5.67 -22.48 5.27
CA ILE L 177 -4.82 -23.69 5.16
C ILE L 177 -3.87 -23.46 3.99
N ILE L 178 -2.56 -23.48 4.24
CA ILE L 178 -1.55 -23.36 3.17
C ILE L 178 -0.89 -24.72 2.96
N GLU L 179 -0.54 -24.98 1.71
CA GLU L 179 0.08 -26.26 1.28
C GLU L 179 1.32 -25.93 0.46
N PRO L 180 2.49 -25.73 1.09
CA PRO L 180 3.73 -25.53 0.34
C PRO L 180 4.18 -26.87 -0.24
N VAL L 181 4.42 -26.89 -1.55
CA VAL L 181 4.86 -28.09 -2.30
C VAL L 181 6.16 -27.72 -3.01
N VAL L 182 7.20 -28.55 -2.81
CA VAL L 182 8.54 -28.22 -3.35
C VAL L 182 8.62 -28.70 -4.80
N ARG L 183 9.30 -27.90 -5.62
CA ARG L 183 9.56 -28.23 -7.03
C ARG L 183 11.00 -27.92 -7.32
N PRO L 184 11.59 -28.57 -8.34
CA PRO L 184 12.93 -28.22 -8.77
C PRO L 184 13.04 -26.77 -9.21
N PRO L 185 14.24 -26.16 -9.14
CA PRO L 185 14.41 -24.77 -9.50
C PRO L 185 14.10 -24.56 -10.98
N ARG L 186 13.70 -23.34 -11.34
CA ARG L 186 13.43 -22.96 -12.74
C ARG L 186 14.72 -23.10 -13.55
N CYS L 187 15.85 -22.77 -12.93
CA CYS L 187 17.20 -22.82 -13.57
CA CYS L 187 17.18 -22.86 -13.58
C CYS L 187 18.14 -23.53 -12.61
N GLY L 188 18.88 -24.50 -13.10
CA GLY L 188 19.84 -25.29 -12.31
C GLY L 188 19.36 -26.70 -12.10
N ASP L 189 20.19 -27.55 -11.51
CA ASP L 189 19.92 -28.99 -11.31
C ASP L 189 20.22 -29.37 -9.86
N LYS L 190 20.39 -28.38 -8.99
CA LYS L 190 20.59 -28.61 -7.53
C LYS L 190 19.17 -28.70 -6.97
N PHE L 191 18.70 -29.94 -6.75
CA PHE L 191 17.36 -30.18 -6.16
C PHE L 191 17.48 -31.34 -5.17
N ASP L 192 17.43 -30.97 -3.90
CA ASP L 192 17.42 -31.86 -2.74
C ASP L 192 16.00 -31.74 -2.16
N ARG L 193 15.13 -32.68 -2.49
CA ARG L 193 13.70 -32.60 -2.07
C ARG L 193 13.58 -32.50 -0.55
N GLU L 194 14.37 -33.26 0.19
CA GLU L 194 14.28 -33.28 1.68
C GLU L 194 14.68 -31.91 2.24
N GLN L 195 15.75 -31.32 1.72
CA GLN L 195 16.18 -29.97 2.17
C GLN L 195 15.15 -28.93 1.73
N ALA L 196 14.58 -29.05 0.53
CA ALA L 196 13.56 -28.10 0.03
C ALA L 196 12.37 -28.08 0.98
N ILE L 197 11.91 -29.24 1.46
CA ILE L 197 10.74 -29.29 2.39
C ILE L 197 11.07 -28.49 3.65
N ILE L 198 12.27 -28.66 4.18
CA ILE L 198 12.74 -27.93 5.38
C ILE L 198 12.80 -26.42 5.04
N ASP L 199 13.36 -26.05 3.90
CA ASP L 199 13.53 -24.62 3.53
C ASP L 199 12.16 -23.96 3.37
N ALA L 200 11.19 -24.67 2.79
CA ALA L 200 9.82 -24.15 2.64
C ALA L 200 9.22 -23.91 4.02
N ALA L 201 9.43 -24.85 4.98
CA ALA L 201 8.90 -24.72 6.34
C ALA L 201 9.59 -23.55 7.05
N LYS L 202 10.90 -23.40 6.89
CA LYS L 202 11.62 -22.25 7.52
C LYS L 202 11.00 -20.95 7.00
N GLU L 203 10.64 -20.89 5.73
CA GLU L 203 10.10 -19.66 5.12
C GLU L 203 8.64 -19.43 5.50
N LEU L 204 7.79 -20.47 5.47
CA LEU L 204 6.32 -20.29 5.51
C LEU L 204 5.68 -20.86 6.78
N GLY L 205 6.47 -21.50 7.63
CA GLY L 205 6.00 -22.19 8.84
C GLY L 205 5.54 -21.22 9.91
N ASP L 206 5.77 -19.91 9.75
CA ASP L 206 5.32 -18.90 10.74
C ASP L 206 4.62 -17.75 10.01
N SER L 207 3.88 -18.05 8.94
CA SER L 207 3.36 -17.03 7.99
C SER L 207 1.95 -16.57 8.37
N GLY L 208 1.43 -16.97 9.53
CA GLY L 208 0.15 -16.50 10.08
C GLY L 208 -1.06 -17.27 9.55
N ALA L 209 -0.87 -18.34 8.77
CA ALA L 209 -1.98 -19.25 8.39
C ALA L 209 -2.44 -20.00 9.64
N ASP L 210 -3.60 -20.64 9.58
CA ASP L 210 -4.13 -21.44 10.72
C ASP L 210 -3.57 -22.86 10.69
N LEU L 211 -3.23 -23.38 9.52
CA LEU L 211 -2.83 -24.79 9.34
C LEU L 211 -1.85 -24.92 8.19
N TYR L 212 -0.77 -25.67 8.44
CA TYR L 212 0.29 -25.99 7.47
C TYR L 212 0.11 -27.42 7.00
N LYS L 213 -0.08 -27.61 5.69
CA LYS L 213 -0.24 -28.93 5.08
C LYS L 213 1.06 -29.23 4.32
N VAL L 214 1.77 -30.29 4.71
CA VAL L 214 3.15 -30.52 4.24
C VAL L 214 3.30 -31.92 3.64
N GLU L 215 4.23 -32.02 2.70
CA GLU L 215 4.67 -33.30 2.13
C GLU L 215 5.42 -34.11 3.18
N MET L 216 5.25 -35.42 3.16
CA MET L 216 5.92 -36.30 4.14
C MET L 216 7.39 -36.43 3.78
N PRO L 217 8.31 -36.19 4.72
CA PRO L 217 9.72 -36.49 4.46
C PRO L 217 9.92 -37.93 3.99
N LEU L 218 10.84 -38.11 3.05
CA LEU L 218 11.35 -39.43 2.58
C LEU L 218 10.24 -40.23 1.91
N TYR L 219 9.12 -39.61 1.52
CA TYR L 219 7.95 -40.29 0.91
C TYR L 219 7.41 -41.37 1.85
N GLY L 220 7.65 -41.22 3.17
CA GLY L 220 7.20 -42.20 4.17
C GLY L 220 7.95 -43.52 4.08
N LYS L 221 9.06 -43.60 3.35
CA LYS L 221 9.81 -44.86 3.12
C LYS L 221 10.92 -45.01 4.16
N GLY L 222 11.43 -46.22 4.32
CA GLY L 222 12.66 -46.53 5.07
C GLY L 222 12.40 -46.86 6.51
N ALA L 223 13.45 -46.91 7.34
CA ALA L 223 13.37 -47.26 8.78
C ALA L 223 12.54 -46.21 9.53
N ARG L 224 11.68 -46.67 10.42
CA ARG L 224 10.82 -45.82 11.26
C ARG L 224 11.67 -44.77 12.00
N SER L 225 12.83 -45.15 12.52
CA SER L 225 13.67 -44.25 13.35
C SER L 225 14.17 -43.06 12.48
N ASP L 226 14.54 -43.30 11.23
CA ASP L 226 15.02 -42.21 10.32
C ASP L 226 13.83 -41.34 9.91
N LEU L 227 12.66 -41.94 9.74
CA LEU L 227 11.43 -41.19 9.38
C LEU L 227 11.06 -40.27 10.53
N LEU L 228 11.19 -40.75 11.77
CA LEU L 228 10.89 -39.94 12.97
C LEU L 228 11.86 -38.75 13.02
N THR L 229 13.17 -38.99 12.91
CA THR L 229 14.19 -37.91 12.96
C THR L 229 13.88 -36.85 11.90
N ALA L 230 13.56 -37.25 10.67
CA ALA L 230 13.26 -36.33 9.55
C ALA L 230 11.99 -35.52 9.89
N SER L 231 11.02 -36.16 10.52
CA SER L 231 9.72 -35.53 10.89
C SER L 231 9.95 -34.55 12.05
N GLN L 232 10.84 -34.88 12.99
CA GLN L 232 11.14 -33.99 14.15
C GLN L 232 11.88 -32.77 13.64
N ARG L 233 12.79 -32.95 12.69
CA ARG L 233 13.52 -31.82 12.07
C ARG L 233 12.50 -30.85 11.46
N LEU L 234 11.54 -31.37 10.71
CA LEU L 234 10.50 -30.58 10.05
C LEU L 234 9.64 -29.87 11.11
N ASN L 235 9.22 -30.59 12.15
CA ASN L 235 8.38 -30.04 13.23
C ASN L 235 9.02 -28.76 13.80
N GLY L 236 10.34 -28.77 13.99
CA GLY L 236 11.08 -27.65 14.62
C GLY L 236 10.95 -26.36 13.83
N HIS L 237 10.59 -26.42 12.54
CA HIS L 237 10.49 -25.23 11.65
C HIS L 237 9.04 -24.79 11.43
N ILE L 238 8.06 -25.49 12.02
CA ILE L 238 6.62 -25.14 11.79
C ILE L 238 6.04 -24.60 13.08
N ASN L 239 5.55 -23.37 13.06
CA ASN L 239 5.08 -22.66 14.29
C ASN L 239 3.56 -22.49 14.24
N MET L 240 2.87 -23.39 13.58
CA MET L 240 1.40 -23.49 13.56
C MET L 240 1.07 -24.99 13.58
N PRO L 241 -0.18 -25.40 13.81
CA PRO L 241 -0.52 -26.81 13.68
C PRO L 241 -0.20 -27.27 12.26
N TRP L 242 0.21 -28.53 12.13
CA TRP L 242 0.54 -29.07 10.79
C TRP L 242 -0.01 -30.47 10.60
N VAL L 243 -0.31 -30.79 9.35
CA VAL L 243 -0.84 -32.10 8.93
C VAL L 243 -0.04 -32.54 7.72
N ILE L 244 0.00 -33.84 7.45
CA ILE L 244 0.66 -34.36 6.23
C ILE L 244 -0.38 -34.65 5.14
N LEU L 245 0.06 -34.46 3.90
CA LEU L 245 -0.67 -34.88 2.70
C LEU L 245 -0.09 -36.20 2.21
N SER L 246 -0.80 -36.91 1.33
CA SER L 246 -0.41 -38.30 0.97
C SER L 246 0.30 -38.37 -0.38
N SER L 247 0.24 -37.32 -1.21
CA SER L 247 0.88 -37.37 -2.55
C SER L 247 2.35 -37.78 -2.40
N GLY L 248 2.75 -38.83 -3.10
CA GLY L 248 4.13 -39.35 -3.06
C GLY L 248 4.31 -40.48 -2.04
N VAL L 249 3.34 -40.72 -1.15
CA VAL L 249 3.44 -41.80 -0.13
C VAL L 249 2.56 -42.96 -0.57
N ASP L 250 3.15 -44.15 -0.65
CA ASP L 250 2.39 -45.39 -0.95
C ASP L 250 1.25 -45.49 0.06
N GLU L 251 0.04 -45.84 -0.41
CA GLU L 251 -1.15 -45.93 0.47
C GLU L 251 -0.87 -46.87 1.66
N LYS L 252 -0.02 -47.89 1.48
CA LYS L 252 0.30 -48.87 2.55
C LYS L 252 1.21 -48.26 3.62
N LEU L 253 1.97 -47.21 3.29
CA LEU L 253 2.93 -46.57 4.23
C LEU L 253 2.31 -45.31 4.83
N PHE L 254 1.14 -44.89 4.37
CA PHE L 254 0.55 -43.61 4.84
C PHE L 254 0.11 -43.74 6.30
N PRO L 255 -0.46 -44.88 6.77
CA PRO L 255 -0.80 -44.99 8.20
C PRO L 255 0.41 -44.82 9.11
N ARG L 256 1.54 -45.41 8.76
CA ARG L 256 2.78 -45.27 9.53
C ARG L 256 3.25 -43.81 9.45
N ALA L 257 3.13 -43.18 8.28
CA ALA L 257 3.56 -41.78 8.08
C ALA L 257 2.77 -40.89 9.03
N VAL L 258 1.47 -41.09 9.16
CA VAL L 258 0.61 -40.27 10.07
C VAL L 258 1.10 -40.49 11.50
N ARG L 259 1.30 -41.75 11.89
CA ARG L 259 1.73 -42.07 13.27
C ARG L 259 3.07 -41.37 13.56
N VAL L 260 4.04 -41.48 12.65
CA VAL L 260 5.39 -40.92 12.87
C VAL L 260 5.34 -39.40 12.85
N ALA L 261 4.64 -38.81 11.90
CA ALA L 261 4.50 -37.33 11.83
C ALA L 261 3.89 -36.81 13.13
N MET L 262 2.87 -37.50 13.64
CA MET L 262 2.17 -37.05 14.87
C MET L 262 3.11 -37.25 16.08
N GLU L 263 3.90 -38.32 16.10
CA GLU L 263 4.90 -38.51 17.18
C GLU L 263 5.87 -37.32 17.17
N ALA L 264 6.19 -36.80 15.99
CA ALA L 264 7.12 -35.67 15.79
C ALA L 264 6.46 -34.33 16.08
N GLY L 265 5.13 -34.24 16.20
CA GLY L 265 4.44 -32.99 16.54
C GLY L 265 3.32 -32.61 15.58
N ALA L 266 3.13 -33.33 14.47
CA ALA L 266 1.96 -33.08 13.58
C ALA L 266 0.66 -33.39 14.33
N SER L 267 -0.46 -32.91 13.82
CA SER L 267 -1.79 -33.05 14.46
C SER L 267 -2.76 -33.85 13.57
N GLY L 268 -2.26 -34.43 12.48
CA GLY L 268 -3.06 -35.36 11.66
C GLY L 268 -2.73 -35.27 10.19
N PHE L 269 -3.75 -35.37 9.36
CA PHE L 269 -3.56 -35.54 7.90
C PHE L 269 -4.68 -34.83 7.16
N LEU L 270 -4.37 -34.50 5.90
CA LEU L 270 -5.37 -34.08 4.91
C LEU L 270 -4.99 -34.84 3.64
N ALA L 271 -5.69 -35.94 3.37
CA ALA L 271 -5.25 -36.95 2.37
C ALA L 271 -6.33 -37.20 1.31
N GLY L 272 -5.87 -37.41 0.08
CA GLY L 272 -6.73 -37.83 -1.04
C GLY L 272 -6.26 -39.17 -1.59
N ARG L 273 -5.12 -39.19 -2.24
CA ARG L 273 -4.68 -40.36 -3.04
C ARG L 273 -4.60 -41.61 -2.15
N ALA L 274 -4.05 -41.52 -0.94
CA ALA L 274 -3.85 -42.69 -0.05
C ALA L 274 -5.20 -43.25 0.41
N VAL L 275 -6.30 -42.51 0.19
CA VAL L 275 -7.67 -42.97 0.53
C VAL L 275 -8.35 -43.53 -0.73
N TRP L 276 -8.38 -42.81 -1.86
CA TRP L 276 -9.27 -43.17 -2.99
C TRP L 276 -8.55 -43.44 -4.31
N SER L 277 -7.24 -43.24 -4.44
CA SER L 277 -6.60 -43.38 -5.79
C SER L 277 -6.79 -44.81 -6.29
N SER L 278 -6.76 -45.81 -5.43
CA SER L 278 -6.69 -47.23 -5.85
C SER L 278 -8.03 -47.68 -6.48
N VAL L 279 -9.13 -46.97 -6.26
CA VAL L 279 -10.45 -47.41 -6.81
C VAL L 279 -10.74 -46.75 -8.15
N ILE L 280 -9.92 -45.79 -8.61
CA ILE L 280 -10.16 -45.12 -9.91
C ILE L 280 -10.07 -46.18 -11.02
N GLY L 281 -11.13 -46.28 -11.83
CA GLY L 281 -11.21 -47.20 -12.97
C GLY L 281 -11.77 -48.57 -12.60
N LEU L 282 -11.98 -48.87 -11.30
CA LEU L 282 -12.60 -50.17 -10.92
C LEU L 282 -14.09 -50.12 -11.23
N PRO L 283 -14.74 -51.26 -11.48
CA PRO L 283 -16.20 -51.29 -11.60
C PRO L 283 -16.89 -50.99 -10.28
N ASP L 284 -18.14 -50.52 -10.30
CA ASP L 284 -18.98 -50.34 -9.09
C ASP L 284 -18.30 -49.34 -8.14
N THR L 285 -18.06 -48.12 -8.62
CA THR L 285 -17.37 -47.04 -7.85
C THR L 285 -17.91 -46.90 -6.43
N GLU L 286 -19.21 -46.80 -6.25
CA GLU L 286 -19.81 -46.57 -4.91
C GLU L 286 -19.48 -47.75 -3.99
N LEU L 287 -19.57 -48.98 -4.49
CA LEU L 287 -19.21 -50.17 -3.67
C LEU L 287 -17.72 -50.12 -3.31
N MET L 288 -16.86 -49.76 -4.27
CA MET L 288 -15.38 -49.72 -4.07
C MET L 288 -15.03 -48.62 -3.06
N LEU L 289 -15.64 -47.45 -3.13
CA LEU L 289 -15.38 -46.37 -2.14
C LEU L 289 -15.75 -46.86 -0.75
N ARG L 290 -16.87 -47.59 -0.61
CA ARG L 290 -17.32 -48.09 0.71
C ARG L 290 -16.41 -49.23 1.20
N ASP L 291 -15.99 -50.13 0.33
CA ASP L 291 -15.33 -51.40 0.75
C ASP L 291 -13.80 -51.28 0.76
N VAL L 292 -13.24 -50.39 -0.05
CA VAL L 292 -11.75 -50.29 -0.23
C VAL L 292 -11.27 -48.97 0.40
N SER L 293 -11.87 -47.85 0.01
CA SER L 293 -11.42 -46.51 0.47
C SER L 293 -11.83 -46.25 1.92
N ALA L 294 -13.08 -46.50 2.29
CA ALA L 294 -13.59 -46.12 3.62
C ALA L 294 -12.79 -46.80 4.73
N PRO L 295 -12.48 -48.11 4.68
CA PRO L 295 -11.70 -48.72 5.77
C PRO L 295 -10.33 -48.07 5.96
N LYS L 296 -9.69 -47.61 4.88
CA LYS L 296 -8.40 -46.91 4.97
C LYS L 296 -8.60 -45.57 5.69
N LEU L 297 -9.62 -44.81 5.34
CA LEU L 297 -9.86 -43.49 5.97
C LEU L 297 -10.26 -43.68 7.44
N GLN L 298 -11.07 -44.69 7.74
CA GLN L 298 -11.48 -45.00 9.12
C GLN L 298 -10.24 -45.31 9.94
N ARG L 299 -9.31 -46.13 9.43
CA ARG L 299 -8.11 -46.51 10.21
C ARG L 299 -7.26 -45.26 10.46
N LEU L 300 -7.11 -44.39 9.47
CA LEU L 300 -6.28 -43.17 9.64
C LEU L 300 -6.89 -42.32 10.77
N GLY L 301 -8.21 -42.17 10.82
CA GLY L 301 -8.87 -41.42 11.90
C GLY L 301 -8.63 -42.05 13.26
N GLU L 302 -8.69 -43.37 13.36
CA GLU L 302 -8.39 -44.11 14.62
C GLU L 302 -6.94 -43.84 15.06
N ILE L 303 -5.99 -43.82 14.11
CA ILE L 303 -4.57 -43.55 14.43
C ILE L 303 -4.45 -42.12 14.98
N VAL L 304 -5.11 -41.17 14.34
CA VAL L 304 -5.10 -39.76 14.81
C VAL L 304 -5.58 -39.71 16.26
N ASP L 305 -6.70 -40.35 16.59
CA ASP L 305 -7.22 -40.34 17.99
C ASP L 305 -6.22 -41.01 18.94
N GLU L 306 -5.61 -42.11 18.55
CA GLU L 306 -4.63 -42.82 19.40
C GLU L 306 -3.47 -41.86 19.72
N MET L 307 -2.99 -41.14 18.73
CA MET L 307 -1.83 -40.23 18.89
C MET L 307 -2.24 -38.99 19.71
N MET L 308 -3.43 -38.46 19.51
CA MET L 308 -3.92 -37.29 20.31
C MET L 308 -4.09 -37.71 21.77
N ALA L 309 -4.50 -38.96 22.04
CA ALA L 309 -4.70 -39.48 23.42
C ALA L 309 -3.35 -39.52 24.16
N LYS L 310 -2.24 -39.71 23.46
CA LYS L 310 -0.87 -39.76 24.06
C LYS L 310 -0.40 -38.36 24.50
N ARG L 311 -1.09 -37.28 24.18
CA ARG L 311 -0.57 -35.87 24.31
C ARG L 311 -1.12 -35.22 25.59
#